data_2K4M
#
_entry.id   2K4M
#
_entity_poly.entity_id   1
_entity_poly.type   'polypeptide(L)'
_entity_poly.pdbx_seq_one_letter_code
;MGSSHHHHHHSSGLVPRGSHMWNDLAVYIIRCSGPGTRVVEVGAGRFLYVSDYIRKHSKVDLVLTDIKPSHGGIVRDDIT
SPRMEIYRGAALIYSIRPPAEIHSSLMRVADAVGARLIIKPLTGEDIVTERKMKLVNYGRTYFYEYIAEVRSR
;
_entity_poly.pdbx_strand_id   A
#
# COMPACT_ATOMS: atom_id res chain seq x y z
N MET A 1 12.75 22.58 29.67
CA MET A 1 12.03 23.81 29.27
C MET A 1 11.31 23.59 27.94
N GLY A 2 10.22 24.32 27.74
CA GLY A 2 9.51 24.23 26.48
C GLY A 2 8.62 23.01 26.37
N SER A 3 7.72 23.03 25.40
CA SER A 3 6.87 21.90 25.12
C SER A 3 6.85 21.61 23.64
N SER A 4 7.12 20.36 23.28
CA SER A 4 7.18 19.95 21.89
C SER A 4 5.90 19.19 21.50
N HIS A 5 4.85 19.44 22.25
CA HIS A 5 3.56 18.82 21.96
C HIS A 5 2.69 19.75 21.12
N HIS A 6 2.94 19.77 19.83
CA HIS A 6 2.12 20.51 18.90
C HIS A 6 1.16 19.57 18.18
N HIS A 7 -0.12 19.64 18.55
CA HIS A 7 -1.11 18.73 18.00
C HIS A 7 -1.69 19.28 16.71
N HIS A 8 -1.04 18.95 15.61
CA HIS A 8 -1.51 19.32 14.28
C HIS A 8 -2.02 18.10 13.55
N HIS A 9 -3.32 18.06 13.32
CA HIS A 9 -3.95 16.94 12.63
C HIS A 9 -5.04 17.45 11.70
N HIS A 10 -4.72 18.48 10.94
CA HIS A 10 -5.66 19.06 9.99
C HIS A 10 -5.94 18.08 8.86
N SER A 11 -7.05 17.36 8.98
CA SER A 11 -7.36 16.31 8.04
C SER A 11 -8.86 16.01 8.05
N SER A 12 -9.47 16.02 6.88
CA SER A 12 -10.88 15.70 6.75
C SER A 12 -11.05 14.19 6.63
N GLY A 13 -11.53 13.56 7.70
CA GLY A 13 -11.64 12.12 7.74
C GLY A 13 -12.86 11.60 7.01
N LEU A 14 -12.82 11.67 5.69
CA LEU A 14 -13.88 11.10 4.87
C LEU A 14 -13.39 9.80 4.24
N VAL A 15 -13.86 8.69 4.76
CA VAL A 15 -13.44 7.39 4.27
C VAL A 15 -14.62 6.61 3.72
N PRO A 16 -14.60 6.31 2.42
CA PRO A 16 -15.68 5.58 1.75
C PRO A 16 -15.88 4.18 2.31
N ARG A 17 -17.10 3.89 2.70
CA ARG A 17 -17.45 2.61 3.26
C ARG A 17 -17.90 1.65 2.16
N GLY A 18 -18.32 0.46 2.53
CA GLY A 18 -18.70 -0.53 1.54
C GLY A 18 -17.47 -1.25 1.01
N SER A 19 -16.32 -0.87 1.54
CA SER A 19 -15.04 -1.44 1.14
C SER A 19 -14.75 -2.71 1.94
N HIS A 20 -15.77 -3.56 2.05
CA HIS A 20 -15.68 -4.81 2.80
C HIS A 20 -14.60 -5.71 2.22
N MET A 21 -14.50 -5.72 0.90
CA MET A 21 -13.52 -6.55 0.21
C MET A 21 -12.11 -6.02 0.43
N TRP A 22 -12.01 -4.79 0.90
CA TRP A 22 -10.73 -4.16 1.18
C TRP A 22 -10.38 -4.31 2.67
N ASN A 23 -11.39 -4.60 3.48
CA ASN A 23 -11.23 -4.72 4.92
C ASN A 23 -10.19 -5.78 5.28
N ASP A 24 -10.36 -6.99 4.75
CA ASP A 24 -9.44 -8.09 5.02
C ASP A 24 -8.02 -7.76 4.59
N LEU A 25 -7.90 -7.01 3.50
CA LEU A 25 -6.60 -6.59 3.00
C LEU A 25 -5.86 -5.78 4.06
N ALA A 26 -6.56 -4.84 4.66
CA ALA A 26 -5.99 -4.01 5.72
C ALA A 26 -5.56 -4.86 6.91
N VAL A 27 -6.46 -5.75 7.34
CA VAL A 27 -6.18 -6.62 8.48
C VAL A 27 -4.92 -7.47 8.22
N TYR A 28 -4.84 -8.01 7.01
CA TYR A 28 -3.70 -8.81 6.59
C TYR A 28 -2.39 -8.03 6.77
N ILE A 29 -2.39 -6.79 6.30
CA ILE A 29 -1.23 -5.91 6.41
C ILE A 29 -0.91 -5.62 7.88
N ILE A 30 -1.96 -5.38 8.65
CA ILE A 30 -1.84 -5.11 10.08
C ILE A 30 -1.12 -6.25 10.79
N ARG A 31 -1.50 -7.48 10.45
CA ARG A 31 -0.94 -8.65 11.09
C ARG A 31 0.52 -8.86 10.69
N CYS A 32 0.85 -8.43 9.48
CA CYS A 32 2.20 -8.59 8.96
C CYS A 32 3.15 -7.57 9.59
N SER A 33 2.62 -6.41 9.96
CA SER A 33 3.43 -5.36 10.54
C SER A 33 3.06 -5.12 12.01
N GLY A 34 2.23 -4.12 12.26
CA GLY A 34 1.85 -3.78 13.62
C GLY A 34 2.37 -2.43 14.04
N PRO A 35 2.11 -2.01 15.28
CA PRO A 35 2.55 -0.71 15.79
C PRO A 35 4.05 -0.65 16.02
N GLY A 36 4.63 0.54 15.88
CA GLY A 36 6.05 0.70 16.09
C GLY A 36 6.87 0.39 14.85
N THR A 37 6.39 0.84 13.70
CA THR A 37 7.09 0.66 12.44
C THR A 37 6.42 1.52 11.37
N ARG A 38 6.94 1.44 10.15
CA ARG A 38 6.41 2.24 9.05
C ARG A 38 5.78 1.36 7.98
N VAL A 39 4.61 1.75 7.50
CA VAL A 39 3.97 1.08 6.37
C VAL A 39 3.72 2.10 5.28
N VAL A 40 4.07 1.76 4.04
CA VAL A 40 3.94 2.71 2.94
C VAL A 40 2.76 2.33 2.03
N GLU A 41 1.86 3.27 1.85
CA GLU A 41 0.72 3.09 0.95
C GLU A 41 0.96 3.86 -0.35
N VAL A 42 1.19 3.12 -1.42
CA VAL A 42 1.43 3.71 -2.72
C VAL A 42 0.14 3.73 -3.53
N GLY A 43 -0.16 4.86 -4.14
CA GLY A 43 -1.38 4.98 -4.91
C GLY A 43 -2.55 5.39 -4.05
N ALA A 44 -2.24 5.98 -2.89
CA ALA A 44 -3.26 6.45 -1.96
C ALA A 44 -4.20 7.43 -2.66
N GLY A 45 -3.65 8.59 -3.01
CA GLY A 45 -4.37 9.56 -3.82
C GLY A 45 -5.67 10.03 -3.20
N ARG A 46 -6.77 9.36 -3.57
CA ARG A 46 -8.09 9.79 -3.19
C ARG A 46 -8.85 8.65 -2.50
N PHE A 47 -8.14 7.58 -2.16
CA PHE A 47 -8.73 6.44 -1.49
C PHE A 47 -7.85 6.03 -0.31
N LEU A 48 -8.22 6.48 0.88
CA LEU A 48 -7.38 6.31 2.06
C LEU A 48 -8.01 5.37 3.08
N TYR A 49 -8.90 4.48 2.62
CA TYR A 49 -9.60 3.58 3.54
C TYR A 49 -8.66 2.62 4.23
N VAL A 50 -7.82 1.94 3.45
CA VAL A 50 -6.98 0.88 3.98
C VAL A 50 -6.02 1.42 5.04
N SER A 51 -5.25 2.43 4.67
CA SER A 51 -4.30 3.05 5.58
C SER A 51 -4.98 3.57 6.85
N ASP A 52 -6.13 4.21 6.69
CA ASP A 52 -6.87 4.76 7.82
C ASP A 52 -7.35 3.65 8.75
N TYR A 53 -7.87 2.58 8.16
CA TYR A 53 -8.31 1.42 8.92
C TYR A 53 -7.14 0.81 9.70
N ILE A 54 -5.99 0.73 9.05
CA ILE A 54 -4.80 0.19 9.67
C ILE A 54 -4.33 1.07 10.84
N ARG A 55 -4.23 2.37 10.61
CA ARG A 55 -3.72 3.29 11.62
C ARG A 55 -4.69 3.41 12.81
N LYS A 56 -5.94 3.01 12.60
CA LYS A 56 -6.92 2.99 13.68
C LYS A 56 -6.82 1.70 14.48
N HIS A 57 -6.49 0.61 13.80
CA HIS A 57 -6.34 -0.67 14.46
C HIS A 57 -4.99 -0.79 15.15
N SER A 58 -3.98 -0.18 14.56
CA SER A 58 -2.66 -0.18 15.14
C SER A 58 -1.99 1.17 14.94
N LYS A 59 -1.35 1.68 15.98
CA LYS A 59 -0.61 2.92 15.88
C LYS A 59 0.70 2.68 15.15
N VAL A 60 0.57 2.31 13.90
CA VAL A 60 1.71 2.17 13.01
C VAL A 60 1.88 3.45 12.21
N ASP A 61 3.12 3.78 11.88
CA ASP A 61 3.39 4.99 11.12
C ASP A 61 3.07 4.76 9.65
N LEU A 62 1.82 5.00 9.29
CA LEU A 62 1.36 4.76 7.94
C LEU A 62 1.71 5.95 7.05
N VAL A 63 2.58 5.70 6.09
CA VAL A 63 3.05 6.75 5.20
C VAL A 63 2.36 6.62 3.85
N LEU A 64 1.58 7.63 3.53
CA LEU A 64 0.85 7.65 2.27
C LEU A 64 1.68 8.35 1.21
N THR A 65 1.73 7.79 0.02
CA THR A 65 2.52 8.38 -1.05
C THR A 65 1.71 8.50 -2.34
N ASP A 66 1.70 9.69 -2.92
CA ASP A 66 1.04 9.92 -4.20
C ASP A 66 1.40 11.30 -4.71
N ILE A 67 1.32 11.49 -6.01
CA ILE A 67 1.68 12.76 -6.62
C ILE A 67 0.55 13.78 -6.43
N LYS A 68 0.93 14.97 -5.97
CA LYS A 68 0.01 16.10 -5.73
C LYS A 68 -1.31 15.66 -5.08
N PRO A 69 -1.26 15.29 -3.78
CA PRO A 69 -2.45 14.91 -3.03
C PRO A 69 -3.27 16.11 -2.58
N SER A 70 -4.48 15.86 -2.13
CA SER A 70 -5.35 16.92 -1.63
C SER A 70 -5.72 16.65 -0.18
N HIS A 71 -5.09 15.63 0.40
CA HIS A 71 -5.42 15.20 1.74
C HIS A 71 -4.21 15.35 2.66
N GLY A 72 -4.43 15.95 3.82
CA GLY A 72 -3.36 16.14 4.78
C GLY A 72 -2.88 14.84 5.38
N GLY A 73 -1.68 14.43 4.98
CA GLY A 73 -1.13 13.18 5.48
C GLY A 73 -0.37 12.44 4.40
N ILE A 74 -0.71 12.69 3.14
CA ILE A 74 -0.05 12.04 2.04
C ILE A 74 1.23 12.78 1.66
N VAL A 75 2.35 12.06 1.64
CA VAL A 75 3.61 12.63 1.22
C VAL A 75 3.54 13.04 -0.24
N ARG A 76 3.68 14.34 -0.47
CA ARG A 76 3.55 14.90 -1.80
C ARG A 76 4.85 14.77 -2.57
N ASP A 77 5.39 13.56 -2.64
CA ASP A 77 6.64 13.34 -3.34
C ASP A 77 6.35 12.79 -4.74
N ASP A 78 7.35 12.19 -5.36
CA ASP A 78 7.22 11.72 -6.73
C ASP A 78 7.45 10.21 -6.82
N ILE A 79 6.74 9.57 -7.74
CA ILE A 79 6.79 8.12 -7.88
C ILE A 79 7.55 7.71 -9.14
N THR A 80 7.67 8.62 -10.11
CA THR A 80 8.40 8.30 -11.33
C THR A 80 9.90 8.43 -11.07
N SER A 81 10.23 9.25 -10.08
CA SER A 81 11.56 9.27 -9.50
C SER A 81 11.42 9.25 -7.98
N PRO A 82 11.19 8.06 -7.41
CA PRO A 82 10.86 7.92 -6.00
C PRO A 82 12.08 8.08 -5.09
N ARG A 83 11.83 8.64 -3.92
CA ARG A 83 12.87 8.79 -2.91
C ARG A 83 12.83 7.62 -1.94
N MET A 84 13.84 6.75 -2.06
CA MET A 84 13.91 5.53 -1.26
C MET A 84 13.93 5.84 0.23
N GLU A 85 14.39 7.04 0.58
CA GLU A 85 14.47 7.46 1.98
C GLU A 85 13.10 7.35 2.67
N ILE A 86 12.03 7.50 1.89
CA ILE A 86 10.68 7.46 2.43
C ILE A 86 10.25 6.01 2.67
N TYR A 87 10.69 5.11 1.78
CA TYR A 87 10.27 3.72 1.83
C TYR A 87 11.14 2.91 2.79
N ARG A 88 12.37 3.36 2.99
CA ARG A 88 13.31 2.66 3.84
C ARG A 88 12.88 2.77 5.30
N GLY A 89 12.99 1.67 6.00
CA GLY A 89 12.56 1.61 7.38
C GLY A 89 11.14 1.13 7.52
N ALA A 90 10.50 0.85 6.38
CA ALA A 90 9.15 0.36 6.36
C ALA A 90 9.12 -1.16 6.48
N ALA A 91 8.09 -1.68 7.13
CA ALA A 91 7.95 -3.12 7.30
C ALA A 91 7.15 -3.72 6.15
N LEU A 92 6.29 -2.92 5.55
CA LEU A 92 5.44 -3.39 4.46
C LEU A 92 5.09 -2.23 3.54
N ILE A 93 5.02 -2.53 2.25
CA ILE A 93 4.66 -1.53 1.24
C ILE A 93 3.58 -2.11 0.32
N TYR A 94 2.45 -1.42 0.24
CA TYR A 94 1.36 -1.91 -0.59
C TYR A 94 0.85 -0.81 -1.51
N SER A 95 0.20 -1.21 -2.59
CA SER A 95 -0.28 -0.28 -3.59
C SER A 95 -1.75 -0.50 -3.89
N ILE A 96 -2.52 0.57 -3.82
CA ILE A 96 -3.95 0.51 -4.07
C ILE A 96 -4.25 0.78 -5.54
N ARG A 97 -4.61 -0.28 -6.27
CA ARG A 97 -4.94 -0.17 -7.69
C ARG A 97 -3.78 0.43 -8.50
N PRO A 98 -2.67 -0.31 -8.65
CA PRO A 98 -1.51 0.18 -9.37
C PRO A 98 -1.59 -0.10 -10.88
N PRO A 99 -1.25 0.89 -11.70
CA PRO A 99 -1.18 0.72 -13.16
C PRO A 99 -0.18 -0.38 -13.54
N ALA A 100 -0.53 -1.15 -14.57
CA ALA A 100 0.27 -2.29 -15.01
C ALA A 100 1.50 -1.85 -15.81
N GLU A 101 2.16 -0.81 -15.31
CA GLU A 101 3.36 -0.30 -15.94
C GLU A 101 4.40 0.11 -14.90
N ILE A 102 3.95 0.62 -13.75
CA ILE A 102 4.86 1.11 -12.73
C ILE A 102 5.14 0.05 -11.67
N HIS A 103 4.51 -1.11 -11.83
CA HIS A 103 4.65 -2.21 -10.89
C HIS A 103 6.12 -2.60 -10.70
N SER A 104 6.88 -2.53 -11.78
CA SER A 104 8.30 -2.88 -11.75
C SER A 104 9.07 -1.98 -10.79
N SER A 105 8.72 -0.70 -10.77
CA SER A 105 9.36 0.27 -9.91
C SER A 105 9.06 -0.04 -8.46
N LEU A 106 7.84 -0.52 -8.22
CA LEU A 106 7.40 -0.86 -6.88
C LEU A 106 8.13 -2.09 -6.36
N MET A 107 8.30 -3.07 -7.23
CA MET A 107 8.92 -4.34 -6.85
C MET A 107 10.36 -4.13 -6.39
N ARG A 108 11.10 -3.29 -7.10
CA ARG A 108 12.49 -3.03 -6.74
C ARG A 108 12.60 -2.26 -5.43
N VAL A 109 11.60 -1.43 -5.16
CA VAL A 109 11.59 -0.65 -3.92
C VAL A 109 11.43 -1.58 -2.72
N ALA A 110 10.46 -2.48 -2.80
CA ALA A 110 10.24 -3.46 -1.74
C ALA A 110 11.49 -4.28 -1.51
N ASP A 111 12.08 -4.74 -2.61
CA ASP A 111 13.27 -5.58 -2.56
C ASP A 111 14.45 -4.82 -1.95
N ALA A 112 14.50 -3.52 -2.21
CA ALA A 112 15.57 -2.67 -1.69
C ALA A 112 15.45 -2.47 -0.19
N VAL A 113 14.24 -2.16 0.28
CA VAL A 113 14.04 -1.82 1.68
C VAL A 113 13.84 -3.06 2.55
N GLY A 114 13.36 -4.14 1.94
CA GLY A 114 13.15 -5.37 2.68
C GLY A 114 11.76 -5.44 3.29
N ALA A 115 10.77 -5.04 2.51
CA ALA A 115 9.40 -5.03 2.98
C ALA A 115 8.51 -5.85 2.06
N ARG A 116 7.41 -6.35 2.60
CA ARG A 116 6.48 -7.13 1.81
C ARG A 116 5.68 -6.20 0.90
N LEU A 117 5.71 -6.48 -0.40
CA LEU A 117 4.98 -5.68 -1.37
C LEU A 117 3.62 -6.32 -1.63
N ILE A 118 2.55 -5.57 -1.39
CA ILE A 118 1.21 -6.09 -1.61
C ILE A 118 0.48 -5.24 -2.65
N ILE A 119 0.08 -5.89 -3.73
CA ILE A 119 -0.65 -5.22 -4.80
C ILE A 119 -2.08 -5.74 -4.87
N LYS A 120 -3.03 -4.83 -4.92
CA LYS A 120 -4.42 -5.18 -5.10
C LYS A 120 -4.86 -4.82 -6.52
N PRO A 121 -4.79 -5.78 -7.46
CA PRO A 121 -5.17 -5.55 -8.85
C PRO A 121 -6.67 -5.74 -9.09
N LEU A 122 -7.03 -5.90 -10.35
CA LEU A 122 -8.42 -6.09 -10.73
C LEU A 122 -8.80 -7.57 -10.63
N THR A 123 -10.10 -7.83 -10.54
CA THR A 123 -10.61 -9.18 -10.40
C THR A 123 -10.31 -10.02 -11.65
N GLY A 124 -10.31 -9.37 -12.79
CA GLY A 124 -10.03 -10.05 -14.04
C GLY A 124 -9.03 -9.32 -14.89
N GLU A 125 -7.97 -8.83 -14.25
CA GLU A 125 -6.92 -8.11 -14.96
C GLU A 125 -5.57 -8.41 -14.32
N ASP A 126 -4.60 -8.79 -15.15
CA ASP A 126 -3.29 -9.18 -14.68
C ASP A 126 -2.38 -7.97 -14.51
N ILE A 127 -1.24 -8.16 -13.85
CA ILE A 127 -0.31 -7.08 -13.58
C ILE A 127 0.66 -6.91 -14.75
N VAL A 128 0.79 -7.97 -15.54
CA VAL A 128 1.71 -8.01 -16.67
C VAL A 128 3.15 -7.79 -16.19
N THR A 129 3.63 -8.75 -15.41
CA THR A 129 4.96 -8.68 -14.85
C THR A 129 5.61 -10.05 -14.93
N GLU A 130 6.83 -10.15 -14.44
CA GLU A 130 7.53 -11.43 -14.39
C GLU A 130 6.94 -12.29 -13.29
N ARG A 131 7.19 -13.59 -13.34
CA ARG A 131 6.66 -14.50 -12.33
C ARG A 131 7.43 -14.35 -11.03
N LYS A 132 7.05 -13.35 -10.26
CA LYS A 132 7.73 -13.03 -9.02
C LYS A 132 6.72 -12.96 -7.87
N MET A 133 5.55 -12.40 -8.15
CA MET A 133 4.55 -12.18 -7.13
C MET A 133 3.61 -13.37 -7.02
N LYS A 134 2.99 -13.50 -5.87
CA LYS A 134 2.14 -14.64 -5.57
C LYS A 134 0.71 -14.19 -5.25
N LEU A 135 -0.27 -14.95 -5.73
CA LEU A 135 -1.66 -14.66 -5.46
C LEU A 135 -2.07 -15.23 -4.11
N VAL A 136 -2.52 -14.36 -3.23
CA VAL A 136 -2.90 -14.76 -1.88
C VAL A 136 -4.37 -14.46 -1.62
N ASN A 137 -5.01 -15.31 -0.83
CA ASN A 137 -6.42 -15.15 -0.52
C ASN A 137 -6.59 -14.97 0.98
N TYR A 138 -7.13 -13.85 1.39
CA TYR A 138 -7.37 -13.60 2.81
C TYR A 138 -8.83 -13.29 3.05
N GLY A 139 -9.47 -14.15 3.82
CA GLY A 139 -10.90 -14.03 4.05
C GLY A 139 -11.69 -14.37 2.81
N ARG A 140 -11.89 -13.37 1.98
CA ARG A 140 -12.65 -13.52 0.76
C ARG A 140 -11.98 -12.74 -0.37
N THR A 141 -11.04 -11.88 -0.02
CA THR A 141 -10.38 -11.03 -0.98
C THR A 141 -9.04 -11.64 -1.40
N TYR A 142 -8.71 -11.54 -2.68
CA TYR A 142 -7.44 -12.04 -3.16
C TYR A 142 -6.61 -10.90 -3.75
N PHE A 143 -5.30 -11.02 -3.59
CA PHE A 143 -4.36 -9.99 -4.02
C PHE A 143 -3.01 -10.62 -4.29
N TYR A 144 -2.03 -9.80 -4.62
CA TYR A 144 -0.69 -10.28 -4.89
C TYR A 144 0.30 -9.74 -3.87
N GLU A 145 1.02 -10.64 -3.22
CA GLU A 145 2.06 -10.22 -2.29
C GLU A 145 3.42 -10.64 -2.81
N TYR A 146 4.45 -9.99 -2.30
CA TYR A 146 5.82 -10.33 -2.61
C TYR A 146 6.69 -10.14 -1.38
N ILE A 147 7.36 -11.20 -0.96
CA ILE A 147 8.20 -11.13 0.22
C ILE A 147 9.61 -10.74 -0.19
N ALA A 148 9.95 -9.48 0.03
CA ALA A 148 11.28 -8.99 -0.25
C ALA A 148 12.26 -9.54 0.78
N GLU A 149 13.18 -10.37 0.32
CA GLU A 149 14.12 -11.02 1.21
C GLU A 149 15.16 -10.02 1.72
N VAL A 150 15.65 -10.27 2.92
CA VAL A 150 16.61 -9.39 3.55
C VAL A 150 18.02 -9.77 3.11
N ARG A 151 18.92 -8.79 3.08
CA ARG A 151 20.29 -9.05 2.67
C ARG A 151 21.01 -9.89 3.71
N SER A 152 22.04 -10.62 3.28
CA SER A 152 22.85 -11.40 4.19
C SER A 152 23.56 -10.46 5.17
N ARG A 153 23.81 -10.94 6.37
CA ARG A 153 24.45 -10.13 7.39
C ARG A 153 25.96 -10.23 7.29
N MET A 1 19.93 20.03 -2.07
CA MET A 1 19.96 19.71 -0.62
C MET A 1 18.67 20.17 0.04
N GLY A 2 17.77 19.23 0.33
CA GLY A 2 16.51 19.57 0.95
C GLY A 2 16.12 18.59 2.03
N SER A 3 17.07 18.24 2.89
CA SER A 3 16.84 17.29 3.96
C SER A 3 16.27 17.99 5.20
N SER A 4 15.34 18.91 4.96
CA SER A 4 14.67 19.63 6.03
C SER A 4 13.28 19.04 6.27
N HIS A 5 12.47 19.72 7.06
CA HIS A 5 11.11 19.27 7.31
C HIS A 5 10.13 20.43 7.20
N HIS A 6 9.03 20.20 6.50
CA HIS A 6 8.02 21.22 6.28
C HIS A 6 6.69 20.54 5.98
N HIS A 7 5.59 21.30 6.05
CA HIS A 7 4.23 20.77 5.84
C HIS A 7 3.84 19.81 6.97
N HIS A 8 4.59 19.84 8.07
CA HIS A 8 4.38 18.92 9.18
C HIS A 8 3.25 19.38 10.10
N HIS A 9 2.06 19.48 9.53
CA HIS A 9 0.87 19.80 10.30
C HIS A 9 -0.28 18.90 9.87
N HIS A 10 -0.53 17.86 10.65
CA HIS A 10 -1.58 16.92 10.32
C HIS A 10 -2.94 17.47 10.72
N SER A 11 -3.99 16.88 10.19
CA SER A 11 -5.35 17.28 10.50
C SER A 11 -6.28 16.10 10.28
N SER A 12 -5.84 14.94 10.75
CA SER A 12 -6.56 13.69 10.52
C SER A 12 -7.75 13.58 11.46
N GLY A 13 -8.90 14.03 11.00
CA GLY A 13 -10.12 13.92 11.80
C GLY A 13 -11.30 13.50 10.96
N LEU A 14 -11.08 12.55 10.07
CA LEU A 14 -12.11 12.09 9.15
C LEU A 14 -12.61 10.71 9.56
N VAL A 15 -13.84 10.40 9.18
CA VAL A 15 -14.44 9.11 9.47
C VAL A 15 -14.20 8.13 8.33
N PRO A 16 -13.84 6.88 8.65
CA PRO A 16 -13.58 5.84 7.65
C PRO A 16 -14.87 5.26 7.08
N ARG A 17 -14.77 4.70 5.89
CA ARG A 17 -15.92 4.11 5.21
C ARG A 17 -15.81 2.58 5.19
N GLY A 18 -16.96 1.92 5.37
CA GLY A 18 -16.97 0.47 5.44
C GLY A 18 -16.83 -0.19 4.08
N SER A 19 -15.65 -0.71 3.81
CA SER A 19 -15.39 -1.41 2.56
C SER A 19 -15.46 -2.92 2.78
N HIS A 20 -15.55 -3.68 1.70
CA HIS A 20 -15.63 -5.14 1.80
C HIS A 20 -14.26 -5.79 1.66
N MET A 21 -13.82 -6.00 0.42
CA MET A 21 -12.53 -6.64 0.15
C MET A 21 -11.38 -5.78 0.66
N TRP A 22 -11.60 -4.47 0.67
CA TRP A 22 -10.57 -3.54 1.11
C TRP A 22 -10.33 -3.67 2.61
N ASN A 23 -11.36 -4.11 3.32
CA ASN A 23 -11.26 -4.33 4.75
C ASN A 23 -10.42 -5.56 5.02
N ASP A 24 -10.66 -6.62 4.25
CA ASP A 24 -9.88 -7.86 4.35
C ASP A 24 -8.41 -7.55 4.13
N LEU A 25 -8.13 -6.85 3.04
CA LEU A 25 -6.77 -6.46 2.70
C LEU A 25 -6.11 -5.70 3.84
N ALA A 26 -6.83 -4.71 4.38
CA ALA A 26 -6.33 -3.90 5.48
C ALA A 26 -5.92 -4.77 6.66
N VAL A 27 -6.82 -5.65 7.09
CA VAL A 27 -6.55 -6.54 8.22
C VAL A 27 -5.34 -7.43 7.95
N TYR A 28 -5.23 -7.92 6.72
CA TYR A 28 -4.11 -8.75 6.32
C TYR A 28 -2.80 -7.98 6.48
N ILE A 29 -2.80 -6.72 6.05
CA ILE A 29 -1.64 -5.85 6.19
C ILE A 29 -1.31 -5.60 7.65
N ILE A 30 -2.35 -5.33 8.43
CA ILE A 30 -2.23 -5.10 9.87
C ILE A 30 -1.55 -6.29 10.55
N ARG A 31 -1.90 -7.49 10.10
CA ARG A 31 -1.34 -8.72 10.66
C ARG A 31 0.12 -8.87 10.28
N CYS A 32 0.45 -8.43 9.07
CA CYS A 32 1.79 -8.64 8.52
C CYS A 32 2.74 -7.50 8.93
N SER A 33 2.24 -6.55 9.70
CA SER A 33 3.05 -5.46 10.18
C SER A 33 3.06 -5.40 11.71
N GLY A 34 1.93 -4.99 12.28
CA GLY A 34 1.84 -4.85 13.72
C GLY A 34 2.07 -3.42 14.16
N PRO A 35 1.38 -2.97 15.22
CA PRO A 35 1.48 -1.59 15.70
C PRO A 35 2.89 -1.20 16.09
N GLY A 36 3.35 -0.06 15.60
CA GLY A 36 4.67 0.42 15.96
C GLY A 36 5.68 0.25 14.86
N THR A 37 5.22 0.19 13.63
CA THR A 37 6.10 0.08 12.47
C THR A 37 5.70 1.11 11.42
N ARG A 38 6.30 1.02 10.24
CA ARG A 38 5.98 1.90 9.13
C ARG A 38 5.46 1.10 7.95
N VAL A 39 4.35 1.54 7.40
CA VAL A 39 3.78 0.92 6.20
C VAL A 39 3.52 1.99 5.15
N VAL A 40 3.96 1.77 3.93
CA VAL A 40 3.82 2.77 2.89
C VAL A 40 2.75 2.38 1.88
N GLU A 41 1.79 3.26 1.67
CA GLU A 41 0.76 3.05 0.66
C GLU A 41 1.04 3.92 -0.56
N VAL A 42 1.31 3.27 -1.68
CA VAL A 42 1.66 3.96 -2.91
C VAL A 42 0.44 4.09 -3.82
N GLY A 43 0.13 5.32 -4.22
CA GLY A 43 -1.00 5.56 -5.09
C GLY A 43 -2.28 5.77 -4.32
N ALA A 44 -2.13 6.27 -3.10
CA ALA A 44 -3.25 6.48 -2.18
C ALA A 44 -4.36 7.34 -2.79
N GLY A 45 -4.13 8.65 -2.84
CA GLY A 45 -5.10 9.56 -3.41
C GLY A 45 -6.41 9.60 -2.62
N ARG A 46 -7.42 8.92 -3.14
CA ARG A 46 -8.74 8.90 -2.52
C ARG A 46 -9.04 7.55 -1.86
N PHE A 47 -8.12 6.62 -1.98
CA PHE A 47 -8.34 5.25 -1.48
C PHE A 47 -7.95 5.13 -0.01
N LEU A 48 -7.94 6.25 0.69
CA LEU A 48 -7.45 6.33 2.06
C LEU A 48 -8.31 5.54 3.05
N TYR A 49 -9.45 5.02 2.59
CA TYR A 49 -10.34 4.25 3.46
C TYR A 49 -9.64 2.99 3.98
N VAL A 50 -8.66 2.50 3.23
CA VAL A 50 -7.87 1.35 3.66
C VAL A 50 -6.90 1.76 4.76
N SER A 51 -6.09 2.77 4.48
CA SER A 51 -5.07 3.24 5.40
C SER A 51 -5.65 3.85 6.66
N ASP A 52 -6.73 4.61 6.50
CA ASP A 52 -7.36 5.27 7.64
C ASP A 52 -7.99 4.25 8.57
N TYR A 53 -8.38 3.10 8.02
CA TYR A 53 -8.92 2.02 8.84
C TYR A 53 -7.80 1.41 9.69
N ILE A 54 -6.64 1.23 9.10
CA ILE A 54 -5.50 0.62 9.77
C ILE A 54 -5.04 1.48 10.95
N ARG A 55 -5.03 2.80 10.74
CA ARG A 55 -4.53 3.72 11.76
C ARG A 55 -5.47 3.81 12.97
N LYS A 56 -6.71 3.35 12.82
CA LYS A 56 -7.67 3.37 13.92
C LYS A 56 -7.31 2.34 14.97
N HIS A 57 -6.94 1.15 14.50
CA HIS A 57 -6.71 0.02 15.39
C HIS A 57 -5.25 -0.08 15.81
N SER A 58 -4.34 0.04 14.85
CA SER A 58 -2.93 -0.11 15.11
C SER A 58 -2.20 1.21 14.95
N LYS A 59 -1.34 1.53 15.91
CA LYS A 59 -0.50 2.71 15.78
C LYS A 59 0.69 2.39 14.89
N VAL A 60 0.38 2.14 13.65
CA VAL A 60 1.39 1.97 12.63
C VAL A 60 1.54 3.27 11.87
N ASP A 61 2.77 3.72 11.70
CA ASP A 61 3.04 4.94 10.97
C ASP A 61 2.90 4.67 9.48
N LEU A 62 1.67 4.79 9.00
CA LEU A 62 1.37 4.50 7.62
C LEU A 62 1.60 5.74 6.77
N VAL A 63 2.57 5.65 5.87
CA VAL A 63 2.94 6.76 5.02
C VAL A 63 2.27 6.64 3.67
N LEU A 64 1.46 7.63 3.34
CA LEU A 64 0.77 7.65 2.07
C LEU A 64 1.59 8.42 1.05
N THR A 65 1.94 7.76 -0.04
CA THR A 65 2.70 8.39 -1.10
C THR A 65 1.93 8.32 -2.41
N ASP A 66 1.73 9.48 -3.02
CA ASP A 66 1.01 9.56 -4.28
C ASP A 66 1.32 10.87 -4.97
N ILE A 67 1.23 10.89 -6.29
CA ILE A 67 1.56 12.08 -7.05
C ILE A 67 0.47 13.12 -6.89
N LYS A 68 0.80 14.18 -6.15
CA LYS A 68 -0.12 15.27 -5.87
C LYS A 68 -1.28 14.79 -5.00
N PRO A 69 -1.10 14.83 -3.67
CA PRO A 69 -2.09 14.36 -2.70
C PRO A 69 -3.45 15.03 -2.83
N SER A 70 -4.50 14.25 -2.68
CA SER A 70 -5.86 14.75 -2.75
C SER A 70 -6.42 15.02 -1.35
N HIS A 71 -5.73 14.54 -0.33
CA HIS A 71 -6.15 14.72 1.05
C HIS A 71 -4.97 15.13 1.92
N GLY A 72 -5.23 15.33 3.20
CA GLY A 72 -4.17 15.69 4.13
C GLY A 72 -3.51 14.47 4.73
N GLY A 73 -2.20 14.57 4.96
CA GLY A 73 -1.46 13.47 5.52
C GLY A 73 -0.81 12.61 4.45
N ILE A 74 -0.99 13.01 3.19
CA ILE A 74 -0.40 12.29 2.07
C ILE A 74 0.86 13.00 1.60
N VAL A 75 1.95 12.27 1.49
CA VAL A 75 3.19 12.82 0.98
C VAL A 75 3.13 12.90 -0.53
N ARG A 76 3.57 14.02 -1.09
CA ARG A 76 3.50 14.25 -2.53
C ARG A 76 4.63 13.51 -3.27
N ASP A 77 5.15 12.45 -2.68
CA ASP A 77 6.26 11.72 -3.26
C ASP A 77 5.85 11.08 -4.58
N ASP A 78 6.30 11.70 -5.66
CA ASP A 78 5.93 11.26 -7.00
C ASP A 78 6.54 9.91 -7.31
N ILE A 79 5.72 8.94 -7.65
CA ILE A 79 6.22 7.60 -7.98
C ILE A 79 7.11 7.63 -9.23
N THR A 80 6.98 8.69 -10.02
CA THR A 80 7.80 8.85 -11.22
C THR A 80 9.22 9.33 -10.86
N SER A 81 9.37 9.78 -9.62
CA SER A 81 10.66 10.22 -9.11
C SER A 81 10.61 10.17 -7.58
N PRO A 82 10.58 8.95 -7.01
CA PRO A 82 10.28 8.74 -5.61
C PRO A 82 11.51 8.80 -4.70
N ARG A 83 11.27 8.98 -3.43
CA ARG A 83 12.34 8.97 -2.45
C ARG A 83 12.43 7.62 -1.76
N MET A 84 13.47 6.88 -2.10
CA MET A 84 13.73 5.59 -1.49
C MET A 84 13.97 5.75 0.00
N GLU A 85 14.39 6.95 0.41
CA GLU A 85 14.69 7.22 1.80
C GLU A 85 13.42 7.23 2.64
N ILE A 86 12.29 7.47 1.97
CA ILE A 86 10.99 7.47 2.62
C ILE A 86 10.48 6.04 2.79
N TYR A 87 10.78 5.20 1.81
CA TYR A 87 10.35 3.81 1.83
C TYR A 87 11.24 2.99 2.76
N ARG A 88 12.51 3.37 2.88
CA ARG A 88 13.45 2.67 3.74
C ARG A 88 13.02 2.76 5.20
N GLY A 89 12.85 1.61 5.81
CA GLY A 89 12.42 1.56 7.19
C GLY A 89 11.00 1.04 7.31
N ALA A 90 10.33 0.90 6.18
CA ALA A 90 8.97 0.38 6.16
C ALA A 90 8.99 -1.14 6.21
N ALA A 91 8.03 -1.71 6.90
CA ALA A 91 7.94 -3.16 7.03
C ALA A 91 7.03 -3.74 5.95
N LEU A 92 6.18 -2.88 5.37
CA LEU A 92 5.27 -3.33 4.35
C LEU A 92 4.93 -2.18 3.41
N ILE A 93 4.83 -2.49 2.12
CA ILE A 93 4.49 -1.52 1.10
C ILE A 93 3.39 -2.08 0.20
N TYR A 94 2.31 -1.36 0.03
CA TYR A 94 1.23 -1.80 -0.84
C TYR A 94 0.75 -0.67 -1.73
N SER A 95 0.05 -1.02 -2.79
CA SER A 95 -0.40 -0.04 -3.76
C SER A 95 -1.81 -0.36 -4.26
N ILE A 96 -2.60 0.68 -4.49
CA ILE A 96 -3.96 0.50 -4.98
C ILE A 96 -3.99 0.52 -6.51
N ARG A 97 -3.90 -0.67 -7.09
CA ARG A 97 -3.95 -0.87 -8.54
C ARG A 97 -2.97 0.06 -9.26
N PRO A 98 -1.69 -0.31 -9.30
CA PRO A 98 -0.68 0.44 -10.04
C PRO A 98 -0.63 0.04 -11.51
N PRO A 99 -0.20 0.97 -12.40
CA PRO A 99 -0.01 0.68 -13.82
C PRO A 99 1.10 -0.35 -14.05
N ALA A 100 1.03 -1.03 -15.18
CA ALA A 100 1.98 -2.11 -15.51
C ALA A 100 3.41 -1.59 -15.66
N GLU A 101 3.56 -0.28 -15.82
CA GLU A 101 4.87 0.31 -16.03
C GLU A 101 5.67 0.37 -14.73
N ILE A 102 4.98 0.35 -13.59
CA ILE A 102 5.66 0.49 -12.31
C ILE A 102 5.56 -0.77 -11.46
N HIS A 103 4.95 -1.82 -12.00
CA HIS A 103 4.86 -3.09 -11.28
C HIS A 103 6.25 -3.61 -10.95
N SER A 104 7.11 -3.66 -11.96
CA SER A 104 8.49 -4.11 -11.76
C SER A 104 9.24 -3.12 -10.85
N SER A 105 8.83 -1.86 -10.91
CA SER A 105 9.48 -0.81 -10.13
C SER A 105 9.15 -0.97 -8.65
N LEU A 106 7.89 -1.24 -8.35
CA LEU A 106 7.45 -1.44 -6.97
C LEU A 106 8.18 -2.62 -6.34
N MET A 107 8.39 -3.67 -7.13
CA MET A 107 9.07 -4.86 -6.65
C MET A 107 10.50 -4.54 -6.25
N ARG A 108 11.21 -3.78 -7.07
CA ARG A 108 12.60 -3.44 -6.79
C ARG A 108 12.70 -2.44 -5.65
N VAL A 109 11.63 -1.70 -5.41
CA VAL A 109 11.57 -0.80 -4.25
C VAL A 109 11.47 -1.60 -2.97
N ALA A 110 10.54 -2.55 -2.95
CA ALA A 110 10.38 -3.44 -1.81
C ALA A 110 11.68 -4.20 -1.57
N ASP A 111 12.25 -4.71 -2.65
CA ASP A 111 13.51 -5.45 -2.62
C ASP A 111 14.64 -4.61 -2.05
N ALA A 112 14.61 -3.33 -2.36
CA ALA A 112 15.64 -2.39 -1.91
C ALA A 112 15.52 -2.10 -0.41
N VAL A 113 14.29 -1.86 0.05
CA VAL A 113 14.07 -1.45 1.43
C VAL A 113 13.93 -2.65 2.36
N GLY A 114 13.44 -3.75 1.83
CA GLY A 114 13.24 -4.95 2.64
C GLY A 114 11.87 -4.96 3.28
N ALA A 115 10.83 -4.92 2.47
CA ALA A 115 9.47 -4.95 2.96
C ALA A 115 8.60 -5.87 2.11
N ARG A 116 7.46 -6.27 2.65
CA ARG A 116 6.51 -7.07 1.91
C ARG A 116 5.70 -6.18 0.98
N LEU A 117 5.79 -6.44 -0.31
CA LEU A 117 5.05 -5.69 -1.30
C LEU A 117 3.71 -6.35 -1.58
N ILE A 118 2.64 -5.59 -1.45
CA ILE A 118 1.31 -6.10 -1.75
C ILE A 118 0.68 -5.30 -2.88
N ILE A 119 0.45 -5.97 -4.00
CA ILE A 119 -0.15 -5.34 -5.17
C ILE A 119 -1.49 -5.99 -5.48
N LYS A 120 -2.55 -5.20 -5.46
CA LYS A 120 -3.86 -5.71 -5.82
C LYS A 120 -4.34 -5.04 -7.11
N PRO A 121 -4.21 -5.73 -8.25
CA PRO A 121 -4.74 -5.26 -9.52
C PRO A 121 -6.21 -5.59 -9.65
N LEU A 122 -6.69 -5.72 -10.88
CA LEU A 122 -8.06 -6.14 -11.13
C LEU A 122 -8.18 -7.65 -11.02
N THR A 123 -9.37 -8.18 -11.28
CA THR A 123 -9.60 -9.61 -11.24
C THR A 123 -9.10 -10.28 -12.53
N GLY A 124 -8.55 -9.47 -13.41
CA GLY A 124 -8.01 -9.97 -14.66
C GLY A 124 -6.96 -9.03 -15.22
N GLU A 125 -5.81 -8.98 -14.57
CA GLU A 125 -4.73 -8.09 -14.96
C GLU A 125 -3.41 -8.84 -14.86
N ASP A 126 -2.37 -8.26 -15.40
CA ASP A 126 -1.05 -8.87 -15.34
C ASP A 126 -0.08 -7.92 -14.64
N ILE A 127 1.06 -8.46 -14.21
CA ILE A 127 2.03 -7.69 -13.44
C ILE A 127 3.29 -7.43 -14.27
N VAL A 128 3.44 -8.17 -15.37
CA VAL A 128 4.63 -8.09 -16.21
C VAL A 128 5.89 -8.25 -15.35
N THR A 129 6.05 -9.43 -14.78
CA THR A 129 7.16 -9.68 -13.87
C THR A 129 7.67 -11.11 -14.02
N GLU A 130 8.73 -11.44 -13.28
CA GLU A 130 9.39 -12.74 -13.39
C GLU A 130 8.77 -13.77 -12.45
N ARG A 131 7.48 -13.60 -12.17
CA ARG A 131 6.68 -14.58 -11.43
C ARG A 131 7.18 -14.79 -9.99
N LYS A 132 7.86 -13.80 -9.44
CA LYS A 132 8.33 -13.90 -8.05
C LYS A 132 7.23 -13.51 -7.07
N MET A 133 6.14 -12.98 -7.59
CA MET A 133 5.02 -12.59 -6.75
C MET A 133 4.06 -13.76 -6.60
N LYS A 134 3.37 -13.79 -5.48
CA LYS A 134 2.52 -14.92 -5.14
C LYS A 134 1.08 -14.47 -4.94
N LEU A 135 0.15 -15.30 -5.38
CA LEU A 135 -1.27 -15.01 -5.23
C LEU A 135 -1.75 -15.48 -3.87
N VAL A 136 -2.23 -14.54 -3.08
CA VAL A 136 -2.65 -14.84 -1.71
C VAL A 136 -4.14 -14.57 -1.53
N ASN A 137 -4.79 -15.38 -0.73
CA ASN A 137 -6.21 -15.24 -0.48
C ASN A 137 -6.46 -14.88 0.99
N TYR A 138 -7.15 -13.78 1.23
CA TYR A 138 -7.53 -13.40 2.57
C TYR A 138 -8.96 -12.89 2.59
N GLY A 139 -9.80 -13.52 3.40
CA GLY A 139 -11.21 -13.20 3.43
C GLY A 139 -11.90 -13.71 2.18
N ARG A 140 -11.86 -12.90 1.14
CA ARG A 140 -12.35 -13.30 -0.17
C ARG A 140 -11.65 -12.53 -1.28
N THR A 141 -10.82 -11.57 -0.91
CA THR A 141 -10.05 -10.84 -1.89
C THR A 141 -8.74 -11.58 -2.14
N TYR A 142 -8.30 -11.56 -3.39
CA TYR A 142 -7.05 -12.21 -3.73
C TYR A 142 -6.14 -11.24 -4.45
N PHE A 143 -4.92 -11.16 -3.98
CA PHE A 143 -3.95 -10.20 -4.45
C PHE A 143 -2.58 -10.85 -4.58
N TYR A 144 -1.62 -10.09 -5.09
CA TYR A 144 -0.28 -10.60 -5.25
C TYR A 144 0.67 -9.91 -4.29
N GLU A 145 1.34 -10.69 -3.46
CA GLU A 145 2.33 -10.13 -2.56
C GLU A 145 3.71 -10.65 -2.93
N TYR A 146 4.71 -9.94 -2.48
CA TYR A 146 6.09 -10.36 -2.67
C TYR A 146 6.90 -10.02 -1.42
N ILE A 147 7.56 -11.02 -0.87
CA ILE A 147 8.36 -10.80 0.31
C ILE A 147 9.79 -10.50 -0.09
N ALA A 148 10.18 -9.25 0.08
CA ALA A 148 11.55 -8.85 -0.13
C ALA A 148 12.40 -9.37 1.01
N GLU A 149 13.48 -10.05 0.68
CA GLU A 149 14.37 -10.62 1.67
C GLU A 149 14.98 -9.57 2.57
N VAL A 150 15.54 -10.04 3.66
CA VAL A 150 16.15 -9.16 4.65
C VAL A 150 17.45 -8.59 4.10
N ARG A 151 17.60 -7.29 4.22
CA ARG A 151 18.75 -6.60 3.66
C ARG A 151 19.87 -6.46 4.68
N SER A 152 21.05 -6.16 4.19
CA SER A 152 22.24 -6.11 5.01
C SER A 152 22.43 -4.73 5.63
N ARG A 153 23.04 -4.69 6.80
CA ARG A 153 23.33 -3.46 7.49
C ARG A 153 24.82 -3.16 7.39
N MET A 1 -7.19 7.15 -38.53
CA MET A 1 -8.28 6.26 -39.00
C MET A 1 -7.87 4.80 -38.85
N GLY A 2 -8.72 4.00 -38.21
CA GLY A 2 -8.45 2.59 -38.06
C GLY A 2 -8.82 2.07 -36.69
N SER A 3 -7.86 2.05 -35.78
CA SER A 3 -8.09 1.54 -34.43
C SER A 3 -8.84 2.57 -33.59
N SER A 4 -9.98 2.16 -33.05
CA SER A 4 -10.76 3.02 -32.20
C SER A 4 -10.58 2.64 -30.74
N HIS A 5 -10.05 3.57 -29.96
CA HIS A 5 -9.76 3.31 -28.57
C HIS A 5 -10.82 3.95 -27.68
N HIS A 6 -11.19 3.26 -26.62
CA HIS A 6 -12.19 3.75 -25.68
C HIS A 6 -11.54 4.37 -24.46
N HIS A 7 -11.84 5.64 -24.22
CA HIS A 7 -11.32 6.35 -23.06
C HIS A 7 -12.07 5.92 -21.80
N HIS A 8 -13.37 5.72 -21.92
CA HIS A 8 -14.19 5.35 -20.78
C HIS A 8 -14.78 3.96 -20.98
N HIS A 9 -14.68 3.13 -19.96
CA HIS A 9 -15.20 1.77 -20.02
C HIS A 9 -16.23 1.58 -18.92
N HIS A 10 -17.08 0.58 -19.07
CA HIS A 10 -18.18 0.37 -18.13
C HIS A 10 -18.17 -1.05 -17.57
N SER A 11 -19.03 -1.30 -16.59
CA SER A 11 -19.16 -2.61 -15.99
C SER A 11 -20.64 -2.95 -15.85
N SER A 12 -21.14 -3.77 -16.78
CA SER A 12 -22.55 -4.17 -16.78
C SER A 12 -22.92 -4.89 -15.49
N GLY A 13 -21.99 -5.68 -14.97
CA GLY A 13 -22.21 -6.34 -13.71
C GLY A 13 -21.80 -5.46 -12.55
N LEU A 14 -22.78 -4.97 -11.79
CA LEU A 14 -22.50 -4.14 -10.64
C LEU A 14 -21.87 -4.95 -9.53
N VAL A 15 -20.87 -4.36 -8.88
CA VAL A 15 -20.18 -5.02 -7.78
C VAL A 15 -20.90 -4.76 -6.47
N PRO A 16 -20.77 -5.68 -5.50
CA PRO A 16 -21.40 -5.53 -4.18
C PRO A 16 -20.75 -4.40 -3.38
N ARG A 17 -21.50 -3.87 -2.42
CA ARG A 17 -20.98 -2.80 -1.59
C ARG A 17 -20.07 -3.35 -0.51
N GLY A 18 -18.86 -3.72 -0.93
CA GLY A 18 -17.90 -4.30 -0.02
C GLY A 18 -16.93 -3.28 0.53
N SER A 19 -17.28 -2.67 1.64
CA SER A 19 -16.39 -1.76 2.33
C SER A 19 -15.50 -2.53 3.28
N HIS A 20 -16.03 -3.66 3.76
CA HIS A 20 -15.35 -4.52 4.72
C HIS A 20 -14.04 -5.06 4.15
N MET A 21 -13.99 -5.24 2.84
CA MET A 21 -12.80 -5.79 2.18
C MET A 21 -11.62 -4.82 2.27
N TRP A 22 -11.91 -3.56 2.57
CA TRP A 22 -10.86 -2.57 2.73
C TRP A 22 -10.37 -2.57 4.17
N ASN A 23 -11.29 -2.85 5.09
CA ASN A 23 -10.97 -2.93 6.51
C ASN A 23 -10.04 -4.12 6.77
N ASP A 24 -10.39 -5.27 6.23
CA ASP A 24 -9.58 -6.47 6.40
C ASP A 24 -8.24 -6.34 5.68
N LEU A 25 -8.25 -5.67 4.52
CA LEU A 25 -7.02 -5.35 3.82
C LEU A 25 -6.02 -4.69 4.77
N ALA A 26 -6.50 -3.67 5.47
CA ALA A 26 -5.71 -2.95 6.45
C ALA A 26 -5.23 -3.89 7.56
N VAL A 27 -6.14 -4.71 8.07
CA VAL A 27 -5.82 -5.68 9.12
C VAL A 27 -4.66 -6.59 8.69
N TYR A 28 -4.72 -7.05 7.45
CA TYR A 28 -3.68 -7.91 6.90
C TYR A 28 -2.33 -7.20 6.95
N ILE A 29 -2.34 -5.93 6.57
CA ILE A 29 -1.14 -5.11 6.58
C ILE A 29 -0.64 -4.91 8.00
N ILE A 30 -1.57 -4.61 8.90
CA ILE A 30 -1.27 -4.42 10.32
C ILE A 30 -0.60 -5.66 10.91
N ARG A 31 -1.16 -6.83 10.60
CA ARG A 31 -0.66 -8.09 11.13
C ARG A 31 0.71 -8.43 10.56
N CYS A 32 0.98 -7.95 9.36
CA CYS A 32 2.24 -8.23 8.68
C CYS A 32 3.30 -7.19 9.03
N SER A 33 2.93 -6.21 9.85
CA SER A 33 3.86 -5.19 10.29
C SER A 33 3.85 -5.06 11.82
N GLY A 34 2.91 -4.29 12.34
CA GLY A 34 2.82 -4.10 13.78
C GLY A 34 3.24 -2.71 14.20
N PRO A 35 2.84 -2.27 15.41
CA PRO A 35 3.21 -0.95 15.93
C PRO A 35 4.71 -0.80 16.13
N GLY A 36 5.22 0.41 15.92
CA GLY A 36 6.63 0.66 16.10
C GLY A 36 7.41 0.53 14.81
N THR A 37 6.87 -0.22 13.86
CA THR A 37 7.53 -0.44 12.58
C THR A 37 7.27 0.75 11.66
N ARG A 38 7.65 0.62 10.40
CA ARG A 38 7.34 1.64 9.41
C ARG A 38 6.76 0.99 8.16
N VAL A 39 5.64 1.51 7.71
CA VAL A 39 4.94 0.98 6.54
C VAL A 39 4.65 2.12 5.57
N VAL A 40 4.90 1.90 4.29
CA VAL A 40 4.75 2.96 3.31
C VAL A 40 3.56 2.69 2.39
N GLU A 41 2.66 3.66 2.31
CA GLU A 41 1.53 3.59 1.39
C GLU A 41 1.80 4.45 0.16
N VAL A 42 1.80 3.83 -1.00
CA VAL A 42 2.07 4.54 -2.25
C VAL A 42 0.75 4.88 -2.94
N GLY A 43 0.55 6.17 -3.21
CA GLY A 43 -0.69 6.62 -3.80
C GLY A 43 -1.65 7.13 -2.76
N ALA A 44 -1.09 7.62 -1.66
CA ALA A 44 -1.86 8.11 -0.54
C ALA A 44 -2.26 9.56 -0.74
N GLY A 45 -3.25 9.78 -1.59
CA GLY A 45 -3.70 11.12 -1.88
C GLY A 45 -5.07 11.40 -1.33
N ARG A 46 -6.08 10.78 -1.93
CA ARG A 46 -7.46 11.04 -1.55
C ARG A 46 -8.14 9.77 -1.05
N PHE A 47 -7.36 8.73 -0.81
CA PHE A 47 -7.90 7.48 -0.30
C PHE A 47 -7.08 7.02 0.90
N LEU A 48 -7.24 7.74 2.00
CA LEU A 48 -6.50 7.43 3.23
C LEU A 48 -7.31 6.52 4.14
N TYR A 49 -8.29 5.85 3.55
CA TYR A 49 -9.19 4.98 4.31
C TYR A 49 -8.42 3.81 4.92
N VAL A 50 -7.48 3.26 4.18
CA VAL A 50 -6.69 2.13 4.65
C VAL A 50 -5.65 2.59 5.67
N SER A 51 -4.85 3.57 5.27
CA SER A 51 -3.75 4.05 6.10
C SER A 51 -4.23 4.63 7.43
N ASP A 52 -5.25 5.47 7.40
CA ASP A 52 -5.75 6.09 8.63
C ASP A 52 -6.29 5.04 9.58
N TYR A 53 -6.96 4.03 9.02
CA TYR A 53 -7.49 2.92 9.80
C TYR A 53 -6.36 2.18 10.51
N ILE A 54 -5.29 1.91 9.78
CA ILE A 54 -4.14 1.18 10.31
C ILE A 54 -3.55 1.91 11.52
N ARG A 55 -3.32 3.20 11.38
CA ARG A 55 -2.66 3.98 12.43
C ARG A 55 -3.58 4.20 13.63
N LYS A 56 -4.88 4.01 13.43
CA LYS A 56 -5.84 4.10 14.54
C LYS A 56 -5.70 2.88 15.44
N HIS A 57 -5.55 1.71 14.83
CA HIS A 57 -5.43 0.47 15.58
C HIS A 57 -3.99 0.23 16.04
N SER A 58 -3.07 0.28 15.09
CA SER A 58 -1.66 0.04 15.39
C SER A 58 -0.85 1.31 15.25
N LYS A 59 -0.06 1.63 16.26
CA LYS A 59 0.82 2.78 16.18
C LYS A 59 2.09 2.40 15.43
N VAL A 60 1.91 2.03 14.18
CA VAL A 60 3.01 1.80 13.26
C VAL A 60 3.35 3.14 12.60
N ASP A 61 4.63 3.37 12.33
CA ASP A 61 5.04 4.60 11.66
C ASP A 61 4.70 4.50 10.18
N LEU A 62 3.49 4.87 9.85
CA LEU A 62 3.00 4.74 8.48
C LEU A 62 3.41 5.96 7.68
N VAL A 63 4.12 5.73 6.60
CA VAL A 63 4.60 6.78 5.73
C VAL A 63 3.75 6.84 4.47
N LEU A 64 3.09 7.96 4.28
CA LEU A 64 2.22 8.14 3.12
C LEU A 64 2.97 8.84 2.00
N THR A 65 2.87 8.33 0.79
CA THR A 65 3.55 8.94 -0.36
C THR A 65 2.59 9.16 -1.52
N ASP A 66 2.66 10.34 -2.13
CA ASP A 66 1.81 10.67 -3.28
C ASP A 66 2.35 11.92 -3.98
N ILE A 67 1.77 12.29 -5.11
CA ILE A 67 2.22 13.45 -5.86
C ILE A 67 1.62 14.72 -5.26
N LYS A 68 2.41 15.38 -4.42
CA LYS A 68 2.03 16.65 -3.80
C LYS A 68 0.67 16.55 -3.09
N PRO A 69 0.60 15.75 -2.02
CA PRO A 69 -0.65 15.53 -1.27
C PRO A 69 -1.10 16.77 -0.51
N SER A 70 -2.40 16.94 -0.40
CA SER A 70 -2.98 18.13 0.22
C SER A 70 -3.30 17.91 1.69
N HIS A 71 -2.82 16.79 2.24
CA HIS A 71 -3.09 16.46 3.64
C HIS A 71 -1.90 16.84 4.51
N GLY A 72 -0.96 17.57 3.93
CA GLY A 72 0.15 18.13 4.70
C GLY A 72 1.25 17.13 5.01
N GLY A 73 1.01 16.27 6.00
CA GLY A 73 2.05 15.39 6.51
C GLY A 73 2.45 14.28 5.54
N ILE A 74 1.67 14.11 4.48
CA ILE A 74 1.96 13.08 3.49
C ILE A 74 3.17 13.47 2.66
N VAL A 75 4.05 12.51 2.39
CA VAL A 75 5.26 12.76 1.62
C VAL A 75 4.90 13.18 0.19
N ARG A 76 5.50 14.28 -0.25
CA ARG A 76 5.18 14.88 -1.54
C ARG A 76 6.26 14.58 -2.55
N ASP A 77 6.93 13.45 -2.38
CA ASP A 77 8.11 13.09 -3.18
C ASP A 77 7.70 12.78 -4.62
N ASP A 78 7.31 11.54 -4.87
CA ASP A 78 6.91 11.10 -6.20
C ASP A 78 6.13 9.80 -6.09
N ILE A 79 5.86 9.15 -7.21
CA ILE A 79 5.11 7.90 -7.22
C ILE A 79 5.65 6.95 -8.30
N THR A 80 6.21 7.52 -9.35
CA THR A 80 6.73 6.73 -10.46
C THR A 80 8.25 6.65 -10.38
N SER A 81 8.86 7.63 -9.73
CA SER A 81 10.29 7.61 -9.44
C SER A 81 10.58 8.37 -8.14
N PRO A 82 10.26 7.76 -6.99
CA PRO A 82 10.42 8.38 -5.69
C PRO A 82 11.80 8.13 -5.07
N ARG A 83 12.06 8.77 -3.94
CA ARG A 83 13.30 8.57 -3.21
C ARG A 83 13.26 7.28 -2.41
N MET A 84 14.17 6.37 -2.75
CA MET A 84 14.25 5.06 -2.11
C MET A 84 14.54 5.18 -0.62
N GLU A 85 15.14 6.29 -0.22
CA GLU A 85 15.46 6.53 1.18
C GLU A 85 14.23 6.45 2.07
N ILE A 86 13.07 6.77 1.49
CA ILE A 86 11.83 6.82 2.24
C ILE A 86 11.26 5.41 2.43
N TYR A 87 11.63 4.52 1.53
CA TYR A 87 11.11 3.15 1.56
C TYR A 87 12.05 2.22 2.30
N ARG A 88 13.34 2.55 2.31
CA ARG A 88 14.34 1.69 2.94
C ARG A 88 14.13 1.61 4.44
N GLY A 89 14.14 0.38 4.93
CA GLY A 89 13.95 0.15 6.35
C GLY A 89 12.50 -0.10 6.70
N ALA A 90 11.62 0.04 5.72
CA ALA A 90 10.19 -0.20 5.94
C ALA A 90 9.90 -1.68 6.07
N ALA A 91 8.83 -2.01 6.77
CA ALA A 91 8.46 -3.41 6.98
C ALA A 91 7.44 -3.85 5.92
N LEU A 92 6.77 -2.88 5.31
CA LEU A 92 5.73 -3.20 4.34
C LEU A 92 5.45 -1.98 3.45
N ILE A 93 5.19 -2.25 2.18
CA ILE A 93 4.84 -1.22 1.21
C ILE A 93 3.60 -1.67 0.42
N TYR A 94 2.57 -0.84 0.37
CA TYR A 94 1.35 -1.22 -0.33
C TYR A 94 0.80 -0.07 -1.15
N SER A 95 -0.05 -0.41 -2.11
CA SER A 95 -0.64 0.59 -3.00
C SER A 95 -2.06 0.19 -3.40
N ILE A 96 -2.95 1.18 -3.46
CA ILE A 96 -4.33 0.93 -3.85
C ILE A 96 -4.53 1.29 -5.32
N ARG A 97 -4.46 0.26 -6.18
CA ARG A 97 -4.64 0.41 -7.62
C ARG A 97 -3.70 1.47 -8.20
N PRO A 98 -2.42 1.12 -8.38
CA PRO A 98 -1.42 2.04 -8.92
C PRO A 98 -1.35 1.97 -10.46
N PRO A 99 -0.81 3.03 -11.09
CA PRO A 99 -0.60 3.06 -12.55
C PRO A 99 0.20 1.85 -13.04
N ALA A 100 -0.09 1.41 -14.26
CA ALA A 100 0.49 0.18 -14.80
C ALA A 100 2.00 0.31 -15.01
N GLU A 101 2.47 1.55 -15.10
CA GLU A 101 3.88 1.82 -15.37
C GLU A 101 4.76 1.50 -14.15
N ILE A 102 4.16 1.51 -12.96
CA ILE A 102 4.96 1.34 -11.74
C ILE A 102 4.72 -0.01 -11.08
N HIS A 103 3.95 -0.86 -11.73
CA HIS A 103 3.69 -2.21 -11.20
C HIS A 103 4.99 -2.97 -11.00
N SER A 104 5.87 -2.91 -11.98
CA SER A 104 7.17 -3.55 -11.87
C SER A 104 8.10 -2.75 -10.96
N SER A 105 7.86 -1.44 -10.89
CA SER A 105 8.69 -0.55 -10.09
C SER A 105 8.48 -0.80 -8.61
N LEU A 106 7.22 -0.93 -8.20
CA LEU A 106 6.87 -1.18 -6.81
C LEU A 106 7.56 -2.46 -6.31
N MET A 107 7.63 -3.45 -7.19
CA MET A 107 8.23 -4.74 -6.85
C MET A 107 9.74 -4.60 -6.64
N ARG A 108 10.41 -3.85 -7.52
CA ARG A 108 11.86 -3.67 -7.39
C ARG A 108 12.18 -2.84 -6.15
N VAL A 109 11.26 -1.94 -5.78
CA VAL A 109 11.42 -1.14 -4.57
C VAL A 109 11.36 -2.03 -3.34
N ALA A 110 10.35 -2.90 -3.30
CA ALA A 110 10.21 -3.85 -2.20
C ALA A 110 11.46 -4.71 -2.08
N ASP A 111 11.96 -5.17 -3.22
CA ASP A 111 13.16 -6.01 -3.28
C ASP A 111 14.37 -5.26 -2.73
N ALA A 112 14.45 -3.98 -3.08
CA ALA A 112 15.56 -3.13 -2.68
C ALA A 112 15.56 -2.84 -1.18
N VAL A 113 14.38 -2.61 -0.63
CA VAL A 113 14.26 -2.21 0.77
C VAL A 113 14.08 -3.41 1.68
N GLY A 114 13.50 -4.48 1.15
CA GLY A 114 13.28 -5.67 1.94
C GLY A 114 11.96 -5.63 2.70
N ALA A 115 10.88 -5.33 2.00
CA ALA A 115 9.57 -5.23 2.62
C ALA A 115 8.53 -6.02 1.84
N ARG A 116 7.38 -6.25 2.46
CA ARG A 116 6.28 -6.91 1.80
C ARG A 116 5.51 -5.93 0.94
N LEU A 117 5.29 -6.28 -0.31
CA LEU A 117 4.53 -5.44 -1.23
C LEU A 117 3.11 -5.97 -1.33
N ILE A 118 2.13 -5.10 -1.13
CA ILE A 118 0.72 -5.50 -1.22
C ILE A 118 -0.03 -4.56 -2.15
N ILE A 119 -0.69 -5.12 -3.15
CA ILE A 119 -1.49 -4.34 -4.08
C ILE A 119 -2.88 -4.94 -4.22
N LYS A 120 -3.90 -4.11 -4.08
CA LYS A 120 -5.28 -4.56 -4.22
C LYS A 120 -5.94 -3.88 -5.42
N PRO A 121 -5.92 -4.53 -6.59
CA PRO A 121 -6.56 -4.01 -7.79
C PRO A 121 -8.01 -4.45 -7.93
N LEU A 122 -8.51 -4.38 -9.16
CA LEU A 122 -9.86 -4.82 -9.47
C LEU A 122 -9.93 -6.34 -9.51
N THR A 123 -11.15 -6.88 -9.46
CA THR A 123 -11.33 -8.32 -9.52
C THR A 123 -11.06 -8.83 -10.95
N GLY A 124 -11.30 -7.98 -11.92
CA GLY A 124 -11.02 -8.32 -13.31
C GLY A 124 -9.85 -7.55 -13.84
N GLU A 125 -8.81 -7.47 -13.02
CA GLU A 125 -7.64 -6.67 -13.32
C GLU A 125 -6.40 -7.35 -12.74
N ASP A 126 -5.30 -7.34 -13.49
CA ASP A 126 -4.08 -7.98 -13.03
C ASP A 126 -2.95 -6.97 -12.89
N ILE A 127 -1.93 -7.36 -12.14
CA ILE A 127 -0.75 -6.55 -11.95
C ILE A 127 0.34 -6.99 -12.92
N VAL A 128 0.61 -6.18 -13.91
CA VAL A 128 1.57 -6.52 -14.95
C VAL A 128 3.00 -6.23 -14.49
N THR A 129 3.31 -6.68 -13.28
CA THR A 129 4.60 -6.46 -12.66
C THR A 129 5.65 -7.43 -13.24
N GLU A 130 6.88 -7.33 -12.75
CA GLU A 130 8.00 -8.02 -13.36
C GLU A 130 8.07 -9.49 -12.97
N ARG A 131 8.26 -9.76 -11.67
CA ARG A 131 8.44 -11.13 -11.19
C ARG A 131 7.10 -11.76 -10.83
N LYS A 132 6.03 -10.96 -10.96
CA LYS A 132 4.68 -11.41 -10.62
C LYS A 132 4.48 -11.53 -9.11
N MET A 133 3.27 -11.27 -8.67
CA MET A 133 2.93 -11.32 -7.25
C MET A 133 2.02 -12.50 -6.97
N LYS A 134 1.95 -12.91 -5.72
CA LYS A 134 1.17 -14.09 -5.36
C LYS A 134 -0.21 -13.71 -4.89
N LEU A 135 -1.18 -14.53 -5.26
CA LEU A 135 -2.55 -14.31 -4.86
C LEU A 135 -2.76 -14.68 -3.40
N VAL A 136 -3.39 -13.78 -2.67
CA VAL A 136 -3.69 -14.00 -1.27
C VAL A 136 -5.17 -13.76 -0.99
N ASN A 137 -5.74 -14.63 -0.18
CA ASN A 137 -7.14 -14.53 0.19
C ASN A 137 -7.29 -14.19 1.65
N TYR A 138 -7.67 -12.96 1.94
CA TYR A 138 -7.80 -12.51 3.31
C TYR A 138 -8.89 -11.46 3.43
N GLY A 139 -9.82 -11.68 4.35
CA GLY A 139 -10.79 -10.68 4.70
C GLY A 139 -11.79 -10.39 3.60
N ARG A 140 -12.50 -11.43 3.16
CA ARG A 140 -13.59 -11.28 2.19
C ARG A 140 -13.10 -10.73 0.85
N THR A 141 -11.79 -10.68 0.67
CA THR A 141 -11.22 -10.18 -0.56
C THR A 141 -9.94 -10.93 -0.89
N TYR A 142 -9.62 -11.00 -2.17
CA TYR A 142 -8.37 -11.58 -2.61
C TYR A 142 -7.57 -10.56 -3.41
N PHE A 143 -6.27 -10.52 -3.14
CA PHE A 143 -5.39 -9.52 -3.72
C PHE A 143 -4.03 -10.14 -3.99
N TYR A 144 -3.04 -9.31 -4.32
CA TYR A 144 -1.70 -9.81 -4.58
C TYR A 144 -0.70 -9.24 -3.59
N GLU A 145 0.19 -10.10 -3.10
CA GLU A 145 1.27 -9.66 -2.25
C GLU A 145 2.60 -10.21 -2.76
N TYR A 146 3.68 -9.62 -2.32
CA TYR A 146 5.01 -10.11 -2.63
C TYR A 146 5.91 -9.95 -1.42
N ILE A 147 6.51 -11.04 -0.99
CA ILE A 147 7.38 -10.99 0.17
C ILE A 147 8.82 -10.79 -0.29
N ALA A 148 9.28 -9.56 -0.23
CA ALA A 148 10.65 -9.25 -0.57
C ALA A 148 11.53 -9.42 0.67
N GLU A 149 12.35 -10.45 0.66
CA GLU A 149 13.22 -10.72 1.78
C GLU A 149 14.40 -9.76 1.79
N VAL A 150 15.10 -9.71 2.90
CA VAL A 150 16.29 -8.90 3.01
C VAL A 150 17.50 -9.82 2.94
N ARG A 151 18.41 -9.51 2.03
CA ARG A 151 19.60 -10.33 1.86
C ARG A 151 20.60 -10.06 2.96
N SER A 152 20.54 -10.86 4.00
CA SER A 152 21.47 -10.75 5.11
C SER A 152 22.56 -11.80 5.00
N ARG A 153 23.71 -11.40 4.49
CA ARG A 153 24.83 -12.32 4.39
C ARG A 153 25.93 -11.88 5.34
N MET A 1 13.80 14.47 3.46
CA MET A 1 14.20 14.09 4.84
C MET A 1 13.26 14.71 5.85
N GLY A 2 12.89 13.95 6.86
CA GLY A 2 12.00 14.43 7.89
C GLY A 2 11.56 13.33 8.82
N SER A 3 12.51 12.53 9.28
CA SER A 3 12.21 11.44 10.18
C SER A 3 13.02 11.58 11.47
N SER A 4 13.66 12.72 11.63
CA SER A 4 14.48 12.99 12.81
C SER A 4 13.67 13.80 13.82
N HIS A 5 13.08 14.88 13.34
CA HIS A 5 12.31 15.78 14.18
C HIS A 5 10.82 15.50 14.03
N HIS A 6 10.02 16.02 14.95
CA HIS A 6 8.58 15.80 14.91
C HIS A 6 7.86 17.10 14.53
N HIS A 7 7.45 17.17 13.27
CA HIS A 7 6.74 18.34 12.76
C HIS A 7 5.99 17.95 11.48
N HIS A 8 5.33 18.91 10.84
CA HIS A 8 4.59 18.67 9.59
C HIS A 8 3.43 17.71 9.81
N HIS A 9 2.91 17.67 11.02
CA HIS A 9 1.77 16.83 11.35
C HIS A 9 0.49 17.40 10.76
N HIS A 10 -0.26 16.55 10.08
CA HIS A 10 -1.49 16.98 9.42
C HIS A 10 -2.71 16.52 10.20
N SER A 11 -3.86 17.11 9.87
CA SER A 11 -5.13 16.70 10.46
C SER A 11 -6.02 16.09 9.37
N SER A 12 -6.59 14.93 9.64
CA SER A 12 -7.42 14.25 8.66
C SER A 12 -8.45 13.34 9.34
N GLY A 13 -9.66 13.84 9.51
CA GLY A 13 -10.71 13.05 10.12
C GLY A 13 -11.73 12.59 9.10
N LEU A 14 -11.43 11.52 8.40
CA LEU A 14 -12.30 11.01 7.36
C LEU A 14 -13.16 9.86 7.89
N VAL A 15 -14.13 9.46 7.10
CA VAL A 15 -15.00 8.33 7.45
C VAL A 15 -15.51 7.65 6.18
N PRO A 16 -14.95 6.48 5.85
CA PRO A 16 -15.31 5.75 4.64
C PRO A 16 -16.53 4.84 4.83
N ARG A 17 -17.32 4.72 3.77
CA ARG A 17 -18.44 3.79 3.75
C ARG A 17 -18.35 2.90 2.52
N GLY A 18 -18.98 1.73 2.59
CA GLY A 18 -18.84 0.75 1.53
C GLY A 18 -17.41 0.24 1.44
N SER A 19 -17.05 -0.35 0.31
CA SER A 19 -15.67 -0.80 0.09
C SER A 19 -15.29 -1.88 1.10
N HIS A 20 -16.29 -2.62 1.58
CA HIS A 20 -16.10 -3.62 2.63
C HIS A 20 -15.20 -4.75 2.17
N MET A 21 -15.15 -4.96 0.86
CA MET A 21 -14.32 -6.00 0.28
C MET A 21 -12.82 -5.71 0.50
N TRP A 22 -12.52 -4.45 0.75
CA TRP A 22 -11.14 -4.02 0.97
C TRP A 22 -10.75 -4.14 2.45
N ASN A 23 -11.75 -4.26 3.31
CA ASN A 23 -11.53 -4.36 4.76
C ASN A 23 -10.53 -5.45 5.10
N ASP A 24 -10.75 -6.66 4.56
CA ASP A 24 -9.88 -7.80 4.85
C ASP A 24 -8.45 -7.54 4.41
N LEU A 25 -8.29 -6.78 3.33
CA LEU A 25 -6.97 -6.40 2.84
C LEU A 25 -6.22 -5.63 3.92
N ALA A 26 -6.88 -4.62 4.47
CA ALA A 26 -6.29 -3.79 5.51
C ALA A 26 -5.91 -4.64 6.72
N VAL A 27 -6.85 -5.46 7.17
CA VAL A 27 -6.62 -6.37 8.29
C VAL A 27 -5.38 -7.23 8.06
N TYR A 28 -5.27 -7.78 6.86
CA TYR A 28 -4.13 -8.60 6.47
C TYR A 28 -2.82 -7.85 6.65
N ILE A 29 -2.80 -6.60 6.19
CA ILE A 29 -1.62 -5.76 6.28
C ILE A 29 -1.30 -5.41 7.73
N ILE A 30 -2.35 -5.08 8.48
CA ILE A 30 -2.22 -4.73 9.90
C ILE A 30 -1.54 -5.86 10.68
N ARG A 31 -2.02 -7.08 10.48
CA ARG A 31 -1.49 -8.24 11.17
C ARG A 31 -0.03 -8.48 10.79
N CYS A 32 0.30 -8.23 9.53
CA CYS A 32 1.63 -8.51 9.03
C CYS A 32 2.63 -7.46 9.50
N SER A 33 2.15 -6.25 9.77
CA SER A 33 3.02 -5.16 10.17
C SER A 33 3.06 -5.01 11.69
N GLY A 34 2.02 -4.44 12.25
CA GLY A 34 1.96 -4.22 13.69
C GLY A 34 2.35 -2.80 14.07
N PRO A 35 2.11 -2.40 15.32
CA PRO A 35 2.43 -1.06 15.80
C PRO A 35 3.93 -0.86 16.00
N GLY A 36 4.42 0.34 15.70
CA GLY A 36 5.81 0.66 15.94
C GLY A 36 6.68 0.50 14.71
N THR A 37 6.14 -0.11 13.66
CA THR A 37 6.88 -0.27 12.42
C THR A 37 6.36 0.75 11.40
N ARG A 38 6.91 0.74 10.19
CA ARG A 38 6.49 1.67 9.16
C ARG A 38 5.84 0.94 7.99
N VAL A 39 4.74 1.48 7.50
CA VAL A 39 4.04 0.92 6.36
C VAL A 39 3.76 2.02 5.35
N VAL A 40 3.94 1.72 4.07
CA VAL A 40 3.75 2.72 3.02
C VAL A 40 2.64 2.30 2.05
N GLU A 41 1.67 3.18 1.88
CA GLU A 41 0.60 2.98 0.91
C GLU A 41 0.89 3.77 -0.36
N VAL A 42 1.17 3.05 -1.45
CA VAL A 42 1.48 3.67 -2.72
C VAL A 42 0.25 3.74 -3.60
N GLY A 43 -0.13 4.94 -3.99
CA GLY A 43 -1.29 5.11 -4.83
C GLY A 43 -2.55 5.31 -4.02
N ALA A 44 -2.47 6.17 -3.01
CA ALA A 44 -3.61 6.47 -2.15
C ALA A 44 -4.77 7.03 -2.96
N GLY A 45 -4.44 7.76 -4.01
CA GLY A 45 -5.45 8.30 -4.89
C GLY A 45 -6.36 9.28 -4.20
N ARG A 46 -7.66 9.02 -4.24
CA ARG A 46 -8.64 9.93 -3.67
C ARG A 46 -9.48 9.22 -2.61
N PHE A 47 -9.08 8.01 -2.26
CA PHE A 47 -9.84 7.20 -1.31
C PHE A 47 -8.92 6.52 -0.32
N LEU A 48 -9.01 6.92 0.94
CA LEU A 48 -8.14 6.38 1.98
C LEU A 48 -8.90 5.39 2.85
N TYR A 49 -9.39 4.31 2.25
CA TYR A 49 -10.14 3.31 2.99
C TYR A 49 -9.20 2.44 3.84
N VAL A 50 -8.19 1.89 3.18
CA VAL A 50 -7.26 0.98 3.84
C VAL A 50 -6.41 1.72 4.86
N SER A 51 -5.78 2.81 4.43
CA SER A 51 -4.91 3.61 5.26
C SER A 51 -5.62 4.10 6.54
N ASP A 52 -6.86 4.55 6.41
CA ASP A 52 -7.62 5.04 7.55
C ASP A 52 -7.92 3.91 8.52
N TYR A 53 -8.33 2.77 7.97
CA TYR A 53 -8.68 1.61 8.79
C TYR A 53 -7.47 1.10 9.57
N ILE A 54 -6.32 1.09 8.92
CA ILE A 54 -5.09 0.61 9.55
C ILE A 54 -4.70 1.48 10.74
N ARG A 55 -4.76 2.79 10.57
CA ARG A 55 -4.39 3.72 11.64
C ARG A 55 -5.44 3.74 12.74
N LYS A 56 -6.62 3.22 12.43
CA LYS A 56 -7.69 3.11 13.42
C LYS A 56 -7.40 2.00 14.42
N HIS A 57 -6.71 0.97 13.97
CA HIS A 57 -6.41 -0.18 14.82
C HIS A 57 -4.99 -0.15 15.34
N SER A 58 -4.02 -0.09 14.44
CA SER A 58 -2.63 -0.18 14.81
C SER A 58 -1.96 1.17 14.85
N LYS A 59 -1.18 1.42 15.90
CA LYS A 59 -0.33 2.59 15.98
C LYS A 59 0.95 2.33 15.18
N VAL A 60 0.75 2.18 13.89
CA VAL A 60 1.84 1.94 12.97
C VAL A 60 2.20 3.24 12.24
N ASP A 61 3.47 3.40 11.89
CA ASP A 61 3.91 4.56 11.13
C ASP A 61 3.45 4.41 9.68
N LEU A 62 2.23 4.81 9.43
CA LEU A 62 1.60 4.60 8.13
C LEU A 62 1.78 5.83 7.26
N VAL A 63 2.49 5.66 6.16
CA VAL A 63 2.82 6.76 5.26
C VAL A 63 2.12 6.57 3.92
N LEU A 64 1.60 7.65 3.36
CA LEU A 64 0.94 7.61 2.06
C LEU A 64 1.75 8.37 1.03
N THR A 65 1.88 7.79 -0.16
CA THR A 65 2.56 8.47 -1.25
C THR A 65 1.62 8.68 -2.43
N ASP A 66 1.49 9.92 -2.86
CA ASP A 66 0.63 10.28 -3.98
C ASP A 66 1.14 11.56 -4.62
N ILE A 67 1.08 11.63 -5.93
CA ILE A 67 1.58 12.79 -6.66
C ILE A 67 0.63 13.96 -6.50
N LYS A 68 1.16 15.08 -6.02
CA LYS A 68 0.39 16.28 -5.69
C LYS A 68 -0.96 15.92 -5.04
N PRO A 69 -0.90 15.41 -3.79
CA PRO A 69 -2.08 14.91 -3.08
C PRO A 69 -3.07 16.01 -2.72
N SER A 70 -4.35 15.69 -2.82
CA SER A 70 -5.40 16.65 -2.53
C SER A 70 -5.77 16.60 -1.05
N HIS A 71 -5.35 15.53 -0.39
CA HIS A 71 -5.63 15.35 1.04
C HIS A 71 -4.67 16.16 1.89
N GLY A 72 -3.60 16.66 1.26
CA GLY A 72 -2.65 17.52 1.95
C GLY A 72 -1.65 16.76 2.79
N GLY A 73 -2.14 15.88 3.66
CA GLY A 73 -1.27 15.16 4.57
C GLY A 73 -0.51 14.02 3.91
N ILE A 74 -0.87 13.70 2.68
CA ILE A 74 -0.17 12.67 1.94
C ILE A 74 1.17 13.21 1.45
N VAL A 75 2.20 12.36 1.48
CA VAL A 75 3.52 12.78 1.05
C VAL A 75 3.52 13.08 -0.44
N ARG A 76 3.94 14.30 -0.79
CA ARG A 76 3.92 14.75 -2.16
C ARG A 76 5.18 14.34 -2.89
N ASP A 77 5.53 13.07 -2.75
CA ASP A 77 6.71 12.52 -3.41
C ASP A 77 6.32 12.01 -4.79
N ASP A 78 7.05 11.06 -5.33
CA ASP A 78 6.75 10.54 -6.65
C ASP A 78 6.85 9.02 -6.67
N ILE A 79 6.67 8.43 -7.83
CA ILE A 79 6.74 6.98 -7.98
C ILE A 79 7.72 6.59 -9.09
N THR A 80 7.89 7.46 -10.07
CA THR A 80 8.84 7.23 -11.13
C THR A 80 10.20 7.79 -10.72
N SER A 81 10.15 8.79 -9.85
CA SER A 81 11.35 9.30 -9.20
C SER A 81 11.08 9.49 -7.72
N PRO A 82 10.94 8.39 -6.97
CA PRO A 82 10.60 8.43 -5.57
C PRO A 82 11.82 8.57 -4.67
N ARG A 83 11.60 9.07 -3.48
CA ARG A 83 12.66 9.12 -2.48
C ARG A 83 12.65 7.85 -1.66
N MET A 84 13.70 7.07 -1.82
CA MET A 84 13.82 5.78 -1.14
C MET A 84 13.96 5.99 0.36
N GLU A 85 14.33 7.21 0.74
CA GLU A 85 14.50 7.59 2.14
C GLU A 85 13.19 7.46 2.91
N ILE A 86 12.08 7.53 2.20
CA ILE A 86 10.76 7.42 2.82
C ILE A 86 10.38 5.95 3.00
N TYR A 87 10.71 5.15 2.00
CA TYR A 87 10.36 3.73 2.01
C TYR A 87 11.32 2.93 2.88
N ARG A 88 12.58 3.37 2.94
CA ARG A 88 13.57 2.68 3.75
C ARG A 88 13.25 2.80 5.23
N GLY A 89 12.95 1.67 5.83
CA GLY A 89 12.53 1.63 7.22
C GLY A 89 11.15 1.04 7.35
N ALA A 90 10.47 0.88 6.23
CA ALA A 90 9.14 0.28 6.19
C ALA A 90 9.23 -1.23 6.20
N ALA A 91 8.25 -1.87 6.81
CA ALA A 91 8.20 -3.33 6.88
C ALA A 91 7.30 -3.89 5.79
N LEU A 92 6.40 -3.05 5.29
CA LEU A 92 5.46 -3.48 4.27
C LEU A 92 5.05 -2.31 3.38
N ILE A 93 4.95 -2.58 2.09
CA ILE A 93 4.55 -1.57 1.11
C ILE A 93 3.46 -2.16 0.21
N TYR A 94 2.32 -1.48 0.12
CA TYR A 94 1.23 -1.98 -0.70
C TYR A 94 0.74 -0.92 -1.66
N SER A 95 0.14 -1.35 -2.75
CA SER A 95 -0.36 -0.45 -3.77
C SER A 95 -1.78 -0.82 -4.18
N ILE A 96 -2.66 0.17 -4.19
CA ILE A 96 -4.05 -0.06 -4.54
C ILE A 96 -4.28 0.20 -6.03
N ARG A 97 -4.40 -0.90 -6.78
CA ARG A 97 -4.59 -0.85 -8.24
C ARG A 97 -3.51 -0.02 -8.93
N PRO A 98 -2.25 -0.49 -8.92
CA PRO A 98 -1.15 0.22 -9.56
C PRO A 98 -1.16 0.06 -11.08
N PRO A 99 -0.85 1.14 -11.82
CA PRO A 99 -0.75 1.10 -13.27
C PRO A 99 0.32 0.11 -13.75
N ALA A 100 0.07 -0.50 -14.91
CA ALA A 100 0.95 -1.53 -15.44
C ALA A 100 2.20 -0.94 -16.09
N GLU A 101 2.63 0.19 -15.56
CA GLU A 101 3.76 0.91 -16.10
C GLU A 101 4.80 1.22 -15.03
N ILE A 102 4.50 0.82 -13.79
CA ILE A 102 5.41 1.08 -12.67
C ILE A 102 5.66 -0.16 -11.82
N HIS A 103 5.23 -1.31 -12.32
CA HIS A 103 5.34 -2.57 -11.60
C HIS A 103 6.78 -2.87 -11.17
N SER A 104 7.71 -2.79 -12.12
CA SER A 104 9.10 -3.10 -11.84
C SER A 104 9.68 -2.12 -10.81
N SER A 105 9.19 -0.88 -10.85
CA SER A 105 9.66 0.15 -9.92
C SER A 105 9.24 -0.18 -8.50
N LEU A 106 8.00 -0.65 -8.34
CA LEU A 106 7.47 -1.01 -7.05
C LEU A 106 8.22 -2.20 -6.44
N MET A 107 8.48 -3.21 -7.28
CA MET A 107 9.11 -4.44 -6.82
C MET A 107 10.52 -4.18 -6.29
N ARG A 108 11.27 -3.33 -6.99
CA ARG A 108 12.64 -3.04 -6.59
C ARG A 108 12.68 -2.21 -5.31
N VAL A 109 11.66 -1.38 -5.10
CA VAL A 109 11.58 -0.59 -3.89
C VAL A 109 11.43 -1.50 -2.68
N ALA A 110 10.56 -2.49 -2.81
CA ALA A 110 10.34 -3.46 -1.74
C ALA A 110 11.64 -4.19 -1.42
N ASP A 111 12.35 -4.59 -2.46
CA ASP A 111 13.64 -5.28 -2.33
C ASP A 111 14.69 -4.39 -1.67
N ALA A 112 14.71 -3.14 -2.10
CA ALA A 112 15.69 -2.17 -1.61
C ALA A 112 15.52 -1.87 -0.12
N VAL A 113 14.27 -1.73 0.31
CA VAL A 113 13.99 -1.34 1.68
C VAL A 113 13.79 -2.55 2.58
N GLY A 114 13.40 -3.67 1.99
CA GLY A 114 13.19 -4.88 2.75
C GLY A 114 11.77 -4.98 3.28
N ALA A 115 10.80 -4.76 2.41
CA ALA A 115 9.41 -4.78 2.80
C ALA A 115 8.59 -5.69 1.90
N ARG A 116 7.46 -6.16 2.41
CA ARG A 116 6.57 -7.00 1.62
C ARG A 116 5.72 -6.13 0.71
N LEU A 117 5.75 -6.42 -0.57
CA LEU A 117 4.98 -5.66 -1.54
C LEU A 117 3.64 -6.34 -1.80
N ILE A 118 2.55 -5.65 -1.50
CA ILE A 118 1.22 -6.20 -1.72
C ILE A 118 0.48 -5.41 -2.78
N ILE A 119 0.14 -6.08 -3.88
CA ILE A 119 -0.58 -5.46 -4.98
C ILE A 119 -1.99 -6.02 -5.09
N LYS A 120 -2.97 -5.14 -5.21
CA LYS A 120 -4.35 -5.54 -5.44
C LYS A 120 -4.74 -5.34 -6.90
N PRO A 121 -4.74 -6.42 -7.69
CA PRO A 121 -5.25 -6.39 -9.05
C PRO A 121 -6.76 -6.58 -9.07
N LEU A 122 -7.30 -7.01 -10.21
CA LEU A 122 -8.73 -7.22 -10.34
C LEU A 122 -9.06 -8.71 -10.20
N THR A 123 -10.30 -9.07 -10.48
CA THR A 123 -10.73 -10.45 -10.31
C THR A 123 -10.47 -11.28 -11.58
N GLY A 124 -10.63 -10.65 -12.74
CA GLY A 124 -10.37 -11.34 -13.99
C GLY A 124 -9.19 -10.74 -14.71
N GLU A 125 -8.46 -9.91 -14.00
CA GLU A 125 -7.33 -9.19 -14.57
C GLU A 125 -6.11 -9.33 -13.68
N ASP A 126 -5.02 -9.77 -14.26
CA ASP A 126 -3.79 -10.00 -13.51
C ASP A 126 -2.98 -8.70 -13.43
N ILE A 127 -1.83 -8.75 -12.77
CA ILE A 127 -0.95 -7.60 -12.65
C ILE A 127 -0.29 -7.31 -13.99
N VAL A 128 -0.02 -8.39 -14.72
CA VAL A 128 0.71 -8.31 -15.99
C VAL A 128 2.17 -7.93 -15.71
N THR A 129 2.96 -8.91 -15.29
CA THR A 129 4.33 -8.68 -14.92
C THR A 129 5.07 -10.02 -14.84
N GLU A 130 6.28 -10.00 -14.30
CA GLU A 130 7.09 -11.20 -14.14
C GLU A 130 6.53 -12.06 -13.01
N ARG A 131 6.69 -13.38 -13.12
CA ARG A 131 6.15 -14.31 -12.13
C ARG A 131 7.05 -14.37 -10.90
N LYS A 132 7.17 -13.25 -10.21
CA LYS A 132 8.00 -13.16 -9.02
C LYS A 132 7.16 -12.83 -7.79
N MET A 133 5.86 -12.67 -8.02
CA MET A 133 4.93 -12.44 -6.93
C MET A 133 4.02 -13.64 -6.77
N LYS A 134 3.32 -13.72 -5.65
CA LYS A 134 2.48 -14.89 -5.38
C LYS A 134 1.07 -14.49 -4.97
N LEU A 135 0.10 -15.24 -5.45
CA LEU A 135 -1.31 -15.00 -5.16
C LEU A 135 -1.66 -15.48 -3.76
N VAL A 136 -2.16 -14.58 -2.95
CA VAL A 136 -2.58 -14.91 -1.59
C VAL A 136 -4.06 -14.66 -1.41
N ASN A 137 -4.72 -15.52 -0.66
CA ASN A 137 -6.16 -15.46 -0.48
C ASN A 137 -6.50 -15.23 0.99
N TYR A 138 -6.99 -14.04 1.30
CA TYR A 138 -7.34 -13.69 2.67
C TYR A 138 -8.70 -13.00 2.69
N GLY A 139 -9.59 -13.46 3.56
CA GLY A 139 -10.93 -12.91 3.61
C GLY A 139 -11.69 -13.16 2.32
N ARG A 140 -11.30 -14.23 1.64
CA ARG A 140 -11.88 -14.63 0.35
C ARG A 140 -11.59 -13.62 -0.76
N THR A 141 -10.73 -12.64 -0.47
CA THR A 141 -10.23 -11.78 -1.52
C THR A 141 -8.78 -12.13 -1.78
N TYR A 142 -8.39 -12.14 -3.04
CA TYR A 142 -7.03 -12.51 -3.37
C TYR A 142 -6.27 -11.35 -3.95
N PHE A 143 -4.98 -11.36 -3.70
CA PHE A 143 -4.07 -10.34 -4.15
C PHE A 143 -2.69 -10.94 -4.34
N TYR A 144 -1.74 -10.15 -4.76
CA TYR A 144 -0.40 -10.65 -4.97
C TYR A 144 0.57 -9.99 -4.01
N GLU A 145 1.20 -10.79 -3.18
CA GLU A 145 2.22 -10.29 -2.28
C GLU A 145 3.58 -10.74 -2.75
N TYR A 146 4.60 -10.01 -2.34
CA TYR A 146 5.97 -10.35 -2.64
C TYR A 146 6.83 -10.15 -1.41
N ILE A 147 7.47 -11.22 -0.97
CA ILE A 147 8.30 -11.14 0.22
C ILE A 147 9.71 -10.76 -0.17
N ALA A 148 10.04 -9.49 0.04
CA ALA A 148 11.37 -9.02 -0.24
C ALA A 148 12.33 -9.51 0.84
N GLU A 149 12.99 -10.61 0.53
CA GLU A 149 13.95 -11.19 1.44
C GLU A 149 15.24 -10.37 1.43
N VAL A 150 16.08 -10.59 2.42
CA VAL A 150 17.35 -9.90 2.48
C VAL A 150 18.24 -10.38 1.35
N ARG A 151 18.76 -9.44 0.58
CA ARG A 151 19.58 -9.78 -0.57
C ARG A 151 21.01 -10.09 -0.16
N SER A 152 21.15 -11.20 0.56
CA SER A 152 22.44 -11.67 1.03
C SER A 152 22.30 -13.11 1.48
N ARG A 153 23.37 -13.67 2.00
CA ARG A 153 23.35 -15.04 2.49
C ARG A 153 23.29 -15.04 4.01
N MET A 1 -1.92 16.59 -22.20
CA MET A 1 -2.68 15.84 -23.24
C MET A 1 -3.49 14.71 -22.60
N GLY A 2 -4.78 14.91 -22.51
CA GLY A 2 -5.66 13.91 -21.93
C GLY A 2 -6.94 14.53 -21.45
N SER A 3 -8.06 13.88 -21.74
CA SER A 3 -9.37 14.39 -21.38
C SER A 3 -9.55 14.40 -19.85
N SER A 4 -9.32 15.55 -19.25
CA SER A 4 -9.49 15.71 -17.82
C SER A 4 -10.88 16.25 -17.53
N HIS A 5 -11.88 15.56 -18.07
CA HIS A 5 -13.26 15.98 -17.97
C HIS A 5 -13.81 15.76 -16.56
N HIS A 6 -14.91 16.43 -16.26
CA HIS A 6 -15.54 16.32 -14.96
C HIS A 6 -16.70 15.32 -15.00
N HIS A 7 -16.59 14.26 -14.21
CA HIS A 7 -17.67 13.29 -14.08
C HIS A 7 -18.84 13.93 -13.34
N HIS A 8 -18.51 14.89 -12.49
CA HIS A 8 -19.51 15.70 -11.81
C HIS A 8 -19.37 17.15 -12.24
N HIS A 9 -20.40 17.68 -12.90
CA HIS A 9 -20.42 19.10 -13.22
C HIS A 9 -20.66 19.87 -11.93
N HIS A 10 -21.42 19.24 -11.06
CA HIS A 10 -21.59 19.69 -9.69
C HIS A 10 -21.37 18.49 -8.76
N SER A 11 -20.42 18.63 -7.85
CA SER A 11 -20.06 17.53 -6.94
C SER A 11 -21.22 17.25 -5.99
N SER A 12 -22.00 16.22 -6.32
CA SER A 12 -23.14 15.84 -5.51
C SER A 12 -23.10 14.35 -5.21
N GLY A 13 -23.30 14.01 -3.95
CA GLY A 13 -23.28 12.62 -3.54
C GLY A 13 -22.89 12.47 -2.09
N LEU A 14 -22.79 11.23 -1.63
CA LEU A 14 -22.41 10.95 -0.26
C LEU A 14 -21.04 10.30 -0.22
N VAL A 15 -20.28 10.57 0.84
CA VAL A 15 -18.98 9.97 1.01
C VAL A 15 -19.07 8.69 1.85
N PRO A 16 -18.77 7.54 1.23
CA PRO A 16 -18.84 6.25 1.91
C PRO A 16 -17.62 5.98 2.78
N ARG A 17 -17.72 4.98 3.63
CA ARG A 17 -16.61 4.60 4.49
C ARG A 17 -15.69 3.61 3.79
N GLY A 18 -16.17 3.03 2.69
CA GLY A 18 -15.38 2.08 1.95
C GLY A 18 -15.24 0.76 2.67
N SER A 19 -16.30 0.36 3.36
CA SER A 19 -16.28 -0.89 4.10
C SER A 19 -16.62 -2.06 3.17
N HIS A 20 -15.60 -2.84 2.88
CA HIS A 20 -15.71 -3.96 1.96
C HIS A 20 -14.47 -4.83 2.18
N MET A 21 -14.05 -5.56 1.15
CA MET A 21 -12.85 -6.42 1.23
C MET A 21 -11.60 -5.64 1.64
N TRP A 22 -11.69 -4.31 1.58
CA TRP A 22 -10.60 -3.44 2.04
C TRP A 22 -10.24 -3.76 3.49
N ASN A 23 -11.24 -4.15 4.26
CA ASN A 23 -11.07 -4.46 5.67
C ASN A 23 -10.16 -5.67 5.84
N ASP A 24 -10.43 -6.71 5.05
CA ASP A 24 -9.63 -7.93 5.05
C ASP A 24 -8.16 -7.60 4.74
N LEU A 25 -7.97 -6.78 3.72
CA LEU A 25 -6.64 -6.36 3.31
C LEU A 25 -5.93 -5.62 4.42
N ALA A 26 -6.63 -4.66 5.03
CA ALA A 26 -6.08 -3.86 6.11
C ALA A 26 -5.56 -4.74 7.25
N VAL A 27 -6.42 -5.63 7.73
CA VAL A 27 -6.06 -6.55 8.80
C VAL A 27 -4.83 -7.38 8.44
N TYR A 28 -4.78 -7.84 7.19
CA TYR A 28 -3.65 -8.62 6.70
C TYR A 28 -2.34 -7.86 6.85
N ILE A 29 -2.37 -6.59 6.45
CA ILE A 29 -1.20 -5.73 6.54
C ILE A 29 -0.83 -5.45 8.00
N ILE A 30 -1.86 -5.24 8.83
CA ILE A 30 -1.68 -4.98 10.25
C ILE A 30 -0.94 -6.13 10.94
N ARG A 31 -1.26 -7.34 10.53
CA ARG A 31 -0.65 -8.54 11.11
C ARG A 31 0.81 -8.69 10.67
N CYS A 32 1.13 -8.20 9.48
CA CYS A 32 2.47 -8.36 8.94
C CYS A 32 3.39 -7.20 9.35
N SER A 33 2.80 -6.10 9.79
CA SER A 33 3.59 -4.92 10.12
C SER A 33 3.93 -4.86 11.60
N GLY A 34 2.97 -4.44 12.42
CA GLY A 34 3.21 -4.27 13.84
C GLY A 34 3.45 -2.82 14.22
N PRO A 35 2.86 -2.35 15.32
CA PRO A 35 2.94 -0.94 15.73
C PRO A 35 4.37 -0.45 15.88
N GLY A 36 4.70 0.65 15.21
CA GLY A 36 6.01 1.25 15.37
C GLY A 36 6.87 1.16 14.13
N THR A 37 6.52 0.26 13.22
CA THR A 37 7.28 0.11 11.99
C THR A 37 6.77 1.09 10.94
N ARG A 38 7.28 0.98 9.72
CA ARG A 38 6.80 1.82 8.64
C ARG A 38 6.19 0.98 7.53
N VAL A 39 5.04 1.41 7.03
CA VAL A 39 4.38 0.75 5.93
C VAL A 39 4.01 1.78 4.88
N VAL A 40 4.41 1.55 3.63
CA VAL A 40 4.24 2.55 2.59
C VAL A 40 3.15 2.15 1.59
N GLU A 41 2.24 3.07 1.35
CA GLU A 41 1.20 2.92 0.34
C GLU A 41 1.55 3.76 -0.88
N VAL A 42 1.55 3.14 -2.04
CA VAL A 42 1.88 3.82 -3.28
C VAL A 42 0.63 4.08 -4.12
N GLY A 43 0.11 5.30 -4.03
CA GLY A 43 -1.12 5.63 -4.71
C GLY A 43 -2.31 5.62 -3.77
N ALA A 44 -2.53 6.73 -3.08
CA ALA A 44 -3.52 6.80 -2.02
C ALA A 44 -4.93 7.05 -2.57
N GLY A 45 -5.03 7.93 -3.56
CA GLY A 45 -6.32 8.25 -4.15
C GLY A 45 -7.33 8.75 -3.14
N ARG A 46 -8.51 8.13 -3.11
CA ARG A 46 -9.55 8.52 -2.16
C ARG A 46 -9.93 7.35 -1.26
N PHE A 47 -9.26 6.21 -1.44
CA PHE A 47 -9.58 5.00 -0.69
C PHE A 47 -8.68 4.85 0.54
N LEU A 48 -8.72 5.84 1.41
CA LEU A 48 -7.84 5.89 2.57
C LEU A 48 -8.34 5.02 3.72
N TYR A 49 -9.39 4.24 3.47
CA TYR A 49 -9.97 3.37 4.49
C TYR A 49 -8.93 2.41 5.06
N VAL A 50 -8.20 1.74 4.17
CA VAL A 50 -7.20 0.76 4.56
C VAL A 50 -6.13 1.41 5.46
N SER A 51 -5.57 2.51 4.98
CA SER A 51 -4.47 3.16 5.66
C SER A 51 -4.89 3.81 6.98
N ASP A 52 -6.16 4.18 7.09
CA ASP A 52 -6.67 4.76 8.33
C ASP A 52 -7.03 3.65 9.31
N TYR A 53 -7.65 2.60 8.81
CA TYR A 53 -8.04 1.46 9.62
C TYR A 53 -6.82 0.85 10.31
N ILE A 54 -5.73 0.71 9.55
CA ILE A 54 -4.48 0.18 10.07
C ILE A 54 -3.95 1.05 11.22
N ARG A 55 -3.92 2.37 11.00
CA ARG A 55 -3.34 3.30 11.95
C ARG A 55 -4.21 3.44 13.21
N LYS A 56 -5.47 3.01 13.10
CA LYS A 56 -6.38 3.02 14.24
C LYS A 56 -6.07 1.86 15.18
N HIS A 57 -5.72 0.72 14.61
CA HIS A 57 -5.38 -0.47 15.40
C HIS A 57 -3.93 -0.42 15.86
N SER A 58 -3.03 -0.27 14.90
CA SER A 58 -1.61 -0.23 15.18
C SER A 58 -1.03 1.12 14.78
N LYS A 59 -0.32 1.76 15.69
CA LYS A 59 0.33 3.03 15.38
C LYS A 59 1.59 2.79 14.57
N VAL A 60 1.40 2.24 13.40
CA VAL A 60 2.46 2.05 12.43
C VAL A 60 2.67 3.34 11.66
N ASP A 61 3.92 3.66 11.36
CA ASP A 61 4.21 4.82 10.53
C ASP A 61 3.83 4.53 9.09
N LEU A 62 2.55 4.64 8.80
CA LEU A 62 2.04 4.36 7.49
C LEU A 62 2.21 5.59 6.60
N VAL A 63 3.05 5.44 5.59
CA VAL A 63 3.35 6.53 4.68
C VAL A 63 2.54 6.41 3.41
N LEU A 64 1.73 7.42 3.15
CA LEU A 64 0.95 7.45 1.93
C LEU A 64 1.65 8.32 0.90
N THR A 65 1.79 7.83 -0.31
CA THR A 65 2.39 8.61 -1.38
C THR A 65 1.38 8.84 -2.49
N ASP A 66 1.24 10.09 -2.91
CA ASP A 66 0.28 10.44 -3.95
C ASP A 66 0.69 11.73 -4.62
N ILE A 67 0.17 12.00 -5.80
CA ILE A 67 0.55 13.20 -6.53
C ILE A 67 -0.13 14.42 -5.94
N LYS A 68 0.60 15.10 -5.05
CA LYS A 68 0.14 16.33 -4.41
C LYS A 68 -1.26 16.16 -3.81
N PRO A 69 -1.36 15.38 -2.72
CA PRO A 69 -2.64 15.10 -2.03
C PRO A 69 -3.25 16.34 -1.41
N SER A 70 -4.56 16.32 -1.23
CA SER A 70 -5.28 17.41 -0.60
C SER A 70 -5.34 17.21 0.91
N HIS A 71 -5.44 15.95 1.34
CA HIS A 71 -5.56 15.64 2.76
C HIS A 71 -4.19 15.66 3.44
N GLY A 72 -4.13 16.34 4.57
CA GLY A 72 -2.91 16.36 5.36
C GLY A 72 -2.63 15.01 5.99
N GLY A 73 -1.42 14.52 5.78
CA GLY A 73 -1.07 13.20 6.27
C GLY A 73 -0.49 12.34 5.17
N ILE A 74 -0.84 12.69 3.94
CA ILE A 74 -0.31 12.00 2.77
C ILE A 74 0.93 12.74 2.27
N VAL A 75 1.96 11.99 1.92
CA VAL A 75 3.19 12.58 1.42
C VAL A 75 2.99 13.06 -0.02
N ARG A 76 3.47 14.26 -0.29
CA ARG A 76 3.26 14.91 -1.58
C ARG A 76 4.34 14.56 -2.58
N ASP A 77 5.04 13.46 -2.35
CA ASP A 77 6.10 13.04 -3.25
C ASP A 77 5.55 12.34 -4.48
N ASP A 78 6.35 12.27 -5.52
CA ASP A 78 5.90 11.76 -6.80
C ASP A 78 5.80 10.23 -6.76
N ILE A 79 4.91 9.69 -7.60
CA ILE A 79 4.64 8.26 -7.60
C ILE A 79 5.54 7.50 -8.58
N THR A 80 5.92 8.15 -9.66
CA THR A 80 6.72 7.49 -10.68
C THR A 80 8.19 7.88 -10.52
N SER A 81 8.43 9.04 -9.91
CA SER A 81 9.77 9.46 -9.54
C SER A 81 9.80 9.80 -8.05
N PRO A 82 9.78 8.78 -7.17
CA PRO A 82 9.69 8.96 -5.73
C PRO A 82 11.06 9.05 -5.04
N ARG A 83 11.06 8.85 -3.73
CA ARG A 83 12.28 8.87 -2.95
C ARG A 83 12.42 7.58 -2.14
N MET A 84 13.46 6.81 -2.44
CA MET A 84 13.67 5.52 -1.79
C MET A 84 13.98 5.68 -0.30
N GLU A 85 14.39 6.87 0.11
CA GLU A 85 14.70 7.11 1.53
C GLU A 85 13.43 6.98 2.37
N ILE A 86 12.28 7.22 1.74
CA ILE A 86 11.00 7.08 2.40
C ILE A 86 10.66 5.61 2.57
N TYR A 87 11.04 4.80 1.59
CA TYR A 87 10.75 3.37 1.60
C TYR A 87 11.72 2.64 2.52
N ARG A 88 12.94 3.17 2.63
CA ARG A 88 13.95 2.58 3.50
C ARG A 88 13.46 2.51 4.94
N GLY A 89 13.49 1.31 5.49
CA GLY A 89 13.08 1.13 6.87
C GLY A 89 11.65 0.62 6.97
N ALA A 90 10.95 0.59 5.85
CA ALA A 90 9.59 0.09 5.82
C ALA A 90 9.58 -1.43 5.90
N ALA A 91 8.60 -1.96 6.62
CA ALA A 91 8.47 -3.41 6.77
C ALA A 91 7.52 -3.97 5.73
N LEU A 92 6.71 -3.09 5.15
CA LEU A 92 5.74 -3.50 4.16
C LEU A 92 5.43 -2.34 3.20
N ILE A 93 5.30 -2.66 1.93
CA ILE A 93 4.96 -1.67 0.92
C ILE A 93 3.84 -2.22 0.04
N TYR A 94 2.76 -1.47 -0.10
CA TYR A 94 1.63 -1.94 -0.88
C TYR A 94 1.12 -0.84 -1.79
N SER A 95 0.27 -1.22 -2.72
CA SER A 95 -0.27 -0.27 -3.69
C SER A 95 -1.63 -0.76 -4.20
N ILE A 96 -2.66 0.03 -3.99
CA ILE A 96 -3.99 -0.31 -4.44
C ILE A 96 -4.15 0.02 -5.93
N ARG A 97 -3.97 -1.01 -6.75
CA ARG A 97 -4.13 -0.91 -8.20
C ARG A 97 -3.29 0.24 -8.78
N PRO A 98 -1.97 0.03 -8.91
CA PRO A 98 -1.07 1.01 -9.49
C PRO A 98 -0.92 0.85 -11.00
N PRO A 99 -0.43 1.89 -11.70
CA PRO A 99 -0.14 1.81 -13.13
C PRO A 99 0.90 0.74 -13.44
N ALA A 100 0.78 0.11 -14.60
CA ALA A 100 1.65 -0.99 -14.99
C ALA A 100 3.01 -0.50 -15.47
N GLU A 101 3.48 0.59 -14.87
CA GLU A 101 4.81 1.12 -15.19
C GLU A 101 5.73 1.05 -13.98
N ILE A 102 5.12 1.01 -12.79
CA ILE A 102 5.89 1.07 -11.55
C ILE A 102 5.86 -0.26 -10.80
N HIS A 103 5.17 -1.24 -11.36
CA HIS A 103 5.04 -2.55 -10.74
C HIS A 103 6.41 -3.21 -10.55
N SER A 104 7.24 -3.12 -11.58
CA SER A 104 8.58 -3.68 -11.54
C SER A 104 9.50 -2.83 -10.67
N SER A 105 9.20 -1.53 -10.61
CA SER A 105 9.98 -0.60 -9.82
C SER A 105 9.74 -0.83 -8.34
N LEU A 106 8.48 -0.99 -7.97
CA LEU A 106 8.11 -1.21 -6.57
C LEU A 106 8.73 -2.50 -6.03
N MET A 107 8.76 -3.53 -6.87
CA MET A 107 9.32 -4.82 -6.47
C MET A 107 10.79 -4.69 -6.08
N ARG A 108 11.57 -3.99 -6.90
CA ARG A 108 13.00 -3.85 -6.65
C ARG A 108 13.26 -2.90 -5.47
N VAL A 109 12.32 -2.00 -5.21
CA VAL A 109 12.41 -1.14 -4.05
C VAL A 109 12.15 -1.94 -2.78
N ALA A 110 11.13 -2.79 -2.83
CA ALA A 110 10.79 -3.66 -1.71
C ALA A 110 11.97 -4.54 -1.34
N ASP A 111 12.65 -5.07 -2.35
CA ASP A 111 13.79 -5.94 -2.16
C ASP A 111 14.96 -5.18 -1.52
N ALA A 112 15.14 -3.94 -1.97
CA ALA A 112 16.23 -3.10 -1.50
C ALA A 112 16.03 -2.68 -0.04
N VAL A 113 14.79 -2.42 0.34
CA VAL A 113 14.50 -1.95 1.70
C VAL A 113 14.16 -3.11 2.64
N GLY A 114 13.73 -4.22 2.05
CA GLY A 114 13.40 -5.39 2.84
C GLY A 114 11.98 -5.35 3.36
N ALA A 115 11.03 -5.18 2.45
CA ALA A 115 9.63 -5.10 2.81
C ALA A 115 8.79 -5.99 1.91
N ARG A 116 7.63 -6.39 2.41
CA ARG A 116 6.71 -7.20 1.61
C ARG A 116 5.90 -6.28 0.69
N LEU A 117 5.90 -6.60 -0.59
CA LEU A 117 5.16 -5.83 -1.58
C LEU A 117 3.77 -6.44 -1.77
N ILE A 118 2.74 -5.65 -1.58
CA ILE A 118 1.38 -6.12 -1.79
C ILE A 118 0.68 -5.30 -2.86
N ILE A 119 0.24 -5.96 -3.92
CA ILE A 119 -0.46 -5.30 -5.00
C ILE A 119 -1.85 -5.88 -5.17
N LYS A 120 -2.86 -5.02 -5.15
CA LYS A 120 -4.23 -5.46 -5.34
C LYS A 120 -4.85 -4.76 -6.56
N PRO A 121 -4.83 -5.43 -7.72
CA PRO A 121 -5.43 -4.91 -8.94
C PRO A 121 -6.91 -5.31 -9.07
N LEU A 122 -7.45 -5.18 -10.28
CA LEU A 122 -8.83 -5.58 -10.56
C LEU A 122 -8.97 -7.10 -10.53
N THR A 123 -10.17 -7.59 -10.80
CA THR A 123 -10.44 -9.02 -10.72
C THR A 123 -9.98 -9.73 -12.00
N GLY A 124 -10.13 -9.06 -13.13
CA GLY A 124 -9.64 -9.60 -14.38
C GLY A 124 -8.50 -8.76 -14.92
N GLU A 125 -7.51 -8.55 -14.08
CA GLU A 125 -6.42 -7.65 -14.39
C GLU A 125 -5.10 -8.26 -13.95
N ASP A 126 -4.23 -8.52 -14.91
CA ASP A 126 -2.95 -9.16 -14.63
C ASP A 126 -1.88 -8.10 -14.39
N ILE A 127 -0.76 -8.50 -13.80
CA ILE A 127 0.31 -7.57 -13.48
C ILE A 127 1.34 -7.53 -14.61
N VAL A 128 1.21 -8.48 -15.55
CA VAL A 128 2.09 -8.61 -16.72
C VAL A 128 3.57 -8.52 -16.35
N THR A 129 3.91 -8.99 -15.16
CA THR A 129 5.29 -8.96 -14.69
C THR A 129 5.86 -10.37 -14.66
N GLU A 130 7.19 -10.46 -14.69
CA GLU A 130 7.89 -11.73 -14.58
C GLU A 130 7.49 -12.40 -13.27
N ARG A 131 6.96 -13.61 -13.35
CA ARG A 131 6.38 -14.30 -12.20
C ARG A 131 7.35 -14.34 -11.02
N LYS A 132 6.99 -13.61 -9.98
CA LYS A 132 7.81 -13.49 -8.79
C LYS A 132 6.91 -13.41 -7.56
N MET A 133 5.75 -12.80 -7.76
CA MET A 133 4.79 -12.60 -6.68
C MET A 133 3.88 -13.81 -6.54
N LYS A 134 3.09 -13.82 -5.49
CA LYS A 134 2.24 -14.96 -5.17
C LYS A 134 0.80 -14.51 -4.90
N LEU A 135 -0.16 -15.34 -5.25
CA LEU A 135 -1.56 -15.07 -4.98
C LEU A 135 -1.90 -15.41 -3.53
N VAL A 136 -2.54 -14.48 -2.85
CA VAL A 136 -2.93 -14.69 -1.46
C VAL A 136 -4.41 -14.39 -1.28
N ASN A 137 -5.11 -15.34 -0.66
CA ASN A 137 -6.52 -15.18 -0.35
C ASN A 137 -6.69 -15.02 1.16
N TYR A 138 -7.29 -13.93 1.57
CA TYR A 138 -7.46 -13.65 3.00
C TYR A 138 -8.86 -13.11 3.27
N GLY A 139 -9.56 -13.75 4.19
CA GLY A 139 -10.90 -13.33 4.56
C GLY A 139 -11.89 -13.56 3.45
N ARG A 140 -12.01 -12.57 2.59
CA ARG A 140 -12.86 -12.66 1.41
C ARG A 140 -12.23 -11.93 0.23
N THR A 141 -10.99 -11.51 0.37
CA THR A 141 -10.31 -10.79 -0.70
C THR A 141 -9.08 -11.57 -1.17
N TYR A 142 -8.68 -11.33 -2.41
CA TYR A 142 -7.48 -11.96 -2.94
C TYR A 142 -6.63 -10.92 -3.66
N PHE A 143 -5.33 -11.04 -3.49
CA PHE A 143 -4.37 -10.11 -4.04
C PHE A 143 -3.04 -10.80 -4.26
N TYR A 144 -2.04 -10.04 -4.69
CA TYR A 144 -0.72 -10.60 -4.91
C TYR A 144 0.29 -9.96 -3.98
N GLU A 145 1.00 -10.79 -3.23
CA GLU A 145 2.05 -10.29 -2.35
C GLU A 145 3.40 -10.80 -2.83
N TYR A 146 4.44 -10.13 -2.39
CA TYR A 146 5.80 -10.54 -2.68
C TYR A 146 6.68 -10.31 -1.47
N ILE A 147 7.32 -11.36 -1.01
CA ILE A 147 8.16 -11.26 0.16
C ILE A 147 9.60 -10.99 -0.27
N ALA A 148 9.99 -9.73 -0.16
CA ALA A 148 11.37 -9.35 -0.41
C ALA A 148 12.25 -9.94 0.66
N GLU A 149 13.20 -10.78 0.26
CA GLU A 149 14.04 -11.45 1.22
C GLU A 149 14.85 -10.44 2.03
N VAL A 150 15.03 -10.74 3.29
CA VAL A 150 15.67 -9.82 4.21
C VAL A 150 17.14 -10.15 4.34
N ARG A 151 17.98 -9.15 4.10
CA ARG A 151 19.41 -9.30 4.23
C ARG A 151 19.81 -9.40 5.70
N SER A 152 21.02 -9.87 5.94
CA SER A 152 21.58 -9.88 7.28
C SER A 152 21.95 -8.45 7.71
N ARG A 153 22.12 -8.25 9.00
CA ARG A 153 22.44 -6.95 9.54
C ARG A 153 23.93 -6.68 9.48
N MET A 1 -10.39 48.07 18.85
CA MET A 1 -9.39 47.01 18.69
C MET A 1 -10.07 45.65 18.66
N GLY A 2 -9.60 44.76 17.80
CA GLY A 2 -10.18 43.44 17.71
C GLY A 2 -9.36 42.55 16.79
N SER A 3 -9.97 42.11 15.70
CA SER A 3 -9.28 41.30 14.69
C SER A 3 -8.62 40.07 15.33
N SER A 4 -9.29 39.49 16.30
CA SER A 4 -8.77 38.31 16.97
C SER A 4 -9.33 37.06 16.34
N HIS A 5 -8.45 36.16 15.93
CA HIS A 5 -8.86 34.92 15.28
C HIS A 5 -9.15 33.85 16.32
N HIS A 6 -10.38 33.86 16.82
CA HIS A 6 -10.81 32.90 17.82
C HIS A 6 -11.88 32.00 17.24
N HIS A 7 -11.46 30.94 16.59
CA HIS A 7 -12.38 29.95 16.03
C HIS A 7 -11.67 28.61 15.90
N HIS A 8 -12.43 27.59 15.55
CA HIS A 8 -11.90 26.24 15.49
C HIS A 8 -11.64 25.82 14.06
N HIS A 9 -10.38 25.58 13.73
CA HIS A 9 -9.99 25.16 12.39
C HIS A 9 -9.63 23.68 12.38
N HIS A 10 -9.57 23.10 11.18
CA HIS A 10 -9.22 21.68 11.00
C HIS A 10 -10.27 20.77 11.62
N SER A 11 -11.13 20.21 10.78
CA SER A 11 -12.12 19.25 11.24
C SER A 11 -11.71 17.85 10.79
N SER A 12 -11.89 16.87 11.67
CA SER A 12 -11.54 15.49 11.35
C SER A 12 -12.55 14.90 10.37
N GLY A 13 -12.06 14.32 9.29
CA GLY A 13 -12.93 13.76 8.28
C GLY A 13 -13.25 12.30 8.53
N LEU A 14 -14.41 11.86 8.07
CA LEU A 14 -14.84 10.49 8.23
C LEU A 14 -15.20 9.89 6.88
N VAL A 15 -14.43 8.90 6.46
CA VAL A 15 -14.68 8.26 5.17
C VAL A 15 -15.59 7.05 5.32
N PRO A 16 -16.45 6.80 4.31
CA PRO A 16 -17.33 5.63 4.29
C PRO A 16 -16.53 4.34 4.11
N ARG A 17 -17.12 3.23 4.53
CA ARG A 17 -16.45 1.93 4.48
C ARG A 17 -17.43 0.83 4.11
N GLY A 18 -18.02 0.96 2.93
CA GLY A 18 -18.94 -0.04 2.45
C GLY A 18 -18.24 -1.11 1.64
N SER A 19 -16.93 -0.98 1.52
CA SER A 19 -16.11 -1.95 0.82
C SER A 19 -15.73 -3.08 1.77
N HIS A 20 -16.68 -3.97 2.03
CA HIS A 20 -16.52 -5.04 3.02
C HIS A 20 -15.41 -6.00 2.63
N MET A 21 -15.19 -6.20 1.34
CA MET A 21 -14.14 -7.10 0.85
C MET A 21 -12.77 -6.51 1.14
N TRP A 22 -12.70 -5.19 1.17
CA TRP A 22 -11.44 -4.48 1.31
C TRP A 22 -11.02 -4.41 2.78
N ASN A 23 -11.98 -4.60 3.68
CA ASN A 23 -11.69 -4.65 5.11
C ASN A 23 -10.74 -5.79 5.42
N ASP A 24 -10.91 -6.90 4.72
CA ASP A 24 -10.05 -8.07 4.91
C ASP A 24 -8.62 -7.74 4.50
N LEU A 25 -8.48 -7.08 3.35
CA LEU A 25 -7.17 -6.68 2.85
C LEU A 25 -6.42 -5.85 3.89
N ALA A 26 -7.09 -4.83 4.40
CA ALA A 26 -6.50 -3.92 5.39
C ALA A 26 -5.97 -4.68 6.60
N VAL A 27 -6.79 -5.60 7.13
CA VAL A 27 -6.41 -6.40 8.29
C VAL A 27 -5.13 -7.20 8.03
N TYR A 28 -5.00 -7.70 6.81
CA TYR A 28 -3.85 -8.52 6.43
C TYR A 28 -2.54 -7.74 6.61
N ILE A 29 -2.50 -6.49 6.15
CA ILE A 29 -1.35 -5.63 6.33
C ILE A 29 -1.12 -5.35 7.81
N ILE A 30 -2.21 -5.10 8.53
CA ILE A 30 -2.15 -4.77 9.95
C ILE A 30 -1.48 -5.88 10.76
N ARG A 31 -1.85 -7.12 10.46
CA ARG A 31 -1.32 -8.27 11.19
C ARG A 31 0.18 -8.45 10.94
N CYS A 32 0.61 -8.12 9.73
CA CYS A 32 1.99 -8.36 9.33
C CYS A 32 2.91 -7.24 9.82
N SER A 33 2.36 -6.06 10.03
CA SER A 33 3.16 -4.90 10.38
C SER A 33 3.22 -4.67 11.90
N GLY A 34 2.18 -4.03 12.42
CA GLY A 34 2.16 -3.71 13.83
C GLY A 34 2.43 -2.23 14.06
N PRO A 35 2.01 -1.69 15.21
CA PRO A 35 2.21 -0.28 15.55
C PRO A 35 3.68 0.07 15.78
N GLY A 36 4.09 1.22 15.29
CA GLY A 36 5.45 1.66 15.49
C GLY A 36 6.35 1.32 14.31
N THR A 37 5.79 0.61 13.34
CA THR A 37 6.55 0.23 12.16
C THR A 37 6.28 1.21 11.03
N ARG A 38 6.74 0.89 9.83
CA ARG A 38 6.44 1.70 8.65
C ARG A 38 5.77 0.86 7.57
N VAL A 39 4.65 1.35 7.06
CA VAL A 39 3.97 0.68 5.95
C VAL A 39 3.69 1.71 4.86
N VAL A 40 4.19 1.46 3.67
CA VAL A 40 4.09 2.43 2.58
C VAL A 40 3.05 2.00 1.55
N GLU A 41 2.17 2.92 1.20
CA GLU A 41 1.19 2.70 0.15
C GLU A 41 1.46 3.63 -1.03
N VAL A 42 1.66 3.04 -2.19
CA VAL A 42 1.93 3.81 -3.39
C VAL A 42 0.68 3.91 -4.26
N GLY A 43 -0.11 4.95 -3.99
CA GLY A 43 -1.35 5.14 -4.70
C GLY A 43 -2.39 5.81 -3.82
N ALA A 44 -2.04 6.97 -3.29
CA ALA A 44 -2.89 7.65 -2.32
C ALA A 44 -3.95 8.51 -3.01
N GLY A 45 -4.99 7.85 -3.51
CA GLY A 45 -6.11 8.55 -4.10
C GLY A 45 -7.18 8.90 -3.06
N ARG A 46 -8.40 9.10 -3.51
CA ARG A 46 -9.50 9.40 -2.60
C ARG A 46 -9.95 8.15 -1.86
N PHE A 47 -9.53 7.00 -2.36
CA PHE A 47 -9.96 5.71 -1.82
C PHE A 47 -9.08 5.26 -0.65
N LEU A 48 -8.74 6.20 0.22
CA LEU A 48 -7.85 5.95 1.34
C LEU A 48 -8.57 5.29 2.52
N TYR A 49 -9.73 4.70 2.27
CA TYR A 49 -10.49 4.03 3.33
C TYR A 49 -9.68 2.88 3.94
N VAL A 50 -8.80 2.30 3.13
CA VAL A 50 -7.90 1.26 3.61
C VAL A 50 -6.87 1.84 4.58
N SER A 51 -6.21 2.91 4.16
CA SER A 51 -5.20 3.57 4.98
C SER A 51 -5.84 4.11 6.26
N ASP A 52 -6.99 4.75 6.09
CA ASP A 52 -7.74 5.33 7.19
C ASP A 52 -8.11 4.27 8.23
N TYR A 53 -8.52 3.10 7.75
CA TYR A 53 -8.87 1.99 8.62
C TYR A 53 -7.63 1.48 9.37
N ILE A 54 -6.57 1.19 8.61
CA ILE A 54 -5.36 0.60 9.17
C ILE A 54 -4.75 1.49 10.26
N ARG A 55 -4.63 2.78 9.99
CA ARG A 55 -3.92 3.69 10.89
C ARG A 55 -4.66 3.91 12.21
N LYS A 56 -5.97 3.64 12.24
CA LYS A 56 -6.74 3.80 13.46
C LYS A 56 -6.64 2.56 14.35
N HIS A 57 -6.47 1.41 13.72
CA HIS A 57 -6.31 0.16 14.46
C HIS A 57 -4.85 -0.03 14.83
N SER A 58 -3.99 0.02 13.83
CA SER A 58 -2.57 -0.13 14.02
C SER A 58 -1.89 1.23 13.91
N LYS A 59 -1.21 1.63 14.96
CA LYS A 59 -0.52 2.90 14.95
C LYS A 59 0.85 2.75 14.30
N VAL A 60 0.82 2.35 13.05
CA VAL A 60 2.00 2.19 12.23
C VAL A 60 2.25 3.47 11.43
N ASP A 61 3.50 3.74 11.07
CA ASP A 61 3.80 4.86 10.17
C ASP A 61 3.36 4.51 8.77
N LEU A 62 2.08 4.69 8.49
CA LEU A 62 1.53 4.40 7.19
C LEU A 62 1.82 5.58 6.27
N VAL A 63 2.78 5.38 5.37
CA VAL A 63 3.22 6.44 4.50
C VAL A 63 2.52 6.33 3.15
N LEU A 64 1.75 7.35 2.83
CA LEU A 64 1.07 7.42 1.55
C LEU A 64 1.86 8.32 0.62
N THR A 65 2.12 7.85 -0.58
CA THR A 65 2.85 8.64 -1.56
C THR A 65 2.00 8.92 -2.78
N ASP A 66 1.94 10.19 -3.18
CA ASP A 66 1.18 10.61 -4.35
C ASP A 66 1.58 12.02 -4.75
N ILE A 67 1.44 12.35 -6.02
CA ILE A 67 1.81 13.66 -6.52
C ILE A 67 0.78 14.70 -6.14
N LYS A 68 1.10 15.46 -5.09
CA LYS A 68 0.22 16.51 -4.56
C LYS A 68 -1.01 15.90 -3.89
N PRO A 69 -0.86 15.52 -2.61
CA PRO A 69 -1.90 14.83 -1.85
C PRO A 69 -3.22 15.60 -1.77
N SER A 70 -4.32 14.86 -1.87
CA SER A 70 -5.65 15.43 -1.71
C SER A 70 -6.20 15.07 -0.33
N HIS A 71 -5.32 14.64 0.56
CA HIS A 71 -5.71 14.25 1.92
C HIS A 71 -4.59 14.63 2.88
N GLY A 72 -4.83 14.43 4.17
CA GLY A 72 -3.87 14.84 5.18
C GLY A 72 -3.04 13.68 5.69
N GLY A 73 -1.73 13.77 5.49
CA GLY A 73 -0.83 12.71 5.95
C GLY A 73 -0.04 12.11 4.81
N ILE A 74 -0.47 12.41 3.59
CA ILE A 74 0.18 11.90 2.40
C ILE A 74 1.45 12.70 2.09
N VAL A 75 2.50 12.01 1.68
CA VAL A 75 3.73 12.65 1.27
C VAL A 75 3.64 13.05 -0.20
N ARG A 76 3.89 14.33 -0.48
CA ARG A 76 3.76 14.87 -1.83
C ARG A 76 4.94 14.49 -2.73
N ASP A 77 5.57 13.35 -2.45
CA ASP A 77 6.74 12.91 -3.20
C ASP A 77 6.31 12.37 -4.56
N ASP A 78 7.24 12.37 -5.52
CA ASP A 78 6.89 12.03 -6.91
C ASP A 78 7.01 10.52 -7.14
N ILE A 79 6.38 10.05 -8.20
CA ILE A 79 6.38 8.63 -8.52
C ILE A 79 7.43 8.29 -9.58
N THR A 80 7.75 9.26 -10.43
CA THR A 80 8.80 9.05 -11.43
C THR A 80 10.14 9.47 -10.84
N SER A 81 10.08 9.96 -9.62
CA SER A 81 11.26 10.31 -8.85
C SER A 81 10.96 10.16 -7.37
N PRO A 82 10.85 8.91 -6.88
CA PRO A 82 10.53 8.62 -5.49
C PRO A 82 11.75 8.53 -4.59
N ARG A 83 11.63 9.05 -3.38
CA ARG A 83 12.71 9.00 -2.41
C ARG A 83 12.73 7.66 -1.69
N MET A 84 13.77 6.87 -1.91
CA MET A 84 13.91 5.60 -1.23
C MET A 84 14.16 5.79 0.25
N GLU A 85 14.57 6.99 0.63
CA GLU A 85 14.78 7.33 2.04
C GLU A 85 13.47 7.21 2.82
N ILE A 86 12.36 7.33 2.11
CA ILE A 86 11.04 7.21 2.71
C ILE A 86 10.62 5.75 2.80
N TYR A 87 11.03 4.97 1.81
CA TYR A 87 10.64 3.56 1.74
C TYR A 87 11.47 2.70 2.70
N ARG A 88 12.71 3.11 2.94
CA ARG A 88 13.57 2.39 3.86
C ARG A 88 13.04 2.47 5.27
N GLY A 89 13.14 1.35 5.98
CA GLY A 89 12.62 1.27 7.33
C GLY A 89 11.19 0.79 7.37
N ALA A 90 10.65 0.48 6.19
CA ALA A 90 9.29 0.00 6.09
C ALA A 90 9.25 -1.52 6.29
N ALA A 91 8.25 -1.98 7.03
CA ALA A 91 8.07 -3.39 7.27
C ALA A 91 7.21 -4.01 6.18
N LEU A 92 6.39 -3.17 5.56
CA LEU A 92 5.48 -3.64 4.52
C LEU A 92 5.17 -2.50 3.55
N ILE A 93 5.05 -2.84 2.28
CA ILE A 93 4.68 -1.88 1.25
C ILE A 93 3.57 -2.47 0.39
N TYR A 94 2.54 -1.70 0.11
CA TYR A 94 1.44 -2.20 -0.68
C TYR A 94 0.97 -1.14 -1.65
N SER A 95 0.26 -1.58 -2.67
CA SER A 95 -0.23 -0.68 -3.70
C SER A 95 -1.58 -1.16 -4.22
N ILE A 96 -2.60 -0.36 -3.99
CA ILE A 96 -3.94 -0.68 -4.43
C ILE A 96 -4.08 -0.42 -5.93
N ARG A 97 -3.88 -1.49 -6.70
CA ARG A 97 -3.93 -1.45 -8.17
C ARG A 97 -2.90 -0.46 -8.73
N PRO A 98 -1.64 -0.89 -8.87
CA PRO A 98 -0.60 -0.07 -9.47
C PRO A 98 -0.61 -0.18 -11.00
N PRO A 99 -0.46 0.96 -11.70
CA PRO A 99 -0.41 0.98 -13.16
C PRO A 99 0.80 0.22 -13.69
N ALA A 100 0.65 -0.35 -14.89
CA ALA A 100 1.71 -1.14 -15.52
C ALA A 100 2.84 -0.27 -16.04
N GLU A 101 3.22 0.72 -15.25
CA GLU A 101 4.29 1.64 -15.60
C GLU A 101 5.25 1.80 -14.43
N ILE A 102 4.75 1.59 -13.22
CA ILE A 102 5.55 1.82 -12.01
C ILE A 102 5.70 0.54 -11.19
N HIS A 103 4.92 -0.47 -11.55
CA HIS A 103 4.86 -1.73 -10.80
C HIS A 103 6.25 -2.37 -10.68
N SER A 104 6.98 -2.41 -11.79
CA SER A 104 8.32 -2.99 -11.81
C SER A 104 9.25 -2.24 -10.87
N SER A 105 9.06 -0.92 -10.78
CA SER A 105 9.88 -0.10 -9.90
C SER A 105 9.52 -0.34 -8.45
N LEU A 106 8.24 -0.54 -8.19
CA LEU A 106 7.76 -0.81 -6.84
C LEU A 106 8.33 -2.13 -6.32
N MET A 107 8.34 -3.14 -7.19
CA MET A 107 8.83 -4.46 -6.83
C MET A 107 10.30 -4.41 -6.40
N ARG A 108 11.13 -3.68 -7.15
CA ARG A 108 12.56 -3.60 -6.84
C ARG A 108 12.83 -2.72 -5.62
N VAL A 109 11.88 -1.84 -5.29
CA VAL A 109 12.00 -1.02 -4.09
C VAL A 109 11.74 -1.86 -2.85
N ALA A 110 10.72 -2.70 -2.92
CA ALA A 110 10.35 -3.56 -1.80
C ALA A 110 11.53 -4.44 -1.40
N ASP A 111 12.17 -5.04 -2.39
CA ASP A 111 13.28 -5.96 -2.13
C ASP A 111 14.50 -5.19 -1.65
N ALA A 112 14.62 -3.94 -2.08
CA ALA A 112 15.74 -3.09 -1.70
C ALA A 112 15.64 -2.62 -0.26
N VAL A 113 14.41 -2.40 0.21
CA VAL A 113 14.19 -1.95 1.58
C VAL A 113 13.91 -3.13 2.51
N GLY A 114 13.40 -4.21 1.94
CA GLY A 114 13.17 -5.41 2.72
C GLY A 114 11.79 -5.46 3.34
N ALA A 115 10.78 -5.15 2.55
CA ALA A 115 9.41 -5.13 3.04
C ALA A 115 8.53 -6.04 2.19
N ARG A 116 7.49 -6.60 2.80
CA ARG A 116 6.56 -7.44 2.07
C ARG A 116 5.71 -6.59 1.13
N LEU A 117 5.80 -6.86 -0.16
CA LEU A 117 5.06 -6.10 -1.15
C LEU A 117 3.70 -6.76 -1.39
N ILE A 118 2.63 -6.03 -1.11
CA ILE A 118 1.30 -6.55 -1.31
C ILE A 118 0.56 -5.73 -2.37
N ILE A 119 0.29 -6.36 -3.50
CA ILE A 119 -0.43 -5.71 -4.57
C ILE A 119 -1.81 -6.32 -4.72
N LYS A 120 -2.84 -5.52 -4.53
CA LYS A 120 -4.21 -5.98 -4.67
C LYS A 120 -4.88 -5.27 -5.83
N PRO A 121 -4.91 -5.90 -7.01
CA PRO A 121 -5.63 -5.38 -8.17
C PRO A 121 -7.13 -5.64 -8.05
N LEU A 122 -7.89 -5.23 -9.06
CA LEU A 122 -9.34 -5.40 -9.08
C LEU A 122 -9.74 -6.88 -9.08
N THR A 123 -11.05 -7.12 -9.05
CA THR A 123 -11.59 -8.47 -8.95
C THR A 123 -10.98 -9.42 -9.97
N GLY A 124 -11.21 -9.16 -11.25
CA GLY A 124 -10.58 -9.95 -12.30
C GLY A 124 -9.50 -9.16 -12.98
N GLU A 125 -8.45 -8.83 -12.24
CA GLU A 125 -7.39 -7.99 -12.74
C GLU A 125 -6.03 -8.51 -12.25
N ASP A 126 -5.02 -8.37 -13.08
CA ASP A 126 -3.67 -8.84 -12.76
C ASP A 126 -2.67 -7.68 -12.84
N ILE A 127 -1.43 -7.95 -12.46
CA ILE A 127 -0.38 -6.93 -12.46
C ILE A 127 0.38 -6.99 -13.78
N VAL A 128 0.26 -8.14 -14.45
CA VAL A 128 0.90 -8.42 -15.76
C VAL A 128 2.42 -8.15 -15.74
N THR A 129 3.01 -8.21 -14.55
CA THR A 129 4.47 -8.10 -14.42
C THR A 129 5.13 -9.45 -14.71
N GLU A 130 4.94 -10.41 -13.81
CA GLU A 130 5.40 -11.77 -13.97
C GLU A 130 4.93 -12.58 -12.77
N ARG A 131 5.35 -13.84 -12.69
CA ARG A 131 4.91 -14.72 -11.62
C ARG A 131 5.88 -14.66 -10.44
N LYS A 132 6.56 -13.52 -10.30
CA LYS A 132 7.49 -13.30 -9.21
C LYS A 132 6.74 -13.23 -7.88
N MET A 133 5.47 -12.87 -7.94
CA MET A 133 4.66 -12.71 -6.75
C MET A 133 3.70 -13.89 -6.59
N LYS A 134 3.29 -14.12 -5.37
CA LYS A 134 2.45 -15.27 -5.04
C LYS A 134 1.02 -14.82 -4.77
N LEU A 135 0.07 -15.59 -5.25
CA LEU A 135 -1.33 -15.30 -5.02
C LEU A 135 -1.75 -15.73 -3.63
N VAL A 136 -2.30 -14.80 -2.87
CA VAL A 136 -2.76 -15.09 -1.52
C VAL A 136 -4.26 -14.83 -1.40
N ASN A 137 -4.90 -15.62 -0.56
CA ASN A 137 -6.32 -15.46 -0.31
C ASN A 137 -6.56 -15.19 1.17
N TYR A 138 -7.13 -14.04 1.47
CA TYR A 138 -7.43 -13.67 2.85
C TYR A 138 -8.86 -13.18 2.97
N GLY A 139 -9.58 -13.71 3.94
CA GLY A 139 -10.97 -13.37 4.12
C GLY A 139 -11.82 -13.99 3.03
N ARG A 140 -12.00 -13.24 1.96
CA ARG A 140 -12.79 -13.69 0.82
C ARG A 140 -12.28 -13.04 -0.46
N THR A 141 -11.11 -12.42 -0.39
CA THR A 141 -10.53 -11.75 -1.54
C THR A 141 -9.13 -12.29 -1.80
N TYR A 142 -8.64 -12.09 -3.02
CA TYR A 142 -7.31 -12.55 -3.37
C TYR A 142 -6.47 -11.42 -3.94
N PHE A 143 -5.17 -11.53 -3.70
CA PHE A 143 -4.21 -10.52 -4.11
C PHE A 143 -2.83 -11.16 -4.24
N TYR A 144 -1.84 -10.37 -4.62
CA TYR A 144 -0.50 -10.89 -4.77
C TYR A 144 0.43 -10.28 -3.74
N GLU A 145 1.13 -11.13 -3.01
CA GLU A 145 2.15 -10.64 -2.10
C GLU A 145 3.51 -11.11 -2.57
N TYR A 146 4.54 -10.40 -2.16
CA TYR A 146 5.90 -10.79 -2.48
C TYR A 146 6.77 -10.60 -1.25
N ILE A 147 7.42 -11.68 -0.83
CA ILE A 147 8.35 -11.58 0.26
C ILE A 147 9.67 -11.04 -0.28
N ALA A 148 9.83 -9.74 -0.15
CA ALA A 148 11.04 -9.10 -0.60
C ALA A 148 12.15 -9.39 0.36
N GLU A 149 13.28 -9.82 -0.18
CA GLU A 149 14.45 -10.11 0.63
C GLU A 149 15.00 -8.86 1.29
N VAL A 150 16.05 -9.07 2.04
CA VAL A 150 16.76 -7.98 2.69
C VAL A 150 18.15 -7.92 2.10
N ARG A 151 18.61 -6.72 1.78
CA ARG A 151 19.91 -6.57 1.16
C ARG A 151 21.01 -7.07 2.10
N SER A 152 21.56 -8.23 1.75
CA SER A 152 22.58 -8.89 2.55
C SER A 152 22.01 -9.38 3.88
N ARG A 153 20.69 -9.59 3.87
CA ARG A 153 19.89 -10.03 5.01
C ARG A 153 20.57 -9.86 6.37
N MET A 1 -24.08 -41.13 5.16
CA MET A 1 -25.39 -40.49 4.89
C MET A 1 -25.17 -39.07 4.39
N GLY A 2 -26.14 -38.55 3.65
CA GLY A 2 -26.05 -37.19 3.17
C GLY A 2 -25.20 -37.10 1.91
N SER A 3 -24.45 -36.02 1.80
CA SER A 3 -23.55 -35.84 0.68
C SER A 3 -22.17 -35.39 1.16
N SER A 4 -21.15 -36.01 0.61
CA SER A 4 -19.77 -35.64 0.91
C SER A 4 -19.27 -34.65 -0.14
N HIS A 5 -20.17 -34.23 -1.01
CA HIS A 5 -19.87 -33.28 -2.06
C HIS A 5 -20.60 -31.97 -1.80
N HIS A 6 -19.83 -30.94 -1.47
CA HIS A 6 -20.40 -29.61 -1.28
C HIS A 6 -20.27 -28.81 -2.57
N HIS A 7 -21.40 -28.36 -3.06
CA HIS A 7 -21.45 -27.62 -4.32
C HIS A 7 -22.20 -26.30 -4.12
N HIS A 8 -21.50 -25.21 -4.35
CA HIS A 8 -22.12 -23.89 -4.27
C HIS A 8 -22.94 -23.63 -5.53
N HIS A 9 -24.19 -23.25 -5.33
CA HIS A 9 -25.10 -23.03 -6.44
C HIS A 9 -24.81 -21.69 -7.10
N HIS A 10 -25.14 -21.57 -8.38
CA HIS A 10 -24.98 -20.32 -9.09
C HIS A 10 -25.97 -19.29 -8.55
N SER A 11 -25.46 -18.35 -7.78
CA SER A 11 -26.29 -17.41 -7.07
C SER A 11 -25.59 -16.05 -7.00
N SER A 12 -26.36 -15.01 -6.73
CA SER A 12 -25.82 -13.67 -6.57
C SER A 12 -25.88 -13.27 -5.11
N GLY A 13 -24.73 -12.97 -4.53
CA GLY A 13 -24.67 -12.60 -3.13
C GLY A 13 -25.01 -11.15 -2.91
N LEU A 14 -24.99 -10.72 -1.64
CA LEU A 14 -25.27 -9.34 -1.31
C LEU A 14 -24.11 -8.44 -1.73
N VAL A 15 -24.41 -7.18 -2.00
CA VAL A 15 -23.38 -6.24 -2.40
C VAL A 15 -22.67 -5.66 -1.17
N PRO A 16 -21.33 -5.72 -1.14
CA PRO A 16 -20.56 -5.13 -0.06
C PRO A 16 -20.66 -3.61 -0.05
N ARG A 17 -20.90 -3.06 1.12
CA ARG A 17 -21.06 -1.62 1.25
C ARG A 17 -19.70 -0.91 1.31
N GLY A 18 -18.96 -1.03 0.21
CA GLY A 18 -17.69 -0.34 0.07
C GLY A 18 -16.63 -0.79 1.06
N SER A 19 -16.57 -0.08 2.19
CA SER A 19 -15.52 -0.27 3.19
C SER A 19 -15.42 -1.72 3.68
N HIS A 20 -16.52 -2.47 3.58
CA HIS A 20 -16.56 -3.85 4.07
C HIS A 20 -15.43 -4.69 3.46
N MET A 21 -15.16 -4.49 2.17
CA MET A 21 -14.14 -5.28 1.49
C MET A 21 -12.74 -4.71 1.71
N TRP A 22 -12.68 -3.46 2.17
CA TRP A 22 -11.40 -2.79 2.36
C TRP A 22 -10.86 -2.99 3.78
N ASN A 23 -11.77 -3.11 4.75
CA ASN A 23 -11.36 -3.24 6.14
C ASN A 23 -10.63 -4.56 6.39
N ASP A 24 -11.11 -5.65 5.78
CA ASP A 24 -10.45 -6.95 5.91
C ASP A 24 -9.03 -6.88 5.36
N LEU A 25 -8.89 -6.17 4.24
CA LEU A 25 -7.59 -5.96 3.62
C LEU A 25 -6.67 -5.17 4.55
N ALA A 26 -7.23 -4.14 5.18
CA ALA A 26 -6.47 -3.33 6.12
C ALA A 26 -5.94 -4.18 7.28
N VAL A 27 -6.82 -5.02 7.84
CA VAL A 27 -6.46 -5.90 8.93
C VAL A 27 -5.27 -6.79 8.55
N TYR A 28 -5.30 -7.30 7.32
CA TYR A 28 -4.23 -8.16 6.82
C TYR A 28 -2.88 -7.42 6.85
N ILE A 29 -2.91 -6.17 6.39
CA ILE A 29 -1.72 -5.34 6.35
C ILE A 29 -1.25 -5.00 7.77
N ILE A 30 -2.21 -4.73 8.63
CA ILE A 30 -1.96 -4.41 10.04
C ILE A 30 -1.24 -5.55 10.73
N ARG A 31 -1.66 -6.77 10.45
CA ARG A 31 -1.09 -7.96 11.06
C ARG A 31 0.35 -8.15 10.62
N CYS A 32 0.62 -7.85 9.36
CA CYS A 32 1.93 -8.07 8.78
C CYS A 32 2.92 -6.98 9.22
N SER A 33 2.39 -5.88 9.72
CA SER A 33 3.23 -4.77 10.15
C SER A 33 3.33 -4.70 11.67
N GLY A 34 2.36 -4.06 12.30
CA GLY A 34 2.37 -3.88 13.73
C GLY A 34 2.86 -2.49 14.12
N PRO A 35 2.56 -2.04 15.34
CA PRO A 35 2.99 -0.72 15.82
C PRO A 35 4.49 -0.67 16.07
N GLY A 36 5.05 0.53 15.96
CA GLY A 36 6.46 0.72 16.25
C GLY A 36 7.32 0.74 15.00
N THR A 37 6.85 0.09 13.95
CA THR A 37 7.60 0.04 12.69
C THR A 37 7.04 1.05 11.71
N ARG A 38 7.42 0.94 10.45
CA ARG A 38 7.01 1.88 9.44
C ARG A 38 6.48 1.15 8.20
N VAL A 39 5.38 1.65 7.67
CA VAL A 39 4.74 1.08 6.49
C VAL A 39 4.49 2.18 5.46
N VAL A 40 4.78 1.92 4.21
CA VAL A 40 4.64 2.95 3.18
C VAL A 40 3.45 2.65 2.26
N GLU A 41 2.59 3.65 2.10
CA GLU A 41 1.46 3.56 1.19
C GLU A 41 1.72 4.39 -0.06
N VAL A 42 1.77 3.74 -1.20
CA VAL A 42 2.03 4.41 -2.47
C VAL A 42 0.72 4.71 -3.20
N GLY A 43 0.48 5.99 -3.45
CA GLY A 43 -0.72 6.40 -4.15
C GLY A 43 -1.85 6.73 -3.19
N ALA A 44 -1.53 7.54 -2.19
CA ALA A 44 -2.49 7.92 -1.14
C ALA A 44 -3.44 9.02 -1.61
N GLY A 45 -3.89 8.92 -2.86
CA GLY A 45 -4.76 9.92 -3.42
C GLY A 45 -6.20 9.73 -2.99
N ARG A 46 -6.53 10.20 -1.79
CA ARG A 46 -7.88 10.10 -1.21
C ARG A 46 -8.19 8.67 -0.82
N PHE A 47 -7.17 7.82 -0.79
CA PHE A 47 -7.32 6.44 -0.37
C PHE A 47 -6.91 6.29 1.09
N LEU A 48 -6.84 7.44 1.76
CA LEU A 48 -6.35 7.52 3.14
C LEU A 48 -7.21 6.72 4.11
N TYR A 49 -8.36 6.25 3.65
CA TYR A 49 -9.24 5.45 4.49
C TYR A 49 -8.52 4.21 5.03
N VAL A 50 -7.70 3.61 4.19
CA VAL A 50 -6.96 2.41 4.57
C VAL A 50 -5.84 2.76 5.53
N SER A 51 -4.98 3.68 5.14
CA SER A 51 -3.86 4.10 5.94
C SER A 51 -4.31 4.68 7.29
N ASP A 52 -5.41 5.43 7.29
CA ASP A 52 -5.94 6.02 8.52
C ASP A 52 -6.55 4.95 9.42
N TYR A 53 -7.18 3.96 8.81
CA TYR A 53 -7.71 2.82 9.56
C TYR A 53 -6.57 2.10 10.27
N ILE A 54 -5.51 1.81 9.52
CA ILE A 54 -4.35 1.11 10.05
C ILE A 54 -3.69 1.88 11.19
N ARG A 55 -3.38 3.16 10.94
CA ARG A 55 -2.62 3.97 11.90
C ARG A 55 -3.39 4.20 13.21
N LYS A 56 -4.70 4.04 13.18
CA LYS A 56 -5.49 4.21 14.38
C LYS A 56 -5.58 2.92 15.19
N HIS A 57 -5.69 1.79 14.50
CA HIS A 57 -5.77 0.50 15.17
C HIS A 57 -4.40 0.06 15.67
N SER A 58 -3.37 0.44 14.94
CA SER A 58 -2.00 0.20 15.37
C SER A 58 -1.15 1.42 15.06
N LYS A 59 -0.44 1.90 16.07
CA LYS A 59 0.38 3.09 15.92
C LYS A 59 1.68 2.78 15.19
N VAL A 60 1.52 2.35 13.95
CA VAL A 60 2.64 2.15 13.05
C VAL A 60 2.96 3.47 12.35
N ASP A 61 4.25 3.72 12.14
CA ASP A 61 4.67 4.94 11.46
C ASP A 61 4.43 4.79 9.97
N LEU A 62 3.25 5.17 9.54
CA LEU A 62 2.85 4.96 8.15
C LEU A 62 3.24 6.15 7.30
N VAL A 63 4.02 5.88 6.26
CA VAL A 63 4.51 6.92 5.37
C VAL A 63 3.70 6.91 4.09
N LEU A 64 3.09 8.03 3.78
CA LEU A 64 2.29 8.17 2.58
C LEU A 64 3.10 8.89 1.49
N THR A 65 3.12 8.32 0.30
CA THR A 65 3.82 8.94 -0.82
C THR A 65 2.95 8.98 -2.07
N ASP A 66 2.99 10.10 -2.77
CA ASP A 66 2.25 10.28 -4.01
C ASP A 66 2.77 11.50 -4.75
N ILE A 67 2.55 11.55 -6.06
CA ILE A 67 3.02 12.67 -6.86
C ILE A 67 2.21 13.93 -6.56
N LYS A 68 2.75 14.77 -5.68
CA LYS A 68 2.13 16.03 -5.29
C LYS A 68 0.79 15.81 -4.59
N PRO A 69 0.80 15.68 -3.27
CA PRO A 69 -0.39 15.44 -2.47
C PRO A 69 -1.14 16.73 -2.14
N SER A 70 -2.34 16.58 -1.59
CA SER A 70 -3.16 17.71 -1.19
C SER A 70 -4.16 17.25 -0.12
N HIS A 71 -3.69 16.32 0.71
CA HIS A 71 -4.56 15.66 1.68
C HIS A 71 -4.10 15.99 3.10
N GLY A 72 -2.92 15.50 3.47
CA GLY A 72 -2.40 15.73 4.80
C GLY A 72 -0.90 15.53 4.87
N GLY A 73 -0.46 14.69 5.80
CA GLY A 73 0.96 14.44 5.98
C GLY A 73 1.50 13.43 4.99
N ILE A 74 1.39 13.76 3.71
CA ILE A 74 1.87 12.90 2.65
C ILE A 74 3.13 13.48 2.03
N VAL A 75 4.13 12.62 1.82
CA VAL A 75 5.39 13.04 1.22
C VAL A 75 5.20 13.30 -0.26
N ARG A 76 5.72 14.42 -0.73
CA ARG A 76 5.55 14.85 -2.12
C ARG A 76 6.64 14.23 -3.00
N ASP A 77 7.06 13.03 -2.66
CA ASP A 77 8.17 12.38 -3.34
C ASP A 77 7.71 11.81 -4.68
N ASP A 78 8.47 10.85 -5.21
CA ASP A 78 8.19 10.33 -6.54
C ASP A 78 8.02 8.81 -6.48
N ILE A 79 7.89 8.18 -7.64
CA ILE A 79 7.73 6.74 -7.73
C ILE A 79 8.52 6.20 -8.91
N THR A 80 8.67 7.00 -9.97
CA THR A 80 9.47 6.61 -11.12
C THR A 80 10.92 6.98 -10.88
N SER A 81 11.12 7.91 -9.95
CA SER A 81 12.44 8.27 -9.47
C SER A 81 12.32 8.75 -8.03
N PRO A 82 12.07 7.83 -7.10
CA PRO A 82 11.80 8.16 -5.70
C PRO A 82 13.06 8.21 -4.85
N ARG A 83 12.90 8.68 -3.62
CA ARG A 83 13.97 8.61 -2.64
C ARG A 83 13.88 7.30 -1.89
N MET A 84 14.86 6.44 -2.11
CA MET A 84 14.86 5.12 -1.50
C MET A 84 15.05 5.23 0.00
N GLU A 85 15.58 6.37 0.44
CA GLU A 85 15.82 6.63 1.86
C GLU A 85 14.53 6.56 2.66
N ILE A 86 13.41 6.86 2.01
CA ILE A 86 12.11 6.88 2.67
C ILE A 86 11.56 5.46 2.82
N TYR A 87 11.74 4.65 1.78
CA TYR A 87 11.19 3.31 1.77
C TYR A 87 12.09 2.32 2.52
N ARG A 88 13.40 2.57 2.51
CA ARG A 88 14.34 1.64 3.13
C ARG A 88 14.21 1.65 4.64
N GLY A 89 13.82 0.50 5.14
CA GLY A 89 13.59 0.33 6.55
C GLY A 89 12.15 0.00 6.86
N ALA A 90 11.26 0.30 5.90
CA ALA A 90 9.85 0.02 6.06
C ALA A 90 9.60 -1.49 6.12
N ALA A 91 8.65 -1.90 6.94
CA ALA A 91 8.36 -3.32 7.10
C ALA A 91 7.44 -3.80 5.99
N LEU A 92 6.60 -2.89 5.49
CA LEU A 92 5.63 -3.24 4.46
C LEU A 92 5.37 -2.04 3.56
N ILE A 93 5.18 -2.31 2.28
CA ILE A 93 4.85 -1.27 1.31
C ILE A 93 3.65 -1.72 0.50
N TYR A 94 2.63 -0.88 0.42
CA TYR A 94 1.44 -1.25 -0.32
C TYR A 94 0.90 -0.07 -1.14
N SER A 95 0.41 -0.38 -2.32
CA SER A 95 -0.09 0.65 -3.23
C SER A 95 -1.57 0.42 -3.50
N ILE A 96 -2.32 1.50 -3.65
CA ILE A 96 -3.74 1.40 -3.92
C ILE A 96 -4.06 1.87 -5.33
N ARG A 97 -4.36 0.90 -6.20
CA ARG A 97 -4.63 1.14 -7.60
C ARG A 97 -3.53 1.98 -8.25
N PRO A 98 -2.38 1.35 -8.54
CA PRO A 98 -1.25 2.01 -9.17
C PRO A 98 -1.21 1.79 -10.69
N PRO A 99 -0.50 2.66 -11.42
CA PRO A 99 -0.29 2.49 -12.86
C PRO A 99 0.51 1.23 -13.16
N ALA A 100 0.06 0.48 -14.17
CA ALA A 100 0.68 -0.80 -14.49
C ALA A 100 2.09 -0.64 -15.05
N GLU A 101 2.42 0.58 -15.46
CA GLU A 101 3.75 0.88 -15.98
C GLU A 101 4.79 0.96 -14.87
N ILE A 102 4.35 1.14 -13.62
CA ILE A 102 5.30 1.30 -12.52
C ILE A 102 5.24 0.13 -11.53
N HIS A 103 4.50 -0.91 -11.88
CA HIS A 103 4.43 -2.12 -11.07
C HIS A 103 5.82 -2.72 -10.86
N SER A 104 6.61 -2.75 -11.93
CA SER A 104 7.94 -3.31 -11.88
C SER A 104 8.88 -2.43 -11.06
N SER A 105 8.58 -1.13 -11.01
CA SER A 105 9.33 -0.22 -10.16
C SER A 105 9.01 -0.49 -8.70
N LEU A 106 7.73 -0.68 -8.39
CA LEU A 106 7.31 -1.04 -7.04
C LEU A 106 8.00 -2.33 -6.59
N MET A 107 8.07 -3.27 -7.52
CA MET A 107 8.73 -4.55 -7.28
C MET A 107 10.17 -4.36 -6.81
N ARG A 108 10.95 -3.59 -7.56
CA ARG A 108 12.35 -3.39 -7.24
C ARG A 108 12.53 -2.52 -5.99
N VAL A 109 11.52 -1.72 -5.67
CA VAL A 109 11.57 -0.92 -4.44
C VAL A 109 11.42 -1.84 -3.23
N ALA A 110 10.43 -2.73 -3.28
CA ALA A 110 10.23 -3.69 -2.21
C ALA A 110 11.46 -4.59 -2.10
N ASP A 111 11.95 -5.03 -3.25
CA ASP A 111 13.13 -5.89 -3.32
C ASP A 111 14.36 -5.21 -2.73
N ALA A 112 14.42 -3.89 -2.91
CA ALA A 112 15.54 -3.10 -2.41
C ALA A 112 15.48 -2.91 -0.90
N VAL A 113 14.29 -2.60 -0.40
CA VAL A 113 14.13 -2.23 1.00
C VAL A 113 13.91 -3.47 1.89
N GLY A 114 13.30 -4.50 1.33
CA GLY A 114 13.03 -5.71 2.09
C GLY A 114 11.70 -5.64 2.81
N ALA A 115 10.63 -5.35 2.06
CA ALA A 115 9.31 -5.21 2.65
C ALA A 115 8.28 -6.01 1.85
N ARG A 116 7.15 -6.31 2.48
CA ARG A 116 6.06 -6.98 1.79
C ARG A 116 5.30 -5.97 0.94
N LEU A 117 5.19 -6.26 -0.35
CA LEU A 117 4.49 -5.38 -1.28
C LEU A 117 3.08 -5.88 -1.51
N ILE A 118 2.09 -5.08 -1.16
CA ILE A 118 0.70 -5.46 -1.37
C ILE A 118 0.02 -4.50 -2.34
N ILE A 119 -0.37 -5.02 -3.49
CA ILE A 119 -1.00 -4.20 -4.52
C ILE A 119 -2.49 -4.52 -4.60
N LYS A 120 -3.29 -3.48 -4.71
CA LYS A 120 -4.73 -3.63 -4.77
C LYS A 120 -5.29 -2.81 -5.94
N PRO A 121 -5.41 -3.45 -7.11
CA PRO A 121 -5.94 -2.81 -8.31
C PRO A 121 -7.43 -3.10 -8.52
N LEU A 122 -7.90 -2.83 -9.74
CA LEU A 122 -9.27 -3.17 -10.13
C LEU A 122 -9.41 -4.67 -10.36
N THR A 123 -10.64 -5.17 -10.31
CA THR A 123 -10.91 -6.60 -10.48
C THR A 123 -10.38 -7.08 -11.84
N GLY A 124 -10.64 -6.29 -12.88
CA GLY A 124 -10.17 -6.63 -14.20
C GLY A 124 -8.91 -5.84 -14.57
N GLU A 125 -8.04 -5.65 -13.59
CA GLU A 125 -6.83 -4.88 -13.78
C GLU A 125 -5.62 -5.73 -13.43
N ASP A 126 -4.79 -5.97 -14.42
CA ASP A 126 -3.66 -6.90 -14.27
C ASP A 126 -2.42 -6.19 -13.76
N ILE A 127 -1.48 -6.98 -13.30
CA ILE A 127 -0.18 -6.49 -12.91
C ILE A 127 0.81 -6.79 -14.02
N VAL A 128 1.15 -5.77 -14.81
CA VAL A 128 2.08 -5.95 -15.91
C VAL A 128 3.50 -6.12 -15.37
N THR A 129 3.73 -7.28 -14.80
CA THR A 129 4.99 -7.64 -14.22
C THR A 129 5.03 -9.17 -14.09
N GLU A 130 6.15 -9.76 -14.50
CA GLU A 130 6.30 -11.21 -14.49
C GLU A 130 6.11 -11.80 -13.09
N ARG A 131 5.75 -13.08 -13.06
CA ARG A 131 5.30 -13.74 -11.84
C ARG A 131 6.36 -13.76 -10.74
N LYS A 132 6.13 -12.91 -9.75
CA LYS A 132 6.94 -12.88 -8.54
C LYS A 132 6.04 -12.73 -7.32
N MET A 133 4.89 -12.09 -7.52
CA MET A 133 3.93 -11.87 -6.45
C MET A 133 3.04 -13.09 -6.29
N LYS A 134 2.10 -13.02 -5.35
CA LYS A 134 1.20 -14.13 -5.09
C LYS A 134 -0.21 -13.62 -4.76
N LEU A 135 -1.20 -14.25 -5.36
CA LEU A 135 -2.60 -13.96 -5.08
C LEU A 135 -2.98 -14.46 -3.70
N VAL A 136 -3.48 -13.57 -2.86
CA VAL A 136 -3.89 -13.92 -1.52
C VAL A 136 -5.36 -13.60 -1.27
N ASN A 137 -6.04 -14.52 -0.62
CA ASN A 137 -7.45 -14.34 -0.28
C ASN A 137 -7.57 -14.16 1.23
N TYR A 138 -8.22 -13.09 1.66
CA TYR A 138 -8.37 -12.82 3.09
C TYR A 138 -9.74 -12.23 3.40
N GLY A 139 -10.52 -12.97 4.18
CA GLY A 139 -11.82 -12.49 4.62
C GLY A 139 -12.86 -12.59 3.53
N ARG A 140 -13.01 -11.52 2.79
CA ARG A 140 -13.99 -11.44 1.71
C ARG A 140 -13.40 -10.73 0.50
N THR A 141 -12.08 -10.60 0.48
CA THR A 141 -11.41 -9.92 -0.61
C THR A 141 -10.15 -10.68 -1.01
N TYR A 142 -9.69 -10.45 -2.23
CA TYR A 142 -8.49 -11.09 -2.71
C TYR A 142 -7.59 -10.05 -3.40
N PHE A 143 -6.31 -10.16 -3.16
CA PHE A 143 -5.35 -9.17 -3.62
C PHE A 143 -4.00 -9.83 -3.90
N TYR A 144 -2.99 -9.04 -4.19
CA TYR A 144 -1.68 -9.57 -4.50
C TYR A 144 -0.65 -9.07 -3.50
N GLU A 145 0.11 -9.98 -2.93
CA GLU A 145 1.20 -9.62 -2.05
C GLU A 145 2.52 -10.15 -2.60
N TYR A 146 3.60 -9.57 -2.15
CA TYR A 146 4.94 -10.02 -2.52
C TYR A 146 5.86 -9.94 -1.32
N ILE A 147 6.53 -11.04 -1.04
CA ILE A 147 7.47 -11.08 0.07
C ILE A 147 8.87 -10.79 -0.44
N ALA A 148 9.31 -9.56 -0.25
CA ALA A 148 10.66 -9.16 -0.62
C ALA A 148 11.60 -9.37 0.55
N GLU A 149 12.66 -10.11 0.32
CA GLU A 149 13.63 -10.38 1.37
C GLU A 149 14.56 -9.19 1.55
N VAL A 150 15.20 -9.13 2.70
CA VAL A 150 16.12 -8.05 3.00
C VAL A 150 17.49 -8.36 2.40
N ARG A 151 18.15 -7.35 1.86
CA ARG A 151 19.47 -7.52 1.29
C ARG A 151 20.43 -8.09 2.34
N SER A 152 21.15 -9.13 1.94
CA SER A 152 21.98 -9.90 2.87
C SER A 152 23.06 -9.03 3.51
N ARG A 153 23.05 -8.99 4.83
CA ARG A 153 24.09 -8.34 5.59
C ARG A 153 24.57 -9.28 6.70
N MET A 1 13.54 34.90 -5.14
CA MET A 1 12.70 34.43 -4.01
C MET A 1 11.89 33.20 -4.39
N GLY A 2 11.89 32.86 -5.67
CA GLY A 2 11.14 31.69 -6.12
C GLY A 2 9.65 31.97 -6.21
N SER A 3 8.85 30.91 -6.15
CA SER A 3 7.41 31.02 -6.26
C SER A 3 6.76 31.01 -4.88
N SER A 4 5.46 31.22 -4.85
CA SER A 4 4.69 31.13 -3.61
C SER A 4 3.34 30.50 -3.93
N HIS A 5 3.36 29.18 -4.14
CA HIS A 5 2.18 28.46 -4.58
C HIS A 5 2.17 27.05 -3.99
N HIS A 6 0.97 26.50 -3.85
CA HIS A 6 0.74 25.17 -3.27
C HIS A 6 0.99 25.23 -1.77
N HIS A 7 0.92 26.43 -1.22
CA HIS A 7 0.98 26.64 0.22
C HIS A 7 -0.43 26.67 0.79
N HIS A 8 -1.39 26.37 -0.07
CA HIS A 8 -2.80 26.38 0.30
C HIS A 8 -3.13 25.18 1.16
N HIS A 9 -4.00 25.39 2.14
CA HIS A 9 -4.36 24.32 3.05
C HIS A 9 -5.55 23.55 2.51
N HIS A 10 -5.30 22.58 1.65
CA HIS A 10 -6.37 21.77 1.10
C HIS A 10 -6.53 20.48 1.90
N SER A 11 -7.75 20.24 2.35
CA SER A 11 -8.06 19.04 3.11
C SER A 11 -9.51 18.62 2.86
N SER A 12 -9.69 17.50 2.18
CA SER A 12 -11.02 17.04 1.81
C SER A 12 -11.41 15.82 2.64
N GLY A 13 -12.61 15.33 2.40
CA GLY A 13 -13.07 14.14 3.09
C GLY A 13 -13.65 13.13 2.11
N LEU A 14 -13.85 11.91 2.57
CA LEU A 14 -14.42 10.87 1.73
C LEU A 14 -15.47 10.07 2.49
N VAL A 15 -16.42 9.51 1.75
CA VAL A 15 -17.48 8.73 2.36
C VAL A 15 -17.41 7.28 1.91
N PRO A 16 -17.15 6.36 2.85
CA PRO A 16 -17.08 4.93 2.58
C PRO A 16 -18.46 4.28 2.56
N ARG A 17 -18.64 3.33 1.65
CA ARG A 17 -19.89 2.60 1.55
C ARG A 17 -19.85 1.39 2.48
N GLY A 18 -18.66 0.84 2.64
CA GLY A 18 -18.49 -0.37 3.41
C GLY A 18 -17.83 -1.44 2.58
N SER A 19 -16.54 -1.62 2.76
CA SER A 19 -15.79 -2.53 1.93
C SER A 19 -15.15 -3.65 2.76
N HIS A 20 -15.85 -4.77 2.82
CA HIS A 20 -15.41 -5.94 3.59
C HIS A 20 -14.06 -6.44 3.08
N MET A 21 -13.96 -6.55 1.77
CA MET A 21 -12.76 -7.06 1.12
C MET A 21 -11.56 -6.15 1.33
N TRP A 22 -11.80 -4.93 1.76
CA TRP A 22 -10.72 -4.01 2.03
C TRP A 22 -10.35 -4.03 3.51
N ASN A 23 -11.32 -4.35 4.36
CA ASN A 23 -11.07 -4.46 5.80
C ASN A 23 -10.21 -5.67 6.11
N ASP A 24 -10.58 -6.82 5.54
CA ASP A 24 -9.82 -8.05 5.74
C ASP A 24 -8.40 -7.88 5.23
N LEU A 25 -8.26 -7.19 4.10
CA LEU A 25 -6.94 -6.90 3.55
C LEU A 25 -6.10 -6.11 4.55
N ALA A 26 -6.71 -5.07 5.11
CA ALA A 26 -6.05 -4.24 6.10
C ALA A 26 -5.57 -5.08 7.28
N VAL A 27 -6.44 -5.95 7.79
CA VAL A 27 -6.11 -6.84 8.90
C VAL A 27 -4.89 -7.70 8.55
N TYR A 28 -4.86 -8.21 7.33
CA TYR A 28 -3.73 -9.03 6.88
C TYR A 28 -2.45 -8.21 6.91
N ILE A 29 -2.52 -6.98 6.40
CA ILE A 29 -1.38 -6.08 6.37
C ILE A 29 -0.94 -5.74 7.80
N ILE A 30 -1.93 -5.48 8.65
CA ILE A 30 -1.70 -5.20 10.07
C ILE A 30 -0.94 -6.34 10.75
N ARG A 31 -1.32 -7.57 10.43
CA ARG A 31 -0.70 -8.75 11.01
C ARG A 31 0.72 -8.91 10.52
N CYS A 32 0.96 -8.50 9.28
CA CYS A 32 2.25 -8.67 8.65
C CYS A 32 3.18 -7.51 8.93
N SER A 33 2.72 -6.55 9.73
CA SER A 33 3.56 -5.42 10.10
C SER A 33 3.56 -5.21 11.61
N GLY A 34 2.51 -4.57 12.12
CA GLY A 34 2.41 -4.31 13.55
C GLY A 34 2.91 -2.93 13.92
N PRO A 35 2.51 -2.41 15.09
CA PRO A 35 2.96 -1.11 15.57
C PRO A 35 4.41 -1.15 16.03
N GLY A 36 5.17 -0.10 15.76
CA GLY A 36 6.57 -0.08 16.11
C GLY A 36 7.46 -0.07 14.88
N THR A 37 6.84 0.00 13.71
CA THR A 37 7.57 0.06 12.46
C THR A 37 6.90 1.04 11.51
N ARG A 38 7.31 1.05 10.25
CA ARG A 38 6.77 1.96 9.25
C ARG A 38 6.19 1.18 8.08
N VAL A 39 5.02 1.60 7.63
CA VAL A 39 4.36 0.99 6.49
C VAL A 39 4.10 2.06 5.43
N VAL A 40 4.40 1.75 4.17
CA VAL A 40 4.23 2.72 3.09
C VAL A 40 3.04 2.33 2.21
N GLU A 41 2.11 3.26 2.06
CA GLU A 41 0.93 3.05 1.23
C GLU A 41 1.10 3.76 -0.11
N VAL A 42 1.33 2.98 -1.14
CA VAL A 42 1.51 3.52 -2.48
C VAL A 42 0.18 3.51 -3.22
N GLY A 43 -0.23 4.67 -3.70
CA GLY A 43 -1.52 4.79 -4.35
C GLY A 43 -2.58 5.27 -3.38
N ALA A 44 -2.18 6.20 -2.51
CA ALA A 44 -3.07 6.73 -1.49
C ALA A 44 -3.97 7.83 -2.05
N GLY A 45 -4.20 7.77 -3.37
CA GLY A 45 -5.03 8.77 -4.02
C GLY A 45 -6.50 8.57 -3.72
N ARG A 46 -6.91 9.03 -2.53
CA ARG A 46 -8.32 8.98 -2.09
C ARG A 46 -8.72 7.56 -1.67
N PHE A 47 -7.73 6.67 -1.62
CA PHE A 47 -7.97 5.29 -1.20
C PHE A 47 -7.65 5.11 0.27
N LEU A 48 -7.85 6.19 1.02
CA LEU A 48 -7.46 6.27 2.43
C LEU A 48 -8.39 5.45 3.34
N TYR A 49 -9.18 4.58 2.74
CA TYR A 49 -10.10 3.74 3.49
C TYR A 49 -9.33 2.68 4.28
N VAL A 50 -8.27 2.17 3.68
CA VAL A 50 -7.44 1.15 4.32
C VAL A 50 -6.59 1.76 5.42
N SER A 51 -5.91 2.85 5.08
CA SER A 51 -5.06 3.55 6.03
C SER A 51 -5.85 4.01 7.25
N ASP A 52 -7.07 4.48 7.03
CA ASP A 52 -7.93 4.91 8.14
C ASP A 52 -8.23 3.74 9.06
N TYR A 53 -8.56 2.60 8.47
CA TYR A 53 -8.89 1.41 9.25
C TYR A 53 -7.69 0.93 10.06
N ILE A 54 -6.51 0.95 9.43
CA ILE A 54 -5.29 0.50 10.09
C ILE A 54 -4.89 1.41 11.25
N ARG A 55 -4.89 2.73 10.99
CA ARG A 55 -4.43 3.69 12.00
C ARG A 55 -5.30 3.67 13.26
N LYS A 56 -6.54 3.22 13.12
CA LYS A 56 -7.47 3.19 14.24
C LYS A 56 -7.18 2.03 15.18
N HIS A 57 -6.69 0.94 14.63
CA HIS A 57 -6.43 -0.25 15.41
C HIS A 57 -4.95 -0.34 15.77
N SER A 58 -4.09 -0.15 14.79
CA SER A 58 -2.65 -0.25 15.00
C SER A 58 -2.05 1.12 15.27
N LYS A 59 -0.90 1.12 15.94
CA LYS A 59 -0.20 2.36 16.23
C LYS A 59 1.03 2.48 15.33
N VAL A 60 1.00 1.71 14.24
CA VAL A 60 2.11 1.68 13.29
C VAL A 60 2.21 3.01 12.54
N ASP A 61 3.40 3.35 12.08
CA ASP A 61 3.62 4.57 11.32
C ASP A 61 3.35 4.33 9.85
N LEU A 62 2.20 4.79 9.40
CA LEU A 62 1.77 4.56 8.03
C LEU A 62 2.03 5.82 7.19
N VAL A 63 2.85 5.69 6.17
CA VAL A 63 3.20 6.80 5.30
C VAL A 63 2.40 6.73 4.00
N LEU A 64 1.60 7.75 3.76
CA LEU A 64 0.79 7.83 2.55
C LEU A 64 1.53 8.65 1.50
N THR A 65 1.77 8.06 0.34
CA THR A 65 2.49 8.74 -0.72
C THR A 65 1.62 8.91 -1.97
N ASP A 66 1.76 10.04 -2.64
CA ASP A 66 0.98 10.32 -3.85
C ASP A 66 1.59 11.50 -4.60
N ILE A 67 1.36 11.56 -5.91
CA ILE A 67 1.88 12.65 -6.72
C ILE A 67 1.14 13.95 -6.38
N LYS A 68 1.75 14.71 -5.46
CA LYS A 68 1.17 15.97 -4.98
C LYS A 68 -0.32 15.81 -4.69
N PRO A 69 -0.66 15.07 -3.63
CA PRO A 69 -2.04 14.69 -3.29
C PRO A 69 -3.01 15.86 -3.26
N SER A 70 -4.21 15.61 -3.73
CA SER A 70 -5.26 16.62 -3.80
C SER A 70 -6.18 16.51 -2.59
N HIS A 71 -5.98 15.44 -1.82
CA HIS A 71 -6.81 15.19 -0.64
C HIS A 71 -6.34 16.05 0.53
N GLY A 72 -5.03 16.07 0.75
CA GLY A 72 -4.47 16.81 1.86
C GLY A 72 -3.94 15.89 2.93
N GLY A 73 -2.84 16.30 3.57
CA GLY A 73 -2.25 15.48 4.63
C GLY A 73 -1.28 14.45 4.09
N ILE A 74 -1.66 13.82 2.98
CA ILE A 74 -0.82 12.84 2.30
C ILE A 74 0.51 13.48 1.89
N VAL A 75 1.57 12.68 1.86
CA VAL A 75 2.88 13.18 1.47
C VAL A 75 2.88 13.52 -0.02
N ARG A 76 3.33 14.73 -0.34
CA ARG A 76 3.35 15.17 -1.72
C ARG A 76 4.70 14.85 -2.36
N ASP A 77 5.06 13.59 -2.29
CA ASP A 77 6.29 13.09 -2.89
C ASP A 77 6.08 12.81 -4.38
N ASP A 78 6.90 11.93 -4.94
CA ASP A 78 6.80 11.58 -6.35
C ASP A 78 7.13 10.10 -6.55
N ILE A 79 6.12 9.30 -6.87
CA ILE A 79 6.32 7.88 -7.10
C ILE A 79 7.00 7.65 -8.46
N THR A 80 6.84 8.60 -9.38
CA THR A 80 7.48 8.50 -10.69
C THR A 80 9.00 8.66 -10.57
N SER A 81 9.43 9.36 -9.53
CA SER A 81 10.84 9.47 -9.20
C SER A 81 10.99 9.25 -7.69
N PRO A 82 10.95 7.98 -7.27
CA PRO A 82 10.84 7.62 -5.85
C PRO A 82 12.10 7.90 -5.06
N ARG A 83 11.91 8.51 -3.90
CA ARG A 83 12.98 8.69 -2.94
C ARG A 83 13.11 7.45 -2.09
N MET A 84 14.15 6.67 -2.34
CA MET A 84 14.36 5.41 -1.64
C MET A 84 14.47 5.63 -0.14
N GLU A 85 14.89 6.82 0.24
CA GLU A 85 15.06 7.18 1.66
C GLU A 85 13.72 7.12 2.41
N ILE A 86 12.63 7.31 1.68
CA ILE A 86 11.30 7.30 2.28
C ILE A 86 10.82 5.87 2.50
N TYR A 87 11.10 5.02 1.51
CA TYR A 87 10.64 3.64 1.55
C TYR A 87 11.56 2.80 2.43
N ARG A 88 12.81 3.23 2.57
CA ARG A 88 13.75 2.55 3.46
C ARG A 88 13.30 2.68 4.90
N GLY A 89 13.30 1.57 5.61
CA GLY A 89 12.89 1.58 6.99
C GLY A 89 11.46 1.15 7.16
N ALA A 90 10.87 0.68 6.07
CA ALA A 90 9.51 0.19 6.10
C ALA A 90 9.49 -1.33 6.15
N ALA A 91 8.53 -1.90 6.86
CA ALA A 91 8.42 -3.34 6.99
C ALA A 91 7.50 -3.92 5.91
N LEU A 92 6.60 -3.09 5.40
CA LEU A 92 5.65 -3.53 4.41
C LEU A 92 5.28 -2.38 3.48
N ILE A 93 5.14 -2.69 2.21
CA ILE A 93 4.74 -1.71 1.19
C ILE A 93 3.60 -2.28 0.35
N TYR A 94 2.46 -1.63 0.38
CA TYR A 94 1.32 -2.09 -0.41
C TYR A 94 0.80 -0.99 -1.30
N SER A 95 0.16 -1.37 -2.38
CA SER A 95 -0.31 -0.43 -3.37
C SER A 95 -1.73 -0.76 -3.83
N ILE A 96 -2.50 0.30 -4.08
CA ILE A 96 -3.87 0.16 -4.55
C ILE A 96 -4.01 0.71 -5.95
N ARG A 97 -4.27 -0.18 -6.90
CA ARG A 97 -4.40 0.17 -8.32
C ARG A 97 -3.15 0.86 -8.86
N PRO A 98 -2.04 0.12 -9.02
CA PRO A 98 -0.83 0.64 -9.61
C PRO A 98 -0.82 0.49 -11.13
N PRO A 99 -0.50 1.57 -11.86
CA PRO A 99 -0.30 1.50 -13.31
C PRO A 99 0.75 0.46 -13.69
N ALA A 100 0.58 -0.15 -14.86
CA ALA A 100 1.45 -1.23 -15.30
C ALA A 100 2.90 -0.78 -15.42
N GLU A 101 3.10 0.51 -15.58
CA GLU A 101 4.44 1.08 -15.69
C GLU A 101 5.24 0.93 -14.39
N ILE A 102 4.57 0.96 -13.25
CA ILE A 102 5.25 0.98 -11.97
C ILE A 102 5.16 -0.34 -11.23
N HIS A 103 4.46 -1.31 -11.82
CA HIS A 103 4.33 -2.63 -11.22
C HIS A 103 5.71 -3.23 -10.89
N SER A 104 6.55 -3.31 -11.91
CA SER A 104 7.90 -3.84 -11.74
C SER A 104 8.76 -2.89 -10.92
N SER A 105 8.41 -1.61 -10.97
CA SER A 105 9.16 -0.58 -10.27
C SER A 105 8.96 -0.67 -8.76
N LEU A 106 7.73 -1.01 -8.36
CA LEU A 106 7.42 -1.20 -6.95
C LEU A 106 8.21 -2.36 -6.37
N MET A 107 8.35 -3.42 -7.15
CA MET A 107 9.09 -4.60 -6.72
C MET A 107 10.56 -4.26 -6.50
N ARG A 108 11.15 -3.48 -7.41
CA ARG A 108 12.57 -3.16 -7.30
C ARG A 108 12.83 -2.27 -6.07
N VAL A 109 11.81 -1.53 -5.67
CA VAL A 109 11.89 -0.73 -4.45
C VAL A 109 11.78 -1.63 -3.22
N ALA A 110 10.78 -2.49 -3.22
CA ALA A 110 10.59 -3.44 -2.14
C ALA A 110 11.82 -4.31 -1.96
N ASP A 111 12.37 -4.75 -3.09
CA ASP A 111 13.56 -5.60 -3.12
C ASP A 111 14.75 -4.87 -2.51
N ALA A 112 14.78 -3.55 -2.68
CA ALA A 112 15.85 -2.73 -2.19
C ALA A 112 15.73 -2.45 -0.69
N VAL A 113 14.51 -2.17 -0.24
CA VAL A 113 14.30 -1.80 1.15
C VAL A 113 14.08 -3.03 2.04
N GLY A 114 13.59 -4.10 1.44
CA GLY A 114 13.32 -5.32 2.19
C GLY A 114 11.98 -5.26 2.90
N ALA A 115 10.91 -5.21 2.12
CA ALA A 115 9.56 -5.16 2.68
C ALA A 115 8.62 -6.04 1.87
N ARG A 116 7.55 -6.48 2.51
CA ARG A 116 6.55 -7.28 1.82
C ARG A 116 5.70 -6.39 0.92
N LEU A 117 5.70 -6.70 -0.37
CA LEU A 117 4.94 -5.94 -1.34
C LEU A 117 3.57 -6.57 -1.55
N ILE A 118 2.53 -5.77 -1.38
CA ILE A 118 1.18 -6.25 -1.61
C ILE A 118 0.47 -5.36 -2.62
N ILE A 119 0.04 -5.95 -3.72
CA ILE A 119 -0.62 -5.20 -4.78
C ILE A 119 -2.08 -5.61 -4.93
N LYS A 120 -2.97 -4.62 -4.97
CA LYS A 120 -4.38 -4.88 -5.26
C LYS A 120 -4.76 -4.32 -6.62
N PRO A 121 -4.78 -5.18 -7.65
CA PRO A 121 -5.26 -4.83 -8.98
C PRO A 121 -6.74 -5.14 -9.14
N LEU A 122 -7.18 -5.30 -10.38
CA LEU A 122 -8.57 -5.65 -10.64
C LEU A 122 -8.67 -7.06 -11.20
N THR A 123 -9.79 -7.71 -10.92
CA THR A 123 -10.03 -9.07 -11.43
C THR A 123 -10.13 -9.07 -12.94
N GLY A 124 -9.13 -9.65 -13.59
CA GLY A 124 -9.07 -9.66 -15.04
C GLY A 124 -7.99 -8.73 -15.54
N GLU A 125 -7.45 -7.93 -14.64
CA GLU A 125 -6.37 -7.01 -14.95
C GLU A 125 -5.07 -7.54 -14.37
N ASP A 126 -4.26 -8.16 -15.21
CA ASP A 126 -3.05 -8.83 -14.75
C ASP A 126 -1.89 -7.83 -14.65
N ILE A 127 -0.84 -8.24 -13.95
CA ILE A 127 0.32 -7.40 -13.71
C ILE A 127 1.27 -7.45 -14.91
N VAL A 128 1.15 -8.53 -15.69
CA VAL A 128 1.97 -8.77 -16.90
C VAL A 128 3.47 -8.56 -16.67
N THR A 129 3.91 -8.74 -15.42
CA THR A 129 5.30 -8.61 -15.10
C THR A 129 5.99 -9.97 -15.17
N GLU A 130 7.24 -9.98 -15.59
CA GLU A 130 8.02 -11.22 -15.71
C GLU A 130 8.76 -11.49 -14.41
N ARG A 131 8.16 -11.08 -13.31
CA ARG A 131 8.78 -11.24 -11.99
C ARG A 131 8.01 -12.27 -11.18
N LYS A 132 8.45 -12.47 -9.94
CA LYS A 132 7.83 -13.44 -9.05
C LYS A 132 6.87 -12.77 -8.08
N MET A 133 5.63 -13.23 -8.07
CA MET A 133 4.65 -12.82 -7.06
C MET A 133 3.73 -13.99 -6.78
N LYS A 134 3.21 -14.05 -5.55
CA LYS A 134 2.35 -15.15 -5.15
C LYS A 134 0.94 -14.67 -4.86
N LEU A 135 -0.02 -15.49 -5.25
CA LEU A 135 -1.42 -15.19 -5.02
C LEU A 135 -1.82 -15.60 -3.60
N VAL A 136 -2.45 -14.69 -2.89
CA VAL A 136 -2.84 -14.94 -1.50
C VAL A 136 -4.32 -14.66 -1.31
N ASN A 137 -4.94 -15.41 -0.40
CA ASN A 137 -6.36 -15.26 -0.08
C ASN A 137 -6.54 -14.98 1.40
N TYR A 138 -7.24 -13.90 1.73
CA TYR A 138 -7.51 -13.59 3.12
C TYR A 138 -8.84 -12.86 3.27
N GLY A 139 -9.86 -13.56 3.74
CA GLY A 139 -11.15 -12.96 4.01
C GLY A 139 -11.80 -12.34 2.78
N ARG A 140 -12.19 -13.18 1.83
CA ARG A 140 -12.90 -12.76 0.61
C ARG A 140 -12.03 -11.95 -0.34
N THR A 141 -10.96 -11.36 0.16
CA THR A 141 -10.09 -10.56 -0.67
C THR A 141 -8.89 -11.40 -1.11
N TYR A 142 -8.60 -11.36 -2.39
CA TYR A 142 -7.42 -12.02 -2.91
C TYR A 142 -6.49 -10.98 -3.48
N PHE A 143 -5.19 -11.22 -3.39
CA PHE A 143 -4.20 -10.25 -3.80
C PHE A 143 -2.90 -10.94 -4.15
N TYR A 144 -1.98 -10.17 -4.71
CA TYR A 144 -0.65 -10.68 -5.00
C TYR A 144 0.35 -10.08 -4.03
N GLU A 145 1.04 -10.93 -3.29
CA GLU A 145 2.05 -10.46 -2.37
C GLU A 145 3.42 -10.91 -2.87
N TYR A 146 4.43 -10.17 -2.47
CA TYR A 146 5.80 -10.54 -2.80
C TYR A 146 6.68 -10.32 -1.58
N ILE A 147 7.38 -11.36 -1.17
CA ILE A 147 8.28 -11.23 -0.05
C ILE A 147 9.64 -10.80 -0.55
N ALA A 148 9.87 -9.51 -0.48
CA ALA A 148 11.16 -8.96 -0.87
C ALA A 148 12.16 -9.23 0.22
N GLU A 149 13.20 -9.98 -0.10
CA GLU A 149 14.16 -10.40 0.89
C GLU A 149 14.86 -9.20 1.51
N VAL A 150 14.86 -9.19 2.82
CA VAL A 150 15.34 -8.04 3.57
C VAL A 150 16.85 -8.07 3.70
N ARG A 151 17.47 -7.05 3.15
CA ARG A 151 18.91 -6.90 3.23
C ARG A 151 19.27 -6.15 4.52
N SER A 152 19.29 -6.88 5.62
CA SER A 152 19.49 -6.30 6.92
C SER A 152 20.39 -7.16 7.78
N ARG A 153 21.09 -6.53 8.69
CA ARG A 153 21.88 -7.21 9.68
C ARG A 153 21.55 -6.64 11.05
N MET A 1 -17.64 -16.57 41.70
CA MET A 1 -16.66 -16.95 40.67
C MET A 1 -17.28 -16.79 39.29
N GLY A 2 -16.43 -16.72 38.27
CA GLY A 2 -16.92 -16.55 36.92
C GLY A 2 -17.36 -17.85 36.29
N SER A 3 -18.66 -18.09 36.28
CA SER A 3 -19.21 -19.27 35.65
C SER A 3 -18.97 -19.21 34.15
N SER A 4 -18.37 -20.26 33.60
CA SER A 4 -17.93 -20.26 32.21
C SER A 4 -19.08 -20.55 31.24
N HIS A 5 -20.18 -19.83 31.40
CA HIS A 5 -21.26 -19.88 30.43
C HIS A 5 -21.52 -18.49 29.88
N HIS A 6 -20.77 -18.13 28.86
CA HIS A 6 -20.86 -16.80 28.26
C HIS A 6 -20.84 -16.90 26.74
N HIS A 7 -21.11 -18.09 26.22
CA HIS A 7 -21.16 -18.32 24.78
C HIS A 7 -22.61 -18.37 24.31
N HIS A 8 -23.50 -17.86 25.15
CA HIS A 8 -24.94 -17.92 24.90
C HIS A 8 -25.37 -16.93 23.81
N HIS A 9 -24.45 -16.08 23.37
CA HIS A 9 -24.73 -15.15 22.28
C HIS A 9 -24.63 -15.88 20.95
N HIS A 10 -25.18 -15.28 19.90
CA HIS A 10 -25.21 -15.93 18.59
C HIS A 10 -24.74 -14.99 17.49
N SER A 11 -24.52 -15.54 16.30
CA SER A 11 -24.18 -14.76 15.14
C SER A 11 -25.02 -15.21 13.94
N SER A 12 -25.20 -14.34 12.97
CA SER A 12 -25.95 -14.67 11.79
C SER A 12 -25.16 -14.36 10.53
N GLY A 13 -23.93 -13.87 10.72
CA GLY A 13 -23.10 -13.47 9.60
C GLY A 13 -23.65 -12.26 8.89
N LEU A 14 -23.35 -11.08 9.42
CA LEU A 14 -23.84 -9.84 8.82
C LEU A 14 -22.93 -9.38 7.69
N VAL A 15 -23.52 -8.86 6.64
CA VAL A 15 -22.78 -8.37 5.50
C VAL A 15 -23.00 -6.88 5.32
N PRO A 16 -21.99 -6.06 5.66
CA PRO A 16 -22.07 -4.62 5.52
C PRO A 16 -21.78 -4.15 4.10
N ARG A 17 -22.15 -2.93 3.80
CA ARG A 17 -21.90 -2.34 2.49
C ARG A 17 -20.85 -1.25 2.58
N GLY A 18 -20.01 -1.15 1.55
CA GLY A 18 -18.99 -0.13 1.54
C GLY A 18 -17.68 -0.64 0.98
N SER A 19 -16.62 0.13 1.19
CA SER A 19 -15.30 -0.23 0.68
C SER A 19 -14.61 -1.25 1.58
N HIS A 20 -15.35 -2.27 1.99
CA HIS A 20 -14.83 -3.28 2.91
C HIS A 20 -13.73 -4.11 2.27
N MET A 21 -13.67 -4.13 0.95
CA MET A 21 -12.58 -4.80 0.24
C MET A 21 -11.28 -4.06 0.46
N TRP A 22 -11.38 -2.81 0.89
CA TRP A 22 -10.22 -2.02 1.24
C TRP A 22 -9.99 -2.08 2.74
N ASN A 23 -11.08 -2.24 3.49
CA ASN A 23 -11.02 -2.38 4.94
C ASN A 23 -10.26 -3.65 5.31
N ASP A 24 -10.72 -4.79 4.79
CA ASP A 24 -10.08 -6.07 5.06
C ASP A 24 -8.64 -6.06 4.58
N LEU A 25 -8.40 -5.40 3.44
CA LEU A 25 -7.05 -5.21 2.93
C LEU A 25 -6.16 -4.56 3.98
N ALA A 26 -6.67 -3.46 4.54
CA ALA A 26 -5.95 -2.73 5.58
C ALA A 26 -5.73 -3.60 6.81
N VAL A 27 -6.79 -4.28 7.25
CA VAL A 27 -6.71 -5.20 8.37
C VAL A 27 -5.59 -6.22 8.16
N TYR A 28 -5.57 -6.80 6.97
CA TYR A 28 -4.55 -7.77 6.59
C TYR A 28 -3.14 -7.18 6.76
N ILE A 29 -2.99 -5.93 6.37
CA ILE A 29 -1.72 -5.22 6.49
C ILE A 29 -1.40 -4.94 7.95
N ILE A 30 -2.40 -4.47 8.69
CA ILE A 30 -2.25 -4.12 10.10
C ILE A 30 -1.76 -5.32 10.92
N ARG A 31 -2.35 -6.48 10.66
CA ARG A 31 -2.01 -7.69 11.39
C ARG A 31 -0.56 -8.11 11.12
N CYS A 32 -0.10 -7.82 9.92
CA CYS A 32 1.20 -8.25 9.47
C CYS A 32 2.29 -7.25 9.82
N SER A 33 1.90 -6.02 10.10
CA SER A 33 2.88 -4.97 10.41
C SER A 33 2.95 -4.71 11.92
N GLY A 34 2.04 -3.92 12.43
CA GLY A 34 2.04 -3.57 13.83
C GLY A 34 2.59 -2.18 14.09
N PRO A 35 2.31 -1.59 15.25
CA PRO A 35 2.79 -0.24 15.60
C PRO A 35 4.29 -0.21 15.90
N GLY A 36 4.94 0.88 15.53
CA GLY A 36 6.36 1.02 15.81
C GLY A 36 7.22 0.97 14.57
N THR A 37 6.75 0.27 13.55
CA THR A 37 7.50 0.13 12.31
C THR A 37 6.96 1.11 11.27
N ARG A 38 7.38 0.98 10.02
CA ARG A 38 6.94 1.89 8.97
C ARG A 38 6.19 1.14 7.88
N VAL A 39 5.09 1.72 7.43
CA VAL A 39 4.30 1.16 6.33
C VAL A 39 4.02 2.24 5.31
N VAL A 40 4.27 1.96 4.04
CA VAL A 40 4.17 2.98 3.01
C VAL A 40 3.00 2.71 2.05
N GLU A 41 2.17 3.74 1.84
CA GLU A 41 1.08 3.68 0.88
C GLU A 41 1.48 4.46 -0.38
N VAL A 42 1.75 3.73 -1.45
CA VAL A 42 2.17 4.34 -2.70
C VAL A 42 0.97 4.67 -3.58
N GLY A 43 0.91 5.92 -4.02
CA GLY A 43 -0.23 6.37 -4.79
C GLY A 43 -1.27 7.03 -3.90
N ALA A 44 -0.79 7.51 -2.76
CA ALA A 44 -1.66 8.12 -1.78
C ALA A 44 -1.74 9.63 -1.96
N GLY A 45 -2.57 10.04 -2.91
CA GLY A 45 -2.74 11.46 -3.17
C GLY A 45 -4.10 11.94 -2.69
N ARG A 46 -5.16 11.37 -3.27
CA ARG A 46 -6.51 11.78 -2.92
C ARG A 46 -7.34 10.57 -2.49
N PHE A 47 -6.69 9.41 -2.41
CA PHE A 47 -7.35 8.20 -1.95
C PHE A 47 -7.27 8.12 -0.44
N LEU A 48 -6.10 7.70 0.05
CA LEU A 48 -5.76 7.74 1.48
C LEU A 48 -6.68 6.86 2.33
N TYR A 49 -7.52 6.06 1.69
CA TYR A 49 -8.56 5.33 2.40
C TYR A 49 -7.98 4.21 3.27
N VAL A 50 -7.06 3.44 2.70
CA VAL A 50 -6.47 2.31 3.41
C VAL A 50 -5.57 2.80 4.53
N SER A 51 -4.69 3.74 4.22
CA SER A 51 -3.82 4.35 5.22
C SER A 51 -4.64 4.99 6.35
N ASP A 52 -5.71 5.68 5.98
CA ASP A 52 -6.63 6.27 6.95
C ASP A 52 -7.24 5.21 7.84
N TYR A 53 -7.55 4.06 7.26
CA TYR A 53 -8.11 2.96 8.01
C TYR A 53 -7.05 2.37 8.96
N ILE A 54 -5.84 2.17 8.43
CA ILE A 54 -4.74 1.58 9.21
C ILE A 54 -4.34 2.46 10.38
N ARG A 55 -4.22 3.77 10.14
CA ARG A 55 -3.76 4.71 11.15
C ARG A 55 -4.72 4.78 12.34
N LYS A 56 -5.94 4.29 12.14
CA LYS A 56 -6.96 4.29 13.19
C LYS A 56 -6.77 3.14 14.16
N HIS A 57 -6.33 1.99 13.64
CA HIS A 57 -6.22 0.79 14.46
C HIS A 57 -4.77 0.49 14.83
N SER A 58 -3.84 1.08 14.11
CA SER A 58 -2.44 0.83 14.34
C SER A 58 -1.64 2.13 14.33
N LYS A 59 -0.85 2.34 15.36
CA LYS A 59 0.03 3.50 15.42
C LYS A 59 1.38 3.17 14.77
N VAL A 60 1.30 2.64 13.58
CA VAL A 60 2.47 2.35 12.78
C VAL A 60 2.89 3.62 12.04
N ASP A 61 4.19 3.79 11.83
CA ASP A 61 4.69 4.97 11.13
C ASP A 61 4.36 4.85 9.66
N LEU A 62 3.26 5.45 9.26
CA LEU A 62 2.75 5.28 7.91
C LEU A 62 3.25 6.38 7.01
N VAL A 63 3.81 6.01 5.88
CA VAL A 63 4.35 6.96 4.92
C VAL A 63 3.47 7.01 3.68
N LEU A 64 3.05 8.21 3.32
CA LEU A 64 2.27 8.42 2.10
C LEU A 64 3.12 9.13 1.07
N THR A 65 3.14 8.63 -0.15
CA THR A 65 3.93 9.25 -1.22
C THR A 65 3.08 9.47 -2.47
N ASP A 66 3.09 10.70 -2.96
CA ASP A 66 2.38 11.05 -4.19
C ASP A 66 2.86 12.41 -4.70
N ILE A 67 2.36 12.82 -5.86
CA ILE A 67 2.80 14.07 -6.47
C ILE A 67 1.96 15.24 -5.96
N LYS A 68 2.62 16.15 -5.25
CA LYS A 68 1.99 17.35 -4.71
C LYS A 68 0.86 16.98 -3.75
N PRO A 69 1.21 16.64 -2.50
CA PRO A 69 0.25 16.19 -1.49
C PRO A 69 -0.84 17.21 -1.21
N SER A 70 -2.08 16.84 -1.53
CA SER A 70 -3.22 17.71 -1.30
C SER A 70 -3.68 17.63 0.16
N HIS A 71 -3.47 16.47 0.77
CA HIS A 71 -3.84 16.26 2.17
C HIS A 71 -3.01 17.17 3.09
N GLY A 72 -1.70 17.00 3.02
CA GLY A 72 -0.81 17.77 3.85
C GLY A 72 0.23 16.91 4.55
N GLY A 73 -0.20 15.75 5.04
CA GLY A 73 0.70 14.85 5.72
C GLY A 73 1.27 13.81 4.78
N ILE A 74 1.31 14.14 3.50
CA ILE A 74 1.83 13.25 2.49
C ILE A 74 3.21 13.71 2.03
N VAL A 75 4.07 12.76 1.70
CA VAL A 75 5.39 13.08 1.19
C VAL A 75 5.30 13.43 -0.29
N ARG A 76 6.01 14.48 -0.68
CA ARG A 76 5.99 14.99 -2.06
C ARG A 76 6.83 14.11 -2.99
N ASP A 77 6.98 12.85 -2.64
CA ASP A 77 7.80 11.93 -3.41
C ASP A 77 6.98 11.36 -4.56
N ASP A 78 7.36 11.71 -5.79
CA ASP A 78 6.56 11.36 -6.96
C ASP A 78 6.61 9.86 -7.24
N ILE A 79 5.74 9.41 -8.14
CA ILE A 79 5.52 7.98 -8.36
C ILE A 79 6.54 7.35 -9.31
N THR A 80 7.05 8.12 -10.25
CA THR A 80 7.92 7.57 -11.27
C THR A 80 9.39 7.72 -10.87
N SER A 81 9.65 8.65 -9.97
CA SER A 81 11.00 8.91 -9.49
C SER A 81 11.01 8.94 -7.95
N PRO A 82 10.80 7.79 -7.31
CA PRO A 82 10.71 7.70 -5.86
C PRO A 82 12.07 7.73 -5.17
N ARG A 83 12.06 8.00 -3.87
CA ARG A 83 13.28 8.02 -3.07
C ARG A 83 13.35 6.84 -2.13
N MET A 84 14.38 6.02 -2.33
CA MET A 84 14.59 4.81 -1.53
C MET A 84 14.79 5.15 -0.06
N GLU A 85 15.32 6.35 0.20
CA GLU A 85 15.57 6.81 1.56
C GLU A 85 14.29 6.81 2.40
N ILE A 86 13.14 6.90 1.73
CA ILE A 86 11.86 6.97 2.40
C ILE A 86 11.32 5.57 2.69
N TYR A 87 11.43 4.68 1.72
CA TYR A 87 10.93 3.32 1.85
C TYR A 87 11.80 2.50 2.80
N ARG A 88 13.07 2.87 2.90
CA ARG A 88 13.99 2.15 3.78
C ARG A 88 13.62 2.31 5.24
N GLY A 89 13.28 1.20 5.85
CA GLY A 89 12.81 1.22 7.23
C GLY A 89 11.41 0.68 7.33
N ALA A 90 10.73 0.61 6.19
CA ALA A 90 9.38 0.10 6.14
C ALA A 90 9.38 -1.43 6.27
N ALA A 91 8.36 -1.95 6.91
CA ALA A 91 8.20 -3.39 7.06
C ALA A 91 7.23 -3.93 6.01
N LEU A 92 6.41 -3.04 5.49
CA LEU A 92 5.42 -3.41 4.50
C LEU A 92 5.09 -2.20 3.62
N ILE A 93 4.96 -2.46 2.32
CA ILE A 93 4.68 -1.40 1.35
C ILE A 93 3.53 -1.84 0.46
N TYR A 94 2.53 -0.98 0.28
CA TYR A 94 1.41 -1.32 -0.57
C TYR A 94 1.06 -0.16 -1.50
N SER A 95 0.43 -0.48 -2.61
CA SER A 95 0.09 0.52 -3.61
C SER A 95 -1.36 0.39 -4.04
N ILE A 96 -2.03 1.52 -4.21
CA ILE A 96 -3.44 1.53 -4.60
C ILE A 96 -3.56 1.44 -6.12
N ARG A 97 -3.57 0.20 -6.62
CA ARG A 97 -3.67 -0.10 -8.05
C ARG A 97 -2.77 0.79 -8.91
N PRO A 98 -1.47 0.47 -8.96
CA PRO A 98 -0.50 1.20 -9.75
C PRO A 98 -0.48 0.76 -11.21
N PRO A 99 -0.07 1.65 -12.12
CA PRO A 99 0.08 1.32 -13.55
C PRO A 99 1.01 0.13 -13.75
N ALA A 100 0.76 -0.62 -14.83
CA ALA A 100 1.46 -1.87 -15.10
C ALA A 100 2.85 -1.60 -15.71
N GLU A 101 3.45 -0.49 -15.35
CA GLU A 101 4.80 -0.17 -15.80
C GLU A 101 5.71 0.12 -14.61
N ILE A 102 5.13 0.52 -13.49
CA ILE A 102 5.91 0.87 -12.32
C ILE A 102 5.98 -0.28 -11.32
N HIS A 103 5.29 -1.37 -11.65
CA HIS A 103 5.26 -2.54 -10.79
C HIS A 103 6.67 -3.09 -10.60
N SER A 104 7.45 -3.08 -11.68
CA SER A 104 8.82 -3.55 -11.65
C SER A 104 9.67 -2.67 -10.72
N SER A 105 9.37 -1.39 -10.71
CA SER A 105 10.06 -0.46 -9.85
C SER A 105 9.73 -0.75 -8.38
N LEU A 106 8.45 -0.95 -8.12
CA LEU A 106 7.98 -1.29 -6.79
C LEU A 106 8.63 -2.59 -6.30
N MET A 107 8.71 -3.58 -7.19
CA MET A 107 9.29 -4.87 -6.87
C MET A 107 10.73 -4.73 -6.35
N ARG A 108 11.55 -3.98 -7.08
CA ARG A 108 12.95 -3.82 -6.70
C ARG A 108 13.09 -2.97 -5.45
N VAL A 109 12.16 -2.04 -5.24
CA VAL A 109 12.17 -1.21 -4.04
C VAL A 109 11.84 -2.04 -2.82
N ALA A 110 10.78 -2.84 -2.92
CA ALA A 110 10.36 -3.70 -1.82
C ALA A 110 11.46 -4.67 -1.43
N ASP A 111 12.13 -5.21 -2.45
CA ASP A 111 13.24 -6.13 -2.24
C ASP A 111 14.42 -5.42 -1.57
N ALA A 112 14.70 -4.21 -2.04
CA ALA A 112 15.81 -3.42 -1.53
C ALA A 112 15.64 -3.10 -0.05
N VAL A 113 14.43 -2.71 0.34
CA VAL A 113 14.18 -2.33 1.72
C VAL A 113 13.86 -3.56 2.58
N GLY A 114 13.30 -4.58 1.95
CA GLY A 114 12.96 -5.80 2.67
C GLY A 114 11.58 -5.72 3.27
N ALA A 115 10.60 -5.37 2.45
CA ALA A 115 9.22 -5.24 2.92
C ALA A 115 8.27 -6.02 2.02
N ARG A 116 7.13 -6.40 2.56
CA ARG A 116 6.13 -7.10 1.79
C ARG A 116 5.35 -6.11 0.94
N LEU A 117 5.45 -6.28 -0.38
CA LEU A 117 4.76 -5.41 -1.31
C LEU A 117 3.36 -5.92 -1.60
N ILE A 118 2.36 -5.14 -1.27
CA ILE A 118 0.98 -5.55 -1.50
C ILE A 118 0.31 -4.65 -2.54
N ILE A 119 -0.08 -5.25 -3.64
CA ILE A 119 -0.75 -4.52 -4.72
C ILE A 119 -2.17 -5.04 -4.90
N LYS A 120 -3.14 -4.18 -4.67
CA LYS A 120 -4.51 -4.52 -4.98
C LYS A 120 -4.94 -3.84 -6.28
N PRO A 121 -5.02 -4.61 -7.36
CA PRO A 121 -5.56 -4.12 -8.63
C PRO A 121 -7.08 -4.11 -8.62
N LEU A 122 -7.69 -4.50 -9.72
CA LEU A 122 -9.12 -4.50 -9.83
C LEU A 122 -9.62 -5.87 -10.27
N THR A 123 -10.87 -6.17 -9.97
CA THR A 123 -11.48 -7.41 -10.39
C THR A 123 -11.68 -7.40 -11.90
N GLY A 124 -10.79 -8.08 -12.62
CA GLY A 124 -10.83 -8.07 -14.06
C GLY A 124 -9.78 -7.12 -14.64
N GLU A 125 -9.00 -6.52 -13.76
CA GLU A 125 -7.92 -5.62 -14.16
C GLU A 125 -6.65 -6.00 -13.41
N ASP A 126 -5.82 -6.79 -14.08
CA ASP A 126 -4.67 -7.41 -13.45
C ASP A 126 -3.39 -6.62 -13.75
N ILE A 127 -2.27 -7.00 -13.13
CA ILE A 127 -0.99 -6.35 -13.37
C ILE A 127 -0.39 -6.85 -14.68
N VAL A 128 -0.95 -7.97 -15.16
CA VAL A 128 -0.53 -8.66 -16.39
C VAL A 128 0.98 -8.86 -16.44
N THR A 129 1.59 -9.11 -15.29
CA THR A 129 3.03 -9.34 -15.21
C THR A 129 3.33 -10.76 -14.76
N GLU A 130 4.39 -11.33 -15.29
CA GLU A 130 4.80 -12.68 -14.91
C GLU A 130 5.98 -12.60 -13.96
N ARG A 131 5.76 -12.01 -12.79
CA ARG A 131 6.83 -11.81 -11.82
C ARG A 131 6.68 -12.73 -10.62
N LYS A 132 7.48 -12.49 -9.58
CA LYS A 132 7.57 -13.39 -8.42
C LYS A 132 6.49 -13.08 -7.39
N MET A 133 5.54 -12.27 -7.77
CA MET A 133 4.40 -11.95 -6.91
C MET A 133 3.50 -13.17 -6.73
N LYS A 134 2.54 -13.06 -5.81
CA LYS A 134 1.62 -14.16 -5.54
C LYS A 134 0.21 -13.63 -5.33
N LEU A 135 -0.78 -14.47 -5.64
CA LEU A 135 -2.18 -14.11 -5.44
C LEU A 135 -2.64 -14.52 -4.05
N VAL A 136 -3.14 -13.56 -3.29
CA VAL A 136 -3.61 -13.82 -1.94
C VAL A 136 -5.08 -13.41 -1.81
N ASN A 137 -5.80 -14.12 -0.95
CA ASN A 137 -7.22 -13.90 -0.77
C ASN A 137 -7.54 -13.63 0.70
N TYR A 138 -7.98 -12.40 1.00
CA TYR A 138 -8.30 -12.04 2.37
C TYR A 138 -9.42 -11.00 2.40
N GLY A 139 -10.50 -11.35 3.11
CA GLY A 139 -11.57 -10.40 3.35
C GLY A 139 -12.28 -9.94 2.08
N ARG A 140 -13.05 -10.84 1.48
CA ARG A 140 -13.89 -10.54 0.31
C ARG A 140 -13.05 -10.33 -0.96
N THR A 141 -11.92 -9.65 -0.83
CA THR A 141 -11.12 -9.28 -1.96
C THR A 141 -9.92 -10.19 -2.14
N TYR A 142 -9.45 -10.27 -3.38
CA TYR A 142 -8.19 -10.91 -3.68
C TYR A 142 -7.21 -9.84 -4.16
N PHE A 143 -5.92 -10.11 -4.00
CA PHE A 143 -4.90 -9.15 -4.38
C PHE A 143 -3.56 -9.86 -4.55
N TYR A 144 -2.53 -9.12 -4.91
CA TYR A 144 -1.21 -9.69 -5.11
C TYR A 144 -0.23 -9.12 -4.12
N GLU A 145 0.44 -9.98 -3.39
CA GLU A 145 1.47 -9.56 -2.48
C GLU A 145 2.81 -10.14 -2.91
N TYR A 146 3.87 -9.55 -2.41
CA TYR A 146 5.20 -10.04 -2.66
C TYR A 146 6.01 -9.97 -1.39
N ILE A 147 6.44 -11.12 -0.90
CA ILE A 147 7.32 -11.15 0.26
C ILE A 147 8.73 -11.00 -0.23
N ALA A 148 9.25 -9.78 -0.14
CA ALA A 148 10.62 -9.51 -0.49
C ALA A 148 11.53 -10.37 0.35
N GLU A 149 12.07 -11.42 -0.27
CA GLU A 149 12.88 -12.39 0.45
C GLU A 149 13.95 -11.69 1.25
N VAL A 150 13.88 -11.95 2.54
CA VAL A 150 14.58 -11.15 3.52
C VAL A 150 16.08 -11.26 3.35
N ARG A 151 16.69 -10.12 3.07
CA ARG A 151 18.13 -10.02 2.96
C ARG A 151 18.75 -9.68 4.32
N SER A 152 18.02 -10.05 5.36
CA SER A 152 18.46 -9.87 6.73
C SER A 152 18.11 -11.11 7.53
N ARG A 153 18.81 -11.33 8.63
CA ARG A 153 18.52 -12.47 9.48
C ARG A 153 17.66 -12.05 10.67
N MET A 1 17.14 15.31 3.59
CA MET A 1 17.71 16.57 3.07
C MET A 1 17.07 16.91 1.72
N GLY A 2 16.63 18.16 1.58
CA GLY A 2 16.08 18.61 0.31
C GLY A 2 14.59 18.35 0.20
N SER A 3 14.23 17.07 0.10
CA SER A 3 12.83 16.69 -0.01
C SER A 3 12.12 16.88 1.32
N SER A 4 11.66 18.08 1.58
CA SER A 4 10.92 18.39 2.80
C SER A 4 9.99 19.58 2.57
N HIS A 5 8.80 19.30 2.07
CA HIS A 5 7.81 20.35 1.82
C HIS A 5 6.92 20.49 3.03
N HIS A 6 6.93 21.68 3.63
CA HIS A 6 6.22 21.91 4.88
C HIS A 6 4.81 22.41 4.61
N HIS A 7 3.92 21.47 4.33
CA HIS A 7 2.52 21.78 4.15
C HIS A 7 1.68 20.75 4.89
N HIS A 8 1.20 21.11 6.07
CA HIS A 8 0.42 20.20 6.90
C HIS A 8 -0.97 20.75 7.15
N HIS A 9 -1.52 21.45 6.17
CA HIS A 9 -2.87 21.99 6.27
C HIS A 9 -3.86 20.83 6.45
N HIS A 10 -4.67 20.93 7.49
CA HIS A 10 -5.62 19.87 7.81
C HIS A 10 -6.73 19.79 6.76
N SER A 11 -7.18 18.59 6.48
CA SER A 11 -8.22 18.37 5.48
C SER A 11 -9.39 17.62 6.11
N SER A 12 -10.60 17.95 5.68
CA SER A 12 -11.79 17.28 6.17
C SER A 12 -12.27 16.24 5.17
N GLY A 13 -11.95 14.98 5.44
CA GLY A 13 -12.35 13.91 4.56
C GLY A 13 -13.25 12.92 5.27
N LEU A 14 -14.13 12.28 4.52
CA LEU A 14 -15.05 11.30 5.09
C LEU A 14 -14.53 9.89 4.87
N VAL A 15 -15.12 8.93 5.56
CA VAL A 15 -14.76 7.54 5.37
C VAL A 15 -15.52 6.95 4.18
N PRO A 16 -14.80 6.33 3.24
CA PRO A 16 -15.42 5.72 2.06
C PRO A 16 -16.34 4.58 2.42
N ARG A 17 -17.57 4.67 1.96
CA ARG A 17 -18.58 3.66 2.23
C ARG A 17 -18.67 2.69 1.06
N GLY A 18 -19.05 1.45 1.37
CA GLY A 18 -18.99 0.41 0.37
C GLY A 18 -17.58 -0.14 0.24
N SER A 19 -16.84 -0.06 1.33
CA SER A 19 -15.44 -0.44 1.34
C SER A 19 -15.24 -1.79 2.02
N HIS A 20 -16.33 -2.54 2.16
CA HIS A 20 -16.28 -3.86 2.80
C HIS A 20 -15.34 -4.81 2.05
N MET A 21 -15.12 -4.52 0.76
CA MET A 21 -14.25 -5.35 -0.07
C MET A 21 -12.78 -5.07 0.22
N TRP A 22 -12.51 -3.95 0.87
CA TRP A 22 -11.14 -3.57 1.21
C TRP A 22 -10.80 -3.92 2.65
N ASN A 23 -11.85 -4.15 3.45
CA ASN A 23 -11.69 -4.43 4.88
C ASN A 23 -10.77 -5.63 5.12
N ASP A 24 -10.93 -6.66 4.30
CA ASP A 24 -10.14 -7.89 4.40
C ASP A 24 -8.66 -7.63 4.22
N LEU A 25 -8.30 -6.92 3.15
CA LEU A 25 -6.93 -6.61 2.83
C LEU A 25 -6.23 -5.89 3.97
N ALA A 26 -6.92 -4.90 4.53
CA ALA A 26 -6.39 -4.11 5.64
C ALA A 26 -5.95 -4.99 6.80
N VAL A 27 -6.85 -5.87 7.25
CA VAL A 27 -6.56 -6.80 8.34
C VAL A 27 -5.27 -7.58 8.09
N TYR A 28 -5.12 -8.12 6.89
CA TYR A 28 -3.95 -8.90 6.54
C TYR A 28 -2.67 -8.06 6.70
N ILE A 29 -2.74 -6.83 6.21
CA ILE A 29 -1.61 -5.90 6.28
C ILE A 29 -1.28 -5.56 7.73
N ILE A 30 -2.32 -5.26 8.51
CA ILE A 30 -2.17 -4.92 9.92
C ILE A 30 -1.46 -6.02 10.69
N ARG A 31 -1.87 -7.25 10.42
CA ARG A 31 -1.36 -8.41 11.14
C ARG A 31 0.08 -8.72 10.76
N CYS A 32 0.51 -8.23 9.61
CA CYS A 32 1.87 -8.46 9.14
C CYS A 32 2.81 -7.36 9.65
N SER A 33 2.25 -6.21 10.00
CA SER A 33 3.06 -5.08 10.42
C SER A 33 2.98 -4.87 11.94
N GLY A 34 1.90 -4.24 12.38
CA GLY A 34 1.72 -3.98 13.80
C GLY A 34 2.19 -2.60 14.20
N PRO A 35 1.93 -2.19 15.46
CA PRO A 35 2.31 -0.88 15.95
C PRO A 35 3.82 -0.72 16.11
N GLY A 36 4.33 0.46 15.82
CA GLY A 36 5.75 0.74 16.01
C GLY A 36 6.57 0.45 14.77
N THR A 37 5.88 0.14 13.68
CA THR A 37 6.54 -0.15 12.42
C THR A 37 6.29 0.98 11.43
N ARG A 38 6.71 0.80 10.18
CA ARG A 38 6.46 1.79 9.15
C ARG A 38 5.88 1.13 7.91
N VAL A 39 4.74 1.64 7.46
CA VAL A 39 4.10 1.13 6.25
C VAL A 39 3.93 2.27 5.26
N VAL A 40 4.27 2.02 4.01
CA VAL A 40 4.18 3.05 2.98
C VAL A 40 3.11 2.69 1.95
N GLU A 41 2.15 3.57 1.78
CA GLU A 41 1.01 3.31 0.93
C GLU A 41 1.26 3.85 -0.48
N VAL A 42 1.20 2.98 -1.46
CA VAL A 42 1.28 3.40 -2.85
C VAL A 42 -0.11 3.39 -3.48
N GLY A 43 -0.60 4.57 -3.83
CA GLY A 43 -1.94 4.69 -4.35
C GLY A 43 -2.84 5.43 -3.38
N ALA A 44 -2.33 6.52 -2.84
CA ALA A 44 -3.04 7.28 -1.82
C ALA A 44 -3.80 8.44 -2.43
N GLY A 45 -3.94 8.40 -3.76
CA GLY A 45 -4.62 9.47 -4.46
C GLY A 45 -6.12 9.48 -4.24
N ARG A 46 -6.62 8.43 -3.58
CA ARG A 46 -8.05 8.32 -3.30
C ARG A 46 -8.31 7.23 -2.27
N PHE A 47 -7.51 6.18 -2.29
CA PHE A 47 -7.72 5.04 -1.40
C PHE A 47 -7.12 5.30 -0.03
N LEU A 48 -7.88 5.99 0.81
CA LEU A 48 -7.42 6.31 2.16
C LEU A 48 -8.20 5.52 3.21
N TYR A 49 -9.00 4.55 2.76
CA TYR A 49 -9.74 3.71 3.68
C TYR A 49 -8.83 2.74 4.41
N VAL A 50 -8.02 2.02 3.63
CA VAL A 50 -7.14 0.99 4.18
C VAL A 50 -6.21 1.59 5.23
N SER A 51 -5.58 2.70 4.88
CA SER A 51 -4.65 3.38 5.78
C SER A 51 -5.34 3.83 7.06
N ASP A 52 -6.54 4.40 6.93
CA ASP A 52 -7.28 4.87 8.09
C ASP A 52 -7.68 3.70 9.00
N TYR A 53 -8.06 2.59 8.37
CA TYR A 53 -8.48 1.41 9.11
C TYR A 53 -7.30 0.81 9.88
N ILE A 54 -6.12 0.83 9.27
CA ILE A 54 -4.91 0.28 9.90
C ILE A 54 -4.52 1.09 11.13
N ARG A 55 -4.47 2.42 11.00
CA ARG A 55 -4.02 3.28 12.09
C ARG A 55 -4.99 3.26 13.27
N LYS A 56 -6.21 2.79 13.04
CA LYS A 56 -7.21 2.69 14.09
C LYS A 56 -6.89 1.50 15.00
N HIS A 57 -6.39 0.43 14.40
CA HIS A 57 -6.13 -0.81 15.14
C HIS A 57 -4.69 -0.89 15.62
N SER A 58 -3.77 -0.31 14.87
CA SER A 58 -2.37 -0.36 15.22
C SER A 58 -1.70 1.00 15.03
N LYS A 59 -0.92 1.42 16.04
CA LYS A 59 -0.18 2.67 15.95
C LYS A 59 1.11 2.45 15.16
N VAL A 60 0.95 2.04 13.93
CA VAL A 60 2.05 1.93 12.99
C VAL A 60 2.31 3.30 12.36
N ASP A 61 3.56 3.63 12.07
CA ASP A 61 3.86 4.88 11.40
C ASP A 61 3.61 4.72 9.92
N LEU A 62 2.47 5.22 9.50
CA LEU A 62 1.98 5.00 8.16
C LEU A 62 2.27 6.22 7.28
N VAL A 63 2.87 5.96 6.12
CA VAL A 63 3.25 7.02 5.21
C VAL A 63 2.51 6.88 3.89
N LEU A 64 1.69 7.88 3.59
CA LEU A 64 0.95 7.90 2.34
C LEU A 64 1.78 8.56 1.25
N THR A 65 1.93 7.90 0.12
CA THR A 65 2.69 8.45 -0.99
C THR A 65 1.89 8.36 -2.29
N ASP A 66 1.89 9.45 -3.05
CA ASP A 66 1.19 9.49 -4.33
C ASP A 66 1.53 10.78 -5.06
N ILE A 67 1.45 10.77 -6.38
CA ILE A 67 1.75 11.94 -7.17
C ILE A 67 0.56 12.91 -7.13
N LYS A 68 0.84 14.14 -6.67
CA LYS A 68 -0.19 15.16 -6.52
C LYS A 68 -1.25 14.71 -5.51
N PRO A 69 -0.96 14.85 -4.22
CA PRO A 69 -1.86 14.42 -3.15
C PRO A 69 -3.16 15.23 -3.13
N SER A 70 -4.29 14.53 -3.24
CA SER A 70 -5.59 15.18 -3.28
C SER A 70 -6.15 15.37 -1.87
N HIS A 71 -5.33 15.07 -0.87
CA HIS A 71 -5.74 15.21 0.53
C HIS A 71 -4.96 16.33 1.21
N GLY A 72 -3.69 16.08 1.49
CA GLY A 72 -2.86 17.07 2.14
C GLY A 72 -1.87 16.45 3.10
N GLY A 73 -2.27 15.36 3.74
CA GLY A 73 -1.38 14.65 4.64
C GLY A 73 -0.64 13.53 3.94
N ILE A 74 -0.53 13.67 2.63
CA ILE A 74 0.12 12.67 1.79
C ILE A 74 1.44 13.20 1.26
N VAL A 75 2.45 12.34 1.23
CA VAL A 75 3.76 12.73 0.71
C VAL A 75 3.71 12.90 -0.80
N ARG A 76 4.00 14.11 -1.24
CA ARG A 76 3.93 14.48 -2.65
C ARG A 76 5.17 14.03 -3.43
N ASP A 77 5.73 12.90 -3.05
CA ASP A 77 6.95 12.42 -3.69
C ASP A 77 6.62 11.76 -5.04
N ASP A 78 7.51 11.91 -5.99
CA ASP A 78 7.30 11.40 -7.35
C ASP A 78 7.63 9.92 -7.42
N ILE A 79 6.60 9.08 -7.59
CA ILE A 79 6.82 7.64 -7.68
C ILE A 79 7.65 7.27 -8.93
N THR A 80 7.70 8.18 -9.89
CA THR A 80 8.50 7.97 -11.10
C THR A 80 9.99 8.01 -10.77
N SER A 81 10.33 8.72 -9.69
CA SER A 81 11.69 8.80 -9.20
C SER A 81 11.65 9.04 -7.70
N PRO A 82 11.30 8.00 -6.93
CA PRO A 82 10.92 8.14 -5.52
C PRO A 82 12.11 8.36 -4.58
N ARG A 83 11.79 8.84 -3.39
CA ARG A 83 12.78 9.01 -2.35
C ARG A 83 12.98 7.68 -1.65
N MET A 84 14.05 6.98 -2.00
CA MET A 84 14.32 5.67 -1.44
C MET A 84 14.44 5.73 0.07
N GLU A 85 14.92 6.85 0.58
CA GLU A 85 15.10 7.03 2.02
C GLU A 85 13.74 7.07 2.74
N ILE A 86 12.68 7.46 2.03
CA ILE A 86 11.35 7.46 2.63
C ILE A 86 10.84 6.03 2.79
N TYR A 87 11.23 5.16 1.86
CA TYR A 87 10.82 3.76 1.91
C TYR A 87 11.76 2.94 2.80
N ARG A 88 13.02 3.37 2.88
CA ARG A 88 14.03 2.65 3.65
C ARG A 88 13.66 2.57 5.12
N GLY A 89 13.48 1.35 5.59
CA GLY A 89 13.13 1.13 6.98
C GLY A 89 11.68 0.72 7.15
N ALA A 90 10.94 0.73 6.05
CA ALA A 90 9.54 0.32 6.08
C ALA A 90 9.44 -1.18 6.30
N ALA A 91 8.39 -1.60 7.00
CA ALA A 91 8.17 -3.00 7.29
C ALA A 91 7.32 -3.65 6.20
N LEU A 92 6.44 -2.85 5.61
CA LEU A 92 5.53 -3.35 4.59
C LEU A 92 5.13 -2.21 3.65
N ILE A 93 4.98 -2.54 2.37
CA ILE A 93 4.55 -1.58 1.38
C ILE A 93 3.45 -2.21 0.53
N TYR A 94 2.33 -1.53 0.37
CA TYR A 94 1.26 -2.09 -0.43
C TYR A 94 0.69 -1.05 -1.39
N SER A 95 -0.03 -1.53 -2.39
CA SER A 95 -0.55 -0.67 -3.44
C SER A 95 -1.98 -1.03 -3.79
N ILE A 96 -2.83 -0.03 -3.98
CA ILE A 96 -4.21 -0.26 -4.36
C ILE A 96 -4.43 0.13 -5.81
N ARG A 97 -4.31 -0.86 -6.70
CA ARG A 97 -4.53 -0.69 -8.13
C ARG A 97 -3.80 0.54 -8.71
N PRO A 98 -2.47 0.45 -8.84
CA PRO A 98 -1.65 1.50 -9.42
C PRO A 98 -1.45 1.30 -10.92
N PRO A 99 -1.03 2.35 -11.65
CA PRO A 99 -0.74 2.27 -13.08
C PRO A 99 0.17 1.09 -13.44
N ALA A 100 -0.15 0.43 -14.55
CA ALA A 100 0.52 -0.82 -14.94
C ALA A 100 1.88 -0.57 -15.57
N GLU A 101 2.43 0.61 -15.32
CA GLU A 101 3.71 1.00 -15.90
C GLU A 101 4.76 1.20 -14.82
N ILE A 102 4.34 1.34 -13.57
CA ILE A 102 5.26 1.63 -12.48
C ILE A 102 5.40 0.46 -11.51
N HIS A 103 4.73 -0.63 -11.82
CA HIS A 103 4.76 -1.82 -10.96
C HIS A 103 6.18 -2.38 -10.84
N SER A 104 6.90 -2.39 -11.96
CA SER A 104 8.28 -2.88 -11.97
C SER A 104 9.16 -2.03 -11.07
N SER A 105 8.83 -0.75 -10.95
CA SER A 105 9.57 0.15 -10.10
C SER A 105 9.26 -0.15 -8.64
N LEU A 106 7.99 -0.43 -8.35
CA LEU A 106 7.56 -0.77 -7.00
C LEU A 106 8.25 -2.04 -6.51
N MET A 107 8.35 -3.02 -7.40
CA MET A 107 8.97 -4.30 -7.08
C MET A 107 10.40 -4.13 -6.56
N ARG A 108 11.19 -3.32 -7.27
CA ARG A 108 12.58 -3.13 -6.87
C ARG A 108 12.70 -2.25 -5.64
N VAL A 109 11.72 -1.37 -5.42
CA VAL A 109 11.69 -0.55 -4.21
C VAL A 109 11.48 -1.43 -2.99
N ALA A 110 10.51 -2.33 -3.07
CA ALA A 110 10.24 -3.25 -1.97
C ALA A 110 11.47 -4.08 -1.65
N ASP A 111 12.11 -4.60 -2.70
CA ASP A 111 13.32 -5.41 -2.55
C ASP A 111 14.46 -4.58 -1.98
N ALA A 112 14.53 -3.32 -2.39
CA ALA A 112 15.60 -2.42 -1.96
C ALA A 112 15.48 -2.06 -0.48
N VAL A 113 14.26 -1.94 0.01
CA VAL A 113 14.05 -1.56 1.40
C VAL A 113 13.81 -2.77 2.29
N GLY A 114 13.35 -3.86 1.69
CA GLY A 114 13.15 -5.10 2.42
C GLY A 114 11.77 -5.20 3.02
N ALA A 115 10.77 -4.69 2.32
CA ALA A 115 9.40 -4.68 2.82
C ALA A 115 8.50 -5.58 2.00
N ARG A 116 7.52 -6.16 2.66
CA ARG A 116 6.55 -7.04 2.01
C ARG A 116 5.62 -6.21 1.13
N LEU A 117 5.61 -6.50 -0.17
CA LEU A 117 4.79 -5.76 -1.11
C LEU A 117 3.47 -6.49 -1.32
N ILE A 118 2.36 -5.80 -1.14
CA ILE A 118 1.05 -6.41 -1.31
C ILE A 118 0.18 -5.58 -2.23
N ILE A 119 -0.30 -6.18 -3.31
CA ILE A 119 -1.12 -5.47 -4.27
C ILE A 119 -2.39 -6.25 -4.57
N LYS A 120 -3.54 -5.64 -4.30
CA LYS A 120 -4.81 -6.23 -4.68
C LYS A 120 -5.51 -5.33 -5.69
N PRO A 121 -5.39 -5.67 -6.99
CA PRO A 121 -6.01 -4.91 -8.06
C PRO A 121 -7.45 -5.36 -8.34
N LEU A 122 -7.90 -5.10 -9.55
CA LEU A 122 -9.23 -5.52 -9.97
C LEU A 122 -9.25 -7.03 -10.22
N THR A 123 -10.45 -7.62 -10.24
CA THR A 123 -10.59 -9.05 -10.44
C THR A 123 -10.21 -9.47 -11.86
N GLY A 124 -10.32 -8.52 -12.79
CA GLY A 124 -9.91 -8.77 -14.16
C GLY A 124 -8.73 -7.92 -14.55
N GLU A 125 -7.94 -7.56 -13.56
CA GLU A 125 -6.79 -6.70 -13.77
C GLU A 125 -5.55 -7.35 -13.16
N ASP A 126 -4.51 -7.48 -13.97
CA ASP A 126 -3.28 -8.09 -13.52
C ASP A 126 -2.19 -7.02 -13.38
N ILE A 127 -1.10 -7.37 -12.71
CA ILE A 127 -0.02 -6.44 -12.49
C ILE A 127 0.91 -6.41 -13.71
N VAL A 128 0.88 -7.49 -14.49
CA VAL A 128 1.72 -7.63 -15.67
C VAL A 128 3.20 -7.60 -15.27
N THR A 129 3.48 -8.24 -14.15
CA THR A 129 4.85 -8.38 -13.67
C THR A 129 5.10 -9.85 -13.33
N GLU A 130 4.28 -10.72 -13.90
CA GLU A 130 4.27 -12.13 -13.58
C GLU A 130 5.65 -12.74 -13.75
N ARG A 131 6.30 -13.01 -12.62
CA ARG A 131 7.69 -13.44 -12.60
C ARG A 131 8.18 -13.66 -11.17
N LYS A 132 7.74 -12.81 -10.26
CA LYS A 132 8.36 -12.72 -8.95
C LYS A 132 7.35 -12.68 -7.80
N MET A 133 6.09 -12.36 -8.10
CA MET A 133 5.09 -12.24 -7.04
C MET A 133 4.28 -13.52 -6.90
N LYS A 134 3.51 -13.60 -5.82
CA LYS A 134 2.72 -14.79 -5.53
C LYS A 134 1.27 -14.42 -5.22
N LEU A 135 0.35 -15.31 -5.56
CA LEU A 135 -1.06 -15.09 -5.33
C LEU A 135 -1.50 -15.72 -4.00
N VAL A 136 -2.12 -14.92 -3.15
CA VAL A 136 -2.58 -15.38 -1.85
C VAL A 136 -4.08 -15.13 -1.68
N ASN A 137 -4.75 -16.01 -0.95
CA ASN A 137 -6.17 -15.87 -0.67
C ASN A 137 -6.40 -15.71 0.83
N TYR A 138 -6.96 -14.57 1.22
CA TYR A 138 -7.17 -14.26 2.62
C TYR A 138 -8.46 -13.45 2.78
N GLY A 139 -9.34 -13.90 3.67
CA GLY A 139 -10.56 -13.17 3.93
C GLY A 139 -11.49 -13.17 2.74
N ARG A 140 -11.54 -14.31 2.03
CA ARG A 140 -12.42 -14.51 0.88
C ARG A 140 -11.88 -13.81 -0.38
N THR A 141 -10.89 -12.95 -0.23
CA THR A 141 -10.34 -12.23 -1.36
C THR A 141 -8.98 -12.81 -1.75
N TYR A 142 -8.50 -12.44 -2.92
CA TYR A 142 -7.20 -12.90 -3.41
C TYR A 142 -6.38 -11.71 -3.88
N PHE A 143 -5.09 -11.74 -3.60
CA PHE A 143 -4.21 -10.64 -3.97
C PHE A 143 -2.80 -11.16 -4.22
N TYR A 144 -1.96 -10.30 -4.78
CA TYR A 144 -0.58 -10.65 -5.02
C TYR A 144 0.30 -10.07 -3.93
N GLU A 145 1.08 -10.91 -3.28
CA GLU A 145 2.03 -10.43 -2.29
C GLU A 145 3.45 -10.74 -2.75
N TYR A 146 4.40 -10.07 -2.15
CA TYR A 146 5.80 -10.27 -2.46
C TYR A 146 6.64 -10.11 -1.20
N ILE A 147 7.41 -11.14 -0.89
CA ILE A 147 8.29 -11.08 0.26
C ILE A 147 9.66 -10.59 -0.19
N ALA A 148 9.92 -9.31 0.05
CA ALA A 148 11.20 -8.75 -0.26
C ALA A 148 12.25 -9.26 0.72
N GLU A 149 13.32 -9.82 0.18
CA GLU A 149 14.40 -10.31 1.00
C GLU A 149 15.02 -9.21 1.83
N VAL A 150 15.53 -9.60 2.98
CA VAL A 150 16.17 -8.65 3.87
C VAL A 150 17.61 -8.46 3.46
N ARG A 151 18.00 -7.21 3.32
CA ARG A 151 19.35 -6.88 2.89
C ARG A 151 20.32 -7.01 4.06
N SER A 152 21.57 -7.30 3.74
CA SER A 152 22.56 -7.56 4.76
C SER A 152 23.10 -6.24 5.33
N ARG A 153 23.44 -6.26 6.61
CA ARG A 153 23.99 -5.10 7.28
C ARG A 153 25.46 -5.32 7.59
N MET A 1 -1.56 48.67 5.70
CA MET A 1 -0.88 48.36 4.42
C MET A 1 -1.28 46.97 3.93
N GLY A 2 -0.50 46.41 3.02
CA GLY A 2 -0.80 45.11 2.45
C GLY A 2 -0.97 44.04 3.51
N SER A 3 -2.19 43.57 3.66
CA SER A 3 -2.50 42.56 4.65
C SER A 3 -2.98 41.29 3.96
N SER A 4 -2.30 40.19 4.23
CA SER A 4 -2.63 38.91 3.61
C SER A 4 -3.63 38.14 4.47
N HIS A 5 -4.68 37.65 3.84
CA HIS A 5 -5.69 36.87 4.54
C HIS A 5 -5.46 35.38 4.33
N HIS A 6 -5.76 34.60 5.33
CA HIS A 6 -5.63 33.16 5.23
C HIS A 6 -6.99 32.52 5.07
N HIS A 7 -7.02 31.20 4.94
CA HIS A 7 -8.28 30.49 4.79
C HIS A 7 -8.90 30.30 6.16
N HIS A 8 -9.79 31.21 6.51
CA HIS A 8 -10.38 31.25 7.84
C HIS A 8 -11.86 30.89 7.76
N HIS A 9 -12.26 29.89 8.56
CA HIS A 9 -13.63 29.38 8.56
C HIS A 9 -13.98 28.78 7.20
N HIS A 10 -13.50 27.58 6.96
CA HIS A 10 -13.77 26.86 5.73
C HIS A 10 -14.01 25.40 6.05
N SER A 11 -14.89 24.74 5.29
CA SER A 11 -15.15 23.33 5.48
C SER A 11 -15.81 22.76 4.23
N SER A 12 -15.97 21.45 4.21
CA SER A 12 -16.55 20.77 3.07
C SER A 12 -17.19 19.46 3.52
N GLY A 13 -18.07 18.91 2.71
CA GLY A 13 -18.75 17.68 3.06
C GLY A 13 -18.04 16.46 2.49
N LEU A 14 -17.26 15.79 3.33
CA LEU A 14 -16.53 14.61 2.90
C LEU A 14 -17.48 13.44 2.70
N VAL A 15 -17.27 12.70 1.62
CA VAL A 15 -18.11 11.57 1.29
C VAL A 15 -17.52 10.27 1.83
N PRO A 16 -18.37 9.28 2.12
CA PRO A 16 -17.91 7.96 2.56
C PRO A 16 -17.23 7.20 1.42
N ARG A 17 -16.42 6.21 1.77
CA ARG A 17 -15.69 5.46 0.77
C ARG A 17 -16.21 4.03 0.69
N GLY A 18 -16.81 3.68 -0.45
CA GLY A 18 -17.34 2.36 -0.66
C GLY A 18 -16.24 1.31 -0.68
N SER A 19 -16.11 0.60 0.42
CA SER A 19 -15.06 -0.41 0.56
C SER A 19 -15.41 -1.38 1.69
N HIS A 20 -15.57 -2.64 1.37
CA HIS A 20 -15.98 -3.63 2.34
C HIS A 20 -15.00 -4.80 2.39
N MET A 21 -14.71 -5.39 1.24
CA MET A 21 -13.82 -6.55 1.17
C MET A 21 -12.37 -6.15 1.41
N TRP A 22 -12.10 -4.85 1.30
CA TRP A 22 -10.77 -4.29 1.57
C TRP A 22 -10.41 -4.45 3.05
N ASN A 23 -11.44 -4.65 3.87
CA ASN A 23 -11.27 -4.76 5.32
C ASN A 23 -10.27 -5.87 5.69
N ASP A 24 -10.49 -7.07 5.16
CA ASP A 24 -9.62 -8.20 5.46
C ASP A 24 -8.20 -7.96 4.94
N LEU A 25 -8.10 -7.26 3.82
CA LEU A 25 -6.80 -6.89 3.27
C LEU A 25 -6.02 -6.07 4.29
N ALA A 26 -6.68 -5.06 4.85
CA ALA A 26 -6.06 -4.20 5.86
C ALA A 26 -5.61 -5.03 7.06
N VAL A 27 -6.51 -5.89 7.54
CA VAL A 27 -6.21 -6.76 8.68
C VAL A 27 -4.96 -7.60 8.40
N TYR A 28 -4.88 -8.16 7.20
CA TYR A 28 -3.73 -8.97 6.80
C TYR A 28 -2.44 -8.14 6.85
N ILE A 29 -2.51 -6.94 6.29
CA ILE A 29 -1.36 -6.03 6.29
C ILE A 29 -0.96 -5.69 7.73
N ILE A 30 -1.96 -5.43 8.56
CA ILE A 30 -1.75 -5.13 9.97
C ILE A 30 -0.98 -6.26 10.66
N ARG A 31 -1.38 -7.50 10.39
CA ARG A 31 -0.77 -8.67 11.02
C ARG A 31 0.66 -8.87 10.51
N CYS A 32 0.90 -8.42 9.29
CA CYS A 32 2.22 -8.57 8.68
C CYS A 32 3.13 -7.39 9.00
N SER A 33 2.62 -6.41 9.73
CA SER A 33 3.41 -5.24 10.09
C SER A 33 3.48 -5.07 11.60
N GLY A 34 2.40 -4.58 12.20
CA GLY A 34 2.35 -4.38 13.63
C GLY A 34 2.59 -2.93 14.03
N PRO A 35 2.21 -2.56 15.26
CA PRO A 35 2.40 -1.20 15.75
C PRO A 35 3.86 -0.91 16.10
N GLY A 36 4.29 0.33 15.89
CA GLY A 36 5.64 0.72 16.23
C GLY A 36 6.59 0.70 15.05
N THR A 37 6.19 0.04 13.97
CA THR A 37 7.03 -0.05 12.78
C THR A 37 6.56 0.92 11.71
N ARG A 38 7.13 0.82 10.52
CA ARG A 38 6.82 1.73 9.42
C ARG A 38 6.18 0.98 8.26
N VAL A 39 5.13 1.55 7.71
CA VAL A 39 4.47 0.98 6.53
C VAL A 39 4.27 2.08 5.50
N VAL A 40 4.49 1.75 4.25
CA VAL A 40 4.30 2.70 3.16
C VAL A 40 3.40 2.09 2.10
N GLU A 41 2.48 2.87 1.56
CA GLU A 41 1.72 2.42 0.43
C GLU A 41 2.02 3.29 -0.79
N VAL A 42 1.80 2.73 -1.96
CA VAL A 42 1.96 3.46 -3.20
C VAL A 42 0.60 3.71 -3.84
N GLY A 43 0.10 4.92 -3.72
CA GLY A 43 -1.17 5.25 -4.32
C GLY A 43 -2.23 5.59 -3.31
N ALA A 44 -1.95 6.57 -2.46
CA ALA A 44 -2.90 7.02 -1.46
C ALA A 44 -3.91 7.97 -2.08
N GLY A 45 -4.86 7.39 -2.80
CA GLY A 45 -5.89 8.18 -3.45
C GLY A 45 -7.03 8.55 -2.52
N ARG A 46 -8.19 8.81 -3.10
CA ARG A 46 -9.36 9.22 -2.35
C ARG A 46 -9.90 8.08 -1.50
N PHE A 47 -9.45 6.86 -1.81
CA PHE A 47 -9.89 5.66 -1.12
C PHE A 47 -8.99 5.38 0.10
N LEU A 48 -8.95 6.33 1.02
CA LEU A 48 -8.10 6.23 2.21
C LEU A 48 -8.71 5.32 3.28
N TYR A 49 -9.39 4.26 2.85
CA TYR A 49 -10.02 3.34 3.77
C TYR A 49 -8.99 2.48 4.48
N VAL A 50 -8.13 1.82 3.70
CA VAL A 50 -7.14 0.91 4.24
C VAL A 50 -6.22 1.61 5.23
N SER A 51 -5.67 2.75 4.82
CA SER A 51 -4.76 3.51 5.68
C SER A 51 -5.43 3.94 6.97
N ASP A 52 -6.69 4.39 6.88
CA ASP A 52 -7.42 4.83 8.05
C ASP A 52 -7.72 3.67 8.97
N TYR A 53 -8.13 2.55 8.39
CA TYR A 53 -8.49 1.36 9.16
C TYR A 53 -7.28 0.83 9.92
N ILE A 54 -6.14 0.76 9.25
CA ILE A 54 -4.91 0.28 9.88
C ILE A 54 -4.51 1.17 11.04
N ARG A 55 -4.56 2.48 10.84
CA ARG A 55 -4.13 3.43 11.87
C ARG A 55 -5.16 3.51 13.00
N LYS A 56 -6.37 3.02 12.76
CA LYS A 56 -7.39 2.94 13.80
C LYS A 56 -7.05 1.84 14.80
N HIS A 57 -6.46 0.76 14.30
CA HIS A 57 -6.14 -0.40 15.13
C HIS A 57 -4.72 -0.32 15.66
N SER A 58 -3.75 -0.29 14.77
CA SER A 58 -2.35 -0.33 15.15
C SER A 58 -1.68 1.03 14.99
N LYS A 59 -0.95 1.44 16.02
CA LYS A 59 -0.15 2.65 15.96
C LYS A 59 1.10 2.38 15.14
N VAL A 60 0.89 2.11 13.86
CA VAL A 60 1.99 1.92 12.93
C VAL A 60 2.28 3.22 12.18
N ASP A 61 3.54 3.44 11.83
CA ASP A 61 3.91 4.63 11.09
C ASP A 61 3.61 4.44 9.61
N LEU A 62 2.39 4.80 9.22
CA LEU A 62 1.94 4.64 7.85
C LEU A 62 2.19 5.93 7.08
N VAL A 63 2.77 5.83 5.90
CA VAL A 63 3.10 7.00 5.09
C VAL A 63 2.30 7.01 3.80
N LEU A 64 1.48 8.04 3.64
CA LEU A 64 0.63 8.17 2.46
C LEU A 64 1.37 8.87 1.33
N THR A 65 1.36 8.26 0.16
CA THR A 65 1.99 8.84 -1.01
C THR A 65 0.95 9.13 -2.10
N ASP A 66 0.88 10.37 -2.53
CA ASP A 66 -0.07 10.78 -3.56
C ASP A 66 0.50 11.91 -4.38
N ILE A 67 0.33 11.82 -5.69
CA ILE A 67 0.80 12.86 -6.58
C ILE A 67 -0.05 14.10 -6.37
N LYS A 68 0.56 15.14 -5.80
CA LYS A 68 -0.17 16.34 -5.40
C LYS A 68 -1.18 15.96 -4.31
N PRO A 69 -0.73 15.93 -3.04
CA PRO A 69 -1.54 15.45 -1.91
C PRO A 69 -2.95 16.00 -1.93
N SER A 70 -3.88 15.11 -2.23
CA SER A 70 -5.28 15.46 -2.38
C SER A 70 -5.88 15.93 -1.05
N HIS A 71 -5.42 15.36 0.05
CA HIS A 71 -6.08 15.58 1.33
C HIS A 71 -5.10 15.71 2.49
N GLY A 72 -4.78 16.96 2.84
CA GLY A 72 -4.07 17.25 4.08
C GLY A 72 -2.74 16.54 4.24
N GLY A 73 -2.68 15.63 5.21
CA GLY A 73 -1.41 15.02 5.60
C GLY A 73 -0.98 13.87 4.70
N ILE A 74 -0.83 14.16 3.42
CA ILE A 74 -0.31 13.19 2.47
C ILE A 74 1.02 13.68 1.92
N VAL A 75 1.96 12.78 1.71
CA VAL A 75 3.25 13.15 1.15
C VAL A 75 3.14 13.32 -0.36
N ARG A 76 3.78 14.35 -0.88
CA ARG A 76 3.71 14.69 -2.30
C ARG A 76 4.57 13.74 -3.14
N ASP A 77 5.00 12.65 -2.55
CA ASP A 77 5.90 11.71 -3.21
C ASP A 77 5.15 11.00 -4.33
N ASP A 78 5.65 11.12 -5.55
CA ASP A 78 4.94 10.62 -6.71
C ASP A 78 5.52 9.30 -7.18
N ILE A 79 4.79 8.65 -8.09
CA ILE A 79 5.09 7.30 -8.52
C ILE A 79 6.29 7.23 -9.49
N THR A 80 6.66 8.37 -10.05
CA THR A 80 7.77 8.41 -11.01
C THR A 80 9.06 8.73 -10.29
N SER A 81 8.90 9.37 -9.14
CA SER A 81 10.02 9.91 -8.43
C SER A 81 9.87 9.67 -6.92
N PRO A 82 9.75 8.40 -6.50
CA PRO A 82 9.49 8.04 -5.11
C PRO A 82 10.74 8.16 -4.24
N ARG A 83 10.56 8.67 -3.03
CA ARG A 83 11.67 8.80 -2.09
C ARG A 83 11.94 7.48 -1.42
N MET A 84 13.09 6.93 -1.70
CA MET A 84 13.49 5.67 -1.09
C MET A 84 13.84 5.90 0.36
N GLU A 85 14.01 7.17 0.75
CA GLU A 85 14.25 7.52 2.14
C GLU A 85 12.98 7.27 2.95
N ILE A 86 11.85 7.28 2.26
CA ILE A 86 10.56 7.04 2.87
C ILE A 86 10.31 5.55 3.01
N TYR A 87 10.81 4.78 2.04
CA TYR A 87 10.61 3.33 2.04
C TYR A 87 11.63 2.63 2.94
N ARG A 88 12.87 3.12 2.96
CA ARG A 88 13.91 2.50 3.77
C ARG A 88 13.58 2.56 5.24
N GLY A 89 13.40 1.39 5.82
CA GLY A 89 13.04 1.30 7.22
C GLY A 89 11.63 0.77 7.41
N ALA A 90 10.89 0.69 6.32
CA ALA A 90 9.53 0.19 6.36
C ALA A 90 9.51 -1.33 6.44
N ALA A 91 8.49 -1.87 7.10
CA ALA A 91 8.36 -3.31 7.26
C ALA A 91 7.49 -3.90 6.17
N LEU A 92 6.67 -3.06 5.56
CA LEU A 92 5.75 -3.52 4.53
C LEU A 92 5.38 -2.38 3.58
N ILE A 93 5.22 -2.71 2.31
CA ILE A 93 4.81 -1.77 1.29
C ILE A 93 3.66 -2.35 0.49
N TYR A 94 2.55 -1.62 0.38
CA TYR A 94 1.41 -2.11 -0.37
C TYR A 94 0.93 -1.09 -1.39
N SER A 95 0.16 -1.54 -2.36
CA SER A 95 -0.34 -0.65 -3.40
C SER A 95 -1.75 -1.06 -3.83
N ILE A 96 -2.56 -0.06 -4.17
CA ILE A 96 -3.93 -0.31 -4.60
C ILE A 96 -4.10 0.10 -6.06
N ARG A 97 -4.26 -0.91 -6.92
CA ARG A 97 -4.40 -0.71 -8.37
C ARG A 97 -3.17 -0.01 -8.95
N PRO A 98 -2.09 -0.76 -9.21
CA PRO A 98 -0.87 -0.22 -9.78
C PRO A 98 -0.88 -0.23 -11.31
N PRO A 99 -0.49 0.90 -11.94
CA PRO A 99 -0.35 0.98 -13.39
C PRO A 99 0.65 -0.03 -13.92
N ALA A 100 0.34 -0.62 -15.07
CA ALA A 100 1.16 -1.71 -15.62
C ALA A 100 2.50 -1.22 -16.15
N GLU A 101 2.78 0.06 -15.96
CA GLU A 101 4.03 0.64 -16.43
C GLU A 101 5.07 0.71 -15.31
N ILE A 102 4.63 0.65 -14.06
CA ILE A 102 5.52 0.91 -12.94
C ILE A 102 5.71 -0.30 -12.03
N HIS A 103 5.24 -1.45 -12.49
CA HIS A 103 5.37 -2.69 -11.71
C HIS A 103 6.83 -2.96 -11.33
N SER A 104 7.71 -2.89 -12.32
CA SER A 104 9.13 -3.17 -12.13
C SER A 104 9.77 -2.15 -11.19
N SER A 105 9.19 -0.95 -11.16
CA SER A 105 9.70 0.12 -10.33
C SER A 105 9.43 -0.16 -8.86
N LEU A 106 8.25 -0.71 -8.59
CA LEU A 106 7.86 -1.05 -7.23
C LEU A 106 8.62 -2.27 -6.73
N MET A 107 8.75 -3.26 -7.61
CA MET A 107 9.40 -4.52 -7.27
C MET A 107 10.83 -4.29 -6.75
N ARG A 108 11.56 -3.39 -7.40
CA ARG A 108 12.93 -3.13 -7.00
C ARG A 108 13.00 -2.36 -5.69
N VAL A 109 11.99 -1.54 -5.42
CA VAL A 109 11.97 -0.76 -4.19
C VAL A 109 11.78 -1.66 -2.98
N ALA A 110 10.85 -2.60 -3.09
CA ALA A 110 10.61 -3.54 -2.00
C ALA A 110 11.84 -4.38 -1.75
N ASP A 111 12.45 -4.85 -2.83
CA ASP A 111 13.66 -5.67 -2.74
C ASP A 111 14.82 -4.88 -2.15
N ALA A 112 14.85 -3.59 -2.45
CA ALA A 112 15.92 -2.71 -1.97
C ALA A 112 15.81 -2.46 -0.47
N VAL A 113 14.59 -2.21 0.01
CA VAL A 113 14.41 -1.85 1.41
C VAL A 113 14.20 -3.08 2.29
N GLY A 114 13.74 -4.16 1.69
CA GLY A 114 13.54 -5.39 2.43
C GLY A 114 12.19 -5.44 3.13
N ALA A 115 11.14 -5.22 2.36
CA ALA A 115 9.79 -5.22 2.91
C ALA A 115 8.88 -6.11 2.09
N ARG A 116 7.76 -6.52 2.68
CA ARG A 116 6.78 -7.30 1.95
C ARG A 116 5.94 -6.38 1.09
N LEU A 117 5.91 -6.66 -0.21
CA LEU A 117 5.12 -5.87 -1.13
C LEU A 117 3.76 -6.52 -1.35
N ILE A 118 2.70 -5.83 -0.97
CA ILE A 118 1.36 -6.37 -1.13
C ILE A 118 0.56 -5.54 -2.13
N ILE A 119 0.20 -6.15 -3.23
CA ILE A 119 -0.58 -5.48 -4.25
C ILE A 119 -1.93 -6.16 -4.39
N LYS A 120 -2.99 -5.38 -4.24
CA LYS A 120 -4.33 -5.92 -4.42
C LYS A 120 -4.94 -5.33 -5.69
N PRO A 121 -4.87 -6.07 -6.79
CA PRO A 121 -5.48 -5.67 -8.05
C PRO A 121 -6.94 -6.11 -8.15
N LEU A 122 -7.56 -5.82 -9.27
CA LEU A 122 -8.95 -6.16 -9.49
C LEU A 122 -9.07 -7.30 -10.49
N THR A 123 -10.24 -7.90 -10.58
CA THR A 123 -10.49 -8.98 -11.51
C THR A 123 -10.35 -8.51 -12.95
N GLY A 124 -9.31 -8.98 -13.63
CA GLY A 124 -9.04 -8.55 -14.99
C GLY A 124 -8.10 -7.36 -15.00
N GLU A 125 -8.21 -6.54 -13.97
CA GLU A 125 -7.33 -5.40 -13.78
C GLU A 125 -6.15 -5.84 -12.91
N ASP A 126 -5.25 -6.59 -13.53
CA ASP A 126 -4.22 -7.34 -12.82
C ASP A 126 -2.82 -6.78 -13.13
N ILE A 127 -1.80 -7.40 -12.56
CA ILE A 127 -0.41 -7.04 -12.84
C ILE A 127 -0.03 -7.48 -14.25
N VAL A 128 -0.71 -8.53 -14.73
CA VAL A 128 -0.47 -9.09 -16.06
C VAL A 128 0.96 -9.64 -16.12
N THR A 129 1.42 -10.16 -15.00
CA THR A 129 2.80 -10.59 -14.87
C THR A 129 2.89 -12.10 -14.59
N GLU A 130 2.54 -12.49 -13.37
CA GLU A 130 2.65 -13.87 -12.92
C GLU A 130 4.09 -14.36 -13.01
N ARG A 131 4.90 -14.00 -12.01
CA ARG A 131 6.31 -14.35 -12.01
C ARG A 131 6.91 -14.13 -10.63
N LYS A 132 7.07 -12.86 -10.27
CA LYS A 132 7.70 -12.47 -9.01
C LYS A 132 6.74 -12.60 -7.83
N MET A 133 5.54 -12.05 -7.97
CA MET A 133 4.61 -12.00 -6.87
C MET A 133 3.75 -13.26 -6.79
N LYS A 134 3.28 -13.55 -5.60
CA LYS A 134 2.50 -14.75 -5.33
C LYS A 134 1.07 -14.37 -4.97
N LEU A 135 0.12 -15.17 -5.42
CA LEU A 135 -1.29 -14.94 -5.15
C LEU A 135 -1.68 -15.51 -3.80
N VAL A 136 -2.21 -14.67 -2.94
CA VAL A 136 -2.62 -15.07 -1.60
C VAL A 136 -4.09 -14.79 -1.37
N ASN A 137 -4.75 -15.66 -0.63
CA ASN A 137 -6.14 -15.46 -0.24
C ASN A 137 -6.21 -15.20 1.26
N TYR A 138 -6.92 -14.15 1.65
CA TYR A 138 -7.12 -13.87 3.05
C TYR A 138 -8.47 -13.19 3.26
N GLY A 139 -9.39 -13.90 3.89
CA GLY A 139 -10.70 -13.35 4.14
C GLY A 139 -11.50 -13.21 2.88
N ARG A 140 -11.54 -14.30 2.08
CA ARG A 140 -12.31 -14.37 0.84
C ARG A 140 -11.63 -13.61 -0.30
N THR A 141 -11.08 -12.45 0.00
CA THR A 141 -10.45 -11.62 -1.00
C THR A 141 -9.06 -12.18 -1.37
N TYR A 142 -8.69 -12.01 -2.63
CA TYR A 142 -7.40 -12.47 -3.10
C TYR A 142 -6.53 -11.30 -3.56
N PHE A 143 -5.25 -11.40 -3.29
CA PHE A 143 -4.30 -10.36 -3.64
C PHE A 143 -2.92 -10.96 -3.84
N TYR A 144 -1.94 -10.13 -4.17
CA TYR A 144 -0.59 -10.61 -4.40
C TYR A 144 0.35 -10.06 -3.35
N GLU A 145 1.25 -10.88 -2.85
CA GLU A 145 2.28 -10.42 -1.95
C GLU A 145 3.65 -10.79 -2.52
N TYR A 146 4.67 -10.11 -2.05
CA TYR A 146 6.03 -10.42 -2.46
C TYR A 146 6.98 -10.26 -1.29
N ILE A 147 7.74 -11.30 -1.03
CA ILE A 147 8.74 -11.26 0.01
C ILE A 147 10.07 -10.85 -0.58
N ALA A 148 10.48 -9.62 -0.28
CA ALA A 148 11.77 -9.13 -0.71
C ALA A 148 12.88 -9.83 0.05
N GLU A 149 13.85 -10.35 -0.69
CA GLU A 149 15.00 -11.00 -0.10
C GLU A 149 15.82 -10.02 0.72
N VAL A 150 16.74 -10.59 1.49
CA VAL A 150 17.61 -9.79 2.32
C VAL A 150 18.87 -9.44 1.53
N ARG A 151 19.08 -8.16 1.32
CA ARG A 151 20.24 -7.70 0.58
C ARG A 151 21.42 -7.51 1.52
N SER A 152 22.21 -8.55 1.70
CA SER A 152 23.35 -8.49 2.60
C SER A 152 24.52 -9.29 2.04
N ARG A 153 25.72 -8.83 2.34
CA ARG A 153 26.93 -9.49 1.92
C ARG A 153 27.90 -9.56 3.10
N MET A 1 3.11 5.27 -20.58
CA MET A 1 2.88 4.43 -21.79
C MET A 1 1.45 3.90 -21.78
N GLY A 2 0.92 3.67 -22.98
CA GLY A 2 -0.48 3.28 -23.11
C GLY A 2 -0.71 1.81 -22.83
N SER A 3 -0.26 1.36 -21.67
CA SER A 3 -0.47 -0.02 -21.26
C SER A 3 -1.88 -0.19 -20.69
N SER A 4 -2.47 0.93 -20.29
CA SER A 4 -3.84 0.92 -19.81
C SER A 4 -4.73 1.72 -20.74
N HIS A 5 -5.27 1.04 -21.75
CA HIS A 5 -6.17 1.69 -22.71
C HIS A 5 -7.63 1.52 -22.26
N HIS A 6 -7.80 0.98 -21.06
CA HIS A 6 -9.11 0.80 -20.47
C HIS A 6 -9.50 2.00 -19.63
N HIS A 7 -9.09 3.18 -20.08
CA HIS A 7 -9.41 4.43 -19.40
C HIS A 7 -10.82 4.89 -19.76
N HIS A 8 -11.56 5.36 -18.76
CA HIS A 8 -12.92 5.82 -18.95
C HIS A 8 -13.07 7.21 -18.33
N HIS A 9 -13.61 8.14 -19.11
CA HIS A 9 -13.67 9.54 -18.71
C HIS A 9 -14.86 9.81 -17.80
N HIS A 10 -15.94 9.07 -18.01
CA HIS A 10 -17.17 9.28 -17.25
C HIS A 10 -17.17 8.49 -15.95
N SER A 11 -15.99 8.04 -15.54
CA SER A 11 -15.83 7.32 -14.28
C SER A 11 -16.13 8.25 -13.11
N SER A 12 -17.23 7.99 -12.43
CA SER A 12 -17.65 8.81 -11.31
C SER A 12 -17.13 8.21 -10.01
N GLY A 13 -17.32 6.90 -9.86
CA GLY A 13 -16.89 6.21 -8.67
C GLY A 13 -17.91 6.32 -7.55
N LEU A 14 -18.51 5.20 -7.20
CA LEU A 14 -19.51 5.17 -6.15
C LEU A 14 -18.87 5.24 -4.78
N VAL A 15 -19.31 6.20 -3.98
CA VAL A 15 -18.76 6.41 -2.66
C VAL A 15 -19.69 5.86 -1.59
N PRO A 16 -19.27 4.78 -0.91
CA PRO A 16 -20.02 4.20 0.21
C PRO A 16 -19.77 4.99 1.49
N ARG A 17 -20.40 4.59 2.59
CA ARG A 17 -20.22 5.29 3.85
C ARG A 17 -18.93 4.84 4.53
N GLY A 18 -18.43 3.70 4.10
CA GLY A 18 -17.18 3.18 4.63
C GLY A 18 -16.80 1.86 3.98
N SER A 19 -15.57 1.46 4.14
CA SER A 19 -15.10 0.20 3.60
C SER A 19 -15.35 -0.92 4.61
N HIS A 20 -15.61 -2.12 4.10
CA HIS A 20 -15.86 -3.27 4.96
C HIS A 20 -15.01 -4.46 4.51
N MET A 21 -15.01 -4.71 3.21
CA MET A 21 -14.23 -5.81 2.65
C MET A 21 -12.74 -5.48 2.71
N TRP A 22 -12.43 -4.23 2.40
CA TRP A 22 -11.05 -3.75 2.37
C TRP A 22 -10.46 -3.69 3.79
N ASN A 23 -11.34 -3.66 4.78
CA ASN A 23 -10.91 -3.59 6.18
C ASN A 23 -10.17 -4.85 6.59
N ASP A 24 -10.53 -5.97 5.97
CA ASP A 24 -9.88 -7.24 6.28
C ASP A 24 -8.49 -7.29 5.66
N LEU A 25 -8.35 -6.66 4.49
CA LEU A 25 -7.06 -6.49 3.85
C LEU A 25 -6.14 -5.68 4.77
N ALA A 26 -6.70 -4.63 5.35
CA ALA A 26 -5.99 -3.80 6.31
C ALA A 26 -5.52 -4.64 7.49
N VAL A 27 -6.42 -5.45 8.05
CA VAL A 27 -6.10 -6.33 9.16
C VAL A 27 -4.93 -7.25 8.81
N TYR A 28 -4.94 -7.80 7.59
CA TYR A 28 -3.86 -8.66 7.14
C TYR A 28 -2.54 -7.91 7.15
N ILE A 29 -2.55 -6.71 6.57
CA ILE A 29 -1.36 -5.87 6.54
C ILE A 29 -0.87 -5.58 7.96
N ILE A 30 -1.82 -5.31 8.85
CA ILE A 30 -1.54 -5.06 10.26
C ILE A 30 -0.87 -6.27 10.90
N ARG A 31 -1.30 -7.46 10.53
CA ARG A 31 -0.74 -8.69 11.09
C ARG A 31 0.68 -8.93 10.59
N CYS A 32 0.96 -8.45 9.39
CA CYS A 32 2.27 -8.64 8.79
C CYS A 32 3.24 -7.53 9.20
N SER A 33 2.72 -6.50 9.85
CA SER A 33 3.55 -5.40 10.32
C SER A 33 3.42 -5.21 11.82
N GLY A 34 2.36 -4.54 12.24
CA GLY A 34 2.13 -4.29 13.65
C GLY A 34 2.79 -3.01 14.13
N PRO A 35 2.47 -2.55 15.34
CA PRO A 35 3.07 -1.35 15.93
C PRO A 35 4.56 -1.55 16.19
N GLY A 36 5.35 -0.51 15.93
CA GLY A 36 6.78 -0.60 16.18
C GLY A 36 7.58 -0.63 14.90
N THR A 37 6.89 -0.75 13.78
CA THR A 37 7.55 -0.76 12.48
C THR A 37 6.95 0.31 11.60
N ARG A 38 7.29 0.34 10.31
CA ARG A 38 6.78 1.34 9.41
C ARG A 38 6.28 0.70 8.11
N VAL A 39 5.13 1.16 7.65
CA VAL A 39 4.50 0.64 6.43
C VAL A 39 4.20 1.79 5.48
N VAL A 40 4.43 1.56 4.18
CA VAL A 40 4.21 2.61 3.20
C VAL A 40 3.10 2.24 2.21
N GLU A 41 2.21 3.19 1.95
CA GLU A 41 1.14 2.99 0.99
C GLU A 41 1.40 3.81 -0.28
N VAL A 42 1.49 3.12 -1.40
CA VAL A 42 1.75 3.78 -2.69
C VAL A 42 0.45 4.03 -3.42
N GLY A 43 0.20 5.29 -3.76
CA GLY A 43 -1.02 5.64 -4.45
C GLY A 43 -2.07 6.18 -3.51
N ALA A 44 -1.61 6.72 -2.38
CA ALA A 44 -2.50 7.25 -1.36
C ALA A 44 -3.01 8.63 -1.74
N GLY A 45 -3.60 8.72 -2.91
CA GLY A 45 -4.16 9.97 -3.38
C GLY A 45 -5.63 10.08 -3.06
N ARG A 46 -6.43 9.21 -3.67
CA ARG A 46 -7.85 9.15 -3.37
C ARG A 46 -8.16 7.93 -2.52
N PHE A 47 -7.16 7.07 -2.34
CA PHE A 47 -7.31 5.87 -1.54
C PHE A 47 -6.58 6.02 -0.22
N LEU A 48 -7.33 6.28 0.84
CA LEU A 48 -6.76 6.45 2.17
C LEU A 48 -7.47 5.58 3.19
N TYR A 49 -8.61 5.02 2.79
CA TYR A 49 -9.46 4.26 3.70
C TYR A 49 -8.75 3.08 4.35
N VAL A 50 -7.79 2.49 3.65
CA VAL A 50 -7.03 1.36 4.20
C VAL A 50 -6.01 1.86 5.21
N SER A 51 -5.12 2.74 4.77
CA SER A 51 -4.06 3.25 5.62
C SER A 51 -4.62 3.98 6.84
N ASP A 52 -5.69 4.73 6.64
CA ASP A 52 -6.29 5.51 7.72
C ASP A 52 -6.86 4.59 8.79
N TYR A 53 -7.35 3.42 8.38
CA TYR A 53 -7.87 2.43 9.31
C TYR A 53 -6.73 1.79 10.10
N ILE A 54 -5.66 1.44 9.39
CA ILE A 54 -4.53 0.75 10.00
C ILE A 54 -3.92 1.55 11.15
N ARG A 55 -3.70 2.84 10.94
CA ARG A 55 -3.07 3.69 11.95
C ARG A 55 -3.97 3.90 13.17
N LYS A 56 -5.25 3.61 13.03
CA LYS A 56 -6.20 3.78 14.13
C LYS A 56 -6.17 2.59 15.08
N HIS A 57 -5.92 1.42 14.53
CA HIS A 57 -5.90 0.19 15.31
C HIS A 57 -4.47 -0.14 15.74
N SER A 58 -3.51 0.08 14.86
CA SER A 58 -2.12 -0.21 15.16
C SER A 58 -1.29 1.06 15.09
N LYS A 59 -0.46 1.28 16.11
CA LYS A 59 0.45 2.40 16.12
C LYS A 59 1.69 2.09 15.31
N VAL A 60 1.48 1.84 14.03
CA VAL A 60 2.55 1.61 13.08
C VAL A 60 2.84 2.90 12.32
N ASP A 61 4.11 3.15 12.00
CA ASP A 61 4.49 4.32 11.23
C ASP A 61 4.07 4.15 9.77
N LEU A 62 2.86 4.57 9.44
CA LEU A 62 2.35 4.37 8.10
C LEU A 62 2.57 5.63 7.26
N VAL A 63 3.34 5.48 6.19
CA VAL A 63 3.71 6.60 5.34
C VAL A 63 2.88 6.59 4.06
N LEU A 64 2.29 7.74 3.76
CA LEU A 64 1.53 7.90 2.53
C LEU A 64 2.29 8.81 1.57
N THR A 65 2.39 8.42 0.30
CA THR A 65 3.02 9.25 -0.70
C THR A 65 2.03 9.61 -1.82
N ASP A 66 1.98 10.89 -2.16
CA ASP A 66 1.04 11.37 -3.18
C ASP A 66 1.54 12.67 -3.78
N ILE A 67 1.25 12.88 -5.06
CA ILE A 67 1.66 14.09 -5.75
C ILE A 67 0.81 15.26 -5.29
N LYS A 68 1.39 16.09 -4.44
CA LYS A 68 0.69 17.24 -3.86
C LYS A 68 -0.55 16.76 -3.13
N PRO A 69 -0.37 16.25 -1.90
CA PRO A 69 -1.44 15.61 -1.11
C PRO A 69 -2.71 16.44 -1.02
N SER A 70 -3.84 15.78 -1.26
CA SER A 70 -5.14 16.41 -1.15
C SER A 70 -5.65 16.34 0.28
N HIS A 71 -4.92 15.62 1.12
CA HIS A 71 -5.28 15.44 2.52
C HIS A 71 -4.07 15.62 3.42
N GLY A 72 -4.31 15.77 4.71
CA GLY A 72 -3.23 15.96 5.65
C GLY A 72 -2.67 14.66 6.14
N GLY A 73 -1.35 14.59 6.26
CA GLY A 73 -0.70 13.39 6.73
C GLY A 73 -0.01 12.64 5.61
N ILE A 74 -0.14 13.15 4.40
CA ILE A 74 0.46 12.53 3.24
C ILE A 74 1.77 13.23 2.89
N VAL A 75 2.76 12.46 2.50
CA VAL A 75 4.05 12.98 2.11
C VAL A 75 3.99 13.52 0.68
N ARG A 76 4.67 14.62 0.44
CA ARG A 76 4.64 15.30 -0.86
C ARG A 76 5.62 14.66 -1.86
N ASP A 77 6.07 13.46 -1.54
CA ASP A 77 6.99 12.73 -2.42
C ASP A 77 6.19 11.93 -3.45
N ASP A 78 6.65 11.94 -4.69
CA ASP A 78 5.89 11.34 -5.77
C ASP A 78 6.46 9.98 -6.17
N ILE A 79 5.83 9.31 -7.13
CA ILE A 79 6.16 7.92 -7.45
C ILE A 79 7.18 7.81 -8.59
N THR A 80 7.25 8.81 -9.46
CA THR A 80 8.15 8.75 -10.59
C THR A 80 9.49 9.38 -10.19
N SER A 81 9.46 10.19 -9.15
CA SER A 81 10.67 10.76 -8.54
C SER A 81 10.65 10.53 -7.02
N PRO A 82 10.66 9.26 -6.58
CA PRO A 82 10.46 8.92 -5.17
C PRO A 82 11.75 8.96 -4.35
N ARG A 83 11.60 9.27 -3.08
CA ARG A 83 12.71 9.26 -2.14
C ARG A 83 12.86 7.89 -1.52
N MET A 84 13.95 7.21 -1.85
CA MET A 84 14.19 5.88 -1.32
C MET A 84 14.41 5.91 0.19
N GLU A 85 14.83 7.06 0.71
CA GLU A 85 15.05 7.21 2.15
C GLU A 85 13.74 7.12 2.92
N ILE A 86 12.63 7.33 2.23
CA ILE A 86 11.32 7.26 2.85
C ILE A 86 10.83 5.81 2.89
N TYR A 87 11.11 5.07 1.83
CA TYR A 87 10.67 3.69 1.72
C TYR A 87 11.61 2.76 2.49
N ARG A 88 12.90 3.08 2.51
CA ARG A 88 13.88 2.24 3.19
C ARG A 88 13.63 2.22 4.68
N GLY A 89 13.65 1.03 5.23
CA GLY A 89 13.36 0.84 6.64
C GLY A 89 11.96 0.30 6.85
N ALA A 90 11.11 0.48 5.85
CA ALA A 90 9.73 0.01 5.93
C ALA A 90 9.66 -1.50 5.87
N ALA A 91 8.72 -2.08 6.59
CA ALA A 91 8.57 -3.52 6.63
C ALA A 91 7.57 -3.99 5.57
N LEU A 92 6.71 -3.09 5.14
CA LEU A 92 5.67 -3.46 4.19
C LEU A 92 5.30 -2.27 3.32
N ILE A 93 5.10 -2.54 2.03
CA ILE A 93 4.68 -1.53 1.07
C ILE A 93 3.54 -2.09 0.23
N TYR A 94 2.41 -1.41 0.20
CA TYR A 94 1.28 -1.88 -0.57
C TYR A 94 0.72 -0.76 -1.45
N SER A 95 0.00 -1.15 -2.49
CA SER A 95 -0.54 -0.19 -3.43
C SER A 95 -1.90 -0.66 -3.95
N ILE A 96 -2.83 0.28 -4.04
CA ILE A 96 -4.17 -0.02 -4.49
C ILE A 96 -4.37 0.47 -5.93
N ARG A 97 -4.50 -0.49 -6.86
CA ARG A 97 -4.69 -0.18 -8.27
C ARG A 97 -3.49 0.60 -8.84
N PRO A 98 -2.37 -0.09 -9.09
CA PRO A 98 -1.19 0.52 -9.70
C PRO A 98 -1.29 0.54 -11.22
N PRO A 99 -0.65 1.53 -11.87
CA PRO A 99 -0.59 1.60 -13.33
C PRO A 99 0.06 0.36 -13.93
N ALA A 100 -0.27 0.07 -15.18
CA ALA A 100 0.20 -1.15 -15.83
C ALA A 100 1.64 -1.03 -16.31
N GLU A 101 2.31 0.07 -15.97
CA GLU A 101 3.69 0.27 -16.38
C GLU A 101 4.63 0.22 -15.19
N ILE A 102 4.10 0.29 -13.97
CA ILE A 102 4.95 0.27 -12.79
C ILE A 102 4.56 -0.87 -11.84
N HIS A 103 4.97 -2.07 -12.19
CA HIS A 103 4.77 -3.24 -11.35
C HIS A 103 6.12 -3.74 -10.86
N SER A 104 7.03 -3.91 -11.79
CA SER A 104 8.38 -4.31 -11.46
C SER A 104 9.13 -3.12 -10.88
N SER A 105 8.65 -1.93 -11.22
CA SER A 105 9.21 -0.68 -10.70
C SER A 105 8.92 -0.58 -9.21
N LEU A 106 7.73 -1.00 -8.82
CA LEU A 106 7.34 -1.04 -7.42
C LEU A 106 8.05 -2.19 -6.71
N MET A 107 8.17 -3.31 -7.42
CA MET A 107 8.82 -4.48 -6.87
C MET A 107 10.29 -4.21 -6.56
N ARG A 108 10.96 -3.45 -7.42
CA ARG A 108 12.38 -3.14 -7.20
C ARG A 108 12.54 -2.21 -6.00
N VAL A 109 11.50 -1.44 -5.69
CA VAL A 109 11.52 -0.58 -4.51
C VAL A 109 11.40 -1.43 -3.25
N ALA A 110 10.44 -2.35 -3.25
CA ALA A 110 10.27 -3.28 -2.15
C ALA A 110 11.53 -4.10 -1.96
N ASP A 111 12.10 -4.53 -3.08
CA ASP A 111 13.33 -5.32 -3.10
C ASP A 111 14.50 -4.52 -2.50
N ALA A 112 14.52 -3.23 -2.80
CA ALA A 112 15.58 -2.33 -2.33
C ALA A 112 15.46 -2.05 -0.84
N VAL A 113 14.24 -1.85 -0.37
CA VAL A 113 14.03 -1.45 1.01
C VAL A 113 13.85 -2.66 1.94
N GLY A 114 13.42 -3.76 1.37
CA GLY A 114 13.23 -4.98 2.13
C GLY A 114 11.85 -5.08 2.74
N ALA A 115 10.84 -4.72 1.97
CA ALA A 115 9.47 -4.71 2.47
C ALA A 115 8.59 -5.65 1.68
N ARG A 116 7.51 -6.09 2.30
CA ARG A 116 6.54 -6.95 1.63
C ARG A 116 5.64 -6.09 0.75
N LEU A 117 5.62 -6.39 -0.53
CA LEU A 117 4.82 -5.64 -1.49
C LEU A 117 3.45 -6.30 -1.67
N ILE A 118 2.39 -5.58 -1.34
CA ILE A 118 1.04 -6.09 -1.51
C ILE A 118 0.30 -5.30 -2.59
N ILE A 119 -0.16 -6.00 -3.62
CA ILE A 119 -0.87 -5.38 -4.71
C ILE A 119 -2.26 -5.98 -4.84
N LYS A 120 -3.26 -5.12 -5.00
CA LYS A 120 -4.62 -5.58 -5.24
C LYS A 120 -5.05 -5.25 -6.67
N PRO A 121 -4.97 -6.26 -7.56
CA PRO A 121 -5.46 -6.14 -8.93
C PRO A 121 -6.91 -6.62 -9.05
N LEU A 122 -7.48 -6.45 -10.24
CA LEU A 122 -8.85 -6.87 -10.49
C LEU A 122 -8.87 -8.22 -11.20
N THR A 123 -10.02 -8.87 -11.20
CA THR A 123 -10.17 -10.19 -11.82
C THR A 123 -9.98 -10.11 -13.34
N GLY A 124 -10.15 -8.91 -13.90
CA GLY A 124 -10.00 -8.73 -15.33
C GLY A 124 -8.69 -8.04 -15.68
N GLU A 125 -7.76 -8.05 -14.73
CA GLU A 125 -6.47 -7.40 -14.91
C GLU A 125 -5.35 -8.42 -14.80
N ASP A 126 -4.14 -7.91 -14.82
CA ASP A 126 -2.95 -8.73 -14.65
C ASP A 126 -1.87 -7.90 -13.97
N ILE A 127 -0.79 -8.53 -13.55
CA ILE A 127 0.30 -7.82 -12.91
C ILE A 127 1.44 -7.59 -13.90
N VAL A 128 1.43 -8.37 -14.99
CA VAL A 128 2.44 -8.27 -16.05
C VAL A 128 3.82 -8.75 -15.56
N THR A 129 3.97 -8.92 -14.25
CA THR A 129 5.21 -9.36 -13.67
C THR A 129 5.35 -10.88 -13.80
N GLU A 130 6.43 -11.41 -13.25
CA GLU A 130 6.72 -12.84 -13.32
C GLU A 130 6.04 -13.58 -12.17
N ARG A 131 6.43 -14.82 -11.96
CA ARG A 131 5.90 -15.64 -10.86
C ARG A 131 6.55 -15.24 -9.53
N LYS A 132 6.79 -13.94 -9.38
CA LYS A 132 7.47 -13.40 -8.20
C LYS A 132 6.54 -13.32 -7.00
N MET A 133 5.31 -12.89 -7.25
CA MET A 133 4.37 -12.63 -6.17
C MET A 133 3.52 -13.88 -5.90
N LYS A 134 2.85 -13.88 -4.76
CA LYS A 134 2.04 -15.02 -4.35
C LYS A 134 0.62 -14.58 -4.00
N LEU A 135 -0.35 -15.39 -4.39
CA LEU A 135 -1.75 -15.09 -4.14
C LEU A 135 -2.12 -15.47 -2.72
N VAL A 136 -2.74 -14.53 -2.02
CA VAL A 136 -3.18 -14.76 -0.64
C VAL A 136 -4.68 -14.51 -0.51
N ASN A 137 -5.34 -15.38 0.24
CA ASN A 137 -6.77 -15.25 0.46
C ASN A 137 -7.04 -14.97 1.93
N TYR A 138 -7.45 -13.75 2.24
CA TYR A 138 -7.70 -13.37 3.62
C TYR A 138 -9.05 -12.67 3.74
N GLY A 139 -10.01 -13.38 4.30
CA GLY A 139 -11.33 -12.81 4.49
C GLY A 139 -12.15 -12.85 3.21
N ARG A 140 -11.94 -13.90 2.42
CA ARG A 140 -12.68 -14.12 1.17
C ARG A 140 -12.20 -13.21 0.05
N THR A 141 -11.45 -12.17 0.41
CA THR A 141 -10.86 -11.30 -0.59
C THR A 141 -9.45 -11.78 -0.91
N TYR A 142 -9.06 -11.70 -2.16
CA TYR A 142 -7.76 -12.22 -2.59
C TYR A 142 -6.91 -11.10 -3.17
N PHE A 143 -5.62 -11.19 -2.89
CA PHE A 143 -4.66 -10.20 -3.33
C PHE A 143 -3.29 -10.87 -3.49
N TYR A 144 -2.32 -10.12 -4.01
CA TYR A 144 -0.98 -10.66 -4.21
C TYR A 144 0.01 -9.98 -3.29
N GLU A 145 0.79 -10.78 -2.57
CA GLU A 145 1.86 -10.24 -1.75
C GLU A 145 3.20 -10.72 -2.28
N TYR A 146 4.24 -9.98 -1.95
CA TYR A 146 5.59 -10.35 -2.32
C TYR A 146 6.54 -10.06 -1.18
N ILE A 147 7.26 -11.08 -0.75
CA ILE A 147 8.19 -10.94 0.35
C ILE A 147 9.57 -10.61 -0.18
N ALA A 148 9.98 -9.36 -0.02
CA ALA A 148 11.31 -8.94 -0.45
C ALA A 148 12.39 -9.68 0.32
N GLU A 149 13.15 -10.48 -0.41
CA GLU A 149 14.24 -11.25 0.16
C GLU A 149 15.43 -10.38 0.44
N VAL A 150 16.50 -11.04 0.88
CA VAL A 150 17.75 -10.35 1.14
C VAL A 150 18.56 -10.29 -0.14
N ARG A 151 19.15 -9.14 -0.43
CA ARG A 151 19.93 -8.95 -1.65
C ARG A 151 21.09 -9.95 -1.68
N SER A 152 21.30 -10.55 -2.83
CA SER A 152 22.34 -11.57 -2.98
C SER A 152 23.23 -11.26 -4.18
N ARG A 153 24.49 -10.98 -3.91
CA ARG A 153 25.46 -10.67 -4.92
C ARG A 153 26.87 -10.88 -4.38
N MET A 1 -20.69 -0.31 48.93
CA MET A 1 -20.25 0.32 47.66
C MET A 1 -20.47 -0.62 46.49
N GLY A 2 -20.23 -0.15 45.28
CA GLY A 2 -20.37 -0.97 44.12
C GLY A 2 -19.15 -0.92 43.23
N SER A 3 -19.30 -1.37 41.99
CA SER A 3 -18.22 -1.33 41.03
C SER A 3 -18.70 -0.66 39.75
N SER A 4 -17.85 -0.64 38.73
CA SER A 4 -18.21 -0.05 37.45
C SER A 4 -19.32 -0.85 36.77
N HIS A 5 -20.30 -0.15 36.24
CA HIS A 5 -21.41 -0.79 35.56
C HIS A 5 -21.53 -0.26 34.13
N HIS A 6 -21.92 -1.14 33.22
CA HIS A 6 -22.16 -0.76 31.84
C HIS A 6 -23.38 -1.50 31.31
N HIS A 7 -24.40 -0.74 30.94
CA HIS A 7 -25.68 -1.33 30.55
C HIS A 7 -26.04 -0.95 29.12
N HIS A 8 -26.15 -1.97 28.27
CA HIS A 8 -26.61 -1.80 26.89
C HIS A 8 -25.77 -0.79 26.11
N HIS A 9 -24.47 -0.88 26.27
CA HIS A 9 -23.55 -0.04 25.50
C HIS A 9 -22.44 -0.94 24.96
N HIS A 10 -22.76 -2.21 24.85
CA HIS A 10 -21.80 -3.21 24.41
C HIS A 10 -21.98 -3.53 22.92
N SER A 11 -20.92 -4.06 22.32
CA SER A 11 -20.96 -4.53 20.92
C SER A 11 -21.18 -3.38 19.94
N SER A 12 -20.93 -2.15 20.38
CA SER A 12 -21.11 -0.99 19.52
C SER A 12 -19.91 -0.78 18.61
N GLY A 13 -19.85 -1.58 17.56
CA GLY A 13 -18.77 -1.48 16.60
C GLY A 13 -19.09 -2.24 15.34
N LEU A 14 -20.06 -1.74 14.59
CA LEU A 14 -20.53 -2.42 13.39
C LEU A 14 -19.62 -2.15 12.20
N VAL A 15 -19.38 -3.18 11.42
CA VAL A 15 -18.59 -3.06 10.21
C VAL A 15 -19.48 -3.29 8.98
N PRO A 16 -19.93 -2.20 8.35
CA PRO A 16 -20.85 -2.26 7.22
C PRO A 16 -20.13 -2.44 5.88
N ARG A 17 -20.91 -2.40 4.81
CA ARG A 17 -20.36 -2.53 3.47
C ARG A 17 -20.03 -1.18 2.86
N GLY A 18 -19.80 -1.16 1.55
CA GLY A 18 -19.37 0.05 0.90
C GLY A 18 -17.86 0.13 0.82
N SER A 19 -17.23 0.02 1.98
CA SER A 19 -15.78 0.01 2.05
C SER A 19 -15.28 -1.38 2.46
N HIS A 20 -16.20 -2.34 2.47
CA HIS A 20 -15.91 -3.71 2.87
C HIS A 20 -14.80 -4.32 2.01
N MET A 21 -14.89 -4.06 0.69
CA MET A 21 -13.94 -4.61 -0.27
C MET A 21 -12.51 -4.14 0.05
N TRP A 22 -12.41 -3.02 0.73
CA TRP A 22 -11.12 -2.42 1.08
C TRP A 22 -10.72 -2.79 2.51
N ASN A 23 -11.71 -3.20 3.31
CA ASN A 23 -11.50 -3.42 4.74
C ASN A 23 -10.55 -4.58 5.00
N ASP A 24 -10.91 -5.77 4.51
CA ASP A 24 -10.09 -6.97 4.72
C ASP A 24 -8.70 -6.79 4.17
N LEU A 25 -8.59 -6.02 3.08
CA LEU A 25 -7.28 -5.69 2.51
C LEU A 25 -6.40 -5.01 3.56
N ALA A 26 -6.96 -3.97 4.20
CA ALA A 26 -6.24 -3.23 5.22
C ALA A 26 -5.93 -4.13 6.41
N VAL A 27 -6.91 -4.93 6.82
CA VAL A 27 -6.74 -5.88 7.92
C VAL A 27 -5.53 -6.76 7.69
N TYR A 28 -5.41 -7.30 6.48
CA TYR A 28 -4.30 -8.16 6.10
C TYR A 28 -2.97 -7.44 6.29
N ILE A 29 -2.93 -6.18 5.87
CA ILE A 29 -1.74 -5.35 5.99
C ILE A 29 -1.44 -5.04 7.46
N ILE A 30 -2.49 -4.70 8.20
CA ILE A 30 -2.39 -4.41 9.63
C ILE A 30 -1.83 -5.61 10.39
N ARG A 31 -2.34 -6.78 10.08
CA ARG A 31 -1.93 -8.01 10.75
C ARG A 31 -0.47 -8.34 10.47
N CYS A 32 0.03 -7.92 9.32
CA CYS A 32 1.40 -8.20 8.94
C CYS A 32 2.37 -7.18 9.54
N SER A 33 1.87 -5.98 9.78
CA SER A 33 2.71 -4.90 10.29
C SER A 33 2.65 -4.82 11.82
N GLY A 34 1.56 -4.26 12.33
CA GLY A 34 1.41 -4.12 13.77
C GLY A 34 1.83 -2.75 14.24
N PRO A 35 1.13 -2.18 15.24
CA PRO A 35 1.39 -0.83 15.75
C PRO A 35 2.86 -0.61 16.13
N GLY A 36 3.46 0.43 15.58
CA GLY A 36 4.84 0.73 15.87
C GLY A 36 5.77 0.36 14.75
N THR A 37 5.47 0.86 13.56
CA THR A 37 6.28 0.59 12.38
C THR A 37 5.87 1.56 11.27
N ARG A 38 6.45 1.39 10.09
CA ARG A 38 6.16 2.24 8.96
C ARG A 38 5.65 1.42 7.78
N VAL A 39 4.56 1.88 7.19
CA VAL A 39 3.99 1.25 6.01
C VAL A 39 3.88 2.29 4.91
N VAL A 40 4.33 1.95 3.71
CA VAL A 40 4.32 2.90 2.61
C VAL A 40 3.24 2.54 1.60
N GLU A 41 2.38 3.50 1.29
CA GLU A 41 1.32 3.30 0.32
C GLU A 41 1.62 4.08 -0.96
N VAL A 42 1.65 3.37 -2.07
CA VAL A 42 1.94 3.97 -3.36
C VAL A 42 0.64 4.27 -4.11
N GLY A 43 0.44 5.54 -4.46
CA GLY A 43 -0.76 5.94 -5.16
C GLY A 43 -1.86 6.32 -4.20
N ALA A 44 -1.47 6.90 -3.07
CA ALA A 44 -2.39 7.19 -1.98
C ALA A 44 -3.18 8.48 -2.22
N GLY A 45 -3.16 8.97 -3.45
CA GLY A 45 -3.83 10.23 -3.76
C GLY A 45 -5.30 10.25 -3.37
N ARG A 46 -5.99 9.14 -3.54
CA ARG A 46 -7.43 9.08 -3.25
C ARG A 46 -7.82 7.78 -2.56
N PHE A 47 -6.84 7.04 -2.07
CA PHE A 47 -7.12 5.75 -1.43
C PHE A 47 -6.80 5.81 0.05
N LEU A 48 -6.95 7.01 0.61
CA LEU A 48 -6.61 7.29 2.00
C LEU A 48 -7.39 6.43 3.00
N TYR A 49 -8.47 5.80 2.55
CA TYR A 49 -9.28 4.97 3.42
C TYR A 49 -8.47 3.84 4.03
N VAL A 50 -7.67 3.17 3.21
CA VAL A 50 -6.91 2.01 3.64
C VAL A 50 -5.88 2.40 4.69
N SER A 51 -5.03 3.36 4.33
CA SER A 51 -3.98 3.85 5.22
C SER A 51 -4.56 4.40 6.52
N ASP A 52 -5.64 5.15 6.41
CA ASP A 52 -6.25 5.74 7.60
C ASP A 52 -6.88 4.66 8.47
N TYR A 53 -7.49 3.65 7.86
CA TYR A 53 -8.08 2.56 8.61
C TYR A 53 -7.00 1.85 9.44
N ILE A 54 -5.81 1.75 8.88
CA ILE A 54 -4.67 1.17 9.59
C ILE A 54 -4.31 2.03 10.80
N ARG A 55 -4.07 3.32 10.57
CA ARG A 55 -3.66 4.23 11.63
C ARG A 55 -4.78 4.51 12.63
N LYS A 56 -6.01 4.20 12.25
CA LYS A 56 -7.15 4.34 13.15
C LYS A 56 -7.02 3.41 14.35
N HIS A 57 -6.53 2.21 14.10
CA HIS A 57 -6.38 1.21 15.16
C HIS A 57 -4.91 1.02 15.52
N SER A 58 -4.10 0.80 14.51
CA SER A 58 -2.68 0.57 14.71
C SER A 58 -1.91 1.88 14.71
N LYS A 59 -1.04 2.03 15.70
CA LYS A 59 -0.22 3.23 15.82
C LYS A 59 0.98 3.13 14.87
N VAL A 60 0.66 2.95 13.60
CA VAL A 60 1.66 2.80 12.55
C VAL A 60 1.85 4.09 11.78
N ASP A 61 3.11 4.40 11.48
CA ASP A 61 3.43 5.55 10.64
C ASP A 61 3.21 5.20 9.19
N LEU A 62 2.07 5.60 8.66
CA LEU A 62 1.75 5.30 7.29
C LEU A 62 2.30 6.39 6.38
N VAL A 63 3.15 5.99 5.45
CA VAL A 63 3.75 6.92 4.52
C VAL A 63 3.04 6.86 3.19
N LEU A 64 2.38 7.94 2.84
CA LEU A 64 1.60 8.01 1.62
C LEU A 64 2.41 8.67 0.52
N THR A 65 2.30 8.16 -0.70
CA THR A 65 3.01 8.73 -1.84
C THR A 65 2.07 8.94 -3.03
N ASP A 66 2.20 10.08 -3.69
CA ASP A 66 1.41 10.35 -4.91
C ASP A 66 1.94 11.63 -5.56
N ILE A 67 1.47 11.92 -6.77
CA ILE A 67 1.96 13.06 -7.53
C ILE A 67 1.21 14.33 -7.15
N LYS A 68 1.88 15.18 -6.38
CA LYS A 68 1.32 16.45 -5.91
C LYS A 68 0.02 16.25 -5.14
N PRO A 69 0.10 15.80 -3.89
CA PRO A 69 -1.07 15.65 -3.02
C PRO A 69 -1.56 17.00 -2.49
N SER A 70 -2.83 17.06 -2.15
CA SER A 70 -3.40 18.27 -1.59
C SER A 70 -4.40 17.93 -0.49
N HIS A 71 -4.56 16.64 -0.24
CA HIS A 71 -5.47 16.16 0.77
C HIS A 71 -4.88 14.94 1.47
N GLY A 72 -4.62 15.08 2.76
CA GLY A 72 -4.04 13.98 3.52
C GLY A 72 -2.55 14.18 3.75
N GLY A 73 -1.98 13.40 4.66
CA GLY A 73 -0.56 13.47 4.92
C GLY A 73 0.24 12.67 3.90
N ILE A 74 0.11 13.07 2.64
CA ILE A 74 0.78 12.37 1.55
C ILE A 74 2.09 13.07 1.20
N VAL A 75 3.12 12.28 1.00
CA VAL A 75 4.41 12.78 0.58
C VAL A 75 4.39 13.10 -0.91
N ARG A 76 4.99 14.21 -1.29
CA ARG A 76 4.99 14.65 -2.69
C ARG A 76 6.12 13.97 -3.46
N ASP A 77 6.36 12.70 -3.17
CA ASP A 77 7.43 11.95 -3.82
C ASP A 77 7.01 11.55 -5.22
N ASP A 78 7.85 11.89 -6.19
CA ASP A 78 7.61 11.49 -7.57
C ASP A 78 7.85 10.00 -7.72
N ILE A 79 6.78 9.23 -7.67
CA ILE A 79 6.85 7.76 -7.77
C ILE A 79 7.52 7.31 -9.07
N THR A 80 7.59 8.22 -10.04
CA THR A 80 8.27 7.95 -11.30
C THR A 80 9.78 7.77 -11.07
N SER A 81 10.27 8.35 -9.98
CA SER A 81 11.67 8.23 -9.58
C SER A 81 11.78 8.44 -8.07
N PRO A 82 11.29 7.46 -7.30
CA PRO A 82 11.13 7.60 -5.85
C PRO A 82 12.46 7.56 -5.08
N ARG A 83 12.44 8.09 -3.87
CA ARG A 83 13.60 8.08 -3.00
C ARG A 83 13.59 6.89 -2.07
N MET A 84 14.67 6.12 -2.07
CA MET A 84 14.77 4.91 -1.26
C MET A 84 14.74 5.24 0.23
N GLU A 85 15.13 6.47 0.56
CA GLU A 85 15.18 6.94 1.95
C GLU A 85 13.78 6.93 2.59
N ILE A 86 12.76 6.93 1.76
CA ILE A 86 11.39 6.95 2.25
C ILE A 86 10.89 5.52 2.53
N TYR A 87 11.44 4.57 1.78
CA TYR A 87 11.01 3.19 1.88
C TYR A 87 11.87 2.40 2.86
N ARG A 88 13.14 2.77 2.98
CA ARG A 88 14.06 2.04 3.83
C ARG A 88 13.68 2.17 5.29
N GLY A 89 13.30 1.05 5.87
CA GLY A 89 12.87 1.03 7.25
C GLY A 89 11.41 0.62 7.37
N ALA A 90 10.68 0.71 6.27
CA ALA A 90 9.27 0.32 6.25
C ALA A 90 9.13 -1.18 6.36
N ALA A 91 8.05 -1.62 6.99
CA ALA A 91 7.80 -3.05 7.15
C ALA A 91 6.96 -3.58 6.00
N LEU A 92 6.17 -2.72 5.40
CA LEU A 92 5.29 -3.13 4.32
C LEU A 92 5.08 -1.99 3.33
N ILE A 93 5.01 -2.34 2.05
CA ILE A 93 4.78 -1.37 0.99
C ILE A 93 3.65 -1.89 0.08
N TYR A 94 2.61 -1.12 -0.08
CA TYR A 94 1.48 -1.56 -0.90
C TYR A 94 0.98 -0.46 -1.80
N SER A 95 0.26 -0.84 -2.84
CA SER A 95 -0.26 0.11 -3.81
C SER A 95 -1.59 -0.38 -4.36
N ILE A 96 -2.47 0.56 -4.70
CA ILE A 96 -3.79 0.22 -5.21
C ILE A 96 -3.93 0.68 -6.66
N ARG A 97 -4.22 -0.28 -7.55
CA ARG A 97 -4.40 -0.01 -8.98
C ARG A 97 -3.24 0.81 -9.55
N PRO A 98 -2.04 0.20 -9.61
CA PRO A 98 -0.83 0.89 -10.02
C PRO A 98 -0.61 0.87 -11.52
N PRO A 99 -0.07 1.97 -12.08
CA PRO A 99 0.28 2.06 -13.49
C PRO A 99 1.38 1.06 -13.87
N ALA A 100 1.29 0.51 -15.07
CA ALA A 100 2.25 -0.50 -15.54
C ALA A 100 3.56 0.14 -15.97
N GLU A 101 4.05 1.08 -15.17
CA GLU A 101 5.34 1.70 -15.41
C GLU A 101 6.16 1.74 -14.14
N ILE A 102 5.52 1.43 -13.00
CA ILE A 102 6.21 1.48 -11.71
C ILE A 102 6.14 0.14 -11.00
N HIS A 103 5.39 -0.80 -11.56
CA HIS A 103 5.17 -2.11 -10.94
C HIS A 103 6.49 -2.87 -10.81
N SER A 104 7.33 -2.77 -11.83
CA SER A 104 8.63 -3.42 -11.82
C SER A 104 9.56 -2.72 -10.83
N SER A 105 9.39 -1.41 -10.72
CA SER A 105 10.21 -0.60 -9.83
C SER A 105 9.86 -0.90 -8.37
N LEU A 106 8.59 -1.20 -8.12
CA LEU A 106 8.14 -1.57 -6.79
C LEU A 106 8.84 -2.82 -6.29
N MET A 107 9.03 -3.79 -7.19
CA MET A 107 9.72 -5.03 -6.87
C MET A 107 11.13 -4.75 -6.33
N ARG A 108 11.92 -4.00 -7.11
CA ARG A 108 13.30 -3.72 -6.72
C ARG A 108 13.37 -2.88 -5.44
N VAL A 109 12.37 -2.03 -5.22
CA VAL A 109 12.35 -1.21 -4.02
C VAL A 109 12.01 -2.05 -2.79
N ALA A 110 11.00 -2.89 -2.91
CA ALA A 110 10.60 -3.76 -1.81
C ALA A 110 11.75 -4.66 -1.40
N ASP A 111 12.37 -5.27 -2.40
CA ASP A 111 13.46 -6.21 -2.18
C ASP A 111 14.68 -5.52 -1.59
N ALA A 112 14.84 -4.25 -1.94
CA ALA A 112 15.95 -3.46 -1.43
C ALA A 112 15.78 -3.14 0.05
N VAL A 113 14.58 -2.75 0.44
CA VAL A 113 14.32 -2.33 1.81
C VAL A 113 13.95 -3.51 2.71
N GLY A 114 13.38 -4.55 2.10
CA GLY A 114 13.03 -5.74 2.86
C GLY A 114 11.62 -5.65 3.42
N ALA A 115 10.67 -5.25 2.58
CA ALA A 115 9.29 -5.09 3.01
C ALA A 115 8.36 -5.94 2.16
N ARG A 116 7.16 -6.18 2.69
CA ARG A 116 6.15 -6.95 1.98
C ARG A 116 5.43 -6.06 0.99
N LEU A 117 5.56 -6.37 -0.28
CA LEU A 117 4.93 -5.59 -1.33
C LEU A 117 3.55 -6.15 -1.64
N ILE A 118 2.51 -5.36 -1.45
CA ILE A 118 1.16 -5.80 -1.73
C ILE A 118 0.53 -4.90 -2.78
N ILE A 119 0.03 -5.51 -3.85
CA ILE A 119 -0.63 -4.77 -4.90
C ILE A 119 -2.11 -5.13 -4.94
N LYS A 120 -2.95 -4.10 -4.90
CA LYS A 120 -4.40 -4.28 -4.96
C LYS A 120 -4.91 -3.87 -6.34
N PRO A 121 -5.01 -4.83 -7.27
CA PRO A 121 -5.60 -4.57 -8.58
C PRO A 121 -7.08 -4.90 -8.62
N LEU A 122 -7.71 -4.75 -9.78
CA LEU A 122 -9.09 -5.19 -9.95
C LEU A 122 -9.16 -6.70 -9.99
N THR A 123 -10.23 -7.26 -9.46
CA THR A 123 -10.43 -8.69 -9.53
C THR A 123 -10.70 -9.10 -10.99
N GLY A 124 -9.64 -9.52 -11.66
CA GLY A 124 -9.76 -9.90 -13.05
C GLY A 124 -8.58 -9.41 -13.88
N GLU A 125 -7.85 -8.43 -13.36
CA GLU A 125 -6.69 -7.92 -14.06
C GLU A 125 -5.44 -8.58 -13.51
N ASP A 126 -4.35 -8.46 -14.23
CA ASP A 126 -3.10 -9.08 -13.84
C ASP A 126 -1.97 -8.05 -13.85
N ILE A 127 -0.89 -8.37 -13.18
CA ILE A 127 0.29 -7.51 -13.22
C ILE A 127 1.18 -7.99 -14.36
N VAL A 128 1.20 -7.22 -15.43
CA VAL A 128 2.01 -7.56 -16.59
C VAL A 128 3.49 -7.31 -16.30
N THR A 129 4.09 -8.26 -15.58
CA THR A 129 5.46 -8.14 -15.15
C THR A 129 6.15 -9.52 -15.17
N GLU A 130 7.46 -9.51 -15.29
CA GLU A 130 8.25 -10.73 -15.16
C GLU A 130 8.63 -10.95 -13.69
N ARG A 131 8.55 -9.87 -12.91
CA ARG A 131 8.94 -9.92 -11.51
C ARG A 131 8.06 -10.90 -10.74
N LYS A 132 8.67 -11.65 -9.82
CA LYS A 132 7.99 -12.73 -9.14
C LYS A 132 7.14 -12.27 -7.97
N MET A 133 5.87 -12.59 -8.04
CA MET A 133 4.93 -12.28 -6.97
C MET A 133 3.99 -13.46 -6.78
N LYS A 134 3.19 -13.42 -5.72
CA LYS A 134 2.28 -14.52 -5.43
C LYS A 134 0.87 -14.02 -5.21
N LEU A 135 -0.10 -14.82 -5.64
CA LEU A 135 -1.50 -14.51 -5.44
C LEU A 135 -1.91 -14.87 -4.02
N VAL A 136 -2.72 -14.03 -3.41
CA VAL A 136 -3.24 -14.29 -2.06
C VAL A 136 -4.73 -13.99 -2.00
N ASN A 137 -5.47 -14.89 -1.40
CA ASN A 137 -6.91 -14.73 -1.23
C ASN A 137 -7.22 -14.42 0.23
N TYR A 138 -7.72 -13.22 0.50
CA TYR A 138 -8.02 -12.82 1.86
C TYR A 138 -9.21 -11.87 1.90
N GLY A 139 -10.24 -12.26 2.64
CA GLY A 139 -11.38 -11.38 2.85
C GLY A 139 -12.14 -11.09 1.58
N ARG A 140 -12.71 -12.13 0.97
CA ARG A 140 -13.56 -12.02 -0.23
C ARG A 140 -12.75 -11.65 -1.47
N THR A 141 -11.77 -10.77 -1.30
CA THR A 141 -10.96 -10.30 -2.41
C THR A 141 -9.66 -11.10 -2.51
N TYR A 142 -9.08 -11.11 -3.69
CA TYR A 142 -7.73 -11.64 -3.85
C TYR A 142 -6.85 -10.55 -4.42
N PHE A 143 -5.56 -10.67 -4.14
CA PHE A 143 -4.59 -9.67 -4.58
C PHE A 143 -3.22 -10.31 -4.72
N TYR A 144 -2.22 -9.52 -5.07
CA TYR A 144 -0.88 -10.03 -5.28
C TYR A 144 0.09 -9.44 -4.26
N GLU A 145 0.88 -10.29 -3.64
CA GLU A 145 1.87 -9.83 -2.66
C GLU A 145 3.25 -10.39 -2.99
N TYR A 146 4.25 -9.77 -2.41
CA TYR A 146 5.62 -10.26 -2.50
C TYR A 146 6.33 -10.02 -1.19
N ILE A 147 6.91 -11.06 -0.63
CA ILE A 147 7.64 -10.93 0.61
C ILE A 147 9.12 -10.72 0.32
N ALA A 148 9.55 -9.48 0.39
CA ALA A 148 10.96 -9.17 0.21
C ALA A 148 11.72 -9.53 1.46
N GLU A 149 12.31 -10.71 1.44
CA GLU A 149 13.00 -11.25 2.61
C GLU A 149 14.36 -10.60 2.79
N VAL A 150 14.83 -10.60 4.03
CA VAL A 150 16.13 -10.04 4.37
C VAL A 150 17.22 -11.03 3.94
N ARG A 151 18.38 -10.50 3.55
CA ARG A 151 19.48 -11.35 3.10
C ARG A 151 20.01 -12.18 4.27
N SER A 152 20.55 -13.34 3.96
CA SER A 152 21.03 -14.25 4.98
C SER A 152 22.41 -13.84 5.49
N ARG A 153 22.42 -13.08 6.57
CA ARG A 153 23.66 -12.67 7.20
C ARG A 153 23.91 -13.51 8.43
N MET A 1 -11.00 -21.31 -16.23
CA MET A 1 -11.67 -20.48 -17.27
C MET A 1 -10.76 -19.34 -17.69
N GLY A 2 -11.17 -18.62 -18.73
CA GLY A 2 -10.39 -17.50 -19.21
C GLY A 2 -11.16 -16.69 -20.23
N SER A 3 -10.97 -17.02 -21.50
CA SER A 3 -11.67 -16.35 -22.61
C SER A 3 -11.39 -14.85 -22.61
N SER A 4 -10.13 -14.51 -22.81
CA SER A 4 -9.70 -13.12 -22.82
C SER A 4 -9.70 -12.59 -24.26
N HIS A 5 -9.84 -11.28 -24.39
CA HIS A 5 -9.82 -10.63 -25.69
C HIS A 5 -9.12 -9.29 -25.58
N HIS A 6 -8.49 -8.85 -26.68
CA HIS A 6 -7.80 -7.58 -26.71
C HIS A 6 -8.79 -6.43 -26.55
N HIS A 7 -8.85 -5.89 -25.35
CA HIS A 7 -9.80 -4.84 -25.02
C HIS A 7 -9.21 -3.92 -23.96
N HIS A 8 -9.38 -2.63 -24.14
CA HIS A 8 -8.90 -1.66 -23.16
C HIS A 8 -10.09 -0.92 -22.56
N HIS A 9 -10.12 -0.84 -21.24
CA HIS A 9 -11.20 -0.17 -20.54
C HIS A 9 -11.08 1.34 -20.64
N HIS A 10 -12.22 2.01 -20.55
CA HIS A 10 -12.27 3.46 -20.64
C HIS A 10 -11.81 4.10 -19.33
N SER A 11 -11.46 5.36 -19.41
CA SER A 11 -11.11 6.13 -18.22
C SER A 11 -12.21 7.13 -17.89
N SER A 12 -12.96 6.83 -16.84
CA SER A 12 -14.06 7.68 -16.41
C SER A 12 -14.14 7.73 -14.89
N GLY A 13 -14.95 8.64 -14.37
CA GLY A 13 -15.12 8.77 -12.94
C GLY A 13 -16.05 7.70 -12.40
N LEU A 14 -15.52 6.50 -12.24
CA LEU A 14 -16.31 5.37 -11.75
C LEU A 14 -16.56 5.51 -10.25
N VAL A 15 -17.73 5.07 -9.81
CA VAL A 15 -18.11 5.19 -8.42
C VAL A 15 -17.60 3.99 -7.61
N PRO A 16 -16.72 4.23 -6.63
CA PRO A 16 -16.17 3.18 -5.77
C PRO A 16 -17.17 2.72 -4.72
N ARG A 17 -17.02 1.49 -4.25
CA ARG A 17 -17.92 0.94 -3.25
C ARG A 17 -17.34 1.12 -1.86
N GLY A 18 -17.76 0.28 -0.92
CA GLY A 18 -17.22 0.33 0.41
C GLY A 18 -15.86 -0.32 0.50
N SER A 19 -15.18 -0.11 1.62
CA SER A 19 -13.82 -0.59 1.80
C SER A 19 -13.78 -1.93 2.53
N HIS A 20 -14.84 -2.72 2.37
CA HIS A 20 -14.96 -4.01 3.05
C HIS A 20 -13.75 -4.90 2.79
N MET A 21 -13.30 -4.95 1.54
CA MET A 21 -12.18 -5.81 1.16
C MET A 21 -10.86 -5.26 1.69
N TRP A 22 -10.86 -4.01 2.07
CA TRP A 22 -9.66 -3.35 2.53
C TRP A 22 -9.56 -3.38 4.06
N ASN A 23 -10.72 -3.44 4.71
CA ASN A 23 -10.78 -3.54 6.18
C ASN A 23 -10.00 -4.74 6.67
N ASP A 24 -10.29 -5.92 6.11
CA ASP A 24 -9.66 -7.14 6.55
C ASP A 24 -8.24 -7.23 6.00
N LEU A 25 -8.03 -6.62 4.84
CA LEU A 25 -6.69 -6.53 4.27
C LEU A 25 -5.75 -5.80 5.23
N ALA A 26 -6.24 -4.69 5.76
CA ALA A 26 -5.48 -3.90 6.72
C ALA A 26 -5.08 -4.75 7.92
N VAL A 27 -6.02 -5.56 8.43
CA VAL A 27 -5.74 -6.47 9.53
C VAL A 27 -4.55 -7.37 9.21
N TYR A 28 -4.55 -7.94 8.02
CA TYR A 28 -3.46 -8.78 7.55
C TYR A 28 -2.14 -8.01 7.56
N ILE A 29 -2.19 -6.78 7.04
CA ILE A 29 -1.03 -5.91 7.00
C ILE A 29 -0.55 -5.58 8.41
N ILE A 30 -1.49 -5.22 9.27
CA ILE A 30 -1.22 -4.91 10.67
C ILE A 30 -0.53 -6.08 11.37
N ARG A 31 -1.04 -7.27 11.12
CA ARG A 31 -0.53 -8.47 11.78
C ARG A 31 0.83 -8.87 11.23
N CYS A 32 1.16 -8.40 10.04
CA CYS A 32 2.45 -8.67 9.43
C CYS A 32 3.48 -7.60 9.83
N SER A 33 3.01 -6.50 10.38
CA SER A 33 3.90 -5.42 10.81
C SER A 33 3.66 -5.05 12.28
N GLY A 34 2.71 -4.15 12.51
CA GLY A 34 2.37 -3.74 13.86
C GLY A 34 3.01 -2.43 14.25
N PRO A 35 2.84 -1.99 15.50
CA PRO A 35 3.39 -0.72 15.98
C PRO A 35 4.90 -0.78 16.15
N GLY A 36 5.54 0.38 16.08
CA GLY A 36 6.98 0.45 16.31
C GLY A 36 7.78 0.46 15.03
N THR A 37 7.13 0.17 13.92
CA THR A 37 7.80 0.14 12.63
C THR A 37 7.14 1.13 11.68
N ARG A 38 7.46 1.03 10.39
CA ARG A 38 6.91 1.92 9.39
C ARG A 38 6.30 1.13 8.23
N VAL A 39 5.12 1.55 7.78
CA VAL A 39 4.45 0.93 6.64
C VAL A 39 4.14 2.00 5.61
N VAL A 40 4.29 1.69 4.34
CA VAL A 40 4.06 2.68 3.28
C VAL A 40 2.84 2.32 2.45
N GLU A 41 1.94 3.30 2.29
CA GLU A 41 0.75 3.14 1.47
C GLU A 41 0.94 3.90 0.16
N VAL A 42 1.07 3.16 -0.93
CA VAL A 42 1.27 3.77 -2.24
C VAL A 42 -0.06 3.92 -2.96
N GLY A 43 -0.48 5.15 -3.18
CA GLY A 43 -1.75 5.40 -3.82
C GLY A 43 -2.80 5.84 -2.83
N ALA A 44 -2.41 6.72 -1.92
CA ALA A 44 -3.31 7.22 -0.90
C ALA A 44 -4.09 8.43 -1.43
N GLY A 45 -4.05 9.53 -0.70
CA GLY A 45 -4.71 10.75 -1.13
C GLY A 45 -6.22 10.61 -1.12
N ARG A 46 -6.78 10.20 -2.25
CA ARG A 46 -8.21 9.95 -2.36
C ARG A 46 -8.59 8.70 -1.58
N PHE A 47 -7.61 7.83 -1.38
CA PHE A 47 -7.82 6.60 -0.62
C PHE A 47 -7.07 6.69 0.72
N LEU A 48 -7.82 6.80 1.81
CA LEU A 48 -7.22 6.89 3.14
C LEU A 48 -7.90 5.93 4.11
N TYR A 49 -8.88 5.17 3.61
CA TYR A 49 -9.67 4.30 4.46
C TYR A 49 -8.85 3.12 4.99
N VAL A 50 -7.83 2.71 4.26
CA VAL A 50 -6.98 1.60 4.69
C VAL A 50 -6.04 2.04 5.80
N SER A 51 -5.22 3.03 5.50
CA SER A 51 -4.20 3.52 6.43
C SER A 51 -4.81 4.04 7.73
N ASP A 52 -5.90 4.79 7.62
CA ASP A 52 -6.55 5.35 8.81
C ASP A 52 -7.14 4.25 9.68
N TYR A 53 -7.50 3.13 9.07
CA TYR A 53 -7.99 1.99 9.83
C TYR A 53 -6.85 1.35 10.62
N ILE A 54 -5.70 1.21 9.97
CA ILE A 54 -4.52 0.62 10.59
C ILE A 54 -4.07 1.43 11.80
N ARG A 55 -4.06 2.75 11.65
CA ARG A 55 -3.58 3.64 12.69
C ARG A 55 -4.52 3.65 13.91
N LYS A 56 -5.75 3.16 13.74
CA LYS A 56 -6.69 3.08 14.86
C LYS A 56 -6.18 2.11 15.91
N HIS A 57 -5.65 0.98 15.45
CA HIS A 57 -5.23 -0.10 16.34
C HIS A 57 -3.75 0.01 16.68
N SER A 58 -2.91 -0.01 15.65
CA SER A 58 -1.47 -0.01 15.86
C SER A 58 -0.87 1.37 15.64
N LYS A 59 -0.07 1.82 16.59
CA LYS A 59 0.67 3.06 16.42
C LYS A 59 1.91 2.78 15.58
N VAL A 60 1.67 2.43 14.34
CA VAL A 60 2.71 2.25 13.36
C VAL A 60 2.84 3.53 12.53
N ASP A 61 4.06 3.88 12.16
CA ASP A 61 4.26 5.07 11.33
C ASP A 61 3.88 4.75 9.90
N LEU A 62 2.64 5.10 9.54
CA LEU A 62 2.14 4.83 8.22
C LEU A 62 2.51 5.98 7.30
N VAL A 63 3.28 5.68 6.29
CA VAL A 63 3.72 6.67 5.32
C VAL A 63 2.83 6.63 4.09
N LEU A 64 2.10 7.70 3.87
CA LEU A 64 1.21 7.81 2.74
C LEU A 64 1.90 8.55 1.61
N THR A 65 1.98 7.95 0.45
CA THR A 65 2.57 8.62 -0.69
C THR A 65 1.50 9.00 -1.70
N ASP A 66 1.45 10.27 -2.05
CA ASP A 66 0.43 10.78 -2.95
C ASP A 66 0.92 12.06 -3.63
N ILE A 67 0.53 12.25 -4.88
CA ILE A 67 0.90 13.45 -5.62
C ILE A 67 0.11 14.64 -5.13
N LYS A 68 0.82 15.59 -4.52
CA LYS A 68 0.23 16.81 -4.00
C LYS A 68 -0.83 16.48 -2.93
N PRO A 69 -0.38 16.23 -1.69
CA PRO A 69 -1.28 15.81 -0.60
C PRO A 69 -2.20 16.92 -0.12
N SER A 70 -3.45 16.58 0.13
CA SER A 70 -4.42 17.52 0.65
C SER A 70 -4.35 17.57 2.18
N HIS A 71 -4.13 16.42 2.79
CA HIS A 71 -4.12 16.33 4.25
C HIS A 71 -2.69 16.41 4.78
N GLY A 72 -2.49 17.24 5.79
CA GLY A 72 -1.21 17.33 6.45
C GLY A 72 -0.87 16.05 7.18
N GLY A 73 0.00 15.26 6.58
CA GLY A 73 0.33 13.96 7.14
C GLY A 73 0.65 12.98 6.04
N ILE A 74 0.13 13.27 4.85
CA ILE A 74 0.45 12.51 3.66
C ILE A 74 1.76 13.05 3.08
N VAL A 75 2.62 12.17 2.60
CA VAL A 75 3.91 12.56 2.10
C VAL A 75 3.83 12.96 0.63
N ARG A 76 4.38 14.12 0.32
CA ARG A 76 4.38 14.65 -1.05
C ARG A 76 5.40 13.92 -1.93
N ASP A 77 5.37 12.60 -1.89
CA ASP A 77 6.26 11.79 -2.69
C ASP A 77 5.50 11.13 -3.82
N ASP A 78 5.87 11.45 -5.05
CA ASP A 78 5.20 10.90 -6.22
C ASP A 78 5.91 9.63 -6.69
N ILE A 79 5.12 8.58 -6.93
CA ILE A 79 5.68 7.26 -7.25
C ILE A 79 6.48 7.27 -8.57
N THR A 80 6.27 8.29 -9.38
CA THR A 80 7.02 8.43 -10.63
C THR A 80 8.44 8.96 -10.35
N SER A 81 8.58 9.71 -9.26
CA SER A 81 9.87 10.25 -8.86
C SER A 81 10.00 10.17 -7.33
N PRO A 82 10.06 8.96 -6.78
CA PRO A 82 10.01 8.74 -5.34
C PRO A 82 11.38 8.75 -4.68
N ARG A 83 11.41 9.14 -3.42
CA ARG A 83 12.63 9.08 -2.63
C ARG A 83 12.70 7.77 -1.87
N MET A 84 13.69 6.96 -2.21
CA MET A 84 13.88 5.66 -1.57
C MET A 84 14.14 5.82 -0.08
N GLU A 85 14.62 6.99 0.32
CA GLU A 85 14.89 7.28 1.73
C GLU A 85 13.61 7.21 2.56
N ILE A 86 12.47 7.36 1.90
CA ILE A 86 11.19 7.31 2.57
C ILE A 86 10.72 5.86 2.73
N TYR A 87 10.89 5.07 1.68
CA TYR A 87 10.45 3.68 1.70
C TYR A 87 11.40 2.82 2.52
N ARG A 88 12.68 3.19 2.52
CA ARG A 88 13.69 2.48 3.29
C ARG A 88 13.44 2.67 4.78
N GLY A 89 13.23 1.55 5.46
CA GLY A 89 12.89 1.59 6.87
C GLY A 89 11.50 1.06 7.12
N ALA A 90 10.77 0.82 6.04
CA ALA A 90 9.42 0.29 6.13
C ALA A 90 9.44 -1.23 6.12
N ALA A 91 8.58 -1.83 6.91
CA ALA A 91 8.50 -3.28 7.02
C ALA A 91 7.55 -3.85 5.97
N LEU A 92 6.64 -3.01 5.50
CA LEU A 92 5.64 -3.46 4.54
C LEU A 92 5.21 -2.30 3.66
N ILE A 93 4.97 -2.60 2.39
CA ILE A 93 4.54 -1.61 1.42
C ILE A 93 3.35 -2.16 0.62
N TYR A 94 2.23 -1.45 0.64
CA TYR A 94 1.08 -1.87 -0.14
C TYR A 94 0.62 -0.76 -1.06
N SER A 95 0.03 -1.14 -2.18
CA SER A 95 -0.42 -0.19 -3.18
C SER A 95 -1.85 -0.49 -3.60
N ILE A 96 -2.63 0.57 -3.79
CA ILE A 96 -4.03 0.43 -4.14
C ILE A 96 -4.23 0.60 -5.65
N ARG A 97 -4.15 -0.54 -6.34
CA ARG A 97 -4.27 -0.64 -7.81
C ARG A 97 -3.24 0.26 -8.51
N PRO A 98 -2.10 -0.33 -8.91
CA PRO A 98 -1.07 0.39 -9.64
C PRO A 98 -1.27 0.33 -11.15
N PRO A 99 -1.07 1.47 -11.85
CA PRO A 99 -1.14 1.53 -13.31
C PRO A 99 -0.22 0.51 -13.97
N ALA A 100 -0.54 0.15 -15.21
CA ALA A 100 0.15 -0.93 -15.91
C ALA A 100 1.54 -0.51 -16.41
N GLU A 101 2.18 0.40 -15.71
CA GLU A 101 3.48 0.90 -16.11
C GLU A 101 4.49 0.87 -14.95
N ILE A 102 3.99 0.89 -13.72
CA ILE A 102 4.87 1.03 -12.55
C ILE A 102 5.00 -0.28 -11.78
N HIS A 103 4.58 -1.37 -12.39
CA HIS A 103 4.68 -2.70 -11.79
C HIS A 103 6.12 -2.98 -11.37
N SER A 104 7.03 -2.83 -12.32
CA SER A 104 8.44 -3.09 -12.09
C SER A 104 8.99 -2.20 -10.99
N SER A 105 8.48 -0.97 -10.92
CA SER A 105 8.96 0.00 -9.95
C SER A 105 8.68 -0.48 -8.54
N LEU A 106 7.41 -0.77 -8.27
CA LEU A 106 6.98 -1.22 -6.96
C LEU A 106 7.73 -2.48 -6.53
N MET A 107 7.94 -3.38 -7.48
CA MET A 107 8.65 -4.63 -7.21
C MET A 107 10.08 -4.36 -6.78
N ARG A 108 10.78 -3.49 -7.51
CA ARG A 108 12.17 -3.20 -7.19
C ARG A 108 12.30 -2.27 -5.98
N VAL A 109 11.25 -1.51 -5.69
CA VAL A 109 11.23 -0.69 -4.47
C VAL A 109 11.17 -1.59 -3.25
N ALA A 110 10.25 -2.55 -3.26
CA ALA A 110 10.12 -3.50 -2.16
C ALA A 110 11.40 -4.30 -2.01
N ASP A 111 12.00 -4.62 -3.15
CA ASP A 111 13.27 -5.35 -3.21
C ASP A 111 14.40 -4.52 -2.61
N ALA A 112 14.39 -3.23 -2.93
CA ALA A 112 15.45 -2.32 -2.50
C ALA A 112 15.41 -2.07 -0.99
N VAL A 113 14.21 -1.87 -0.45
CA VAL A 113 14.05 -1.53 0.96
C VAL A 113 13.99 -2.77 1.82
N GLY A 114 13.55 -3.88 1.24
CA GLY A 114 13.44 -5.12 1.98
C GLY A 114 12.16 -5.20 2.78
N ALA A 115 11.03 -5.12 2.07
CA ALA A 115 9.73 -5.19 2.73
C ALA A 115 8.81 -6.11 1.96
N ARG A 116 7.63 -6.35 2.52
CA ARG A 116 6.62 -7.14 1.83
C ARG A 116 5.70 -6.22 1.05
N LEU A 117 5.59 -6.47 -0.25
CA LEU A 117 4.73 -5.70 -1.11
C LEU A 117 3.35 -6.35 -1.20
N ILE A 118 2.30 -5.57 -1.05
CA ILE A 118 0.95 -6.09 -1.17
C ILE A 118 0.15 -5.28 -2.19
N ILE A 119 -0.37 -5.96 -3.19
CA ILE A 119 -1.19 -5.34 -4.21
C ILE A 119 -2.56 -6.01 -4.25
N LYS A 120 -3.60 -5.23 -4.07
CA LYS A 120 -4.95 -5.75 -4.17
C LYS A 120 -5.69 -5.13 -5.35
N PRO A 121 -5.85 -5.89 -6.43
CA PRO A 121 -6.71 -5.50 -7.54
C PRO A 121 -8.16 -5.83 -7.22
N LEU A 122 -9.07 -5.35 -8.06
CA LEU A 122 -10.49 -5.61 -7.87
C LEU A 122 -10.80 -7.07 -8.15
N THR A 123 -11.88 -7.56 -7.56
CA THR A 123 -12.33 -8.92 -7.82
C THR A 123 -12.76 -9.06 -9.27
N GLY A 124 -11.98 -9.79 -10.04
CA GLY A 124 -12.26 -9.96 -11.45
C GLY A 124 -11.31 -9.19 -12.33
N GLU A 125 -10.39 -8.46 -11.71
CA GLU A 125 -9.39 -7.72 -12.45
C GLU A 125 -8.09 -8.52 -12.55
N ASP A 126 -7.05 -7.84 -13.01
CA ASP A 126 -5.75 -8.45 -13.21
C ASP A 126 -4.67 -7.40 -12.99
N ILE A 127 -3.43 -7.84 -12.84
CA ILE A 127 -2.31 -6.91 -12.69
C ILE A 127 -1.70 -6.65 -14.06
N VAL A 128 -1.97 -7.58 -15.00
CA VAL A 128 -1.39 -7.57 -16.35
C VAL A 128 0.09 -7.21 -16.33
N THR A 129 0.89 -8.11 -15.79
CA THR A 129 2.31 -7.87 -15.64
C THR A 129 3.10 -9.16 -15.81
N GLU A 130 4.40 -9.11 -15.53
CA GLU A 130 5.25 -10.28 -15.59
C GLU A 130 4.82 -11.29 -14.52
N ARG A 131 4.75 -12.56 -14.90
CA ARG A 131 4.25 -13.61 -14.01
C ARG A 131 5.13 -13.79 -12.78
N LYS A 132 4.77 -13.08 -11.72
CA LYS A 132 5.46 -13.15 -10.44
C LYS A 132 4.48 -12.92 -9.31
N MET A 133 5.01 -12.70 -8.10
CA MET A 133 4.19 -12.48 -6.90
C MET A 133 3.46 -13.75 -6.50
N LYS A 134 2.68 -13.67 -5.43
CA LYS A 134 1.93 -14.82 -4.96
C LYS A 134 0.50 -14.42 -4.59
N LEU A 135 -0.43 -15.32 -4.84
CA LEU A 135 -1.84 -15.07 -4.54
C LEU A 135 -2.17 -15.48 -3.12
N VAL A 136 -2.76 -14.56 -2.38
CA VAL A 136 -3.15 -14.80 -0.99
C VAL A 136 -4.60 -14.41 -0.76
N ASN A 137 -5.31 -15.20 0.02
CA ASN A 137 -6.70 -14.92 0.37
C ASN A 137 -6.84 -14.77 1.87
N TYR A 138 -7.00 -13.55 2.34
CA TYR A 138 -7.17 -13.30 3.77
C TYR A 138 -8.53 -12.66 4.01
N GLY A 139 -9.41 -13.39 4.66
CA GLY A 139 -10.75 -12.90 4.91
C GLY A 139 -11.65 -13.07 3.71
N ARG A 140 -11.33 -14.07 2.90
CA ARG A 140 -12.09 -14.39 1.68
C ARG A 140 -11.95 -13.30 0.62
N THR A 141 -11.05 -12.35 0.87
CA THR A 141 -10.71 -11.37 -0.15
C THR A 141 -9.30 -11.69 -0.67
N TYR A 142 -9.13 -11.66 -1.97
CA TYR A 142 -7.86 -12.09 -2.56
C TYR A 142 -7.00 -10.90 -2.92
N PHE A 143 -5.70 -11.09 -2.82
CA PHE A 143 -4.73 -10.08 -3.21
C PHE A 143 -3.41 -10.75 -3.54
N TYR A 144 -2.49 -9.99 -4.10
CA TYR A 144 -1.19 -10.52 -4.45
C TYR A 144 -0.13 -9.87 -3.59
N GLU A 145 0.65 -10.69 -2.90
CA GLU A 145 1.72 -10.16 -2.08
C GLU A 145 3.05 -10.58 -2.66
N TYR A 146 4.10 -9.89 -2.25
CA TYR A 146 5.44 -10.23 -2.66
C TYR A 146 6.39 -10.04 -1.50
N ILE A 147 7.18 -11.05 -1.22
CA ILE A 147 8.18 -10.96 -0.18
C ILE A 147 9.52 -10.75 -0.85
N ALA A 148 10.17 -9.64 -0.54
CA ALA A 148 11.48 -9.34 -1.11
C ALA A 148 12.49 -10.39 -0.68
N GLU A 149 12.63 -11.41 -1.52
CA GLU A 149 13.46 -12.56 -1.25
C GLU A 149 14.92 -12.26 -1.58
N VAL A 150 15.79 -13.17 -1.20
CA VAL A 150 17.21 -13.01 -1.46
C VAL A 150 17.49 -13.12 -2.96
N ARG A 151 18.25 -12.16 -3.47
CA ARG A 151 18.60 -12.14 -4.88
C ARG A 151 19.37 -13.40 -5.29
N SER A 152 18.75 -14.16 -6.16
CA SER A 152 19.34 -15.40 -6.66
C SER A 152 19.63 -15.24 -8.15
N ARG A 153 20.74 -15.80 -8.60
CA ARG A 153 21.10 -15.74 -10.01
C ARG A 153 20.47 -16.90 -10.77
N MET A 1 13.11 16.95 -7.46
CA MET A 1 14.53 17.40 -7.49
C MET A 1 14.63 18.88 -7.16
N GLY A 2 15.66 19.25 -6.40
CA GLY A 2 15.85 20.64 -6.03
C GLY A 2 15.59 20.86 -4.55
N SER A 3 15.37 22.10 -4.16
CA SER A 3 15.04 22.40 -2.78
C SER A 3 13.53 22.31 -2.56
N SER A 4 13.10 21.17 -2.06
CA SER A 4 11.68 20.90 -1.92
C SER A 4 11.22 21.22 -0.50
N HIS A 5 10.61 22.38 -0.33
CA HIS A 5 10.11 22.81 0.96
C HIS A 5 8.58 22.82 0.94
N HIS A 6 7.98 21.91 1.68
CA HIS A 6 6.53 21.81 1.74
C HIS A 6 6.04 21.81 3.18
N HIS A 7 4.95 22.52 3.42
CA HIS A 7 4.29 22.51 4.71
C HIS A 7 3.17 21.50 4.69
N HIS A 8 3.41 20.35 5.29
CA HIS A 8 2.48 19.23 5.20
C HIS A 8 1.40 19.33 6.27
N HIS A 9 0.29 19.95 5.91
CA HIS A 9 -0.88 19.99 6.78
C HIS A 9 -1.85 18.89 6.37
N HIS A 10 -2.25 18.07 7.33
CA HIS A 10 -3.15 16.95 7.05
C HIS A 10 -4.60 17.38 7.20
N SER A 11 -5.41 17.02 6.22
CA SER A 11 -6.84 17.28 6.26
C SER A 11 -7.56 16.00 6.68
N SER A 12 -8.85 16.12 6.98
CA SER A 12 -9.65 14.98 7.36
C SER A 12 -9.81 14.03 6.17
N GLY A 13 -9.33 12.81 6.33
CA GLY A 13 -9.43 11.85 5.25
C GLY A 13 -10.84 11.35 5.04
N LEU A 14 -11.36 11.57 3.85
CA LEU A 14 -12.71 11.14 3.52
C LEU A 14 -12.70 9.68 3.12
N VAL A 15 -13.30 8.84 3.95
CA VAL A 15 -13.37 7.41 3.69
C VAL A 15 -14.83 6.94 3.72
N PRO A 16 -15.24 6.18 2.70
CA PRO A 16 -16.57 5.60 2.64
C PRO A 16 -16.65 4.22 3.29
N ARG A 17 -17.76 3.96 3.98
CA ARG A 17 -17.95 2.68 4.63
C ARG A 17 -18.68 1.72 3.69
N GLY A 18 -17.92 0.86 3.04
CA GLY A 18 -18.51 -0.11 2.14
C GLY A 18 -17.46 -1.02 1.55
N SER A 19 -16.45 -1.32 2.34
CA SER A 19 -15.33 -2.11 1.88
C SER A 19 -14.99 -3.22 2.88
N HIS A 20 -15.76 -4.30 2.84
CA HIS A 20 -15.58 -5.40 3.79
C HIS A 20 -14.22 -6.08 3.58
N MET A 21 -14.04 -6.66 2.40
CA MET A 21 -12.82 -7.40 2.10
C MET A 21 -11.62 -6.48 2.05
N TRP A 22 -11.87 -5.19 1.87
CA TRP A 22 -10.79 -4.21 1.83
C TRP A 22 -10.29 -3.92 3.25
N ASN A 23 -11.18 -4.06 4.22
CA ASN A 23 -10.78 -3.93 5.62
C ASN A 23 -9.97 -5.15 6.03
N ASP A 24 -10.36 -6.31 5.50
CA ASP A 24 -9.60 -7.54 5.73
C ASP A 24 -8.21 -7.42 5.12
N LEU A 25 -8.14 -6.80 3.95
CA LEU A 25 -6.86 -6.47 3.32
C LEU A 25 -5.97 -5.72 4.30
N ALA A 26 -6.53 -4.68 4.90
CA ALA A 26 -5.82 -3.90 5.91
C ALA A 26 -5.39 -4.78 7.07
N VAL A 27 -6.33 -5.57 7.59
CA VAL A 27 -6.06 -6.51 8.68
C VAL A 27 -4.87 -7.41 8.33
N TYR A 28 -4.86 -7.94 7.12
CA TYR A 28 -3.78 -8.80 6.66
C TYR A 28 -2.44 -8.05 6.74
N ILE A 29 -2.44 -6.83 6.25
CA ILE A 29 -1.25 -5.98 6.28
C ILE A 29 -0.81 -5.74 7.73
N ILE A 30 -1.78 -5.46 8.58
CA ILE A 30 -1.53 -5.18 9.99
C ILE A 30 -0.91 -6.40 10.69
N ARG A 31 -1.40 -7.58 10.36
CA ARG A 31 -0.95 -8.81 11.00
C ARG A 31 0.46 -9.17 10.52
N CYS A 32 0.77 -8.79 9.29
CA CYS A 32 2.07 -9.10 8.72
C CYS A 32 3.14 -8.12 9.19
N SER A 33 2.72 -6.91 9.54
CA SER A 33 3.65 -5.86 9.95
C SER A 33 3.80 -5.83 11.47
N GLY A 34 2.79 -5.30 12.15
CA GLY A 34 2.86 -5.15 13.58
C GLY A 34 2.98 -3.69 13.99
N PRO A 35 2.21 -3.23 14.99
CA PRO A 35 2.24 -1.85 15.45
C PRO A 35 3.63 -1.41 15.90
N GLY A 36 4.05 -0.24 15.45
CA GLY A 36 5.38 0.24 15.79
C GLY A 36 6.35 0.05 14.64
N THR A 37 6.07 0.72 13.54
CA THR A 37 6.88 0.62 12.33
C THR A 37 6.29 1.55 11.27
N ARG A 38 6.71 1.41 10.03
CA ARG A 38 6.16 2.21 8.95
C ARG A 38 5.63 1.33 7.83
N VAL A 39 4.46 1.67 7.32
CA VAL A 39 3.87 0.98 6.18
C VAL A 39 3.54 2.00 5.10
N VAL A 40 4.10 1.81 3.92
CA VAL A 40 3.93 2.77 2.85
C VAL A 40 2.89 2.30 1.84
N GLU A 41 1.97 3.19 1.48
CA GLU A 41 0.98 2.88 0.47
C GLU A 41 1.27 3.66 -0.80
N VAL A 42 1.35 2.94 -1.90
CA VAL A 42 1.52 3.56 -3.21
C VAL A 42 0.16 3.74 -3.84
N GLY A 43 -0.31 4.98 -3.88
CA GLY A 43 -1.60 5.25 -4.44
C GLY A 43 -2.19 6.53 -3.91
N ALA A 44 -2.51 6.54 -2.62
CA ALA A 44 -3.02 7.74 -1.95
C ALA A 44 -4.23 8.32 -2.67
N GLY A 45 -5.04 7.44 -3.23
CA GLY A 45 -6.19 7.88 -3.99
C GLY A 45 -7.44 7.99 -3.14
N ARG A 46 -8.57 7.67 -3.74
CA ARG A 46 -9.86 7.80 -3.08
C ARG A 46 -10.25 6.49 -2.39
N PHE A 47 -9.24 5.74 -1.97
CA PHE A 47 -9.46 4.44 -1.36
C PHE A 47 -8.70 4.33 -0.05
N LEU A 48 -8.54 5.46 0.63
CA LEU A 48 -7.73 5.52 1.85
C LEU A 48 -8.42 4.86 3.04
N TYR A 49 -9.54 4.19 2.79
CA TYR A 49 -10.25 3.46 3.85
C TYR A 49 -9.41 2.29 4.35
N VAL A 50 -8.53 1.77 3.49
CA VAL A 50 -7.62 0.72 3.90
C VAL A 50 -6.53 1.28 4.82
N SER A 51 -5.86 2.31 4.34
CA SER A 51 -4.79 2.94 5.09
C SER A 51 -5.29 3.53 6.41
N ASP A 52 -6.46 4.16 6.37
CA ASP A 52 -7.05 4.75 7.57
C ASP A 52 -7.40 3.66 8.57
N TYR A 53 -7.99 2.57 8.10
CA TYR A 53 -8.35 1.45 8.97
C TYR A 53 -7.11 0.90 9.66
N ILE A 54 -5.99 0.88 8.95
CA ILE A 54 -4.74 0.42 9.51
C ILE A 54 -4.32 1.28 10.70
N ARG A 55 -4.38 2.60 10.55
CA ARG A 55 -3.96 3.51 11.62
C ARG A 55 -5.00 3.56 12.73
N LYS A 56 -6.22 3.10 12.44
CA LYS A 56 -7.28 3.05 13.43
C LYS A 56 -7.06 1.89 14.41
N HIS A 57 -6.54 0.78 13.89
CA HIS A 57 -6.38 -0.43 14.68
C HIS A 57 -4.92 -0.62 15.08
N SER A 58 -4.00 -0.29 14.18
CA SER A 58 -2.58 -0.46 14.43
C SER A 58 -1.90 0.88 14.59
N LYS A 59 -0.97 0.96 15.52
CA LYS A 59 -0.23 2.18 15.74
C LYS A 59 1.05 2.18 14.90
N VAL A 60 0.85 2.10 13.59
CA VAL A 60 1.93 2.13 12.64
C VAL A 60 1.99 3.47 11.91
N ASP A 61 3.20 3.98 11.70
CA ASP A 61 3.39 5.21 10.94
C ASP A 61 3.20 4.92 9.46
N LEU A 62 1.97 5.07 8.99
CA LEU A 62 1.64 4.75 7.61
C LEU A 62 1.95 5.94 6.71
N VAL A 63 2.72 5.69 5.67
CA VAL A 63 3.16 6.74 4.77
C VAL A 63 2.43 6.66 3.43
N LEU A 64 1.85 7.77 3.02
CA LEU A 64 1.18 7.86 1.73
C LEU A 64 1.96 8.78 0.81
N THR A 65 2.17 8.36 -0.44
CA THR A 65 2.89 9.17 -1.40
C THR A 65 2.07 9.31 -2.69
N ASP A 66 1.93 10.56 -3.15
CA ASP A 66 1.16 10.84 -4.37
C ASP A 66 1.51 12.23 -4.92
N ILE A 67 1.26 12.41 -6.20
CA ILE A 67 1.52 13.69 -6.84
C ILE A 67 0.36 14.64 -6.60
N LYS A 68 0.66 15.79 -5.99
CA LYS A 68 -0.33 16.80 -5.58
C LYS A 68 -1.58 16.16 -4.96
N PRO A 69 -1.45 15.58 -3.76
CA PRO A 69 -2.56 14.95 -3.06
C PRO A 69 -3.51 15.99 -2.45
N SER A 70 -4.80 15.79 -2.67
CA SER A 70 -5.81 16.72 -2.22
C SER A 70 -6.09 16.57 -0.72
N HIS A 71 -5.68 15.43 -0.16
CA HIS A 71 -5.94 15.12 1.24
C HIS A 71 -4.95 15.82 2.17
N GLY A 72 -3.90 16.38 1.59
CA GLY A 72 -2.96 17.18 2.37
C GLY A 72 -1.95 16.37 3.14
N GLY A 73 -2.42 15.40 3.92
CA GLY A 73 -1.54 14.62 4.79
C GLY A 73 -0.70 13.61 4.03
N ILE A 74 -0.95 13.51 2.74
CA ILE A 74 -0.20 12.61 1.88
C ILE A 74 1.08 13.29 1.40
N VAL A 75 2.20 12.57 1.44
CA VAL A 75 3.49 13.12 1.05
C VAL A 75 3.47 13.56 -0.41
N ARG A 76 4.03 14.72 -0.67
CA ARG A 76 3.93 15.36 -1.98
C ARG A 76 5.04 14.86 -2.92
N ASP A 77 5.69 13.77 -2.54
CA ASP A 77 6.80 13.24 -3.32
C ASP A 77 6.27 12.52 -4.55
N ASP A 78 6.91 12.76 -5.70
CA ASP A 78 6.47 12.18 -6.97
C ASP A 78 6.48 10.66 -6.91
N ILE A 79 5.31 10.06 -7.03
CA ILE A 79 5.21 8.61 -7.01
C ILE A 79 5.82 8.01 -8.28
N THR A 80 6.02 8.86 -9.29
CA THR A 80 6.63 8.45 -10.54
C THR A 80 8.15 8.54 -10.45
N SER A 81 8.63 9.19 -9.39
CA SER A 81 10.06 9.36 -9.16
C SER A 81 10.30 9.61 -7.67
N PRO A 82 10.01 8.61 -6.83
CA PRO A 82 9.99 8.77 -5.38
C PRO A 82 11.36 8.60 -4.75
N ARG A 83 11.55 9.25 -3.61
CA ARG A 83 12.79 9.12 -2.87
C ARG A 83 12.74 7.94 -1.92
N MET A 84 13.67 7.00 -2.12
CA MET A 84 13.69 5.75 -1.37
C MET A 84 14.03 5.97 0.10
N GLU A 85 14.44 7.19 0.44
CA GLU A 85 14.71 7.54 1.84
C GLU A 85 13.43 7.40 2.67
N ILE A 86 12.30 7.63 2.01
CA ILE A 86 11.00 7.55 2.65
C ILE A 86 10.60 6.09 2.88
N TYR A 87 10.90 5.24 1.90
CA TYR A 87 10.53 3.83 1.96
C TYR A 87 11.45 3.07 2.93
N ARG A 88 12.71 3.47 2.97
CA ARG A 88 13.65 2.84 3.90
C ARG A 88 13.24 3.09 5.34
N GLY A 89 12.89 2.02 6.01
CA GLY A 89 12.40 2.11 7.36
C GLY A 89 11.03 1.46 7.49
N ALA A 90 10.41 1.17 6.35
CA ALA A 90 9.10 0.54 6.33
C ALA A 90 9.22 -0.97 6.47
N ALA A 91 8.17 -1.58 7.01
CA ALA A 91 8.11 -3.03 7.17
C ALA A 91 7.28 -3.64 6.06
N LEU A 92 6.40 -2.84 5.47
CA LEU A 92 5.51 -3.32 4.43
C LEU A 92 5.14 -2.19 3.49
N ILE A 93 5.04 -2.50 2.20
CA ILE A 93 4.66 -1.52 1.19
C ILE A 93 3.58 -2.13 0.30
N TYR A 94 2.44 -1.47 0.20
CA TYR A 94 1.34 -2.00 -0.58
C TYR A 94 0.79 -0.93 -1.53
N SER A 95 0.05 -1.37 -2.53
CA SER A 95 -0.52 -0.45 -3.51
C SER A 95 -1.90 -0.93 -3.95
N ILE A 96 -2.78 0.02 -4.22
CA ILE A 96 -4.11 -0.29 -4.69
C ILE A 96 -4.31 0.26 -6.10
N ARG A 97 -4.41 -0.65 -7.07
CA ARG A 97 -4.56 -0.30 -8.48
C ARG A 97 -3.37 0.54 -8.97
N PRO A 98 -2.20 -0.08 -9.15
CA PRO A 98 -1.02 0.59 -9.68
C PRO A 98 -0.97 0.55 -11.20
N PRO A 99 -0.65 1.69 -11.84
CA PRO A 99 -0.47 1.79 -13.29
C PRO A 99 0.41 0.69 -13.85
N ALA A 100 0.06 0.20 -15.03
CA ALA A 100 0.76 -0.91 -15.67
C ALA A 100 2.10 -0.50 -16.25
N GLU A 101 2.86 0.29 -15.52
CA GLU A 101 4.18 0.69 -15.96
C GLU A 101 5.23 0.60 -14.84
N ILE A 102 4.78 0.69 -13.59
CA ILE A 102 5.70 0.78 -12.46
C ILE A 102 5.64 -0.44 -11.55
N HIS A 103 4.83 -1.42 -11.92
CA HIS A 103 4.69 -2.64 -11.12
C HIS A 103 6.05 -3.22 -10.69
N SER A 104 6.90 -3.49 -11.66
CA SER A 104 8.23 -4.05 -11.40
C SER A 104 9.09 -3.04 -10.64
N SER A 105 8.80 -1.76 -10.82
CA SER A 105 9.53 -0.69 -10.16
C SER A 105 9.27 -0.73 -8.66
N LEU A 106 8.05 -1.13 -8.29
CA LEU A 106 7.67 -1.25 -6.89
C LEU A 106 8.35 -2.44 -6.24
N MET A 107 8.45 -3.54 -6.98
CA MET A 107 9.07 -4.76 -6.47
C MET A 107 10.50 -4.52 -6.03
N ARG A 108 11.26 -3.77 -6.83
CA ARG A 108 12.66 -3.52 -6.52
C ARG A 108 12.78 -2.66 -5.26
N VAL A 109 11.80 -1.79 -5.03
CA VAL A 109 11.82 -0.92 -3.87
C VAL A 109 11.59 -1.74 -2.60
N ALA A 110 10.60 -2.62 -2.64
CA ALA A 110 10.31 -3.50 -1.51
C ALA A 110 11.52 -4.35 -1.17
N ASP A 111 12.15 -4.89 -2.21
CA ASP A 111 13.33 -5.72 -2.05
C ASP A 111 14.50 -4.93 -1.48
N ALA A 112 14.63 -3.69 -1.95
CA ALA A 112 15.72 -2.82 -1.53
C ALA A 112 15.60 -2.41 -0.06
N VAL A 113 14.39 -2.08 0.37
CA VAL A 113 14.18 -1.64 1.74
C VAL A 113 13.95 -2.81 2.68
N GLY A 114 13.47 -3.92 2.13
CA GLY A 114 13.24 -5.11 2.93
C GLY A 114 11.84 -5.17 3.49
N ALA A 115 10.87 -4.86 2.65
CA ALA A 115 9.48 -4.84 3.08
C ALA A 115 8.64 -5.76 2.21
N ARG A 116 7.50 -6.20 2.74
CA ARG A 116 6.58 -7.02 1.97
C ARG A 116 5.76 -6.14 1.04
N LEU A 117 5.75 -6.50 -0.24
CA LEU A 117 5.01 -5.75 -1.23
C LEU A 117 3.64 -6.39 -1.45
N ILE A 118 2.58 -5.63 -1.24
CA ILE A 118 1.24 -6.15 -1.46
C ILE A 118 0.51 -5.33 -2.52
N ILE A 119 0.24 -5.95 -3.66
CA ILE A 119 -0.46 -5.27 -4.72
C ILE A 119 -1.84 -5.89 -4.91
N LYS A 120 -2.86 -5.06 -4.78
CA LYS A 120 -4.22 -5.50 -5.03
C LYS A 120 -4.77 -4.82 -6.28
N PRO A 121 -4.81 -5.56 -7.39
CA PRO A 121 -5.48 -5.12 -8.61
C PRO A 121 -6.98 -5.39 -8.53
N LEU A 122 -7.66 -5.28 -9.66
CA LEU A 122 -9.08 -5.58 -9.71
C LEU A 122 -9.27 -7.07 -10.00
N THR A 123 -10.48 -7.56 -9.82
CA THR A 123 -10.78 -8.97 -10.03
C THR A 123 -10.68 -9.34 -11.52
N GLY A 124 -10.56 -8.34 -12.37
CA GLY A 124 -10.36 -8.57 -13.79
C GLY A 124 -9.02 -8.03 -14.26
N GLU A 125 -8.08 -7.91 -13.33
CA GLU A 125 -6.77 -7.35 -13.63
C GLU A 125 -5.67 -8.27 -13.14
N ASP A 126 -4.45 -7.91 -13.50
CA ASP A 126 -3.26 -8.61 -13.04
C ASP A 126 -2.15 -7.59 -12.82
N ILE A 127 -0.95 -8.06 -12.58
CA ILE A 127 0.18 -7.18 -12.37
C ILE A 127 1.16 -7.26 -13.55
N VAL A 128 1.08 -8.38 -14.28
CA VAL A 128 1.92 -8.65 -15.47
C VAL A 128 3.41 -8.34 -15.24
N THR A 129 3.84 -8.39 -13.99
CA THR A 129 5.23 -8.13 -13.62
C THR A 129 5.99 -9.46 -13.52
N GLU A 130 5.55 -10.42 -14.33
CA GLU A 130 6.01 -11.81 -14.26
C GLU A 130 5.38 -12.50 -13.06
N ARG A 131 5.25 -13.82 -13.14
CA ARG A 131 4.56 -14.61 -12.12
C ARG A 131 5.47 -14.85 -10.90
N LYS A 132 6.22 -13.83 -10.51
CA LYS A 132 7.15 -13.95 -9.40
C LYS A 132 6.49 -13.58 -8.07
N MET A 133 5.28 -13.04 -8.15
CA MET A 133 4.54 -12.69 -6.95
C MET A 133 3.53 -13.77 -6.63
N LYS A 134 3.21 -13.92 -5.36
CA LYS A 134 2.34 -15.00 -4.91
C LYS A 134 0.91 -14.50 -4.69
N LEU A 135 -0.04 -15.27 -5.18
CA LEU A 135 -1.45 -14.98 -5.00
C LEU A 135 -1.90 -15.37 -3.61
N VAL A 136 -2.50 -14.44 -2.90
CA VAL A 136 -2.99 -14.68 -1.55
C VAL A 136 -4.48 -14.37 -1.45
N ASN A 137 -5.21 -15.27 -0.80
CA ASN A 137 -6.63 -15.09 -0.59
C ASN A 137 -6.91 -14.86 0.89
N TYR A 138 -7.33 -13.66 1.23
CA TYR A 138 -7.57 -13.33 2.63
C TYR A 138 -8.77 -12.40 2.74
N GLY A 139 -9.71 -12.75 3.60
CA GLY A 139 -10.86 -11.90 3.85
C GLY A 139 -11.79 -11.81 2.67
N ARG A 140 -11.93 -12.93 1.95
CA ARG A 140 -12.88 -13.02 0.84
C ARG A 140 -12.40 -12.25 -0.39
N THR A 141 -11.20 -11.69 -0.30
CA THR A 141 -10.60 -11.00 -1.43
C THR A 141 -9.24 -11.61 -1.73
N TYR A 142 -8.79 -11.49 -2.97
CA TYR A 142 -7.49 -12.02 -3.33
C TYR A 142 -6.62 -10.93 -3.92
N PHE A 143 -5.33 -11.05 -3.68
CA PHE A 143 -4.36 -10.07 -4.12
C PHE A 143 -3.00 -10.75 -4.28
N TYR A 144 -2.00 -10.01 -4.69
CA TYR A 144 -0.67 -10.57 -4.86
C TYR A 144 0.30 -9.92 -3.88
N GLU A 145 1.01 -10.73 -3.13
CA GLU A 145 2.03 -10.21 -2.23
C GLU A 145 3.40 -10.69 -2.67
N TYR A 146 4.42 -10.01 -2.19
CA TYR A 146 5.78 -10.38 -2.47
C TYR A 146 6.64 -10.18 -1.23
N ILE A 147 7.36 -11.21 -0.85
CA ILE A 147 8.19 -11.14 0.34
C ILE A 147 9.61 -10.79 -0.07
N ALA A 148 10.03 -9.58 0.26
CA ALA A 148 11.40 -9.17 0.02
C ALA A 148 12.34 -10.04 0.84
N GLU A 149 13.11 -10.87 0.15
CA GLU A 149 13.96 -11.85 0.79
C GLU A 149 15.05 -11.20 1.63
N VAL A 150 15.50 -11.94 2.61
CA VAL A 150 16.54 -11.49 3.52
C VAL A 150 17.83 -12.26 3.22
N ARG A 151 18.97 -11.64 3.43
CA ARG A 151 20.25 -12.31 3.22
C ARG A 151 20.35 -13.56 4.08
N SER A 152 21.01 -14.58 3.54
CA SER A 152 21.20 -15.84 4.23
C SER A 152 22.01 -15.61 5.51
N ARG A 153 21.35 -15.76 6.65
CA ARG A 153 21.99 -15.51 7.93
C ARG A 153 22.62 -16.79 8.48
N MET A 1 9.47 -8.46 -32.91
CA MET A 1 9.61 -7.04 -32.52
C MET A 1 8.24 -6.38 -32.40
N GLY A 2 8.16 -5.35 -31.57
CA GLY A 2 6.91 -4.67 -31.38
C GLY A 2 6.54 -4.57 -29.92
N SER A 3 6.00 -3.43 -29.52
CA SER A 3 5.60 -3.23 -28.14
C SER A 3 4.28 -2.46 -28.09
N SER A 4 3.22 -3.15 -27.69
CA SER A 4 1.91 -2.53 -27.58
C SER A 4 1.83 -1.68 -26.32
N HIS A 5 1.70 -0.37 -26.50
CA HIS A 5 1.59 0.54 -25.38
C HIS A 5 0.19 1.14 -25.33
N HIS A 6 -0.63 0.61 -24.43
CA HIS A 6 -2.01 1.01 -24.32
C HIS A 6 -2.17 2.15 -23.31
N HIS A 7 -2.29 3.36 -23.81
CA HIS A 7 -2.49 4.53 -22.97
C HIS A 7 -3.98 4.76 -22.74
N HIS A 8 -4.46 4.33 -21.58
CA HIS A 8 -5.87 4.48 -21.24
C HIS A 8 -6.03 5.07 -19.85
N HIS A 9 -6.24 6.37 -19.77
CA HIS A 9 -6.54 6.99 -18.49
C HIS A 9 -8.04 7.21 -18.38
N HIS A 10 -8.71 6.30 -17.67
CA HIS A 10 -10.14 6.36 -17.53
C HIS A 10 -10.54 7.43 -16.53
N SER A 11 -10.83 8.61 -17.05
CA SER A 11 -11.23 9.75 -16.23
C SER A 11 -12.74 9.71 -15.96
N SER A 12 -13.23 8.53 -15.63
CA SER A 12 -14.64 8.34 -15.38
C SER A 12 -14.88 8.09 -13.88
N GLY A 13 -15.64 8.99 -13.26
CA GLY A 13 -15.87 8.88 -11.83
C GLY A 13 -16.92 7.84 -11.49
N LEU A 14 -16.49 6.61 -11.33
CA LEU A 14 -17.38 5.53 -10.92
C LEU A 14 -17.58 5.56 -9.42
N VAL A 15 -18.77 5.17 -8.96
CA VAL A 15 -19.07 5.17 -7.54
C VAL A 15 -18.71 3.82 -6.92
N PRO A 16 -17.88 3.83 -5.87
CA PRO A 16 -17.40 2.62 -5.21
C PRO A 16 -18.42 2.05 -4.21
N ARG A 17 -18.04 0.96 -3.56
CA ARG A 17 -18.88 0.32 -2.57
C ARG A 17 -18.54 0.86 -1.17
N GLY A 18 -19.32 0.45 -0.19
CA GLY A 18 -19.08 0.84 1.18
C GLY A 18 -17.75 0.35 1.69
N SER A 19 -17.01 1.21 2.36
CA SER A 19 -15.69 0.87 2.87
C SER A 19 -15.81 -0.03 4.10
N HIS A 20 -16.05 -1.31 3.85
CA HIS A 20 -16.04 -2.32 4.90
C HIS A 20 -15.20 -3.52 4.44
N MET A 21 -15.14 -3.69 3.13
CA MET A 21 -14.35 -4.78 2.53
C MET A 21 -12.85 -4.54 2.70
N TRP A 22 -12.50 -3.31 3.05
CA TRP A 22 -11.10 -2.93 3.18
C TRP A 22 -10.51 -3.37 4.52
N ASN A 23 -11.38 -3.65 5.47
CA ASN A 23 -10.96 -3.93 6.85
C ASN A 23 -10.05 -5.16 6.92
N ASP A 24 -10.47 -6.26 6.29
CA ASP A 24 -9.68 -7.50 6.32
C ASP A 24 -8.31 -7.29 5.69
N LEU A 25 -8.26 -6.53 4.60
CA LEU A 25 -7.00 -6.22 3.94
C LEU A 25 -6.05 -5.53 4.91
N ALA A 26 -6.55 -4.49 5.57
CA ALA A 26 -5.76 -3.72 6.51
C ALA A 26 -5.23 -4.59 7.64
N VAL A 27 -6.12 -5.42 8.21
CA VAL A 27 -5.74 -6.32 9.30
C VAL A 27 -4.57 -7.21 8.90
N TYR A 28 -4.63 -7.75 7.69
CA TYR A 28 -3.56 -8.60 7.18
C TYR A 28 -2.24 -7.83 7.13
N ILE A 29 -2.29 -6.61 6.62
CA ILE A 29 -1.12 -5.75 6.54
C ILE A 29 -0.56 -5.47 7.93
N ILE A 30 -1.46 -5.21 8.87
CA ILE A 30 -1.11 -4.93 10.25
C ILE A 30 -0.33 -6.08 10.88
N ARG A 31 -0.82 -7.30 10.71
CA ARG A 31 -0.24 -8.46 11.37
C ARG A 31 1.09 -8.84 10.73
N CYS A 32 1.28 -8.44 9.49
CA CYS A 32 2.51 -8.74 8.76
C CYS A 32 3.57 -7.67 9.00
N SER A 33 3.19 -6.58 9.64
CA SER A 33 4.11 -5.49 9.91
C SER A 33 4.40 -5.35 11.40
N GLY A 34 3.39 -4.90 12.14
CA GLY A 34 3.55 -4.74 13.58
C GLY A 34 3.97 -3.32 13.95
N PRO A 35 3.88 -2.97 15.24
CA PRO A 35 4.26 -1.63 15.71
C PRO A 35 5.77 -1.44 15.79
N GLY A 36 6.21 -0.19 15.74
CA GLY A 36 7.63 0.11 15.85
C GLY A 36 8.36 -0.03 14.51
N THR A 37 7.72 0.40 13.45
CA THR A 37 8.33 0.38 12.12
C THR A 37 7.52 1.28 11.19
N ARG A 38 7.82 1.22 9.90
CA ARG A 38 7.11 2.03 8.92
C ARG A 38 6.40 1.15 7.89
N VAL A 39 5.17 1.50 7.59
CA VAL A 39 4.41 0.84 6.53
C VAL A 39 4.05 1.87 5.47
N VAL A 40 4.61 1.71 4.28
CA VAL A 40 4.41 2.68 3.23
C VAL A 40 3.32 2.22 2.28
N GLU A 41 2.42 3.13 1.94
CA GLU A 41 1.41 2.86 0.94
C GLU A 41 1.64 3.75 -0.26
N VAL A 42 1.14 3.35 -1.41
CA VAL A 42 1.28 4.14 -2.62
C VAL A 42 -0.08 4.42 -3.25
N GLY A 43 -0.49 5.69 -3.22
CA GLY A 43 -1.71 6.07 -3.90
C GLY A 43 -2.83 6.50 -2.96
N ALA A 44 -2.47 7.09 -1.84
CA ALA A 44 -3.44 7.51 -0.82
C ALA A 44 -4.58 8.34 -1.41
N GLY A 45 -4.22 9.45 -2.05
CA GLY A 45 -5.22 10.31 -2.67
C GLY A 45 -6.18 10.92 -1.65
N ARG A 46 -7.42 10.43 -1.66
CA ARG A 46 -8.44 10.93 -0.74
C ARG A 46 -9.09 9.80 0.04
N PHE A 47 -8.59 8.58 -0.13
CA PHE A 47 -9.14 7.44 0.57
C PHE A 47 -8.13 6.91 1.60
N LEU A 48 -8.22 7.43 2.81
CA LEU A 48 -7.27 7.09 3.86
C LEU A 48 -7.89 6.10 4.83
N TYR A 49 -8.97 5.46 4.41
CA TYR A 49 -9.69 4.52 5.27
C TYR A 49 -8.79 3.36 5.69
N VAL A 50 -8.13 2.73 4.72
CA VAL A 50 -7.27 1.59 5.00
C VAL A 50 -6.11 2.00 5.91
N SER A 51 -5.46 3.09 5.54
CA SER A 51 -4.30 3.58 6.27
C SER A 51 -4.65 3.99 7.69
N ASP A 52 -5.74 4.73 7.84
CA ASP A 52 -6.16 5.21 9.15
C ASP A 52 -6.69 4.04 9.99
N TYR A 53 -7.27 3.04 9.33
CA TYR A 53 -7.73 1.84 10.02
C TYR A 53 -6.55 1.13 10.69
N ILE A 54 -5.44 1.06 9.97
CA ILE A 54 -4.24 0.40 10.47
C ILE A 54 -3.68 1.13 11.68
N ARG A 55 -3.56 2.45 11.60
CA ARG A 55 -2.98 3.24 12.68
C ARG A 55 -3.88 3.28 13.91
N LYS A 56 -5.18 2.97 13.73
CA LYS A 56 -6.10 2.89 14.86
C LYS A 56 -5.75 1.72 15.77
N HIS A 57 -5.33 0.62 15.15
CA HIS A 57 -5.12 -0.62 15.87
C HIS A 57 -3.64 -0.86 16.13
N SER A 58 -2.80 -0.53 15.16
CA SER A 58 -1.37 -0.76 15.27
C SER A 58 -0.63 0.55 15.41
N LYS A 59 0.36 0.57 16.27
CA LYS A 59 1.18 1.76 16.44
C LYS A 59 2.38 1.70 15.50
N VAL A 60 2.08 1.64 14.22
CA VAL A 60 3.09 1.64 13.19
C VAL A 60 3.04 2.94 12.40
N ASP A 61 4.20 3.43 11.97
CA ASP A 61 4.25 4.66 11.18
C ASP A 61 3.88 4.37 9.75
N LEU A 62 2.66 4.71 9.40
CA LEU A 62 2.17 4.46 8.05
C LEU A 62 2.43 5.68 7.18
N VAL A 63 3.22 5.48 6.15
CA VAL A 63 3.61 6.56 5.27
C VAL A 63 2.71 6.61 4.04
N LEU A 64 2.02 7.72 3.88
CA LEU A 64 1.12 7.92 2.76
C LEU A 64 1.85 8.65 1.63
N THR A 65 1.64 8.23 0.40
CA THR A 65 2.26 8.88 -0.74
C THR A 65 1.22 9.25 -1.80
N ASP A 66 1.25 10.50 -2.24
CA ASP A 66 0.32 10.96 -3.27
C ASP A 66 0.86 12.22 -3.93
N ILE A 67 0.59 12.40 -5.21
CA ILE A 67 1.06 13.57 -5.93
C ILE A 67 0.22 14.79 -5.57
N LYS A 68 0.82 15.67 -4.77
CA LYS A 68 0.19 16.93 -4.36
C LYS A 68 -1.03 16.68 -3.46
N PRO A 69 -0.83 16.12 -2.26
CA PRO A 69 -1.90 15.90 -1.29
C PRO A 69 -2.30 17.19 -0.58
N SER A 70 -3.57 17.28 -0.19
CA SER A 70 -4.09 18.48 0.45
C SER A 70 -4.18 18.29 1.96
N HIS A 71 -3.82 17.11 2.44
CA HIS A 71 -3.95 16.79 3.84
C HIS A 71 -2.59 16.50 4.47
N GLY A 72 -2.25 17.28 5.50
CA GLY A 72 -1.04 17.05 6.24
C GLY A 72 -1.01 15.66 6.85
N GLY A 73 0.05 14.92 6.55
CA GLY A 73 0.13 13.53 6.96
C GLY A 73 0.46 12.64 5.78
N ILE A 74 0.13 13.12 4.59
CA ILE A 74 0.49 12.43 3.36
C ILE A 74 1.78 13.05 2.82
N VAL A 75 2.70 12.22 2.39
CA VAL A 75 3.97 12.70 1.87
C VAL A 75 3.80 13.19 0.45
N ARG A 76 4.40 14.32 0.18
CA ARG A 76 4.22 15.00 -1.10
C ARG A 76 5.27 14.56 -2.11
N ASP A 77 5.65 13.29 -2.02
CA ASP A 77 6.61 12.72 -2.95
C ASP A 77 5.86 12.14 -4.15
N ASP A 78 6.38 12.37 -5.34
CA ASP A 78 5.65 12.02 -6.55
C ASP A 78 6.09 10.65 -7.08
N ILE A 79 5.18 10.00 -7.79
CA ILE A 79 5.37 8.60 -8.20
C ILE A 79 6.44 8.47 -9.29
N THR A 80 6.64 9.49 -10.10
CA THR A 80 7.63 9.41 -11.16
C THR A 80 9.00 9.86 -10.67
N SER A 81 9.08 10.10 -9.37
CA SER A 81 10.34 10.41 -8.71
C SER A 81 10.29 9.98 -7.24
N PRO A 82 10.05 8.68 -6.98
CA PRO A 82 9.87 8.18 -5.62
C PRO A 82 11.19 8.10 -4.88
N ARG A 83 11.21 8.63 -3.66
CA ARG A 83 12.42 8.62 -2.85
C ARG A 83 12.55 7.33 -2.08
N MET A 84 13.65 6.63 -2.33
CA MET A 84 13.92 5.37 -1.67
C MET A 84 14.07 5.59 -0.17
N GLU A 85 14.37 6.82 0.23
CA GLU A 85 14.56 7.14 1.65
C GLU A 85 13.26 6.99 2.42
N ILE A 86 12.15 7.05 1.69
CA ILE A 86 10.84 6.93 2.29
C ILE A 86 10.43 5.47 2.42
N TYR A 87 10.90 4.64 1.49
CA TYR A 87 10.54 3.24 1.46
C TYR A 87 11.48 2.39 2.31
N ARG A 88 12.71 2.86 2.48
CA ARG A 88 13.70 2.13 3.25
C ARG A 88 13.38 2.17 4.73
N GLY A 89 13.66 1.06 5.40
CA GLY A 89 13.38 0.96 6.82
C GLY A 89 11.92 0.64 7.09
N ALA A 90 11.21 0.28 6.03
CA ALA A 90 9.80 -0.08 6.13
C ALA A 90 9.66 -1.60 6.23
N ALA A 91 8.56 -2.03 6.83
CA ALA A 91 8.30 -3.46 6.99
C ALA A 91 7.36 -3.96 5.91
N LEU A 92 6.57 -3.06 5.35
CA LEU A 92 5.59 -3.45 4.34
C LEU A 92 5.22 -2.26 3.46
N ILE A 93 4.96 -2.55 2.19
CA ILE A 93 4.56 -1.53 1.23
C ILE A 93 3.35 -2.06 0.44
N TYR A 94 2.31 -1.25 0.32
CA TYR A 94 1.12 -1.69 -0.41
C TYR A 94 0.56 -0.54 -1.25
N SER A 95 -0.16 -0.89 -2.31
CA SER A 95 -0.70 0.12 -3.21
C SER A 95 -2.08 -0.26 -3.70
N ILE A 96 -2.91 0.74 -3.96
CA ILE A 96 -4.27 0.51 -4.42
C ILE A 96 -4.36 0.68 -5.93
N ARG A 97 -4.20 -0.44 -6.64
CA ARG A 97 -4.29 -0.47 -8.12
C ARG A 97 -3.36 0.54 -8.78
N PRO A 98 -2.06 0.23 -8.84
CA PRO A 98 -1.07 1.10 -9.46
C PRO A 98 -1.04 0.95 -10.99
N PRO A 99 -0.55 1.97 -11.70
CA PRO A 99 -0.37 1.91 -13.16
C PRO A 99 0.54 0.75 -13.56
N ALA A 100 0.22 0.12 -14.67
CA ALA A 100 0.94 -1.07 -15.13
C ALA A 100 2.40 -0.76 -15.45
N GLU A 101 2.68 0.51 -15.73
CA GLU A 101 4.03 0.92 -16.12
C GLU A 101 4.98 0.94 -14.93
N ILE A 102 4.46 0.83 -13.71
CA ILE A 102 5.31 0.91 -12.54
C ILE A 102 5.25 -0.35 -11.68
N HIS A 103 4.60 -1.38 -12.19
CA HIS A 103 4.50 -2.66 -11.49
C HIS A 103 5.89 -3.17 -11.10
N SER A 104 6.79 -3.22 -12.08
CA SER A 104 8.14 -3.69 -11.84
C SER A 104 8.90 -2.70 -10.96
N SER A 105 8.52 -1.44 -11.03
CA SER A 105 9.16 -0.40 -10.24
C SER A 105 8.83 -0.59 -8.77
N LEU A 106 7.57 -0.85 -8.47
CA LEU A 106 7.13 -1.06 -7.11
C LEU A 106 7.77 -2.33 -6.53
N MET A 107 7.85 -3.37 -7.35
CA MET A 107 8.43 -4.63 -6.91
C MET A 107 9.92 -4.48 -6.61
N ARG A 108 10.65 -3.75 -7.45
CA ARG A 108 12.08 -3.57 -7.25
C ARG A 108 12.36 -2.72 -6.02
N VAL A 109 11.45 -1.79 -5.72
CA VAL A 109 11.57 -0.96 -4.52
C VAL A 109 11.40 -1.82 -3.27
N ALA A 110 10.38 -2.67 -3.27
CA ALA A 110 10.15 -3.58 -2.17
C ALA A 110 11.37 -4.44 -1.94
N ASP A 111 11.90 -4.97 -3.03
CA ASP A 111 13.05 -5.87 -2.97
C ASP A 111 14.30 -5.13 -2.48
N ALA A 112 14.40 -3.86 -2.85
CA ALA A 112 15.53 -3.03 -2.46
C ALA A 112 15.51 -2.70 -0.98
N VAL A 113 14.32 -2.50 -0.43
CA VAL A 113 14.20 -2.14 0.98
C VAL A 113 13.98 -3.37 1.86
N GLY A 114 13.44 -4.42 1.27
CA GLY A 114 13.22 -5.66 1.99
C GLY A 114 11.90 -5.70 2.71
N ALA A 115 10.85 -5.21 2.05
CA ALA A 115 9.53 -5.16 2.65
C ALA A 115 8.53 -5.98 1.84
N ARG A 116 7.45 -6.37 2.48
CA ARG A 116 6.41 -7.12 1.80
C ARG A 116 5.55 -6.18 0.96
N LEU A 117 5.45 -6.45 -0.33
CA LEU A 117 4.64 -5.64 -1.22
C LEU A 117 3.28 -6.27 -1.42
N ILE A 118 2.23 -5.53 -1.12
CA ILE A 118 0.86 -6.03 -1.27
C ILE A 118 0.10 -5.19 -2.28
N ILE A 119 -0.51 -5.85 -3.26
CA ILE A 119 -1.28 -5.17 -4.28
C ILE A 119 -2.67 -5.78 -4.39
N LYS A 120 -3.68 -4.93 -4.47
CA LYS A 120 -5.03 -5.38 -4.73
C LYS A 120 -5.52 -4.89 -6.09
N PRO A 121 -5.55 -5.79 -7.08
CA PRO A 121 -6.04 -5.48 -8.43
C PRO A 121 -7.57 -5.33 -8.47
N LEU A 122 -8.17 -5.73 -9.59
CA LEU A 122 -9.60 -5.56 -9.80
C LEU A 122 -10.38 -6.73 -9.23
N THR A 123 -11.70 -6.71 -9.43
CA THR A 123 -12.59 -7.73 -8.91
C THR A 123 -12.25 -9.13 -9.47
N GLY A 124 -11.91 -9.18 -10.75
CA GLY A 124 -11.55 -10.43 -11.38
C GLY A 124 -10.46 -10.24 -12.42
N GLU A 125 -9.48 -9.41 -12.09
CA GLU A 125 -8.43 -9.07 -13.02
C GLU A 125 -7.09 -9.21 -12.32
N ASP A 126 -6.12 -9.80 -13.02
CA ASP A 126 -4.78 -9.97 -12.48
C ASP A 126 -4.02 -8.63 -12.56
N ILE A 127 -2.77 -8.63 -12.13
CA ILE A 127 -1.94 -7.45 -12.19
C ILE A 127 -1.29 -7.37 -13.58
N VAL A 128 -1.73 -8.28 -14.46
CA VAL A 128 -1.29 -8.38 -15.86
C VAL A 128 0.23 -8.42 -15.99
N THR A 129 0.87 -8.93 -14.95
CA THR A 129 2.30 -9.10 -14.93
C THR A 129 2.63 -10.58 -15.10
N GLU A 130 3.92 -10.92 -15.14
CA GLU A 130 4.32 -12.31 -15.27
C GLU A 130 4.24 -13.02 -13.93
N ARG A 131 3.69 -12.30 -12.96
CA ARG A 131 3.31 -12.84 -11.65
C ARG A 131 4.51 -13.40 -10.90
N LYS A 132 5.32 -12.50 -10.36
CA LYS A 132 6.42 -12.88 -9.47
C LYS A 132 5.94 -12.83 -8.03
N MET A 133 4.68 -12.45 -7.86
CA MET A 133 4.07 -12.34 -6.54
C MET A 133 3.22 -13.56 -6.27
N LYS A 134 2.66 -13.63 -5.08
CA LYS A 134 1.85 -14.77 -4.68
C LYS A 134 0.44 -14.32 -4.30
N LEU A 135 -0.54 -15.13 -4.67
CA LEU A 135 -1.93 -14.82 -4.37
C LEU A 135 -2.30 -15.32 -2.98
N VAL A 136 -2.80 -14.43 -2.16
CA VAL A 136 -3.18 -14.76 -0.80
C VAL A 136 -4.66 -14.45 -0.55
N ASN A 137 -5.34 -15.37 0.13
CA ASN A 137 -6.72 -15.16 0.53
C ASN A 137 -6.77 -14.91 2.03
N TYR A 138 -7.35 -13.79 2.42
CA TYR A 138 -7.47 -13.46 3.83
C TYR A 138 -8.80 -12.76 4.08
N GLY A 139 -9.65 -13.38 4.87
CA GLY A 139 -10.96 -12.84 5.14
C GLY A 139 -11.86 -12.89 3.91
N ARG A 140 -11.75 -13.99 3.17
CA ARG A 140 -12.56 -14.25 1.99
C ARG A 140 -12.14 -13.40 0.79
N THR A 141 -11.46 -12.30 1.05
CA THR A 141 -10.97 -11.46 -0.03
C THR A 141 -9.54 -11.88 -0.41
N TYR A 142 -9.24 -11.85 -1.69
CA TYR A 142 -7.93 -12.25 -2.15
C TYR A 142 -7.14 -11.06 -2.65
N PHE A 143 -5.82 -11.16 -2.56
CA PHE A 143 -4.92 -10.12 -3.02
C PHE A 143 -3.54 -10.72 -3.28
N TYR A 144 -2.62 -9.92 -3.78
CA TYR A 144 -1.29 -10.41 -4.08
C TYR A 144 -0.27 -9.79 -3.13
N GLU A 145 0.58 -10.64 -2.56
CA GLU A 145 1.67 -10.16 -1.74
C GLU A 145 2.99 -10.62 -2.33
N TYR A 146 4.07 -9.96 -1.95
CA TYR A 146 5.40 -10.31 -2.39
C TYR A 146 6.38 -10.19 -1.25
N ILE A 147 7.09 -11.27 -0.96
CA ILE A 147 8.06 -11.26 0.11
C ILE A 147 9.43 -10.87 -0.44
N ALA A 148 9.79 -9.63 -0.24
CA ALA A 148 11.08 -9.13 -0.65
C ALA A 148 12.14 -9.47 0.39
N GLU A 149 13.17 -10.19 -0.02
CA GLU A 149 14.22 -10.59 0.89
C GLU A 149 15.18 -9.43 1.15
N VAL A 150 15.97 -9.55 2.20
CA VAL A 150 16.98 -8.55 2.50
C VAL A 150 18.23 -8.83 1.68
N ARG A 151 18.75 -7.81 1.04
CA ARG A 151 19.90 -7.96 0.15
C ARG A 151 21.18 -8.19 0.94
N SER A 152 22.10 -8.92 0.36
CA SER A 152 23.38 -9.22 0.99
C SER A 152 24.33 -8.04 0.88
N ARG A 153 24.96 -7.68 1.99
CA ARG A 153 25.96 -6.63 2.00
C ARG A 153 27.34 -7.22 1.83
N MET A 1 -6.83 44.33 -14.80
CA MET A 1 -7.21 43.27 -15.75
C MET A 1 -6.76 41.92 -15.23
N GLY A 2 -6.82 40.91 -16.09
CA GLY A 2 -6.42 39.58 -15.69
C GLY A 2 -7.61 38.73 -15.30
N SER A 3 -7.59 37.47 -15.70
CA SER A 3 -8.66 36.54 -15.39
C SER A 3 -8.56 36.10 -13.94
N SER A 4 -9.41 36.66 -13.09
CA SER A 4 -9.37 36.36 -11.67
C SER A 4 -10.46 35.37 -11.29
N HIS A 5 -10.76 34.44 -12.21
CA HIS A 5 -11.77 33.42 -11.97
C HIS A 5 -11.26 32.40 -10.96
N HIS A 6 -11.56 32.63 -9.70
CA HIS A 6 -11.18 31.69 -8.65
C HIS A 6 -12.27 30.64 -8.50
N HIS A 7 -11.86 29.41 -8.24
CA HIS A 7 -12.81 28.32 -8.07
C HIS A 7 -13.03 28.05 -6.58
N HIS A 8 -14.25 28.30 -6.13
CA HIS A 8 -14.60 28.11 -4.73
C HIS A 8 -14.76 26.62 -4.44
N HIS A 9 -13.85 26.08 -3.66
CA HIS A 9 -13.90 24.67 -3.31
C HIS A 9 -14.74 24.47 -2.05
N HIS A 10 -15.92 23.89 -2.24
CA HIS A 10 -16.75 23.49 -1.12
C HIS A 10 -16.48 22.03 -0.80
N SER A 11 -16.71 21.65 0.44
CA SER A 11 -16.35 20.31 0.92
C SER A 11 -17.18 19.22 0.25
N SER A 12 -16.62 18.65 -0.82
CA SER A 12 -17.20 17.51 -1.48
C SER A 12 -16.28 16.31 -1.36
N GLY A 13 -16.57 15.43 -0.42
CA GLY A 13 -15.70 14.31 -0.17
C GLY A 13 -16.27 13.00 -0.64
N LEU A 14 -15.41 12.02 -0.84
CA LEU A 14 -15.81 10.70 -1.28
C LEU A 14 -16.57 9.99 -0.17
N VAL A 15 -17.82 9.64 -0.43
CA VAL A 15 -18.62 8.91 0.53
C VAL A 15 -18.12 7.47 0.66
N PRO A 16 -17.89 7.01 1.90
CA PRO A 16 -17.38 5.67 2.17
C PRO A 16 -18.38 4.58 1.81
N ARG A 17 -17.91 3.58 1.08
CA ARG A 17 -18.74 2.45 0.70
C ARG A 17 -18.64 1.36 1.77
N GLY A 18 -19.33 0.25 1.55
CA GLY A 18 -19.19 -0.89 2.44
C GLY A 18 -17.81 -1.50 2.35
N SER A 19 -16.88 -0.96 3.12
CA SER A 19 -15.48 -1.28 2.98
C SER A 19 -15.05 -2.40 3.93
N HIS A 20 -16.00 -3.24 4.32
CA HIS A 20 -15.70 -4.35 5.23
C HIS A 20 -14.72 -5.32 4.57
N MET A 21 -14.82 -5.44 3.24
CA MET A 21 -13.92 -6.31 2.48
C MET A 21 -12.47 -5.82 2.59
N TRP A 22 -12.30 -4.52 2.80
CA TRP A 22 -10.97 -3.92 2.89
C TRP A 22 -10.39 -4.14 4.29
N ASN A 23 -11.25 -4.43 5.24
CA ASN A 23 -10.83 -4.61 6.62
C ASN A 23 -9.89 -5.80 6.74
N ASP A 24 -10.24 -6.92 6.10
CA ASP A 24 -9.39 -8.11 6.12
C ASP A 24 -8.06 -7.84 5.47
N LEU A 25 -8.08 -7.11 4.35
CA LEU A 25 -6.87 -6.71 3.66
C LEU A 25 -5.96 -5.93 4.60
N ALA A 26 -6.55 -4.96 5.29
CA ALA A 26 -5.82 -4.16 6.26
C ALA A 26 -5.27 -5.03 7.38
N VAL A 27 -6.11 -5.91 7.92
CA VAL A 27 -5.70 -6.80 9.00
C VAL A 27 -4.49 -7.64 8.60
N TYR A 28 -4.50 -8.14 7.37
CA TYR A 28 -3.39 -8.93 6.84
C TYR A 28 -2.09 -8.11 6.89
N ILE A 29 -2.19 -6.85 6.52
CA ILE A 29 -1.05 -5.95 6.54
C ILE A 29 -0.64 -5.61 7.97
N ILE A 30 -1.65 -5.41 8.81
CA ILE A 30 -1.46 -5.11 10.24
C ILE A 30 -0.66 -6.22 10.92
N ARG A 31 -1.01 -7.46 10.63
CA ARG A 31 -0.37 -8.61 11.24
C ARG A 31 1.10 -8.72 10.82
N CYS A 32 1.41 -8.25 9.62
CA CYS A 32 2.75 -8.38 9.08
C CYS A 32 3.64 -7.20 9.49
N SER A 33 3.03 -6.09 9.87
CA SER A 33 3.78 -4.90 10.23
C SER A 33 3.89 -4.73 11.75
N GLY A 34 2.83 -4.24 12.38
CA GLY A 34 2.83 -4.04 13.81
C GLY A 34 2.94 -2.58 14.18
N PRO A 35 2.63 -2.23 15.44
CA PRO A 35 2.68 -0.85 15.93
C PRO A 35 4.11 -0.34 16.09
N GLY A 36 4.31 0.95 15.80
CA GLY A 36 5.61 1.56 15.96
C GLY A 36 6.52 1.33 14.76
N THR A 37 6.00 0.66 13.74
CA THR A 37 6.76 0.38 12.55
C THR A 37 6.45 1.43 11.48
N ARG A 38 6.95 1.22 10.27
CA ARG A 38 6.65 2.11 9.16
C ARG A 38 6.07 1.32 8.00
N VAL A 39 4.96 1.81 7.46
CA VAL A 39 4.31 1.17 6.33
C VAL A 39 4.02 2.20 5.25
N VAL A 40 4.24 1.83 4.00
CA VAL A 40 4.08 2.77 2.89
C VAL A 40 2.90 2.36 2.01
N GLU A 41 1.93 3.27 1.89
CA GLU A 41 0.79 3.05 1.01
C GLU A 41 1.01 3.81 -0.29
N VAL A 42 1.26 3.06 -1.35
CA VAL A 42 1.52 3.65 -2.66
C VAL A 42 0.24 3.64 -3.49
N GLY A 43 -0.14 4.80 -3.98
CA GLY A 43 -1.38 4.92 -4.74
C GLY A 43 -2.49 5.48 -3.89
N ALA A 44 -2.12 6.16 -2.81
CA ALA A 44 -3.08 6.75 -1.89
C ALA A 44 -3.61 8.05 -2.46
N GLY A 45 -4.54 7.93 -3.39
CA GLY A 45 -5.12 9.10 -4.02
C GLY A 45 -6.39 9.57 -3.36
N ARG A 46 -7.44 8.78 -3.46
CA ARG A 46 -8.75 9.18 -2.96
C ARG A 46 -9.20 8.33 -1.77
N PHE A 47 -9.05 7.02 -1.90
CA PHE A 47 -9.50 6.11 -0.84
C PHE A 47 -8.39 5.87 0.18
N LEU A 48 -8.46 6.61 1.28
CA LEU A 48 -7.48 6.50 2.36
C LEU A 48 -8.03 5.64 3.49
N TYR A 49 -8.90 4.70 3.13
CA TYR A 49 -9.58 3.88 4.12
C TYR A 49 -8.62 2.85 4.73
N VAL A 50 -7.84 2.20 3.89
CA VAL A 50 -6.96 1.13 4.35
C VAL A 50 -5.94 1.66 5.34
N SER A 51 -5.20 2.68 4.92
CA SER A 51 -4.18 3.30 5.76
C SER A 51 -4.76 3.78 7.09
N ASP A 52 -5.90 4.45 7.05
CA ASP A 52 -6.51 4.99 8.26
C ASP A 52 -7.03 3.87 9.16
N TYR A 53 -7.47 2.77 8.55
CA TYR A 53 -7.98 1.64 9.32
C TYR A 53 -6.85 0.92 10.05
N ILE A 54 -5.69 0.83 9.42
CA ILE A 54 -4.54 0.17 10.01
C ILE A 54 -4.08 0.88 11.27
N ARG A 55 -4.00 2.21 11.19
CA ARG A 55 -3.54 3.03 12.32
C ARG A 55 -4.55 3.00 13.47
N LYS A 56 -5.77 2.55 13.18
CA LYS A 56 -6.80 2.42 14.20
C LYS A 56 -6.52 1.23 15.11
N HIS A 57 -5.95 0.17 14.53
CA HIS A 57 -5.66 -1.04 15.29
C HIS A 57 -4.24 -1.03 15.83
N SER A 58 -3.28 -0.68 14.97
CA SER A 58 -1.89 -0.62 15.37
C SER A 58 -1.34 0.77 15.14
N LYS A 59 -0.60 1.29 16.12
CA LYS A 59 -0.03 2.61 16.02
C LYS A 59 1.24 2.58 15.18
N VAL A 60 1.08 2.11 13.95
CA VAL A 60 2.16 2.06 12.98
C VAL A 60 2.27 3.41 12.25
N ASP A 61 3.47 3.82 11.90
CA ASP A 61 3.67 5.05 11.15
C ASP A 61 3.48 4.78 9.67
N LEU A 62 2.32 5.11 9.16
CA LEU A 62 2.00 4.83 7.78
C LEU A 62 2.19 6.08 6.92
N VAL A 63 2.93 5.93 5.83
CA VAL A 63 3.21 7.03 4.94
C VAL A 63 2.41 6.92 3.66
N LEU A 64 1.62 7.94 3.37
CA LEU A 64 0.81 7.99 2.15
C LEU A 64 1.58 8.73 1.07
N THR A 65 1.58 8.20 -0.15
CA THR A 65 2.29 8.82 -1.25
C THR A 65 1.39 8.99 -2.47
N ASP A 66 1.39 10.21 -3.03
CA ASP A 66 0.62 10.51 -4.23
C ASP A 66 1.13 11.80 -4.87
N ILE A 67 1.07 11.88 -6.19
CA ILE A 67 1.50 13.06 -6.91
C ILE A 67 0.49 14.20 -6.73
N LYS A 68 0.86 15.17 -5.89
CA LYS A 68 -0.02 16.27 -5.52
C LYS A 68 -1.40 15.77 -5.08
N PRO A 69 -1.50 15.28 -3.84
CA PRO A 69 -2.74 14.74 -3.28
C PRO A 69 -3.90 15.73 -3.32
N SER A 70 -5.06 15.24 -3.71
CA SER A 70 -6.25 16.08 -3.83
C SER A 70 -7.13 16.00 -2.59
N HIS A 71 -6.70 15.20 -1.62
CA HIS A 71 -7.44 15.07 -0.37
C HIS A 71 -6.70 15.81 0.75
N GLY A 72 -5.69 15.18 1.32
CA GLY A 72 -4.93 15.79 2.40
C GLY A 72 -4.24 14.76 3.25
N GLY A 73 -3.26 15.20 4.03
CA GLY A 73 -2.53 14.30 4.91
C GLY A 73 -1.58 13.37 4.16
N ILE A 74 -1.52 13.54 2.86
CA ILE A 74 -0.71 12.67 2.01
C ILE A 74 0.61 13.36 1.65
N VAL A 75 1.68 12.59 1.59
CA VAL A 75 2.99 13.11 1.26
C VAL A 75 3.07 13.43 -0.22
N ARG A 76 3.51 14.65 -0.54
CA ARG A 76 3.56 15.13 -1.91
C ARG A 76 4.87 14.74 -2.59
N ASP A 77 5.39 13.56 -2.25
CA ASP A 77 6.66 13.13 -2.82
C ASP A 77 6.44 12.62 -4.25
N ASP A 78 7.51 12.29 -4.95
CA ASP A 78 7.41 11.94 -6.36
C ASP A 78 7.54 10.43 -6.53
N ILE A 79 6.53 9.83 -7.14
CA ILE A 79 6.56 8.39 -7.39
C ILE A 79 7.49 8.07 -8.56
N THR A 80 7.66 9.02 -9.46
CA THR A 80 8.51 8.84 -10.63
C THR A 80 9.97 9.14 -10.28
N SER A 81 10.17 9.69 -9.09
CA SER A 81 11.50 9.92 -8.56
C SER A 81 11.45 9.78 -7.04
N PRO A 82 11.26 8.54 -6.56
CA PRO A 82 10.97 8.28 -5.15
C PRO A 82 12.19 8.38 -4.25
N ARG A 83 11.97 8.94 -3.07
CA ARG A 83 13.00 9.00 -2.05
C ARG A 83 13.10 7.65 -1.36
N MET A 84 14.25 7.00 -1.47
CA MET A 84 14.42 5.67 -0.89
C MET A 84 14.35 5.73 0.63
N GLU A 85 14.68 6.88 1.20
CA GLU A 85 14.61 7.07 2.65
C GLU A 85 13.18 6.87 3.16
N ILE A 86 12.20 7.10 2.30
CA ILE A 86 10.81 6.92 2.67
C ILE A 86 10.46 5.43 2.73
N TYR A 87 10.95 4.67 1.76
CA TYR A 87 10.66 3.24 1.68
C TYR A 87 11.57 2.44 2.61
N ARG A 88 12.81 2.89 2.78
CA ARG A 88 13.75 2.21 3.65
C ARG A 88 13.32 2.36 5.11
N GLY A 89 13.20 1.24 5.77
CA GLY A 89 12.73 1.23 7.14
C GLY A 89 11.28 0.83 7.24
N ALA A 90 10.69 0.49 6.10
CA ALA A 90 9.30 0.06 6.05
C ALA A 90 9.19 -1.43 6.33
N ALA A 91 8.12 -1.81 7.03
CA ALA A 91 7.88 -3.20 7.36
C ALA A 91 7.07 -3.87 6.26
N LEU A 92 6.40 -3.06 5.44
CA LEU A 92 5.55 -3.57 4.39
C LEU A 92 5.18 -2.44 3.42
N ILE A 93 5.15 -2.75 2.14
CA ILE A 93 4.75 -1.78 1.12
C ILE A 93 3.60 -2.36 0.29
N TYR A 94 2.51 -1.63 0.18
CA TYR A 94 1.37 -2.14 -0.58
C TYR A 94 0.81 -1.08 -1.51
N SER A 95 0.14 -1.54 -2.56
CA SER A 95 -0.44 -0.66 -3.56
C SER A 95 -1.72 -1.28 -4.13
N ILE A 96 -2.78 -0.49 -4.17
CA ILE A 96 -4.03 -0.95 -4.75
C ILE A 96 -4.04 -0.67 -6.25
N ARG A 97 -3.81 -1.73 -7.02
CA ARG A 97 -3.69 -1.68 -8.50
C ARG A 97 -2.90 -0.46 -9.00
N PRO A 98 -1.58 -0.59 -9.14
CA PRO A 98 -0.73 0.48 -9.63
C PRO A 98 -0.76 0.58 -11.15
N PRO A 99 -0.48 1.79 -11.69
CA PRO A 99 -0.35 1.99 -13.14
C PRO A 99 0.66 1.04 -13.78
N ALA A 100 0.54 0.84 -15.08
CA ALA A 100 1.33 -0.16 -15.79
C ALA A 100 2.74 0.36 -16.12
N GLU A 101 3.21 1.31 -15.32
CA GLU A 101 4.55 1.84 -15.52
C GLU A 101 5.39 1.71 -14.25
N ILE A 102 4.74 1.58 -13.11
CA ILE A 102 5.45 1.56 -11.83
C ILE A 102 5.43 0.18 -11.18
N HIS A 103 4.76 -0.76 -11.83
CA HIS A 103 4.65 -2.11 -11.29
C HIS A 103 6.04 -2.75 -11.17
N SER A 104 6.87 -2.54 -12.18
CA SER A 104 8.23 -3.05 -12.17
C SER A 104 9.08 -2.27 -11.16
N SER A 105 8.73 -1.01 -10.96
CA SER A 105 9.44 -0.14 -10.05
C SER A 105 9.21 -0.60 -8.61
N LEU A 106 7.95 -0.87 -8.29
CA LEU A 106 7.57 -1.32 -6.95
C LEU A 106 8.31 -2.62 -6.57
N MET A 107 8.44 -3.51 -7.54
CA MET A 107 9.09 -4.80 -7.32
C MET A 107 10.55 -4.61 -6.90
N ARG A 108 11.26 -3.71 -7.57
CA ARG A 108 12.67 -3.49 -7.29
C ARG A 108 12.85 -2.66 -6.02
N VAL A 109 11.87 -1.84 -5.69
CA VAL A 109 11.92 -1.04 -4.47
C VAL A 109 11.75 -1.92 -3.24
N ALA A 110 10.79 -2.84 -3.31
CA ALA A 110 10.56 -3.77 -2.21
C ALA A 110 11.80 -4.59 -1.93
N ASP A 111 12.44 -5.02 -3.02
CA ASP A 111 13.64 -5.86 -2.92
C ASP A 111 14.79 -5.08 -2.27
N ALA A 112 14.85 -3.79 -2.56
CA ALA A 112 15.91 -2.94 -2.05
C ALA A 112 15.74 -2.67 -0.55
N VAL A 113 14.53 -2.36 -0.13
CA VAL A 113 14.28 -2.00 1.26
C VAL A 113 14.03 -3.24 2.12
N GLY A 114 13.57 -4.31 1.51
CA GLY A 114 13.31 -5.54 2.24
C GLY A 114 11.93 -5.53 2.87
N ALA A 115 10.91 -5.40 2.05
CA ALA A 115 9.54 -5.37 2.54
C ALA A 115 8.61 -6.14 1.61
N ARG A 116 7.58 -6.72 2.19
CA ARG A 116 6.58 -7.43 1.41
C ARG A 116 5.76 -6.46 0.59
N LEU A 117 5.63 -6.74 -0.68
CA LEU A 117 4.84 -5.90 -1.57
C LEU A 117 3.47 -6.54 -1.80
N ILE A 118 2.43 -5.84 -1.40
CA ILE A 118 1.07 -6.35 -1.58
C ILE A 118 0.31 -5.50 -2.59
N ILE A 119 -0.09 -6.13 -3.68
CA ILE A 119 -0.82 -5.44 -4.73
C ILE A 119 -2.19 -6.09 -4.94
N LYS A 120 -3.24 -5.30 -4.76
CA LYS A 120 -4.58 -5.77 -5.03
C LYS A 120 -5.20 -4.99 -6.17
N PRO A 121 -5.22 -5.57 -7.37
CA PRO A 121 -5.86 -4.97 -8.53
C PRO A 121 -7.37 -5.16 -8.51
N LEU A 122 -8.01 -4.92 -9.64
CA LEU A 122 -9.44 -5.15 -9.77
C LEU A 122 -9.76 -6.65 -9.67
N THR A 123 -10.96 -6.96 -9.22
CA THR A 123 -11.43 -8.33 -9.18
C THR A 123 -11.54 -8.88 -10.60
N GLY A 124 -10.60 -9.74 -10.97
CA GLY A 124 -10.54 -10.23 -12.32
C GLY A 124 -9.64 -9.38 -13.20
N GLU A 125 -8.62 -8.80 -12.59
CA GLU A 125 -7.68 -7.95 -13.29
C GLU A 125 -6.26 -8.42 -13.05
N ASP A 126 -5.43 -8.29 -14.07
CA ASP A 126 -4.04 -8.73 -14.00
C ASP A 126 -3.12 -7.53 -13.75
N ILE A 127 -1.87 -7.82 -13.40
CA ILE A 127 -0.90 -6.77 -13.11
C ILE A 127 0.13 -6.69 -14.24
N VAL A 128 -0.17 -7.38 -15.34
CA VAL A 128 0.70 -7.45 -16.54
C VAL A 128 2.15 -7.75 -16.18
N THR A 129 2.31 -8.58 -15.16
CA THR A 129 3.62 -9.01 -14.71
C THR A 129 3.68 -10.54 -14.75
N GLU A 130 4.79 -11.08 -15.23
CA GLU A 130 4.89 -12.52 -15.44
C GLU A 130 5.39 -13.24 -14.20
N ARG A 131 4.43 -13.84 -13.48
CA ARG A 131 4.68 -14.66 -12.28
C ARG A 131 5.74 -14.09 -11.35
N LYS A 132 5.76 -12.78 -11.20
CA LYS A 132 6.70 -12.13 -10.29
C LYS A 132 6.14 -12.10 -8.87
N MET A 133 4.86 -12.39 -8.74
CA MET A 133 4.18 -12.34 -7.45
C MET A 133 3.34 -13.59 -7.23
N LYS A 134 2.84 -13.76 -6.01
CA LYS A 134 2.02 -14.91 -5.69
C LYS A 134 0.62 -14.48 -5.27
N LEU A 135 -0.37 -15.30 -5.61
CA LEU A 135 -1.75 -15.03 -5.25
C LEU A 135 -2.01 -15.46 -3.81
N VAL A 136 -2.68 -14.60 -3.06
CA VAL A 136 -2.99 -14.92 -1.67
C VAL A 136 -4.46 -14.70 -1.36
N ASN A 137 -5.02 -15.62 -0.60
CA ASN A 137 -6.41 -15.52 -0.16
C ASN A 137 -6.48 -15.25 1.33
N TYR A 138 -7.09 -14.14 1.71
CA TYR A 138 -7.24 -13.79 3.11
C TYR A 138 -8.53 -13.01 3.32
N GLY A 139 -9.38 -13.52 4.19
CA GLY A 139 -10.61 -12.83 4.52
C GLY A 139 -11.58 -12.78 3.35
N ARG A 140 -11.71 -13.90 2.64
CA ARG A 140 -12.65 -14.06 1.54
C ARG A 140 -12.23 -13.30 0.28
N THR A 141 -11.35 -12.32 0.44
CA THR A 141 -10.85 -11.55 -0.68
C THR A 141 -9.51 -12.11 -1.14
N TYR A 142 -9.09 -11.75 -2.35
CA TYR A 142 -7.82 -12.23 -2.86
C TYR A 142 -7.01 -11.09 -3.45
N PHE A 143 -5.70 -11.23 -3.36
CA PHE A 143 -4.78 -10.22 -3.85
C PHE A 143 -3.45 -10.87 -4.18
N TYR A 144 -2.50 -10.09 -4.68
CA TYR A 144 -1.19 -10.62 -5.02
C TYR A 144 -0.14 -10.02 -4.09
N GLU A 145 0.74 -10.85 -3.57
CA GLU A 145 1.82 -10.35 -2.73
C GLU A 145 3.17 -10.85 -3.24
N TYR A 146 4.21 -10.14 -2.86
CA TYR A 146 5.57 -10.54 -3.17
C TYR A 146 6.43 -10.40 -1.93
N ILE A 147 7.12 -11.46 -1.58
CA ILE A 147 7.95 -11.45 -0.39
C ILE A 147 9.37 -11.03 -0.76
N ALA A 148 9.68 -9.77 -0.52
CA ALA A 148 11.03 -9.28 -0.72
C ALA A 148 11.80 -9.41 0.58
N GLU A 149 12.72 -10.36 0.63
CA GLU A 149 13.48 -10.60 1.85
C GLU A 149 14.33 -9.38 2.19
N VAL A 150 14.67 -9.26 3.45
CA VAL A 150 15.51 -8.17 3.89
C VAL A 150 16.96 -8.56 3.64
N ARG A 151 17.67 -7.72 2.89
CA ARG A 151 19.05 -7.98 2.54
C ARG A 151 19.90 -8.14 3.78
N SER A 152 20.30 -9.38 4.03
CA SER A 152 21.06 -9.74 5.22
C SER A 152 22.41 -9.00 5.25
N ARG A 153 22.59 -8.22 6.29
CA ARG A 153 23.81 -7.44 6.46
C ARG A 153 24.83 -8.24 7.26
N MET A 1 -26.94 -21.07 -3.72
CA MET A 1 -27.25 -20.07 -4.77
C MET A 1 -26.01 -19.79 -5.61
N GLY A 2 -26.14 -19.96 -6.92
CA GLY A 2 -25.03 -19.67 -7.82
C GLY A 2 -25.44 -19.87 -9.26
N SER A 3 -26.49 -19.17 -9.68
CA SER A 3 -27.01 -19.32 -11.02
C SER A 3 -26.41 -18.29 -11.97
N SER A 4 -25.88 -18.76 -13.09
CA SER A 4 -25.45 -17.87 -14.15
C SER A 4 -26.48 -17.88 -15.28
N HIS A 5 -27.60 -17.20 -15.05
CA HIS A 5 -28.70 -17.20 -15.99
C HIS A 5 -28.50 -16.14 -17.07
N HIS A 6 -29.52 -15.92 -17.89
CA HIS A 6 -29.44 -14.92 -18.95
C HIS A 6 -29.72 -13.54 -18.40
N HIS A 7 -28.68 -12.93 -17.85
CA HIS A 7 -28.75 -11.58 -17.33
C HIS A 7 -28.00 -10.65 -18.29
N HIS A 8 -26.68 -10.78 -18.28
CA HIS A 8 -25.80 -10.09 -19.24
C HIS A 8 -25.91 -8.57 -19.13
N HIS A 9 -26.33 -8.09 -17.97
CA HIS A 9 -26.32 -6.66 -17.70
C HIS A 9 -25.13 -6.35 -16.82
N HIS A 10 -24.05 -5.91 -17.45
CA HIS A 10 -22.79 -5.69 -16.75
C HIS A 10 -22.80 -4.34 -16.05
N SER A 11 -23.55 -4.28 -14.96
CA SER A 11 -23.67 -3.10 -14.16
C SER A 11 -24.08 -3.49 -12.76
N SER A 12 -23.47 -2.85 -11.77
CA SER A 12 -23.80 -3.12 -10.38
C SER A 12 -25.16 -2.52 -10.04
N GLY A 13 -25.61 -1.57 -10.85
CA GLY A 13 -26.87 -0.90 -10.58
C GLY A 13 -26.71 0.17 -9.53
N LEU A 14 -26.32 -0.26 -8.34
CA LEU A 14 -26.05 0.64 -7.24
C LEU A 14 -24.74 0.23 -6.57
N VAL A 15 -23.80 1.15 -6.49
CA VAL A 15 -22.56 0.90 -5.77
C VAL A 15 -22.72 1.27 -4.30
N PRO A 16 -22.78 0.26 -3.42
CA PRO A 16 -22.96 0.45 -2.00
C PRO A 16 -21.63 0.74 -1.30
N ARG A 17 -21.67 0.78 0.04
CA ARG A 17 -20.46 1.01 0.80
C ARG A 17 -19.71 -0.30 0.99
N GLY A 18 -18.98 -0.69 -0.04
CA GLY A 18 -18.25 -1.94 -0.01
C GLY A 18 -16.81 -1.78 0.42
N SER A 19 -16.62 -1.28 1.63
CA SER A 19 -15.30 -1.10 2.19
C SER A 19 -14.88 -2.30 3.02
N HIS A 20 -15.66 -3.36 2.93
CA HIS A 20 -15.45 -4.57 3.72
C HIS A 20 -14.12 -5.23 3.37
N MET A 21 -13.91 -5.49 2.08
CA MET A 21 -12.71 -6.18 1.61
C MET A 21 -11.45 -5.37 1.89
N TRP A 22 -11.61 -4.07 2.09
CA TRP A 22 -10.48 -3.19 2.34
C TRP A 22 -10.05 -3.26 3.80
N ASN A 23 -10.98 -3.67 4.65
CA ASN A 23 -10.71 -3.80 6.07
C ASN A 23 -9.82 -5.01 6.32
N ASP A 24 -10.15 -6.13 5.67
CA ASP A 24 -9.35 -7.35 5.80
C ASP A 24 -7.93 -7.10 5.32
N LEU A 25 -7.81 -6.38 4.21
CA LEU A 25 -6.52 -5.99 3.67
C LEU A 25 -5.70 -5.25 4.72
N ALA A 26 -6.32 -4.26 5.36
CA ALA A 26 -5.68 -3.48 6.40
C ALA A 26 -5.23 -4.37 7.55
N VAL A 27 -6.15 -5.18 8.07
CA VAL A 27 -5.85 -6.10 9.17
C VAL A 27 -4.67 -7.00 8.83
N TYR A 28 -4.65 -7.53 7.61
CA TYR A 28 -3.56 -8.39 7.17
C TYR A 28 -2.22 -7.65 7.26
N ILE A 29 -2.21 -6.42 6.75
CA ILE A 29 -1.02 -5.59 6.77
C ILE A 29 -0.59 -5.31 8.21
N ILE A 30 -1.57 -5.00 9.05
CA ILE A 30 -1.34 -4.71 10.46
C ILE A 30 -0.65 -5.87 11.17
N ARG A 31 -1.05 -7.09 10.83
CA ARG A 31 -0.49 -8.28 11.45
C ARG A 31 0.91 -8.57 10.93
N CYS A 32 1.21 -8.08 9.74
CA CYS A 32 2.50 -8.33 9.11
C CYS A 32 3.52 -7.26 9.51
N SER A 33 3.04 -6.12 9.97
CA SER A 33 3.91 -5.02 10.33
C SER A 33 4.02 -4.85 11.85
N GLY A 34 3.00 -4.27 12.45
CA GLY A 34 3.02 -4.03 13.88
C GLY A 34 3.49 -2.63 14.23
N PRO A 35 3.24 -2.17 15.46
CA PRO A 35 3.65 -0.83 15.90
C PRO A 35 5.16 -0.68 15.99
N GLY A 36 5.65 0.50 15.63
CA GLY A 36 7.07 0.78 15.73
C GLY A 36 7.75 0.88 14.37
N THR A 37 7.26 0.12 13.41
CA THR A 37 7.87 0.07 12.09
C THR A 37 7.13 1.00 11.14
N ARG A 38 7.45 0.93 9.86
CA ARG A 38 6.86 1.80 8.87
C ARG A 38 6.21 1.01 7.74
N VAL A 39 5.03 1.45 7.34
CA VAL A 39 4.32 0.86 6.21
C VAL A 39 4.05 1.93 5.17
N VAL A 40 4.48 1.70 3.94
CA VAL A 40 4.37 2.71 2.89
C VAL A 40 3.22 2.39 1.94
N GLU A 41 2.36 3.37 1.73
CA GLU A 41 1.29 3.26 0.75
C GLU A 41 1.64 4.09 -0.48
N VAL A 42 1.77 3.44 -1.62
CA VAL A 42 2.11 4.12 -2.86
C VAL A 42 0.85 4.45 -3.65
N GLY A 43 0.64 5.74 -3.90
CA GLY A 43 -0.52 6.17 -4.64
C GLY A 43 -1.64 6.62 -3.73
N ALA A 44 -1.28 7.38 -2.70
CA ALA A 44 -2.24 7.87 -1.72
C ALA A 44 -3.05 9.01 -2.28
N GLY A 45 -4.07 8.67 -3.03
CA GLY A 45 -4.94 9.66 -3.64
C GLY A 45 -5.80 10.39 -2.62
N ARG A 46 -7.04 9.96 -2.48
CA ARG A 46 -7.96 10.64 -1.57
C ARG A 46 -8.77 9.63 -0.75
N PHE A 47 -8.63 8.34 -1.07
CA PHE A 47 -9.36 7.31 -0.35
C PHE A 47 -8.95 7.27 1.13
N LEU A 48 -7.68 6.99 1.36
CA LEU A 48 -7.07 7.04 2.69
C LEU A 48 -7.80 6.17 3.72
N TYR A 49 -8.55 5.17 3.24
CA TYR A 49 -9.32 4.31 4.13
C TYR A 49 -8.41 3.33 4.86
N VAL A 50 -7.67 2.54 4.08
CA VAL A 50 -6.83 1.49 4.64
C VAL A 50 -5.73 2.08 5.52
N SER A 51 -4.99 3.03 4.97
CA SER A 51 -3.86 3.63 5.65
C SER A 51 -4.26 4.31 6.96
N ASP A 52 -5.33 5.08 6.93
CA ASP A 52 -5.77 5.82 8.12
C ASP A 52 -6.29 4.86 9.19
N TYR A 53 -6.78 3.70 8.76
CA TYR A 53 -7.25 2.68 9.70
C TYR A 53 -6.06 1.99 10.37
N ILE A 54 -5.06 1.62 9.58
CA ILE A 54 -3.89 0.91 10.09
C ILE A 54 -3.16 1.75 11.15
N ARG A 55 -3.00 3.04 10.88
CA ARG A 55 -2.30 3.93 11.79
C ARG A 55 -3.09 4.13 13.10
N LYS A 56 -4.37 3.79 13.08
CA LYS A 56 -5.20 3.87 14.27
C LYS A 56 -5.10 2.58 15.07
N HIS A 57 -5.15 1.46 14.37
CA HIS A 57 -5.12 0.15 14.99
C HIS A 57 -3.79 -0.10 15.69
N SER A 58 -2.70 0.30 15.04
CA SER A 58 -1.38 0.12 15.60
C SER A 58 -0.55 1.40 15.51
N LYS A 59 0.40 1.54 16.43
CA LYS A 59 1.31 2.68 16.44
C LYS A 59 2.39 2.54 15.37
N VAL A 60 1.99 2.04 14.21
CA VAL A 60 2.90 1.87 13.09
C VAL A 60 3.01 3.19 12.31
N ASP A 61 4.22 3.52 11.90
CA ASP A 61 4.44 4.77 11.18
C ASP A 61 4.15 4.57 9.70
N LEU A 62 2.93 4.87 9.30
CA LEU A 62 2.50 4.62 7.94
C LEU A 62 2.77 5.84 7.07
N VAL A 63 3.46 5.62 5.96
CA VAL A 63 3.86 6.69 5.07
C VAL A 63 3.02 6.70 3.80
N LEU A 64 2.35 7.81 3.54
CA LEU A 64 1.56 7.99 2.33
C LEU A 64 2.36 8.78 1.31
N THR A 65 2.26 8.40 0.04
CA THR A 65 3.00 9.09 -1.02
C THR A 65 2.07 9.68 -2.07
N ASP A 66 2.24 10.97 -2.35
CA ASP A 66 1.44 11.67 -3.37
C ASP A 66 2.07 13.01 -3.70
N ILE A 67 2.08 13.36 -4.98
CA ILE A 67 2.67 14.62 -5.42
C ILE A 67 1.73 15.77 -5.10
N LYS A 68 2.15 16.62 -4.17
CA LYS A 68 1.36 17.76 -3.72
C LYS A 68 0.00 17.26 -3.22
N PRO A 69 -0.02 16.68 -2.02
CA PRO A 69 -1.20 15.99 -1.48
C PRO A 69 -2.30 16.94 -1.07
N SER A 70 -3.55 16.49 -1.19
CA SER A 70 -4.70 17.31 -0.84
C SER A 70 -4.97 17.25 0.66
N HIS A 71 -4.68 16.09 1.26
CA HIS A 71 -4.93 15.87 2.68
C HIS A 71 -3.90 16.60 3.54
N GLY A 72 -2.67 16.63 3.08
CA GLY A 72 -1.61 17.26 3.85
C GLY A 72 -0.86 16.27 4.71
N GLY A 73 -1.57 15.28 5.24
CA GLY A 73 -0.95 14.23 6.03
C GLY A 73 -0.28 13.18 5.16
N ILE A 74 0.02 13.57 3.93
CA ILE A 74 0.66 12.70 2.97
C ILE A 74 2.02 13.27 2.58
N VAL A 75 2.98 12.41 2.28
CA VAL A 75 4.31 12.86 1.88
C VAL A 75 4.27 13.41 0.46
N ARG A 76 4.68 14.66 0.31
CA ARG A 76 4.61 15.37 -0.96
C ARG A 76 5.74 14.98 -1.92
N ASP A 77 6.40 13.85 -1.65
CA ASP A 77 7.54 13.45 -2.45
C ASP A 77 7.13 12.88 -3.80
N ASP A 78 8.04 12.96 -4.75
CA ASP A 78 7.79 12.59 -6.13
C ASP A 78 7.84 11.07 -6.31
N ILE A 79 6.98 10.55 -7.17
CA ILE A 79 6.88 9.11 -7.40
C ILE A 79 7.70 8.68 -8.61
N THR A 80 7.90 9.59 -9.56
CA THR A 80 8.67 9.25 -10.76
C THR A 80 10.16 9.28 -10.42
N SER A 81 10.51 10.07 -9.40
CA SER A 81 11.83 10.04 -8.81
C SER A 81 11.69 9.77 -7.31
N PRO A 82 11.40 8.52 -6.93
CA PRO A 82 11.04 8.18 -5.56
C PRO A 82 12.24 8.08 -4.63
N ARG A 83 12.13 8.73 -3.47
CA ARG A 83 13.15 8.61 -2.44
C ARG A 83 13.10 7.22 -1.83
N MET A 84 14.11 6.41 -2.09
CA MET A 84 14.17 5.07 -1.52
C MET A 84 14.53 5.14 -0.04
N GLU A 85 14.92 6.33 0.41
CA GLU A 85 15.16 6.57 1.84
C GLU A 85 13.86 6.49 2.63
N ILE A 86 12.75 6.68 1.93
CA ILE A 86 11.43 6.59 2.54
C ILE A 86 10.99 5.13 2.64
N TYR A 87 11.39 4.35 1.65
CA TYR A 87 11.03 2.94 1.59
C TYR A 87 11.96 2.10 2.46
N ARG A 88 13.23 2.51 2.54
CA ARG A 88 14.20 1.83 3.37
C ARG A 88 13.83 1.94 4.84
N GLY A 89 13.68 0.79 5.46
CA GLY A 89 13.31 0.76 6.86
C GLY A 89 11.85 0.38 7.04
N ALA A 90 11.10 0.39 5.95
CA ALA A 90 9.70 0.00 5.99
C ALA A 90 9.59 -1.51 6.00
N ALA A 91 8.62 -2.02 6.75
CA ALA A 91 8.42 -3.45 6.85
C ALA A 91 7.45 -3.93 5.79
N LEU A 92 6.66 -3.01 5.26
CA LEU A 92 5.65 -3.35 4.28
C LEU A 92 5.35 -2.16 3.37
N ILE A 93 5.17 -2.45 2.09
CA ILE A 93 4.82 -1.44 1.10
C ILE A 93 3.65 -1.95 0.27
N TYR A 94 2.58 -1.18 0.21
CA TYR A 94 1.41 -1.60 -0.53
C TYR A 94 0.87 -0.46 -1.38
N SER A 95 0.01 -0.80 -2.33
CA SER A 95 -0.57 0.17 -3.23
C SER A 95 -2.03 -0.13 -3.48
N ILE A 96 -2.88 0.88 -3.35
CA ILE A 96 -4.29 0.73 -3.59
C ILE A 96 -4.64 1.05 -5.03
N ARG A 97 -4.75 0.00 -5.84
CA ARG A 97 -5.05 0.13 -7.27
C ARG A 97 -3.99 0.95 -7.99
N PRO A 98 -2.83 0.35 -8.26
CA PRO A 98 -1.75 1.01 -9.00
C PRO A 98 -1.89 0.82 -10.50
N PRO A 99 -1.38 1.76 -11.30
CA PRO A 99 -1.37 1.64 -12.76
C PRO A 99 -0.34 0.61 -13.23
N ALA A 100 -0.64 -0.05 -14.35
CA ALA A 100 0.24 -1.10 -14.88
C ALA A 100 1.47 -0.51 -15.58
N GLU A 101 2.02 0.53 -14.98
CA GLU A 101 3.23 1.16 -15.50
C GLU A 101 4.33 1.14 -14.45
N ILE A 102 3.93 1.14 -13.18
CA ILE A 102 4.87 1.22 -12.07
C ILE A 102 4.91 -0.09 -11.29
N HIS A 103 4.18 -1.07 -11.80
CA HIS A 103 4.07 -2.37 -11.14
C HIS A 103 5.43 -3.06 -11.01
N SER A 104 6.18 -3.10 -12.09
CA SER A 104 7.51 -3.70 -12.08
C SER A 104 8.49 -2.84 -11.28
N SER A 105 8.17 -1.55 -11.17
CA SER A 105 8.98 -0.61 -10.42
C SER A 105 8.81 -0.84 -8.93
N LEU A 106 7.59 -1.15 -8.52
CA LEU A 106 7.30 -1.44 -7.12
C LEU A 106 8.04 -2.68 -6.66
N MET A 107 8.07 -3.69 -7.51
CA MET A 107 8.75 -4.96 -7.22
C MET A 107 10.21 -4.75 -6.87
N ARG A 108 10.91 -3.95 -7.67
CA ARG A 108 12.33 -3.73 -7.47
C ARG A 108 12.59 -2.94 -6.19
N VAL A 109 11.66 -2.07 -5.83
CA VAL A 109 11.80 -1.24 -4.64
C VAL A 109 11.59 -2.07 -3.38
N ALA A 110 10.53 -2.88 -3.38
CA ALA A 110 10.26 -3.76 -2.26
C ALA A 110 11.44 -4.69 -2.05
N ASP A 111 11.87 -5.31 -3.13
CA ASP A 111 13.00 -6.24 -3.12
C ASP A 111 14.25 -5.57 -2.53
N ALA A 112 14.46 -4.32 -2.90
CA ALA A 112 15.64 -3.57 -2.48
C ALA A 112 15.62 -3.27 -0.97
N VAL A 113 14.48 -2.83 -0.46
CA VAL A 113 14.40 -2.43 0.94
C VAL A 113 14.14 -3.61 1.86
N GLY A 114 13.49 -4.64 1.33
CA GLY A 114 13.25 -5.84 2.10
C GLY A 114 11.85 -5.87 2.70
N ALA A 115 10.94 -5.12 2.11
CA ALA A 115 9.59 -5.01 2.64
C ALA A 115 8.62 -5.93 1.91
N ARG A 116 7.48 -6.15 2.54
CA ARG A 116 6.44 -6.97 1.96
C ARG A 116 5.57 -6.12 1.05
N LEU A 117 5.58 -6.44 -0.23
CA LEU A 117 4.81 -5.68 -1.21
C LEU A 117 3.42 -6.26 -1.34
N ILE A 118 2.41 -5.42 -1.21
CA ILE A 118 1.04 -5.90 -1.33
C ILE A 118 0.25 -5.04 -2.32
N ILE A 119 -0.25 -5.68 -3.37
CA ILE A 119 -1.01 -5.00 -4.40
C ILE A 119 -2.41 -5.58 -4.50
N LYS A 120 -3.43 -4.74 -4.36
CA LYS A 120 -4.81 -5.17 -4.54
C LYS A 120 -5.35 -4.61 -5.85
N PRO A 121 -5.35 -5.43 -6.91
CA PRO A 121 -5.84 -5.03 -8.23
C PRO A 121 -7.37 -5.02 -8.32
N LEU A 122 -7.86 -4.77 -9.53
CA LEU A 122 -9.30 -4.65 -9.77
C LEU A 122 -9.98 -6.02 -9.76
N THR A 123 -11.30 -6.00 -9.89
CA THR A 123 -12.08 -7.23 -9.92
C THR A 123 -11.94 -7.94 -11.26
N GLY A 124 -11.14 -9.00 -11.28
CA GLY A 124 -10.93 -9.76 -12.49
C GLY A 124 -9.90 -9.13 -13.39
N GLU A 125 -8.94 -8.43 -12.79
CA GLU A 125 -7.86 -7.81 -13.54
C GLU A 125 -6.55 -8.14 -12.86
N ASP A 126 -5.55 -8.47 -13.66
CA ASP A 126 -4.27 -8.94 -13.14
C ASP A 126 -3.19 -7.88 -13.31
N ILE A 127 -2.07 -8.08 -12.63
CA ILE A 127 -0.95 -7.15 -12.70
C ILE A 127 -0.17 -7.36 -14.01
N VAL A 128 -0.35 -8.56 -14.59
CA VAL A 128 0.23 -8.93 -15.89
C VAL A 128 1.71 -8.56 -16.01
N THR A 129 2.44 -8.76 -14.92
CA THR A 129 3.87 -8.45 -14.90
C THR A 129 4.69 -9.70 -15.19
N GLU A 130 5.99 -9.51 -15.40
CA GLU A 130 6.90 -10.64 -15.61
C GLU A 130 7.49 -11.09 -14.28
N ARG A 131 7.26 -10.29 -13.25
CA ARG A 131 7.75 -10.57 -11.92
C ARG A 131 6.81 -11.53 -11.21
N LYS A 132 7.26 -12.10 -10.10
CA LYS A 132 6.47 -13.10 -9.39
C LYS A 132 5.86 -12.55 -8.12
N MET A 133 4.57 -12.79 -7.97
CA MET A 133 3.85 -12.44 -6.77
C MET A 133 2.91 -13.58 -6.40
N LYS A 134 2.48 -13.61 -5.17
CA LYS A 134 1.61 -14.69 -4.71
C LYS A 134 0.22 -14.15 -4.40
N LEU A 135 -0.79 -14.86 -4.90
CA LEU A 135 -2.18 -14.49 -4.67
C LEU A 135 -2.63 -14.97 -3.30
N VAL A 136 -3.06 -14.06 -2.47
CA VAL A 136 -3.49 -14.40 -1.12
C VAL A 136 -4.97 -14.09 -0.93
N ASN A 137 -5.64 -14.96 -0.19
CA ASN A 137 -7.05 -14.76 0.14
C ASN A 137 -7.18 -14.58 1.64
N TYR A 138 -7.53 -13.38 2.06
CA TYR A 138 -7.67 -13.09 3.49
C TYR A 138 -9.05 -12.54 3.76
N GLY A 139 -9.92 -13.36 4.34
CA GLY A 139 -11.30 -12.95 4.55
C GLY A 139 -12.05 -12.81 3.25
N ARG A 140 -11.81 -13.76 2.34
CA ARG A 140 -12.46 -13.81 1.03
C ARG A 140 -11.91 -12.80 0.03
N THR A 141 -11.36 -11.68 0.51
CA THR A 141 -10.76 -10.70 -0.39
C THR A 141 -9.42 -11.23 -0.89
N TYR A 142 -9.12 -10.96 -2.15
CA TYR A 142 -7.90 -11.48 -2.74
C TYR A 142 -7.02 -10.35 -3.26
N PHE A 143 -5.72 -10.53 -3.07
CA PHE A 143 -4.71 -9.57 -3.48
C PHE A 143 -3.39 -10.28 -3.73
N TYR A 144 -2.43 -9.58 -4.29
CA TYR A 144 -1.13 -10.15 -4.56
C TYR A 144 -0.09 -9.58 -3.62
N GLU A 145 0.62 -10.45 -2.93
CA GLU A 145 1.67 -10.00 -2.03
C GLU A 145 3.02 -10.49 -2.53
N TYR A 146 4.08 -9.90 -2.01
CA TYR A 146 5.43 -10.30 -2.35
C TYR A 146 6.35 -10.12 -1.17
N ILE A 147 7.07 -11.18 -0.83
CA ILE A 147 7.99 -11.14 0.27
C ILE A 147 9.40 -10.86 -0.24
N ALA A 148 9.85 -9.64 -0.05
CA ALA A 148 11.20 -9.28 -0.42
C ALA A 148 12.19 -9.97 0.51
N GLU A 149 13.03 -10.83 -0.05
CA GLU A 149 13.96 -11.60 0.74
C GLU A 149 15.10 -10.74 1.25
N VAL A 150 15.38 -10.91 2.52
CA VAL A 150 16.49 -10.24 3.16
C VAL A 150 17.60 -11.25 3.40
N ARG A 151 18.82 -10.88 3.05
CA ARG A 151 19.95 -11.78 3.21
C ARG A 151 20.19 -12.06 4.69
N SER A 152 20.27 -13.34 5.02
CA SER A 152 20.48 -13.75 6.39
C SER A 152 21.96 -13.72 6.72
N ARG A 153 22.28 -13.36 7.96
CA ARG A 153 23.66 -13.28 8.39
C ARG A 153 24.23 -14.68 8.63
N MET A 1 -10.35 35.28 4.08
CA MET A 1 -11.13 34.77 5.23
C MET A 1 -12.29 33.91 4.74
N GLY A 2 -12.85 33.11 5.64
CA GLY A 2 -13.95 32.25 5.28
C GLY A 2 -15.20 32.58 6.06
N SER A 3 -16.35 32.48 5.41
CA SER A 3 -17.63 32.78 6.06
C SER A 3 -18.28 31.49 6.52
N SER A 4 -18.33 30.50 5.63
CA SER A 4 -18.92 29.21 5.95
C SER A 4 -17.92 28.09 5.70
N HIS A 5 -17.47 27.46 6.76
CA HIS A 5 -16.58 26.31 6.64
C HIS A 5 -17.37 25.01 6.67
N HIS A 6 -17.71 24.52 5.48
CA HIS A 6 -18.52 23.33 5.36
C HIS A 6 -17.66 22.10 5.05
N HIS A 7 -18.27 20.93 5.13
CA HIS A 7 -17.61 19.69 4.78
C HIS A 7 -18.25 19.10 3.53
N HIS A 8 -17.78 17.95 3.10
CA HIS A 8 -18.37 17.26 1.95
C HIS A 8 -19.36 16.20 2.42
N HIS A 9 -19.71 16.29 3.69
CA HIS A 9 -20.58 15.29 4.31
C HIS A 9 -21.90 15.93 4.72
N HIS A 10 -22.95 15.11 4.71
CA HIS A 10 -24.27 15.57 5.13
C HIS A 10 -24.47 15.24 6.60
N SER A 11 -23.80 14.19 7.05
CA SER A 11 -23.83 13.76 8.43
C SER A 11 -22.67 12.81 8.70
N SER A 12 -22.47 12.47 9.97
CA SER A 12 -21.40 11.56 10.36
C SER A 12 -21.63 10.17 9.74
N GLY A 13 -20.80 9.82 8.78
CA GLY A 13 -20.94 8.56 8.11
C GLY A 13 -20.20 7.44 8.82
N LEU A 14 -20.82 6.27 8.84
CA LEU A 14 -20.18 5.09 9.41
C LEU A 14 -19.52 4.27 8.30
N VAL A 15 -19.27 3.00 8.57
CA VAL A 15 -18.71 2.11 7.57
C VAL A 15 -19.65 2.00 6.37
N PRO A 16 -19.12 2.21 5.16
CA PRO A 16 -19.92 2.18 3.94
C PRO A 16 -20.22 0.76 3.48
N ARG A 17 -20.88 0.64 2.33
CA ARG A 17 -21.17 -0.68 1.78
C ARG A 17 -20.53 -0.83 0.40
N GLY A 18 -19.93 -1.99 0.16
CA GLY A 18 -19.24 -2.22 -1.09
C GLY A 18 -17.72 -2.21 -0.93
N SER A 19 -17.23 -1.25 -0.15
CA SER A 19 -15.78 -1.07 0.02
C SER A 19 -15.19 -2.02 1.05
N HIS A 20 -16.00 -2.95 1.54
CA HIS A 20 -15.53 -3.93 2.53
C HIS A 20 -14.46 -4.85 1.94
N MET A 21 -14.37 -4.86 0.62
CA MET A 21 -13.35 -5.65 -0.08
C MET A 21 -11.95 -5.13 0.23
N TRP A 22 -11.87 -3.91 0.74
CA TRP A 22 -10.59 -3.30 1.08
C TRP A 22 -10.25 -3.53 2.55
N ASN A 23 -11.29 -3.78 3.35
CA ASN A 23 -11.13 -4.00 4.78
C ASN A 23 -10.35 -5.29 5.04
N ASP A 24 -10.67 -6.33 4.28
CA ASP A 24 -9.99 -7.62 4.41
C ASP A 24 -8.49 -7.44 4.18
N LEU A 25 -8.17 -6.73 3.11
CA LEU A 25 -6.77 -6.45 2.76
C LEU A 25 -6.08 -5.69 3.88
N ALA A 26 -6.74 -4.65 4.38
CA ALA A 26 -6.20 -3.82 5.45
C ALA A 26 -5.82 -4.66 6.67
N VAL A 27 -6.76 -5.48 7.14
CA VAL A 27 -6.52 -6.33 8.31
C VAL A 27 -5.29 -7.22 8.09
N TYR A 28 -5.19 -7.79 6.89
CA TYR A 28 -4.07 -8.65 6.54
C TYR A 28 -2.74 -7.90 6.67
N ILE A 29 -2.73 -6.68 6.15
CA ILE A 29 -1.55 -5.82 6.21
C ILE A 29 -1.22 -5.45 7.66
N ILE A 30 -2.26 -5.13 8.41
CA ILE A 30 -2.13 -4.77 9.82
C ILE A 30 -1.45 -5.88 10.61
N ARG A 31 -1.88 -7.11 10.36
CA ARG A 31 -1.35 -8.27 11.07
C ARG A 31 0.12 -8.49 10.75
N CYS A 32 0.55 -8.08 9.57
CA CYS A 32 1.92 -8.30 9.13
C CYS A 32 2.84 -7.17 9.61
N SER A 33 2.26 -5.99 9.84
CA SER A 33 3.04 -4.83 10.23
C SER A 33 3.01 -4.61 11.74
N GLY A 34 1.91 -4.08 12.25
CA GLY A 34 1.78 -3.81 13.66
C GLY A 34 2.25 -2.41 14.02
N PRO A 35 2.04 -1.97 15.27
CA PRO A 35 2.47 -0.64 15.72
C PRO A 35 3.98 -0.55 15.93
N GLY A 36 4.52 0.64 15.81
CA GLY A 36 5.95 0.83 16.03
C GLY A 36 6.80 0.48 14.82
N THR A 37 6.23 0.66 13.63
CA THR A 37 6.97 0.43 12.40
C THR A 37 6.42 1.35 11.32
N ARG A 38 6.93 1.23 10.10
CA ARG A 38 6.53 2.11 9.00
C ARG A 38 5.86 1.33 7.88
N VAL A 39 4.77 1.86 7.38
CA VAL A 39 4.11 1.31 6.21
C VAL A 39 3.99 2.40 5.16
N VAL A 40 4.50 2.14 3.96
CA VAL A 40 4.48 3.14 2.90
C VAL A 40 3.49 2.74 1.82
N GLU A 41 2.48 3.57 1.63
CA GLU A 41 1.41 3.28 0.69
C GLU A 41 1.74 3.88 -0.66
N VAL A 42 1.81 3.03 -1.67
CA VAL A 42 2.04 3.49 -3.04
C VAL A 42 0.70 3.66 -3.75
N GLY A 43 0.34 4.90 -4.00
CA GLY A 43 -0.94 5.21 -4.58
C GLY A 43 -1.93 5.63 -3.52
N ALA A 44 -2.09 6.94 -3.38
CA ALA A 44 -2.95 7.48 -2.34
C ALA A 44 -4.18 8.13 -2.94
N GLY A 45 -3.96 9.05 -3.88
CA GLY A 45 -5.06 9.79 -4.47
C GLY A 45 -6.00 10.37 -3.44
N ARG A 46 -7.26 9.98 -3.52
CA ARG A 46 -8.25 10.39 -2.54
C ARG A 46 -8.82 9.16 -1.83
N PHE A 47 -8.29 7.99 -2.17
CA PHE A 47 -8.81 6.73 -1.64
C PHE A 47 -7.96 6.26 -0.45
N LEU A 48 -7.95 7.04 0.61
CA LEU A 48 -7.18 6.73 1.80
C LEU A 48 -7.95 5.80 2.74
N TYR A 49 -8.91 5.08 2.17
CA TYR A 49 -9.79 4.20 2.93
C TYR A 49 -9.01 3.06 3.61
N VAL A 50 -8.05 2.51 2.88
CA VAL A 50 -7.24 1.41 3.40
C VAL A 50 -6.22 1.92 4.41
N SER A 51 -5.48 2.93 3.99
CA SER A 51 -4.37 3.47 4.78
C SER A 51 -4.83 4.02 6.13
N ASP A 52 -5.90 4.81 6.12
CA ASP A 52 -6.37 5.45 7.35
C ASP A 52 -6.95 4.40 8.29
N TYR A 53 -7.62 3.40 7.74
CA TYR A 53 -8.19 2.32 8.54
C TYR A 53 -7.08 1.62 9.34
N ILE A 54 -5.94 1.42 8.71
CA ILE A 54 -4.81 0.77 9.36
C ILE A 54 -4.27 1.62 10.51
N ARG A 55 -4.03 2.90 10.24
CA ARG A 55 -3.44 3.79 11.24
C ARG A 55 -4.41 4.07 12.40
N LYS A 56 -5.70 3.85 12.16
CA LYS A 56 -6.71 4.04 13.21
C LYS A 56 -6.78 2.82 14.12
N HIS A 57 -6.60 1.64 13.54
CA HIS A 57 -6.70 0.41 14.30
C HIS A 57 -5.37 0.10 14.99
N SER A 58 -4.27 0.33 14.28
CA SER A 58 -2.94 0.15 14.83
C SER A 58 -2.15 1.44 14.71
N LYS A 59 -1.49 1.82 15.80
CA LYS A 59 -0.69 3.02 15.81
C LYS A 59 0.65 2.77 15.13
N VAL A 60 0.55 2.48 13.85
CA VAL A 60 1.72 2.29 13.00
C VAL A 60 2.06 3.60 12.29
N ASP A 61 3.34 3.82 12.02
CA ASP A 61 3.78 5.01 11.30
C ASP A 61 3.42 4.87 9.82
N LEU A 62 2.28 5.44 9.47
CA LEU A 62 1.73 5.28 8.14
C LEU A 62 2.18 6.43 7.24
N VAL A 63 2.75 6.08 6.09
CA VAL A 63 3.29 7.07 5.17
C VAL A 63 2.71 6.88 3.77
N LEU A 64 2.04 7.90 3.27
CA LEU A 64 1.45 7.86 1.94
C LEU A 64 2.39 8.54 0.95
N THR A 65 2.38 8.09 -0.30
CA THR A 65 3.19 8.70 -1.35
C THR A 65 2.36 8.89 -2.62
N ASP A 66 2.35 10.12 -3.15
CA ASP A 66 1.56 10.42 -4.35
C ASP A 66 2.05 11.73 -4.97
N ILE A 67 1.48 12.09 -6.11
CA ILE A 67 1.87 13.30 -6.82
C ILE A 67 1.04 14.49 -6.34
N LYS A 68 1.69 15.38 -5.58
CA LYS A 68 1.03 16.55 -4.99
C LYS A 68 -0.12 16.14 -4.07
N PRO A 69 0.20 15.94 -2.79
CA PRO A 69 -0.77 15.49 -1.77
C PRO A 69 -1.87 16.51 -1.51
N SER A 70 -3.08 16.00 -1.31
CA SER A 70 -4.22 16.85 -0.95
C SER A 70 -4.41 16.88 0.57
N HIS A 71 -3.76 15.94 1.25
CA HIS A 71 -3.87 15.83 2.71
C HIS A 71 -2.49 15.89 3.35
N GLY A 72 -2.43 16.40 4.56
CA GLY A 72 -1.16 16.50 5.28
C GLY A 72 -0.71 15.18 5.87
N GLY A 73 -0.55 14.18 5.01
CA GLY A 73 -0.06 12.89 5.43
C GLY A 73 0.53 12.11 4.27
N ILE A 74 0.66 12.79 3.14
CA ILE A 74 1.16 12.19 1.93
C ILE A 74 2.46 12.87 1.50
N VAL A 75 3.46 12.08 1.15
CA VAL A 75 4.72 12.62 0.66
C VAL A 75 4.57 13.06 -0.78
N ARG A 76 5.03 14.27 -1.06
CA ARG A 76 4.89 14.89 -2.38
C ARG A 76 5.99 14.43 -3.33
N ASP A 77 6.50 13.23 -3.14
CA ASP A 77 7.57 12.72 -4.00
C ASP A 77 6.98 12.12 -5.26
N ASP A 78 7.81 11.97 -6.29
CA ASP A 78 7.36 11.46 -7.57
C ASP A 78 7.25 9.95 -7.52
N ILE A 79 6.02 9.46 -7.42
CA ILE A 79 5.76 8.02 -7.28
C ILE A 79 6.34 7.20 -8.45
N THR A 80 6.56 7.84 -9.59
CA THR A 80 7.06 7.14 -10.76
C THR A 80 8.60 7.12 -10.76
N SER A 81 9.19 7.83 -9.80
CA SER A 81 10.64 7.88 -9.64
C SER A 81 10.96 8.20 -8.19
N PRO A 82 10.52 7.34 -7.26
CA PRO A 82 10.48 7.67 -5.83
C PRO A 82 11.83 7.54 -5.13
N ARG A 83 11.97 8.27 -4.04
CA ARG A 83 13.18 8.24 -3.24
C ARG A 83 13.24 6.98 -2.39
N MET A 84 14.38 6.32 -2.39
CA MET A 84 14.56 5.14 -1.56
C MET A 84 14.65 5.54 -0.10
N GLU A 85 15.00 6.80 0.14
CA GLU A 85 15.13 7.35 1.49
C GLU A 85 13.78 7.40 2.22
N ILE A 86 12.69 7.24 1.47
CA ILE A 86 11.36 7.28 2.04
C ILE A 86 10.88 5.89 2.42
N TYR A 87 11.17 4.92 1.55
CA TYR A 87 10.72 3.55 1.75
C TYR A 87 11.60 2.81 2.75
N ARG A 88 12.85 3.21 2.84
CA ARG A 88 13.78 2.58 3.76
C ARG A 88 13.32 2.76 5.21
N GLY A 89 13.09 1.65 5.88
CA GLY A 89 12.61 1.69 7.25
C GLY A 89 11.18 1.22 7.35
N ALA A 90 10.58 0.90 6.21
CA ALA A 90 9.22 0.41 6.17
C ALA A 90 9.20 -1.12 6.26
N ALA A 91 8.21 -1.64 6.96
CA ALA A 91 8.08 -3.09 7.14
C ALA A 91 7.28 -3.69 6.00
N LEU A 92 6.39 -2.90 5.43
CA LEU A 92 5.51 -3.38 4.39
C LEU A 92 5.17 -2.25 3.43
N ILE A 93 5.07 -2.57 2.15
CA ILE A 93 4.72 -1.61 1.12
C ILE A 93 3.65 -2.20 0.21
N TYR A 94 2.49 -1.58 0.15
CA TYR A 94 1.44 -2.05 -0.74
C TYR A 94 0.98 -0.97 -1.68
N SER A 95 0.38 -1.37 -2.78
CA SER A 95 -0.04 -0.44 -3.81
C SER A 95 -1.51 -0.64 -4.14
N ILE A 96 -2.27 0.43 -4.05
CA ILE A 96 -3.70 0.38 -4.33
C ILE A 96 -3.96 0.76 -5.78
N ARG A 97 -4.09 -0.25 -6.63
CA ARG A 97 -4.33 -0.08 -8.06
C ARG A 97 -3.18 0.71 -8.70
N PRO A 98 -2.02 0.07 -8.88
CA PRO A 98 -0.86 0.71 -9.47
C PRO A 98 -0.85 0.65 -11.00
N PRO A 99 -0.48 1.76 -11.66
CA PRO A 99 -0.34 1.81 -13.11
C PRO A 99 0.82 0.95 -13.61
N ALA A 100 0.81 0.66 -14.90
CA ALA A 100 1.83 -0.19 -15.50
C ALA A 100 3.05 0.62 -15.90
N GLU A 101 3.38 1.62 -15.09
CA GLU A 101 4.57 2.42 -15.31
C GLU A 101 5.53 2.27 -14.12
N ILE A 102 5.04 1.67 -13.04
CA ILE A 102 5.83 1.49 -11.83
C ILE A 102 5.79 0.04 -11.37
N HIS A 103 5.25 -0.81 -12.20
CA HIS A 103 5.03 -2.22 -11.88
C HIS A 103 6.32 -2.92 -11.44
N SER A 104 7.34 -2.88 -12.29
CA SER A 104 8.61 -3.51 -11.97
C SER A 104 9.37 -2.64 -10.98
N SER A 105 9.08 -1.34 -11.00
CA SER A 105 9.76 -0.38 -10.14
C SER A 105 9.40 -0.64 -8.68
N LEU A 106 8.13 -0.91 -8.44
CA LEU A 106 7.64 -1.21 -7.10
C LEU A 106 8.31 -2.45 -6.52
N MET A 107 8.47 -3.46 -7.36
CA MET A 107 9.07 -4.72 -6.92
C MET A 107 10.53 -4.52 -6.54
N ARG A 108 11.27 -3.73 -7.34
CA ARG A 108 12.68 -3.49 -7.07
C ARG A 108 12.88 -2.57 -5.87
N VAL A 109 11.87 -1.76 -5.56
CA VAL A 109 11.92 -0.91 -4.38
C VAL A 109 11.68 -1.74 -3.12
N ALA A 110 10.65 -2.58 -3.16
CA ALA A 110 10.36 -3.49 -2.06
C ALA A 110 11.57 -4.35 -1.76
N ASP A 111 12.10 -4.96 -2.81
CA ASP A 111 13.26 -5.86 -2.70
C ASP A 111 14.46 -5.14 -2.11
N ALA A 112 14.58 -3.85 -2.44
CA ALA A 112 15.71 -3.04 -1.98
C ALA A 112 15.62 -2.75 -0.49
N VAL A 113 14.44 -2.35 -0.02
CA VAL A 113 14.27 -1.97 1.37
C VAL A 113 14.00 -3.18 2.26
N GLY A 114 13.41 -4.21 1.68
CA GLY A 114 13.12 -5.41 2.44
C GLY A 114 11.72 -5.41 3.03
N ALA A 115 10.76 -4.89 2.27
CA ALA A 115 9.40 -4.82 2.75
C ALA A 115 8.49 -5.71 1.92
N ARG A 116 7.45 -6.21 2.56
CA ARG A 116 6.48 -7.08 1.90
C ARG A 116 5.63 -6.26 0.93
N LEU A 117 5.75 -6.57 -0.35
CA LEU A 117 5.01 -5.85 -1.38
C LEU A 117 3.67 -6.52 -1.60
N ILE A 118 2.59 -5.77 -1.40
CA ILE A 118 1.27 -6.30 -1.59
C ILE A 118 0.51 -5.48 -2.64
N ILE A 119 0.19 -6.11 -3.76
CA ILE A 119 -0.51 -5.44 -4.83
C ILE A 119 -1.90 -6.01 -4.99
N LYS A 120 -2.90 -5.15 -4.86
CA LYS A 120 -4.27 -5.55 -5.13
C LYS A 120 -4.73 -4.85 -6.40
N PRO A 121 -4.63 -5.52 -7.55
CA PRO A 121 -5.03 -4.99 -8.83
C PRO A 121 -6.49 -5.26 -9.14
N LEU A 122 -6.85 -5.14 -10.42
CA LEU A 122 -8.22 -5.39 -10.85
C LEU A 122 -8.45 -6.88 -11.09
N THR A 123 -9.71 -7.27 -11.25
CA THR A 123 -10.08 -8.66 -11.40
C THR A 123 -9.41 -9.28 -12.63
N GLY A 124 -9.19 -8.48 -13.67
CA GLY A 124 -8.50 -8.97 -14.85
C GLY A 124 -7.31 -8.12 -15.20
N GLU A 125 -6.58 -7.69 -14.19
CA GLU A 125 -5.45 -6.80 -14.38
C GLU A 125 -4.14 -7.53 -14.09
N ASP A 126 -3.29 -7.65 -15.09
CA ASP A 126 -2.00 -8.31 -14.93
C ASP A 126 -0.96 -7.34 -14.40
N ILE A 127 0.17 -7.89 -13.98
CA ILE A 127 1.25 -7.11 -13.41
C ILE A 127 2.24 -6.68 -14.49
N VAL A 128 2.32 -7.48 -15.56
CA VAL A 128 3.21 -7.21 -16.71
C VAL A 128 4.65 -7.54 -16.35
N THR A 129 5.04 -7.20 -15.13
CA THR A 129 6.30 -7.60 -14.56
C THR A 129 6.44 -9.12 -14.60
N GLU A 130 5.39 -9.80 -14.13
CA GLU A 130 5.32 -11.26 -14.12
C GLU A 130 6.46 -11.88 -13.31
N ARG A 131 7.05 -11.07 -12.44
CA ARG A 131 8.12 -11.53 -11.56
C ARG A 131 7.51 -12.34 -10.41
N LYS A 132 8.34 -13.15 -9.73
CA LYS A 132 7.87 -13.99 -8.63
C LYS A 132 7.01 -13.22 -7.65
N MET A 133 5.76 -13.61 -7.58
CA MET A 133 4.81 -13.10 -6.59
C MET A 133 3.83 -14.21 -6.27
N LYS A 134 3.13 -14.09 -5.16
CA LYS A 134 2.21 -15.14 -4.75
C LYS A 134 0.81 -14.60 -4.51
N LEU A 135 -0.19 -15.28 -5.04
CA LEU A 135 -1.57 -14.88 -4.90
C LEU A 135 -2.14 -15.40 -3.59
N VAL A 136 -2.59 -14.48 -2.75
CA VAL A 136 -3.10 -14.84 -1.43
C VAL A 136 -4.58 -14.49 -1.32
N ASN A 137 -5.30 -15.25 -0.52
CA ASN A 137 -6.71 -14.99 -0.27
C ASN A 137 -6.92 -14.65 1.19
N TYR A 138 -7.54 -13.51 1.46
CA TYR A 138 -7.86 -13.14 2.83
C TYR A 138 -9.26 -12.55 2.88
N GLY A 139 -10.06 -13.03 3.81
CA GLY A 139 -11.46 -12.65 3.89
C GLY A 139 -12.24 -13.25 2.75
N ARG A 140 -12.26 -12.55 1.63
CA ARG A 140 -12.88 -13.05 0.41
C ARG A 140 -12.29 -12.36 -0.81
N THR A 141 -11.17 -11.68 -0.60
CA THR A 141 -10.50 -11.00 -1.70
C THR A 141 -9.16 -11.65 -1.98
N TYR A 142 -8.67 -11.50 -3.20
CA TYR A 142 -7.40 -12.08 -3.59
C TYR A 142 -6.46 -11.00 -4.10
N PHE A 143 -5.21 -11.10 -3.69
CA PHE A 143 -4.20 -10.11 -4.05
C PHE A 143 -2.84 -10.78 -4.18
N TYR A 144 -1.93 -10.11 -4.84
CA TYR A 144 -0.60 -10.64 -5.05
C TYR A 144 0.39 -10.03 -4.07
N GLU A 145 1.05 -10.87 -3.28
CA GLU A 145 2.04 -10.39 -2.35
C GLU A 145 3.43 -10.87 -2.76
N TYR A 146 4.43 -10.15 -2.33
CA TYR A 146 5.81 -10.51 -2.56
C TYR A 146 6.65 -10.20 -1.34
N ILE A 147 7.33 -11.20 -0.83
CA ILE A 147 8.12 -11.02 0.37
C ILE A 147 9.54 -10.65 0.00
N ALA A 148 9.85 -9.37 0.09
CA ALA A 148 11.21 -8.91 -0.08
C ALA A 148 12.03 -9.38 1.11
N GLU A 149 12.90 -10.34 0.86
CA GLU A 149 13.62 -11.03 1.92
C GLU A 149 14.54 -10.10 2.68
N VAL A 150 14.45 -10.21 3.99
CA VAL A 150 15.25 -9.42 4.91
C VAL A 150 16.38 -10.28 5.47
N ARG A 151 17.52 -9.67 5.71
CA ARG A 151 18.65 -10.36 6.32
C ARG A 151 18.29 -10.86 7.72
N SER A 152 19.05 -11.83 8.19
CA SER A 152 18.80 -12.44 9.48
C SER A 152 19.18 -11.52 10.63
N ARG A 153 18.38 -11.52 11.68
CA ARG A 153 18.67 -10.73 12.87
C ARG A 153 18.97 -11.66 14.04
N MET A 1 -5.07 15.87 49.30
CA MET A 1 -6.02 15.70 48.17
C MET A 1 -5.57 14.55 47.28
N GLY A 2 -6.52 13.72 46.90
CA GLY A 2 -6.19 12.55 46.10
C GLY A 2 -6.54 12.72 44.65
N SER A 3 -5.56 13.09 43.84
CA SER A 3 -5.75 13.23 42.41
C SER A 3 -5.56 11.87 41.75
N SER A 4 -6.43 11.52 40.81
CA SER A 4 -6.39 10.23 40.15
C SER A 4 -6.62 10.38 38.66
N HIS A 5 -6.49 9.28 37.92
CA HIS A 5 -6.66 9.30 36.48
C HIS A 5 -8.14 9.29 36.11
N HIS A 6 -8.57 10.30 35.38
CA HIS A 6 -9.96 10.42 34.95
C HIS A 6 -10.11 9.90 33.52
N HIS A 7 -9.08 9.21 33.04
CA HIS A 7 -9.08 8.66 31.69
C HIS A 7 -9.96 7.44 31.60
N HIS A 8 -11.14 7.60 31.01
CA HIS A 8 -12.06 6.49 30.83
C HIS A 8 -11.70 5.71 29.56
N HIS A 9 -11.98 4.42 29.58
CA HIS A 9 -11.65 3.56 28.46
C HIS A 9 -12.84 3.37 27.56
N HIS A 10 -12.99 4.26 26.57
CA HIS A 10 -14.07 4.15 25.61
C HIS A 10 -13.94 2.85 24.82
N SER A 11 -12.73 2.57 24.36
CA SER A 11 -12.41 1.31 23.68
C SER A 11 -13.30 1.10 22.46
N SER A 12 -13.84 2.18 21.92
CA SER A 12 -14.74 2.11 20.79
C SER A 12 -14.00 2.28 19.48
N GLY A 13 -13.89 1.21 18.72
CA GLY A 13 -13.29 1.27 17.41
C GLY A 13 -14.24 1.88 16.40
N LEU A 14 -13.77 2.91 15.69
CA LEU A 14 -14.60 3.60 14.72
C LEU A 14 -14.93 2.69 13.55
N VAL A 15 -16.16 2.78 13.08
CA VAL A 15 -16.69 1.88 12.05
C VAL A 15 -15.89 1.91 10.75
N PRO A 16 -15.84 0.77 10.05
CA PRO A 16 -15.31 0.70 8.70
C PRO A 16 -16.32 1.24 7.69
N ARG A 17 -15.87 2.17 6.86
CA ARG A 17 -16.78 2.87 5.97
C ARG A 17 -16.74 2.29 4.55
N GLY A 18 -17.76 1.50 4.22
CA GLY A 18 -17.88 0.94 2.88
C GLY A 18 -16.80 -0.06 2.55
N SER A 19 -15.97 -0.38 3.53
CA SER A 19 -14.88 -1.31 3.33
C SER A 19 -15.27 -2.70 3.79
N HIS A 20 -15.61 -3.56 2.84
CA HIS A 20 -15.95 -4.94 3.14
C HIS A 20 -14.87 -5.85 2.57
N MET A 21 -14.73 -5.84 1.25
CA MET A 21 -13.67 -6.58 0.58
C MET A 21 -12.33 -5.87 0.80
N TRP A 22 -12.37 -4.55 0.82
CA TRP A 22 -11.17 -3.76 1.08
C TRP A 22 -10.77 -3.87 2.55
N ASN A 23 -11.72 -4.27 3.38
CA ASN A 23 -11.47 -4.40 4.81
C ASN A 23 -10.49 -5.55 5.07
N ASP A 24 -10.64 -6.63 4.31
CA ASP A 24 -9.77 -7.79 4.44
C ASP A 24 -8.31 -7.40 4.16
N LEU A 25 -8.12 -6.61 3.11
CA LEU A 25 -6.80 -6.14 2.74
C LEU A 25 -6.18 -5.36 3.90
N ALA A 26 -6.95 -4.41 4.43
CA ALA A 26 -6.49 -3.60 5.56
C ALA A 26 -6.08 -4.49 6.73
N VAL A 27 -6.97 -5.40 7.12
CA VAL A 27 -6.69 -6.31 8.22
C VAL A 27 -5.42 -7.12 7.97
N TYR A 28 -5.26 -7.62 6.75
CA TYR A 28 -4.09 -8.38 6.38
C TYR A 28 -2.83 -7.54 6.60
N ILE A 29 -2.84 -6.31 6.10
CA ILE A 29 -1.72 -5.40 6.26
C ILE A 29 -1.46 -5.12 7.73
N ILE A 30 -2.54 -4.92 8.49
CA ILE A 30 -2.45 -4.66 9.93
C ILE A 30 -1.74 -5.80 10.65
N ARG A 31 -2.06 -7.03 10.26
CA ARG A 31 -1.46 -8.21 10.88
C ARG A 31 0.02 -8.33 10.52
N CYS A 32 0.36 -7.93 9.31
CA CYS A 32 1.71 -8.08 8.80
C CYS A 32 2.62 -6.96 9.30
N SER A 33 2.03 -5.80 9.61
CA SER A 33 2.82 -4.64 9.98
C SER A 33 2.99 -4.53 11.51
N GLY A 34 1.98 -3.99 12.18
CA GLY A 34 2.08 -3.75 13.60
C GLY A 34 2.21 -2.27 13.90
N PRO A 35 2.08 -1.86 15.16
CA PRO A 35 2.18 -0.45 15.55
C PRO A 35 3.61 0.06 15.59
N GLY A 36 3.81 1.32 15.24
CA GLY A 36 5.11 1.94 15.33
C GLY A 36 5.94 1.82 14.06
N THR A 37 5.60 0.87 13.21
CA THR A 37 6.34 0.66 11.97
C THR A 37 5.71 1.47 10.84
N ARG A 38 6.31 1.40 9.66
CA ARG A 38 5.86 2.19 8.53
C ARG A 38 5.26 1.30 7.45
N VAL A 39 4.13 1.74 6.91
CA VAL A 39 3.51 1.07 5.77
C VAL A 39 3.28 2.08 4.66
N VAL A 40 3.91 1.88 3.53
CA VAL A 40 3.88 2.86 2.46
C VAL A 40 2.93 2.46 1.34
N GLU A 41 2.04 3.37 0.98
CA GLU A 41 1.13 3.19 -0.15
C GLU A 41 1.59 4.04 -1.32
N VAL A 42 1.74 3.40 -2.47
CA VAL A 42 2.17 4.09 -3.69
C VAL A 42 0.96 4.53 -4.50
N GLY A 43 0.49 5.74 -4.22
CA GLY A 43 -0.72 6.23 -4.84
C GLY A 43 -1.78 6.58 -3.81
N ALA A 44 -2.21 7.82 -3.79
CA ALA A 44 -3.18 8.27 -2.81
C ALA A 44 -4.53 8.55 -3.46
N GLY A 45 -4.53 9.47 -4.42
CA GLY A 45 -5.75 9.86 -5.10
C GLY A 45 -6.85 10.26 -4.13
N ARG A 46 -7.95 9.53 -4.15
CA ARG A 46 -9.08 9.83 -3.28
C ARG A 46 -9.62 8.56 -2.62
N PHE A 47 -8.85 7.49 -2.69
CA PHE A 47 -9.28 6.21 -2.13
C PHE A 47 -8.57 5.93 -0.80
N LEU A 48 -8.35 7.00 -0.05
CA LEU A 48 -7.58 6.95 1.19
C LEU A 48 -8.36 6.34 2.35
N TYR A 49 -9.49 5.71 2.04
CA TYR A 49 -10.26 5.04 3.08
C TYR A 49 -9.51 3.84 3.62
N VAL A 50 -8.63 3.28 2.80
CA VAL A 50 -7.79 2.17 3.22
C VAL A 50 -6.76 2.64 4.25
N SER A 51 -6.01 3.68 3.88
CA SER A 51 -4.92 4.19 4.71
C SER A 51 -5.44 4.72 6.04
N ASP A 52 -6.50 5.51 5.98
CA ASP A 52 -7.05 6.16 7.17
C ASP A 52 -7.72 5.14 8.09
N TYR A 53 -8.23 4.06 7.53
CA TYR A 53 -8.82 3.00 8.34
C TYR A 53 -7.75 2.29 9.15
N ILE A 54 -6.65 1.94 8.49
CA ILE A 54 -5.58 1.19 9.12
C ILE A 54 -5.00 1.95 10.33
N ARG A 55 -4.75 3.24 10.17
CA ARG A 55 -4.19 4.07 11.24
C ARG A 55 -5.22 4.32 12.35
N LYS A 56 -6.49 4.09 12.03
CA LYS A 56 -7.56 4.25 13.02
C LYS A 56 -7.72 3.00 13.88
N HIS A 57 -7.25 1.88 13.37
CA HIS A 57 -7.36 0.62 14.07
C HIS A 57 -6.02 0.24 14.71
N SER A 58 -4.95 0.44 13.96
CA SER A 58 -3.61 0.17 14.44
C SER A 58 -2.80 1.46 14.40
N LYS A 59 -1.92 1.64 15.37
CA LYS A 59 -1.12 2.84 15.39
C LYS A 59 0.17 2.65 14.61
N VAL A 60 -0.01 2.30 13.35
CA VAL A 60 1.10 2.15 12.42
C VAL A 60 1.29 3.46 11.64
N ASP A 61 2.53 3.78 11.33
CA ASP A 61 2.84 5.00 10.58
C ASP A 61 2.69 4.71 9.09
N LEU A 62 1.52 5.00 8.56
CA LEU A 62 1.21 4.70 7.18
C LEU A 62 1.59 5.89 6.30
N VAL A 63 2.50 5.66 5.36
CA VAL A 63 3.03 6.72 4.53
C VAL A 63 2.43 6.67 3.15
N LEU A 64 1.82 7.76 2.74
CA LEU A 64 1.24 7.86 1.41
C LEU A 64 2.20 8.62 0.50
N THR A 65 2.45 8.11 -0.68
CA THR A 65 3.29 8.79 -1.64
C THR A 65 2.54 8.96 -2.96
N ASP A 66 2.43 10.20 -3.43
CA ASP A 66 1.65 10.48 -4.63
C ASP A 66 1.88 11.91 -5.07
N ILE A 67 1.36 12.25 -6.24
CA ILE A 67 1.51 13.59 -6.78
C ILE A 67 0.60 14.56 -6.03
N LYS A 68 1.19 15.68 -5.60
CA LYS A 68 0.49 16.75 -4.88
C LYS A 68 -0.55 16.23 -3.88
N PRO A 69 -0.13 16.01 -2.62
CA PRO A 69 -0.99 15.51 -1.55
C PRO A 69 -2.30 16.29 -1.43
N SER A 70 -3.39 15.55 -1.22
CA SER A 70 -4.72 16.15 -1.12
C SER A 70 -5.38 15.80 0.22
N HIS A 71 -4.58 15.43 1.21
CA HIS A 71 -5.12 15.00 2.49
C HIS A 71 -4.31 15.56 3.65
N GLY A 72 -3.27 14.83 4.05
CA GLY A 72 -2.44 15.28 5.15
C GLY A 72 -1.13 14.53 5.21
N GLY A 73 -1.20 13.27 5.63
CA GLY A 73 -0.01 12.45 5.73
C GLY A 73 0.42 11.86 4.41
N ILE A 74 0.47 12.70 3.38
CA ILE A 74 0.92 12.28 2.08
C ILE A 74 2.22 12.97 1.73
N VAL A 75 3.24 12.18 1.44
CA VAL A 75 4.52 12.69 1.01
C VAL A 75 4.43 13.15 -0.43
N ARG A 76 4.92 14.34 -0.71
CA ARG A 76 4.82 14.94 -2.04
C ARG A 76 5.88 14.36 -2.99
N ASP A 77 6.39 13.20 -2.65
CA ASP A 77 7.46 12.58 -3.43
C ASP A 77 6.86 11.83 -4.61
N ASP A 78 7.13 12.33 -5.80
CA ASP A 78 6.53 11.81 -7.02
C ASP A 78 7.09 10.42 -7.36
N ILE A 79 6.21 9.56 -7.85
CA ILE A 79 6.53 8.16 -8.11
C ILE A 79 7.56 7.99 -9.24
N THR A 80 7.67 8.99 -10.09
CA THR A 80 8.60 8.89 -11.20
C THR A 80 9.98 9.43 -10.80
N SER A 81 10.08 9.91 -9.55
CA SER A 81 11.34 10.41 -9.01
C SER A 81 11.43 10.15 -7.50
N PRO A 82 11.10 8.93 -7.03
CA PRO A 82 10.94 8.66 -5.60
C PRO A 82 12.25 8.43 -4.87
N ARG A 83 12.28 8.80 -3.60
CA ARG A 83 13.45 8.59 -2.76
C ARG A 83 13.32 7.32 -1.95
N MET A 84 14.32 6.45 -2.08
CA MET A 84 14.33 5.18 -1.38
C MET A 84 14.38 5.37 0.14
N GLU A 85 14.82 6.55 0.56
CA GLU A 85 15.00 6.84 1.98
C GLU A 85 13.65 6.94 2.70
N ILE A 86 12.59 7.10 1.93
CA ILE A 86 11.24 7.17 2.49
C ILE A 86 10.68 5.76 2.67
N TYR A 87 11.02 4.88 1.74
CA TYR A 87 10.54 3.51 1.77
C TYR A 87 11.36 2.67 2.73
N ARG A 88 12.65 3.00 2.87
CA ARG A 88 13.52 2.27 3.79
C ARG A 88 13.07 2.44 5.22
N GLY A 89 12.76 1.32 5.85
CA GLY A 89 12.26 1.34 7.20
C GLY A 89 10.83 0.85 7.28
N ALA A 90 10.16 0.81 6.14
CA ALA A 90 8.79 0.34 6.08
C ALA A 90 8.74 -1.17 6.22
N ALA A 91 7.70 -1.66 6.88
CA ALA A 91 7.51 -3.09 7.06
C ALA A 91 6.71 -3.67 5.90
N LEU A 92 5.92 -2.81 5.27
CA LEU A 92 5.06 -3.24 4.18
C LEU A 92 4.82 -2.10 3.21
N ILE A 93 4.81 -2.43 1.93
CA ILE A 93 4.53 -1.46 0.88
C ILE A 93 3.47 -2.02 -0.06
N TYR A 94 2.42 -1.27 -0.30
CA TYR A 94 1.35 -1.73 -1.17
C TYR A 94 0.92 -0.62 -2.10
N SER A 95 0.10 -0.96 -3.08
CA SER A 95 -0.41 0.01 -4.04
C SER A 95 -1.76 -0.42 -4.57
N ILE A 96 -2.75 0.43 -4.40
CA ILE A 96 -4.07 0.17 -4.97
C ILE A 96 -4.03 0.39 -6.49
N ARG A 97 -4.24 -0.71 -7.22
CA ARG A 97 -4.31 -0.73 -8.69
C ARG A 97 -3.20 0.12 -9.36
N PRO A 98 -1.97 -0.40 -9.38
CA PRO A 98 -0.85 0.25 -10.05
C PRO A 98 -0.74 -0.19 -11.52
N PRO A 99 -0.30 0.72 -12.41
CA PRO A 99 -0.10 0.40 -13.82
C PRO A 99 0.95 -0.68 -14.02
N ALA A 100 0.69 -1.58 -14.96
CA ALA A 100 1.54 -2.75 -15.19
C ALA A 100 2.78 -2.39 -16.00
N GLU A 101 3.25 -1.16 -15.84
CA GLU A 101 4.44 -0.70 -16.53
C GLU A 101 5.50 -0.23 -15.53
N ILE A 102 5.12 -0.18 -14.25
CA ILE A 102 6.04 0.28 -13.22
C ILE A 102 6.27 -0.80 -12.17
N HIS A 103 5.76 -1.99 -12.45
CA HIS A 103 5.86 -3.10 -11.51
C HIS A 103 7.31 -3.46 -11.20
N SER A 104 8.15 -3.42 -12.22
CA SER A 104 9.57 -3.73 -12.06
C SER A 104 10.23 -2.71 -11.11
N SER A 105 9.71 -1.50 -11.09
CA SER A 105 10.22 -0.46 -10.21
C SER A 105 9.76 -0.71 -8.77
N LEU A 106 8.53 -1.18 -8.62
CA LEU A 106 7.97 -1.47 -7.31
C LEU A 106 8.66 -2.68 -6.68
N MET A 107 8.90 -3.69 -7.49
CA MET A 107 9.54 -4.93 -7.04
C MET A 107 10.90 -4.66 -6.42
N ARG A 108 11.72 -3.86 -7.11
CA ARG A 108 13.07 -3.57 -6.62
C ARG A 108 13.03 -2.75 -5.33
N VAL A 109 12.01 -1.89 -5.19
CA VAL A 109 11.90 -1.07 -4.00
C VAL A 109 11.62 -1.92 -2.77
N ALA A 110 10.67 -2.83 -2.88
CA ALA A 110 10.31 -3.70 -1.77
C ALA A 110 11.53 -4.50 -1.32
N ASP A 111 12.24 -5.06 -2.28
CA ASP A 111 13.42 -5.88 -2.00
C ASP A 111 14.54 -5.03 -1.43
N ALA A 112 14.66 -3.80 -1.92
CA ALA A 112 15.69 -2.88 -1.46
C ALA A 112 15.50 -2.49 -0.01
N VAL A 113 14.26 -2.21 0.37
CA VAL A 113 13.98 -1.74 1.71
C VAL A 113 13.74 -2.90 2.66
N GLY A 114 13.21 -4.00 2.15
CA GLY A 114 12.93 -5.15 2.98
C GLY A 114 11.52 -5.13 3.52
N ALA A 115 10.55 -4.96 2.62
CA ALA A 115 9.15 -4.90 3.00
C ALA A 115 8.31 -5.80 2.11
N ARG A 116 7.15 -6.19 2.61
CA ARG A 116 6.23 -7.00 1.84
C ARG A 116 5.48 -6.12 0.85
N LEU A 117 5.57 -6.46 -0.42
CA LEU A 117 4.91 -5.69 -1.47
C LEU A 117 3.56 -6.31 -1.79
N ILE A 118 2.49 -5.55 -1.58
CA ILE A 118 1.15 -6.04 -1.86
C ILE A 118 0.52 -5.26 -3.01
N ILE A 119 0.26 -5.96 -4.10
CA ILE A 119 -0.32 -5.34 -5.28
C ILE A 119 -1.62 -6.03 -5.67
N LYS A 120 -2.72 -5.29 -5.63
CA LYS A 120 -3.97 -5.77 -6.19
C LYS A 120 -4.40 -4.85 -7.33
N PRO A 121 -4.17 -5.29 -8.57
CA PRO A 121 -4.46 -4.49 -9.76
C PRO A 121 -5.93 -4.53 -10.14
N LEU A 122 -6.23 -4.15 -11.37
CA LEU A 122 -7.59 -4.18 -11.88
C LEU A 122 -8.09 -5.62 -11.94
N THR A 123 -9.40 -5.79 -11.78
CA THR A 123 -10.00 -7.11 -11.63
C THR A 123 -9.91 -7.93 -12.91
N GLY A 124 -9.84 -7.26 -14.06
CA GLY A 124 -9.76 -7.97 -15.32
C GLY A 124 -8.38 -7.94 -15.93
N GLU A 125 -7.44 -7.30 -15.23
CA GLU A 125 -6.11 -7.07 -15.75
C GLU A 125 -5.09 -8.00 -15.10
N ASP A 126 -3.83 -7.72 -15.38
CA ASP A 126 -2.71 -8.48 -14.83
C ASP A 126 -1.56 -7.53 -14.54
N ILE A 127 -0.51 -8.01 -13.89
CA ILE A 127 0.64 -7.18 -13.57
C ILE A 127 1.66 -7.23 -14.72
N VAL A 128 1.49 -8.22 -15.60
CA VAL A 128 2.35 -8.40 -16.78
C VAL A 128 3.73 -8.94 -16.38
N THR A 129 3.97 -9.04 -15.08
CA THR A 129 5.18 -9.65 -14.58
C THR A 129 5.17 -11.15 -14.83
N GLU A 130 6.35 -11.74 -14.95
CA GLU A 130 6.49 -13.17 -15.21
C GLU A 130 5.84 -13.99 -14.10
N ARG A 131 6.58 -14.18 -13.02
CA ARG A 131 6.08 -14.86 -11.84
C ARG A 131 7.05 -14.69 -10.70
N LYS A 132 6.92 -13.57 -10.01
CA LYS A 132 7.80 -13.23 -8.90
C LYS A 132 7.00 -13.06 -7.63
N MET A 133 5.69 -12.90 -7.79
CA MET A 133 4.81 -12.64 -6.67
C MET A 133 3.86 -13.81 -6.48
N LYS A 134 3.14 -13.79 -5.37
CA LYS A 134 2.21 -14.86 -5.04
C LYS A 134 0.79 -14.32 -4.87
N LEU A 135 -0.17 -15.00 -5.47
CA LEU A 135 -1.57 -14.61 -5.35
C LEU A 135 -2.17 -15.14 -4.05
N VAL A 136 -2.68 -14.24 -3.24
CA VAL A 136 -3.28 -14.61 -1.97
C VAL A 136 -4.75 -14.21 -1.95
N ASN A 137 -5.56 -15.00 -1.26
CA ASN A 137 -6.99 -14.74 -1.16
C ASN A 137 -7.39 -14.66 0.30
N TYR A 138 -7.47 -13.44 0.81
CA TYR A 138 -7.73 -13.23 2.22
C TYR A 138 -9.18 -12.79 2.43
N GLY A 139 -9.98 -13.68 3.00
CA GLY A 139 -11.38 -13.38 3.25
C GLY A 139 -12.19 -13.37 1.98
N ARG A 140 -12.14 -12.24 1.29
CA ARG A 140 -12.82 -12.09 0.01
C ARG A 140 -11.97 -11.27 -0.96
N THR A 141 -10.87 -10.72 -0.47
CA THR A 141 -10.01 -9.91 -1.30
C THR A 141 -8.82 -10.74 -1.78
N TYR A 142 -8.51 -10.61 -3.06
CA TYR A 142 -7.34 -11.29 -3.62
C TYR A 142 -6.31 -10.26 -4.04
N PHE A 143 -5.06 -10.60 -3.86
CA PHE A 143 -3.97 -9.69 -4.20
C PHE A 143 -2.70 -10.47 -4.44
N TYR A 144 -1.75 -9.83 -5.09
CA TYR A 144 -0.45 -10.41 -5.30
C TYR A 144 0.52 -9.82 -4.29
N GLU A 145 1.08 -10.65 -3.45
CA GLU A 145 2.03 -10.17 -2.47
C GLU A 145 3.42 -10.68 -2.83
N TYR A 146 4.41 -9.96 -2.38
CA TYR A 146 5.79 -10.35 -2.57
C TYR A 146 6.55 -10.10 -1.28
N ILE A 147 7.18 -11.15 -0.78
CA ILE A 147 7.91 -11.05 0.47
C ILE A 147 9.36 -10.75 0.19
N ALA A 148 9.75 -9.51 0.41
CA ALA A 148 11.15 -9.15 0.36
C ALA A 148 11.85 -9.78 1.54
N GLU A 149 12.82 -10.64 1.27
CA GLU A 149 13.51 -11.34 2.32
C GLU A 149 14.26 -10.36 3.22
N VAL A 150 14.49 -10.78 4.46
CA VAL A 150 15.00 -9.88 5.48
C VAL A 150 16.44 -9.48 5.18
N ARG A 151 16.65 -8.19 5.08
CA ARG A 151 17.96 -7.64 4.81
C ARG A 151 18.78 -7.65 6.09
N SER A 152 20.09 -7.77 5.96
CA SER A 152 20.96 -7.86 7.13
C SER A 152 21.06 -6.52 7.85
N ARG A 153 20.16 -6.33 8.81
CA ARG A 153 20.16 -5.16 9.65
C ARG A 153 21.24 -5.30 10.71
#